data_7UIL
#
_entry.id   7UIL
#
_cell.length_a   1.00
_cell.length_b   1.00
_cell.length_c   1.00
_cell.angle_alpha   90.00
_cell.angle_beta   90.00
_cell.angle_gamma   90.00
#
_symmetry.space_group_name_H-M   'P 1'
#
loop_
_entity.id
_entity.type
_entity.pdbx_description
1 polymer 'Mediator of RNA polymerase II transcription subunit 2'
2 polymer 'Mediator of RNA polymerase II transcription subunit 3'
3 polymer 'Mediator of RNA polymerase II transcription subunit 5'
4 polymer 'Mediator of RNA polymerase II transcription subunit 14'
5 polymer 'Mediator of RNA polymerase II transcription subunit 15'
6 polymer 'Mediator of RNA polymerase II transcription subunit 16'
7 polymer 'Mediator of RNA polymerase II transcription subunit 1'
#
loop_
_entity_poly.entity_id
_entity_poly.type
_entity_poly.pdbx_seq_one_letter_code
_entity_poly.pdbx_strand_id
1 'polypeptide(L)'
;MVVQNSPVSSVHTANFSERGSNTRTMTYKNKLTVCFDDILKVGAEMMMQQQLKNVQLDSYLVNGFSQSQQKLLKEKVKLF
HGILDDLETSLSQSSSYLETLTALGKEKEKEREEAEKKRAEQENMRKVREQEELKKRQELEEASQQQQLQQNSKEKNGLG
LNFSTTAPANTTDANGSKENYQELGSLQSSSQTQLENANAANNGAAFSPLTTTRIQSQQAQPSDVMFNDLNSMDISMFSG
LDSTGFDSTAFNATVDETKGFDDNDSGNNYNDINISSIENNINNNINSTKNGKDNNNESNKNNNGDEKNKNNNEDNENNN
NSSEKNNNNNNNNNNNNDDNGNNNNNNSGNDNNNTTNNDSNNKNNSITTGNDNENIVNNDLPTTVVSNPGDNPPPADNGE
EYLTLNDFNDLNIDWSTTGDNGELDLSGFNI
;
b,1
2 'polypeptide(L)'
;MDSIIPAGVKLDDLQVILAKNENETRDKVCKQINEARDEILPLRLQFNEFIQIMANIDQEGSKQADRMAKYLHIRDKILQ
LNDRFQTLSSHLEALQPLFSTVPEYLKTADNRDRSFQLLEPLSTYNKNGNAVCSTATVVSTNHSAAASTPTTTATPHANP
ITHAHSLSNPNSTATMQHNPLAGKRGPKSGSTMGTPTVHNSTAAAPIAAPKKPRKPRQTKKAKAQAQAQAQAQAQVYAQQ
STVQTPITASMAAALPNPTPSMINSVSPTNVMGTPLTNMMSPMGNAYSMGAQNQGGQVSMSQFNGSGNGSNPNTNTNSNN
TPLQSQLNLNNLTPANILNMSMNNDFQQQQQQQQQQQQPQPQYNMNMGMNNMNNGGKELDSLDLNNLELGGLNMDFL
;
c,2
3 'polypeptide(L)'
;MEKESVYNLALKCAERQLTSMEFSNLYKEFFNEKFPSLIQEEEEDTTTTANINEVKKASDLVDTPSNNTAATADTTHLHE
ALDIVCSDFVKILNLEKPLILADYIVEVLLVNYNSDMIKCFLPKLNSVRNSLLLAHFFSKSCSFFAKLSDTLIIDQVRKD
LGNVIVPNILSLDMNSMNKELIAIVSKLLQTTLKLSPSPILLTSAGCKNGSFTLLNQLSQTNKLLFKRVSQTFEAKLHFK
DTKPFLNKDSTNEFVGSPSLTSPQYIPSPLSSTKPPGSVNSAAKYKDMKLLRYYKNIWLNNKIINWEISNPDFLSKYSAI
TSSIFQESFNSVQNLDQLLTDLIETSFTCFAQFVSNKQYHQANSNLTLLERKWVIFITKHLPLLILENSSRSPRVVTNAL
DNIDEKVVKAIRIYFTEKDDNKTNNEDLFDDYPSTSLDIRHDFIKGLIMLNLQPASVINNYLREDQMIDTSILPTRDDLF
VRNLQGIQEVVHNTNSFIISSLDTLELESITESITHDSSNGLFQVLHNFESVAPTKQREIVKAFLSIFEDAIKELNYNRI
AKICALLFFNFSHSLTTILSFSSPAALMKTLIKFVDLSRNGRNGSNGNDESSEYETINISLSFSWAILLIINLTQTYGIS
VVDVALKYPELSIKNSFIINFISNLPNVSDKYYLEESNVNDSDMLTKSHNTVQSWLCDLFVNGSITDQLIQNIETRQLAN
LIPFIVKQVLLSVEIGVLTDISSLIGGFEYFLQPLLLVGLIKTFYWLEQFLSCVKNDTISEDILQGIFNLLNTLFNPVTL
NEDSKAFHTAVLRLNAIPLLKVLRKFRVQSQSNYGIYSSDAQGDPNLEPLIAKLVAVLNVSPVYDVDPRIINSENDYSRK
QLGYGKFLILNENPINKIMTNQINSFWSLHSSTYYNLDYLFELIELVTPKSFLFDVLKTLEYKLATYGVPGSENKRGSLD
SEHVFDYFFYFLVLYDVKTAEEASQLIEYMENDAKKSKGDVDIKGEDLHEKNDSAEVRQETQPKAEATQDDDFDMLFGEN
DTSTQAYEEEEENEDNDGNNRTNNVPMIKAEETPSKTNKISILKRHSFAVLLHERKLLNDLALENGEITKTENEKFISYH
DKYLCMLKTCVF
;
e,3
4 'polypeptide(L)'
;MTTTIGSPQMLANEERLSNEMHALKNRSEQNGQEQQGPVKNTQLHGPSATDPETTATQKESLEMVPKDTSAATMTSAPPP
ALPHVEINQVSLALVIRNLTVFTMKELAQYMKTNVHTQANEPNSAKKIRFLQLIIFLRTQFLKLYVLVKWTRTIKQNNFH
VLIDLLNWFRTTNMNVNNCIWALKSSLNSMTNAKLPNVDLVTALEVLSLGRPNLPTHNFKLSGVSNSMDMVDGMAKVPIG
LILQRLKDLNLTVSIKIALMNIPKPLNSYHIKNGRIYFTVPNEFEIQLSTVNRQSPLFFVDLKLLFNTEAEQTVSAVTEA
TSTNGDSENNEENSSSNGNNLPLNKPRLEKLINEILLKSNDPLLSLYNFLHKYVLTLQLYMVHREFLKLANGGKFSKSNL
IHNYDSKKSTITVRYWLNGKMDSKGKITIGIQRTTESLILKWDNQSASRAKNMPVIYNNIVSNIEGILDEIMFNHARIIR
SELLARDIFQEDEENSDVLLFQLPTTCVSMAPIQLKIDLLSGQFYFRNPTPLLSNYASKINRAEGPEELARILQQLKLDK
IIHVLTTMFENTGWSCSRIIKIDKPIRTQVNTGGESVVKKEDNKYAIAGNSTTNSDVSLLLQRDLFIRLPHWPLNWYLIL
SIISSKTSCVVEKRIGKIVSQRGKWNLKYLDNSNVMTVKLESITYQKIMILQRTILNRIINHMLIDSLNQLEIRNKICSS
EMINEQKLPQYIIQGSNTNDNISIITLELESFLEGSKALNSILESSMFLRIDYSNSQIRLYAKFKRNTMMIQCQIDKLYI
HFVQEEPLAFYLEESFTNLGIIVQYLTKFRQKLMQLVVLTDVVERLHKNFESENFKIIALQPNEISFKYLSNNDEDDKDC
TIKISTNDDSIKNLTVQLSPSNPQHIIQPFLDNSKMDYHFIFSYLQFTSSLFKALKVILNERGGKFHESGSQYSTMVNIG
LHNLNEYQIVYYNPQAGTKITICIELKTVLHNGRDKIQFHIHFADVAHITTKSPAYPMMHQVRNQVFMLDTKRLGTPESV
KPANASHAIRLGNGVACDPSEIEPILMEIHNILKVDSNSSSS
;
n,4
5 'polypeptide(L)'
;MSAAPVQDKDTLSNAERAKNVNGLLQVLMDINTLNGGSSDTADKIRIHAKNFEAALFAKSSSKKEYMDSMNEKVAVMRNT
YNTRKNAVTAAAANNNIKPVEQHHINNLKNSGNSANNMNVNMNLNPQMFLNQQAQARQQVAQQLRNQQQQQQQQQQQQRR
QLTPQQQQLVNQMKVAPIPKQLLQRIPNIPPNINTWQQVTALAQQKLLTPQDMEAAKEVYKIHQQLLFKARLQQQQAQAQ
AQANNNNNGLPQNGNINNNINIPQQQQMQPPNSSANNNPLQQQSSQNTVPNVLNQINQIFSPEEQRSLLQEAIETCKNFE
KTQLGSTMTEPVKQSFIRKYINQKALRKIQALRDVKNNNNANNNGSNLQRAQNVPMNIIQQQQQQNTNNNDTIATSATPN
AAAFSQQQNASSKLYQMQQQQQAQAQAQAQAQAQAQAQAQAQAAQAAQAQAQAQAQAQAQAQAQAQAQAQAQAQAQAQAQ
AHAQHQPSQQPQQAQQQPNPLHGLTPTAKDVEVIKQLSLDASKTNLRLTDVTNSLSNEEKEKIKMKLKQGQKLFVQVSNF
APQVYIITKNENFLKEVFQLRIFVKEILEKCAEGIFVVKLDTVDRLIIKYQKYWESMRIQILRRQAILRQQQQMANNNGN
PGTTSTGNNNNIATQQNMQQSLQQMQHLQQLKMQQQQQQQQQQQQQQQQQQQQQQQHIYPSSTPGVANYSAMANAPGNNI
PYMNHKNTSSMDFLNSMENTPKVPVSAAATPSLNKTINGKVNGRTKSNTIPVTSIPSTNKKLSISNAASQQPTPRSASNT
AKSTPNTNPSPLKTQTKNGTPNPNNMKTVQSPMGAQPSYNSAIIENAFRKEELLLKDLEIRKLEISSRFKHRQEIFKDSP
MDLFMSTLGDCLGIKDEEMLTSCTIPKAVVDHINGSGKRKPTKAAQRARDQDSIDISIKDNKLVMKSKFNKSNRSYSIAL
SNVAAIFKGIGGNFKDLSTLVHSSSPSTSSNMDVGNPRKRKASVLEISPQDSIASVLSPDSNIMSDSKKIKVDSPDDPFM
TKSGATTSEKQEVTNEAPFLTSGTSSEQFNVWDWNNWTSAT
;
o,5
6 'polypeptide(L)'
;MMLGEHLMSWSKTGIIAYSDSQSSNANICLTFLESINGINWRFHTPQKYVLHPQLHEVQYQESSSTLSTHSTTTSVNGST
TAGVGSTPNFGGNSNKSPPQFFYNISSIHWNNWFSLPGDMLAVCDELGNMTMLITGQRPDRATTYEKLTMVFQDNVYKIY
NHVMPLKPVDKLKPMNIERKQTRKEYNTSILEFRWLTSSKSVIVSQFCAFDSSSNTYRSRAQQVPPYGVYHPPFIKYACL
AIRKNGQIDFWYQFSNSKDHKKITLQLLDTSNQRFKDLQWLEFARITPMNDDQCMLITTYSKLSKNISFYKLHVNWNLNA
TKPNVLNDPSLKIQFILSTTLDPTDDEGHVLKLENLHVVSKSSIEKDPSPEILVLYNVCDTSKSLVKRYRLAPTQLSAEY
LVILKPDLNIDRNNSTNQIFQSRRYNLRRHSDIVLDKKVTLITSEMFDAFVSFYFEDGTIESYNQNDWKLETERLISQSQ
LGKFKNIIASPLSAGFNYGKLPLPPSVEWMKVSPSMCGVIVKQYNKKWPQFYAAVQKNYADPEKDSINATALAFGYVKSL
HKQISAEDLTIAAKTHILRISFLDRKRAKEFITTLLKSLYSFFNISPDAPKEIMDKIITSRPLQKIMLLQLELGSCFSQE
NIEEMARVILYLKNVLFAFNGVARNFHFAIEQISNNSNQQQNPKLFQTIFSKQDLIHSLIPVAKWFVKFITYLTQEILIL
INDPTNKEYTLVHGIFGAKMSRTLILSILNEIKKVTQIVAKFPETSYPILNESSTFLKLVLSESPVDFEKFETFLVDVNN
KFIALCEQQPSQEREFSLLVKAEIPPEYAKVGDFLLQYANNAVISHANAAAVYFADTSGLKISNSEFFNPEIFHLLQPLE
EGLIIDTDKLPIKNRTSKSFSKLLYDDVTCDKLSVSEISDGKLKRCSRCGSVTRAGNIISSDKTIVPTSIQTKRWPTMYT
RLCICSGMLFEMDG
;
p,6
7 'polypeptide(L)'
;MVEGDSYVETLDSMIELFKDYKPGSITLENITRLCQTLGLESFTEELSNELSRLSTASKIIVIDVDYNKKQDRIQDVKLV
LASNFDNFDYFNQRDGEHEKSNILLNSLTKYPDLKAFHNNLKFLYLLDAYSHIESDSTSHNNGSSDKSLDSSNASFNNQG
KLDLFKYFTELSHYIRQCFQDNCCDFKVRTNLNDKFGIYILTQGINGKEVPLAKIYLEENKSDSQYRFYEYIYSQETKSW
INESAENFSNGISLVMEIVANAKESNYTDLIWFPEDFISPELIIDKVTCSSNSSSSPPIIDLFSNNNYNSRIQLMNDFTT
KLINIKKFDISNDNLDLISEILKWVQWSRIVLQNVFKLVSTPSSNSNSSELEPDYQAPFSTSTKDKNSSTSNTEPIPRSN
RHGSVVEASRRRRSSTNKSKRPSITEAMMLKEEGLQQFNLHEILSEPAIEEENGDSIKEHSTTMDGANDLGFTASVSNQE
NAGTDIVMEDHGVLQGTSQNYGTATADDADIEMKDVSSKPSKPESSVLQLIVSEDHIILDTISECNLYDDVKCWSKFIEK
FQDIVS
;
a
#
# COMPACT_ATOMS: atom_id res chain seq x y z
N TYR A 28 -49.00 110.56 4.59
CA TYR A 28 -49.06 109.47 3.64
C TYR A 28 -47.91 109.55 2.63
N LYS A 29 -47.42 110.77 2.40
CA LYS A 29 -46.30 110.96 1.49
C LYS A 29 -45.04 110.27 1.98
N ASN A 30 -44.77 110.34 3.29
CA ASN A 30 -43.59 109.70 3.84
C ASN A 30 -43.78 108.19 3.96
N LYS A 31 -45.01 107.74 4.22
CA LYS A 31 -45.26 106.31 4.41
C LYS A 31 -44.93 105.52 3.15
N LEU A 32 -45.33 106.02 1.99
CA LEU A 32 -45.07 105.30 0.74
C LEU A 32 -43.57 105.27 0.42
N THR A 33 -42.84 106.34 0.77
CA THR A 33 -41.40 106.35 0.53
C THR A 33 -40.69 105.36 1.44
N VAL A 34 -41.00 105.39 2.74
CA VAL A 34 -40.29 104.55 3.70
C VAL A 34 -40.63 103.08 3.48
N CYS A 35 -41.88 102.79 3.09
CA CYS A 35 -42.29 101.40 2.92
C CYS A 35 -41.49 100.70 1.83
N PHE A 36 -41.26 101.39 0.71
CA PHE A 36 -40.41 100.81 -0.33
C PHE A 36 -38.94 100.88 0.06
N ASP A 37 -38.56 101.83 0.92
CA ASP A 37 -37.21 101.83 1.47
C ASP A 37 -37.04 100.73 2.50
N ASP A 38 -38.09 100.46 3.28
CA ASP A 38 -38.01 99.44 4.33
C ASP A 38 -38.06 98.02 3.77
N ILE A 39 -38.80 97.80 2.68
CA ILE A 39 -38.84 96.47 2.08
C ILE A 39 -37.46 96.07 1.59
N LEU A 40 -36.66 97.04 1.13
CA LEU A 40 -35.25 96.78 0.85
C LEU A 40 -34.45 96.70 2.15
N LYS A 41 -34.81 97.51 3.14
CA LYS A 41 -34.16 97.44 4.45
C LYS A 41 -34.47 96.11 5.14
N VAL A 42 -35.71 95.64 5.05
CA VAL A 42 -36.05 94.34 5.62
C VAL A 42 -35.26 93.24 4.92
N GLY A 43 -35.14 93.33 3.60
CA GLY A 43 -34.33 92.37 2.87
C GLY A 43 -32.84 92.53 3.09
N ALA A 44 -32.40 93.71 3.54
CA ALA A 44 -30.97 93.97 3.68
C ALA A 44 -30.31 92.93 4.58
N GLU A 45 -30.94 92.63 5.72
CA GLU A 45 -30.45 91.54 6.55
C GLU A 45 -30.74 90.17 5.95
N MET A 46 -31.73 90.07 5.05
CA MET A 46 -32.02 88.78 4.42
C MET A 46 -30.90 88.36 3.48
N MET A 47 -30.41 89.29 2.64
CA MET A 47 -29.25 88.99 1.82
C MET A 47 -27.93 89.15 2.56
N MET A 48 -27.94 89.78 3.74
CA MET A 48 -26.73 89.86 4.54
C MET A 48 -26.24 88.47 4.92
N GLN A 49 -27.13 87.66 5.50
CA GLN A 49 -26.81 86.26 5.76
C GLN A 49 -26.51 85.51 4.46
N GLN A 50 -27.25 85.84 3.40
CA GLN A 50 -26.94 85.30 2.08
C GLN A 50 -25.56 85.73 1.62
N GLN A 51 -25.20 86.98 1.86
CA GLN A 51 -23.88 87.51 1.47
C GLN A 51 -22.78 86.83 2.26
N GLY A 64 -30.25 78.61 4.94
CA GLY A 64 -31.65 78.86 4.65
C GLY A 64 -32.09 80.27 5.00
N PHE A 65 -33.39 80.46 5.14
CA PHE A 65 -33.97 81.75 5.48
C PHE A 65 -34.52 81.72 6.90
N SER A 66 -34.34 82.81 7.63
CA SER A 66 -34.87 82.93 8.97
C SER A 66 -36.36 83.24 8.91
N GLN A 67 -37.13 82.57 9.79
CA GLN A 67 -38.57 82.78 9.81
C GLN A 67 -38.93 84.20 10.23
N SER A 68 -38.12 84.81 11.10
CA SER A 68 -38.40 86.18 11.54
C SER A 68 -38.34 87.14 10.36
N GLN A 69 -37.32 87.01 9.51
CA GLN A 69 -37.22 87.89 8.35
C GLN A 69 -38.34 87.64 7.36
N GLN A 70 -38.73 86.38 7.18
CA GLN A 70 -39.82 86.05 6.26
C GLN A 70 -41.14 86.67 6.72
N LYS A 71 -41.45 86.53 8.02
CA LYS A 71 -42.68 87.12 8.52
C LYS A 71 -42.61 88.64 8.55
N LEU A 72 -41.42 89.20 8.75
CA LEU A 72 -41.26 90.65 8.64
C LEU A 72 -41.57 91.13 7.23
N LEU A 73 -41.08 90.41 6.22
CA LEU A 73 -41.39 90.75 4.84
C LEU A 73 -42.89 90.61 4.56
N LYS A 74 -43.49 89.55 5.07
CA LYS A 74 -44.93 89.33 4.86
C LYS A 74 -45.75 90.47 5.45
N GLU A 75 -45.44 90.86 6.69
CA GLU A 75 -46.20 91.95 7.30
C GLU A 75 -45.91 93.27 6.61
N LYS A 76 -44.68 93.47 6.12
CA LYS A 76 -44.37 94.70 5.40
C LYS A 76 -45.19 94.80 4.12
N VAL A 77 -45.26 93.72 3.34
CA VAL A 77 -46.01 93.79 2.08
C VAL A 77 -47.50 93.93 2.36
N LYS A 78 -48.02 93.23 3.38
CA LYS A 78 -49.44 93.34 3.66
C LYS A 78 -49.81 94.74 4.16
N LEU A 79 -48.92 95.36 4.95
CA LEU A 79 -49.21 96.72 5.40
C LEU A 79 -49.07 97.72 4.27
N PHE A 80 -48.16 97.48 3.32
CA PHE A 80 -48.09 98.32 2.13
C PHE A 80 -49.41 98.28 1.37
N HIS A 81 -49.94 97.06 1.15
CA HIS A 81 -51.22 96.94 0.48
C HIS A 81 -52.33 97.63 1.28
N GLY A 82 -52.32 97.45 2.60
CA GLY A 82 -53.35 98.06 3.42
C GLY A 82 -53.32 99.58 3.39
N ILE A 83 -52.14 100.18 3.45
CA ILE A 83 -52.05 101.63 3.40
C ILE A 83 -52.40 102.14 2.01
N LEU A 84 -52.08 101.38 0.96
CA LEU A 84 -52.54 101.76 -0.38
C LEU A 84 -54.07 101.80 -0.43
N ASP A 85 -54.71 100.76 0.12
CA ASP A 85 -56.18 100.74 0.14
C ASP A 85 -56.74 101.90 0.97
N ASP A 86 -56.11 102.19 2.12
CA ASP A 86 -56.57 103.29 2.96
C ASP A 86 -56.45 104.62 2.24
N LEU A 87 -55.33 104.83 1.51
CA LEU A 87 -55.17 106.06 0.76
C LEU A 87 -56.21 106.17 -0.35
N GLU A 88 -56.52 105.04 -1.00
CA GLU A 88 -57.56 105.06 -2.03
C GLU A 88 -58.91 105.44 -1.44
N THR A 89 -59.25 104.87 -0.27
CA THR A 89 -60.52 105.21 0.37
C THR A 89 -60.55 106.68 0.77
N SER A 90 -59.44 107.19 1.31
CA SER A 90 -59.37 108.61 1.68
C SER A 90 -59.54 109.50 0.47
N LEU A 91 -58.91 109.13 -0.66
CA LEU A 91 -59.08 109.91 -1.88
C LEU A 91 -60.52 109.90 -2.35
N SER A 92 -61.18 108.74 -2.30
CA SER A 92 -62.58 108.67 -2.71
C SER A 92 -63.47 109.53 -1.82
N GLN A 93 -63.25 109.47 -0.50
CA GLN A 93 -64.05 110.28 0.42
C GLN A 93 -63.81 111.77 0.19
N SER A 94 -62.56 112.17 -0.01
CA SER A 94 -62.25 113.57 -0.28
C SER A 94 -62.90 114.03 -1.58
N SER A 95 -62.88 113.17 -2.60
CA SER A 95 -63.52 113.51 -3.86
C SER A 95 -65.02 113.72 -3.67
N SER A 96 -65.69 112.78 -2.98
CA SER A 96 -67.12 112.90 -2.76
C SER A 96 -67.45 114.17 -1.99
N TYR A 97 -66.66 114.49 -0.97
CA TYR A 97 -66.79 115.78 -0.29
C TYR A 97 -66.64 116.92 -1.27
N LEU A 98 -65.72 116.79 -2.24
CA LEU A 98 -65.54 117.84 -3.23
C LEU A 98 -66.82 118.09 -4.02
N GLU A 99 -67.42 117.03 -4.58
CA GLU A 99 -68.64 117.28 -5.36
C GLU A 99 -69.78 117.77 -4.48
N THR A 100 -69.91 117.26 -3.26
CA THR A 100 -71.04 117.69 -2.45
C THR A 100 -70.90 119.14 -2.01
N LEU A 101 -69.70 119.59 -1.67
CA LEU A 101 -69.50 121.00 -1.35
C LEU A 101 -69.65 121.89 -2.57
N THR A 102 -69.17 121.46 -3.74
CA THR A 102 -69.34 122.28 -4.93
C THR A 102 -70.82 122.41 -5.29
N ALA A 103 -71.58 121.32 -5.18
CA ALA A 103 -73.02 121.40 -5.42
C ALA A 103 -73.70 122.31 -4.41
N LEU A 104 -73.33 122.19 -3.14
CA LEU A 104 -73.91 123.03 -2.11
C LEU A 104 -73.16 124.35 -1.98
N MET B 1 -48.02 121.77 -11.15
CA MET B 1 -47.50 122.86 -11.98
C MET B 1 -48.23 124.16 -11.69
N ASP B 2 -49.26 124.45 -12.48
CA ASP B 2 -50.03 125.66 -12.28
C ASP B 2 -50.77 125.64 -10.95
N SER B 3 -50.73 126.76 -10.24
CA SER B 3 -51.38 126.90 -8.94
C SER B 3 -52.72 127.61 -9.15
N ILE B 4 -53.75 126.83 -9.48
CA ILE B 4 -55.08 127.39 -9.66
C ILE B 4 -55.60 127.94 -8.34
N ILE B 5 -55.36 127.22 -7.25
CA ILE B 5 -55.83 127.61 -5.92
C ILE B 5 -54.67 128.34 -5.22
N PRO B 6 -54.80 129.63 -4.92
CA PRO B 6 -53.73 130.34 -4.21
C PRO B 6 -53.55 129.82 -2.79
N ALA B 7 -52.33 129.94 -2.29
CA ALA B 7 -52.03 129.51 -0.94
C ALA B 7 -52.39 130.60 0.07
N GLY B 8 -52.94 130.17 1.21
CA GLY B 8 -53.30 131.07 2.28
C GLY B 8 -54.66 131.72 2.14
N VAL B 9 -55.45 131.36 1.14
CA VAL B 9 -56.76 131.94 0.92
C VAL B 9 -57.81 131.16 1.73
N LYS B 10 -58.82 131.87 2.20
CA LYS B 10 -59.85 131.27 3.04
C LYS B 10 -60.79 130.39 2.22
N LEU B 11 -61.57 129.58 2.93
CA LEU B 11 -62.48 128.65 2.27
C LEU B 11 -63.61 129.39 1.55
N ASP B 12 -64.17 130.42 2.17
CA ASP B 12 -65.29 131.13 1.56
C ASP B 12 -64.88 131.84 0.29
N ASP B 13 -63.69 132.43 0.28
CA ASP B 13 -63.18 133.06 -0.94
C ASP B 13 -63.01 132.03 -2.05
N LEU B 14 -62.53 130.84 -1.69
CA LEU B 14 -62.43 129.76 -2.68
C LEU B 14 -63.79 129.33 -3.19
N GLN B 15 -64.80 129.32 -2.31
CA GLN B 15 -66.15 129.00 -2.77
C GLN B 15 -66.65 130.04 -3.77
N VAL B 16 -66.41 131.32 -3.47
CA VAL B 16 -66.82 132.39 -4.39
C VAL B 16 -66.11 132.26 -5.73
N ILE B 17 -64.81 131.96 -5.71
CA ILE B 17 -64.07 131.78 -6.95
C ILE B 17 -64.60 130.57 -7.72
N LEU B 18 -64.88 129.47 -7.01
CA LEU B 18 -65.33 128.25 -7.65
C LEU B 18 -66.72 128.40 -8.26
N ALA B 19 -67.54 129.28 -7.69
CA ALA B 19 -68.91 129.46 -8.18
C ALA B 19 -68.96 129.94 -9.62
N LYS B 20 -67.88 130.56 -10.12
CA LYS B 20 -67.83 131.12 -11.46
C LYS B 20 -66.80 130.36 -12.30
N ASN B 21 -66.56 130.87 -13.51
CA ASN B 21 -65.59 130.41 -14.52
C ASN B 21 -66.04 129.13 -15.22
N GLU B 22 -67.29 128.70 -15.07
CA GLU B 22 -67.84 127.53 -15.77
C GLU B 22 -67.05 126.26 -15.51
N ASN B 23 -66.46 126.15 -14.32
CA ASN B 23 -66.00 124.87 -13.78
C ASN B 23 -64.86 124.24 -14.58
N GLU B 24 -63.99 125.06 -15.16
CA GLU B 24 -62.81 124.51 -15.82
C GLU B 24 -61.89 123.85 -14.80
N THR B 25 -61.76 124.45 -13.62
CA THR B 25 -60.98 123.84 -12.55
C THR B 25 -61.67 122.59 -11.99
N ARG B 26 -63.01 122.58 -11.98
CA ARG B 26 -63.72 121.36 -11.60
C ARG B 26 -63.42 120.23 -12.59
N ASP B 27 -63.42 120.55 -13.88
CA ASP B 27 -63.06 119.55 -14.88
C ASP B 27 -61.63 119.06 -14.69
N LYS B 28 -60.71 119.98 -14.42
CA LYS B 28 -59.32 119.60 -14.23
C LYS B 28 -59.14 118.69 -13.02
N VAL B 29 -59.78 119.04 -11.90
CA VAL B 29 -59.62 118.23 -10.69
C VAL B 29 -60.34 116.89 -10.86
N CYS B 30 -61.45 116.86 -11.58
CA CYS B 30 -62.11 115.59 -11.87
C CYS B 30 -61.21 114.69 -12.70
N LYS B 31 -60.55 115.25 -13.72
CA LYS B 31 -59.61 114.47 -14.50
C LYS B 31 -58.46 113.97 -13.64
N GLN B 32 -57.96 114.81 -12.74
CA GLN B 32 -56.84 114.41 -11.88
C GLN B 32 -57.23 113.28 -10.94
N ILE B 33 -58.40 113.39 -10.29
CA ILE B 33 -58.82 112.31 -9.40
C ILE B 33 -59.12 111.05 -10.20
N ASN B 34 -59.65 111.18 -11.41
CA ASN B 34 -59.91 110.00 -12.24
C ASN B 34 -58.61 109.29 -12.61
N GLU B 35 -57.58 110.06 -12.99
CA GLU B 35 -56.32 109.41 -13.35
C GLU B 35 -55.63 108.84 -12.12
N ALA B 36 -55.79 109.47 -10.95
CA ALA B 36 -55.27 108.87 -9.73
C ALA B 36 -55.94 107.54 -9.43
N ARG B 37 -57.28 107.48 -9.56
CA ARG B 37 -57.99 106.24 -9.33
C ARG B 37 -57.60 105.17 -10.34
N ASP B 38 -57.40 105.56 -11.60
CA ASP B 38 -56.98 104.60 -12.63
C ASP B 38 -55.50 104.26 -12.55
N GLU B 39 -54.72 105.00 -11.76
CA GLU B 39 -53.31 104.69 -11.53
C GLU B 39 -53.11 103.83 -10.30
N ILE B 40 -54.04 103.89 -9.34
CA ILE B 40 -53.90 103.12 -8.11
C ILE B 40 -53.76 101.63 -8.41
N LEU B 41 -54.65 101.09 -9.24
CA LEU B 41 -54.64 99.66 -9.52
C LEU B 41 -53.39 99.18 -10.24
N PRO B 42 -52.93 99.80 -11.33
CA PRO B 42 -51.73 99.29 -12.02
C PRO B 42 -50.49 99.25 -11.14
N LEU B 43 -50.37 100.19 -10.19
CA LEU B 43 -49.26 100.13 -9.26
C LEU B 43 -49.28 98.84 -8.44
N ARG B 44 -50.47 98.48 -7.93
CA ARG B 44 -50.62 97.22 -7.21
C ARG B 44 -50.29 96.03 -8.10
N LEU B 45 -50.78 96.05 -9.35
CA LEU B 45 -50.55 94.92 -10.25
C LEU B 45 -49.06 94.73 -10.52
N GLN B 46 -48.37 95.82 -10.85
CA GLN B 46 -46.95 95.70 -11.16
C GLN B 46 -46.13 95.39 -9.91
N PHE B 47 -46.58 95.85 -8.75
CA PHE B 47 -45.87 95.53 -7.51
C PHE B 47 -45.99 94.03 -7.21
N ASN B 48 -47.17 93.47 -7.42
CA ASN B 48 -47.33 92.01 -7.29
C ASN B 48 -46.47 91.28 -8.32
N GLU B 49 -46.37 91.82 -9.53
CA GLU B 49 -45.50 91.21 -10.53
C GLU B 49 -44.04 91.23 -10.09
N PHE B 50 -43.61 92.34 -9.49
CA PHE B 50 -42.25 92.43 -8.97
C PHE B 50 -42.02 91.41 -7.85
N ILE B 51 -43.00 91.25 -6.96
CA ILE B 51 -42.88 90.24 -5.91
C ILE B 51 -42.76 88.84 -6.53
N GLN B 52 -43.57 88.56 -7.55
CA GLN B 52 -43.50 87.25 -8.20
C GLN B 52 -42.14 87.04 -8.85
N ILE B 53 -41.59 88.08 -9.48
CA ILE B 53 -40.27 87.97 -10.09
C ILE B 53 -39.22 87.69 -9.03
N MET B 54 -39.28 88.40 -7.91
CA MET B 54 -38.31 88.20 -6.83
C MET B 54 -38.40 86.79 -6.27
N ALA B 55 -39.63 86.30 -6.07
CA ALA B 55 -39.80 84.96 -5.50
C ALA B 55 -39.29 83.88 -6.43
N ASN B 56 -39.44 84.06 -7.75
CA ASN B 56 -39.04 83.07 -8.74
C ASN B 56 -37.64 83.32 -9.28
N ILE B 57 -36.74 83.92 -8.48
CA ILE B 57 -35.40 84.22 -8.93
C ILE B 57 -34.58 82.95 -9.18
N ASP B 58 -34.93 81.84 -8.53
CA ASP B 58 -34.21 80.58 -8.68
C ASP B 58 -34.74 79.72 -9.81
N GLN B 59 -35.41 80.31 -10.79
CA GLN B 59 -35.96 79.57 -11.91
C GLN B 59 -35.67 80.31 -13.20
N GLU B 60 -35.60 79.55 -14.30
CA GLU B 60 -35.35 80.08 -15.64
C GLU B 60 -34.04 80.87 -15.71
N GLY B 61 -33.03 80.38 -14.99
CA GLY B 61 -31.72 80.98 -15.06
C GLY B 61 -30.62 79.96 -15.29
N SER B 62 -29.93 80.06 -16.42
CA SER B 62 -28.86 79.14 -16.77
C SER B 62 -27.60 79.82 -17.29
N LYS B 63 -27.68 81.05 -17.81
CA LYS B 63 -26.53 81.76 -18.34
C LYS B 63 -26.32 83.05 -17.58
N GLN B 64 -25.05 83.47 -17.50
CA GLN B 64 -24.71 84.65 -16.69
C GLN B 64 -25.30 85.91 -17.32
N ALA B 65 -25.26 86.00 -18.65
CA ALA B 65 -25.88 87.12 -19.36
C ALA B 65 -27.39 87.16 -19.10
N ASP B 66 -28.00 86.00 -18.83
CA ASP B 66 -29.41 86.00 -18.42
C ASP B 66 -29.58 86.79 -17.12
N ARG B 67 -28.66 86.60 -16.18
CA ARG B 67 -28.69 87.42 -14.97
C ARG B 67 -28.47 88.89 -15.29
N MET B 68 -27.51 89.21 -16.17
CA MET B 68 -27.36 90.60 -16.60
C MET B 68 -28.68 91.19 -17.08
N ALA B 69 -29.34 90.51 -18.01
CA ALA B 69 -30.58 91.02 -18.58
C ALA B 69 -31.67 91.14 -17.53
N LYS B 70 -31.86 90.11 -16.71
CA LYS B 70 -32.95 90.12 -15.74
C LYS B 70 -32.75 91.20 -14.69
N TYR B 71 -31.53 91.34 -14.17
CA TYR B 71 -31.33 92.33 -13.12
C TYR B 71 -31.27 93.76 -13.67
N LEU B 72 -30.81 93.95 -14.90
CA LEU B 72 -30.99 95.26 -15.54
C LEU B 72 -32.47 95.57 -15.69
N HIS B 73 -33.28 94.57 -16.05
CA HIS B 73 -34.72 94.76 -16.16
C HIS B 73 -35.32 95.18 -14.82
N ILE B 74 -34.93 94.50 -13.74
CA ILE B 74 -35.52 94.83 -12.45
C ILE B 74 -35.05 96.20 -11.96
N ARG B 75 -33.78 96.55 -12.21
CA ARG B 75 -33.33 97.88 -11.82
C ARG B 75 -34.10 98.95 -12.59
N ASP B 76 -34.40 98.69 -13.87
CA ASP B 76 -35.26 99.60 -14.61
C ASP B 76 -36.66 99.64 -14.02
N LYS B 77 -37.15 98.49 -13.55
CA LYS B 77 -38.49 98.43 -12.96
C LYS B 77 -38.59 99.35 -11.75
N ILE B 78 -37.68 99.22 -10.80
CA ILE B 78 -37.67 100.16 -9.67
C ILE B 78 -37.35 101.57 -10.13
N LEU B 79 -36.68 101.75 -11.27
CA LEU B 79 -36.52 103.09 -11.81
C LEU B 79 -37.88 103.73 -12.12
N GLN B 80 -38.73 103.02 -12.89
CA GLN B 80 -40.04 103.66 -13.10
C GLN B 80 -40.88 103.63 -11.84
N LEU B 81 -40.57 102.79 -10.86
CA LEU B 81 -41.25 102.87 -9.57
C LEU B 81 -40.96 104.20 -8.89
N ASN B 82 -39.70 104.61 -8.82
CA ASN B 82 -39.39 105.90 -8.22
C ASN B 82 -39.93 107.05 -9.06
N ASP B 83 -39.92 106.90 -10.39
CA ASP B 83 -40.51 107.92 -11.25
C ASP B 83 -42.01 108.06 -10.98
N ARG B 84 -42.71 106.93 -10.85
CA ARG B 84 -44.15 106.97 -10.56
C ARG B 84 -44.42 107.52 -9.16
N PHE B 85 -43.54 107.22 -8.20
CA PHE B 85 -43.68 107.84 -6.88
C PHE B 85 -43.57 109.35 -6.98
N GLN B 86 -42.62 109.85 -7.76
CA GLN B 86 -42.50 111.29 -7.96
C GLN B 86 -43.73 111.87 -8.64
N THR B 87 -44.25 111.16 -9.66
CA THR B 87 -45.44 111.65 -10.35
C THR B 87 -46.65 111.71 -9.43
N LEU B 88 -46.86 110.68 -8.61
CA LEU B 88 -47.99 110.71 -7.69
C LEU B 88 -47.79 111.74 -6.59
N SER B 89 -46.53 111.99 -6.19
CA SER B 89 -46.27 113.09 -5.26
C SER B 89 -46.66 114.42 -5.88
N SER B 90 -46.32 114.62 -7.15
CA SER B 90 -46.72 115.84 -7.85
C SER B 90 -48.24 115.93 -7.95
N HIS B 91 -48.90 114.81 -8.22
CA HIS B 91 -50.36 114.80 -8.31
C HIS B 91 -51.00 115.18 -6.98
N LEU B 92 -50.48 114.64 -5.88
CA LEU B 92 -51.08 114.93 -4.58
C LEU B 92 -50.78 116.35 -4.12
N GLU B 93 -49.58 116.86 -4.44
CA GLU B 93 -49.29 118.24 -4.05
C GLU B 93 -50.05 119.24 -4.92
N ALA B 94 -50.41 118.84 -6.15
CA ALA B 94 -51.29 119.68 -6.97
C ALA B 94 -52.67 119.80 -6.33
N LEU B 95 -53.17 118.70 -5.76
CA LEU B 95 -54.44 118.73 -5.05
C LEU B 95 -54.29 119.11 -3.59
N GLN B 96 -53.07 119.35 -3.12
CA GLN B 96 -52.87 119.76 -1.74
C GLN B 96 -53.60 121.05 -1.38
N PRO B 97 -53.55 122.12 -2.20
CA PRO B 97 -54.35 123.31 -1.85
C PRO B 97 -55.84 123.03 -1.79
N LEU B 98 -56.35 122.14 -2.65
CA LEU B 98 -57.76 121.79 -2.60
C LEU B 98 -58.09 121.05 -1.31
N PHE B 99 -57.24 120.11 -0.91
CA PHE B 99 -57.46 119.37 0.32
C PHE B 99 -57.24 120.22 1.57
N SER B 100 -56.51 121.34 1.44
CA SER B 100 -56.21 122.18 2.60
C SER B 100 -57.47 122.80 3.21
N THR B 101 -58.55 122.92 2.44
CA THR B 101 -59.79 123.47 2.97
C THR B 101 -60.53 122.50 3.87
N VAL B 102 -60.31 121.20 3.70
CA VAL B 102 -61.04 120.21 4.51
C VAL B 102 -60.74 120.34 6.00
N PRO B 103 -59.47 120.43 6.44
CA PRO B 103 -59.24 120.63 7.89
C PRO B 103 -59.88 121.89 8.44
N GLU B 104 -59.84 122.99 7.69
CA GLU B 104 -60.46 124.23 8.16
C GLU B 104 -61.97 124.08 8.27
N TYR B 105 -62.60 123.45 7.27
CA TYR B 105 -64.04 123.24 7.32
C TYR B 105 -64.42 122.34 8.49
N LEU B 106 -63.65 121.27 8.71
CA LEU B 106 -63.94 120.36 9.81
C LEU B 106 -63.78 121.05 11.16
N LYS B 107 -62.71 121.84 11.34
CA LYS B 107 -62.49 122.50 12.61
C LYS B 107 -63.49 123.62 12.86
N THR B 108 -63.95 124.30 11.81
CA THR B 108 -64.98 125.30 11.99
C THR B 108 -66.34 124.65 12.29
N ALA B 109 -66.62 123.51 11.67
CA ALA B 109 -67.86 122.80 11.94
C ALA B 109 -67.84 122.09 13.30
N ASP B 110 -66.68 121.96 13.92
CA ASP B 110 -66.58 121.29 15.22
C ASP B 110 -67.19 122.16 16.32
N ASP C 287 -35.02 -9.96 -37.00
CA ASP C 287 -36.02 -11.00 -36.82
C ASP C 287 -35.38 -12.26 -36.27
N MET C 288 -34.37 -12.79 -36.98
CA MET C 288 -33.58 -13.88 -36.44
C MET C 288 -32.85 -13.47 -35.17
N LYS C 289 -32.29 -12.26 -35.13
CA LYS C 289 -31.62 -11.79 -33.93
C LYS C 289 -32.61 -11.66 -32.77
N LEU C 290 -33.81 -11.15 -33.05
CA LEU C 290 -34.86 -11.09 -32.03
C LEU C 290 -35.20 -12.48 -31.52
N LEU C 291 -35.36 -13.44 -32.44
CA LEU C 291 -35.69 -14.80 -32.06
C LEU C 291 -34.60 -15.40 -31.17
N ARG C 292 -33.33 -15.21 -31.54
CA ARG C 292 -32.25 -15.83 -30.78
C ARG C 292 -32.11 -15.19 -29.40
N TYR C 293 -32.24 -13.86 -29.32
CA TYR C 293 -32.16 -13.20 -28.01
C TYR C 293 -33.30 -13.65 -27.11
N TYR C 294 -34.52 -13.68 -27.66
CA TYR C 294 -35.67 -14.11 -26.87
C TYR C 294 -35.52 -15.55 -26.41
N LYS C 295 -35.04 -16.42 -27.29
CA LYS C 295 -34.89 -17.83 -26.92
C LYS C 295 -33.80 -18.01 -25.87
N ASN C 296 -32.67 -17.32 -26.00
CA ASN C 296 -31.63 -17.50 -25.01
C ASN C 296 -32.07 -17.00 -23.63
N ILE C 297 -32.73 -15.84 -23.58
CA ILE C 297 -33.21 -15.37 -22.29
C ILE C 297 -34.30 -16.27 -21.74
N TRP C 298 -35.14 -16.84 -22.61
CA TRP C 298 -36.21 -17.72 -22.17
C TRP C 298 -35.65 -19.01 -21.58
N LEU C 299 -34.69 -19.63 -22.25
CA LEU C 299 -34.04 -20.81 -21.70
C LEU C 299 -33.33 -20.49 -20.38
N ASN C 300 -32.62 -19.37 -20.32
CA ASN C 300 -31.93 -19.03 -19.07
C ASN C 300 -32.92 -18.89 -17.92
N ASN C 301 -34.02 -18.16 -18.15
CA ASN C 301 -35.01 -17.98 -17.09
C ASN C 301 -35.65 -19.30 -16.68
N LYS C 302 -36.00 -20.14 -17.67
CA LYS C 302 -36.66 -21.40 -17.33
C LYS C 302 -35.72 -22.36 -16.61
N ILE C 303 -34.44 -22.35 -16.95
CA ILE C 303 -33.47 -23.17 -16.22
C ILE C 303 -33.33 -22.67 -14.78
N ILE C 304 -33.32 -21.35 -14.59
CA ILE C 304 -33.23 -20.82 -13.23
C ILE C 304 -34.48 -21.18 -12.43
N ASN C 305 -35.64 -21.17 -13.06
CA ASN C 305 -36.91 -21.31 -12.36
C ASN C 305 -37.28 -22.76 -12.06
N TRP C 306 -36.37 -23.70 -12.27
CA TRP C 306 -36.57 -25.11 -11.88
C TRP C 306 -37.77 -25.74 -12.59
N GLU C 307 -38.09 -25.28 -13.80
CA GLU C 307 -39.25 -25.77 -14.52
C GLU C 307 -38.90 -26.80 -15.58
N ILE C 308 -37.70 -27.37 -15.55
CA ILE C 308 -37.33 -28.37 -16.55
C ILE C 308 -38.22 -29.61 -16.43
N SER C 309 -38.52 -30.01 -15.19
CA SER C 309 -39.35 -31.19 -14.96
C SER C 309 -40.78 -31.01 -15.46
N ASN C 310 -41.20 -29.79 -15.77
CA ASN C 310 -42.53 -29.56 -16.29
C ASN C 310 -42.68 -30.24 -17.65
N PRO C 311 -43.69 -31.10 -17.84
CA PRO C 311 -43.89 -31.72 -19.16
C PRO C 311 -44.34 -30.74 -20.25
N ASP C 312 -44.47 -29.45 -19.93
CA ASP C 312 -44.84 -28.44 -20.91
C ASP C 312 -43.62 -27.73 -21.50
N PHE C 313 -42.42 -28.23 -21.23
CA PHE C 313 -41.21 -27.58 -21.73
C PHE C 313 -41.20 -27.56 -23.25
N LEU C 314 -41.48 -28.71 -23.88
CA LEU C 314 -41.45 -28.79 -25.33
C LEU C 314 -42.56 -27.96 -25.96
N SER C 315 -43.74 -27.93 -25.33
CA SER C 315 -44.86 -27.16 -25.87
C SER C 315 -44.54 -25.68 -25.87
N LYS C 316 -44.02 -25.17 -24.76
CA LYS C 316 -43.65 -23.76 -24.69
C LYS C 316 -42.50 -23.44 -25.64
N TYR C 317 -41.53 -24.35 -25.75
CA TYR C 317 -40.42 -24.13 -26.66
C TYR C 317 -40.90 -24.06 -28.11
N SER C 318 -41.87 -24.91 -28.48
CA SER C 318 -42.41 -24.88 -29.82
C SER C 318 -43.25 -23.63 -30.05
N ALA C 319 -44.02 -23.20 -29.04
CA ALA C 319 -44.88 -22.03 -29.18
C ALA C 319 -44.11 -20.72 -29.07
N ILE C 320 -42.83 -20.76 -28.70
CA ILE C 320 -42.01 -19.54 -28.67
C ILE C 320 -42.05 -18.85 -30.02
N THR C 321 -41.86 -19.61 -31.10
CA THR C 321 -41.80 -19.02 -32.43
C THR C 321 -43.11 -18.33 -32.79
N SER C 322 -44.24 -18.96 -32.47
CA SER C 322 -45.54 -18.37 -32.79
C SER C 322 -45.85 -17.17 -31.89
N SER C 323 -45.38 -17.20 -30.65
CA SER C 323 -45.68 -16.09 -29.73
C SER C 323 -44.84 -14.87 -30.05
N ILE C 324 -43.59 -15.07 -30.47
CA ILE C 324 -42.72 -13.94 -30.77
C ILE C 324 -43.27 -13.12 -31.93
N PHE C 325 -43.68 -13.79 -33.00
CA PHE C 325 -44.19 -13.13 -34.19
C PHE C 325 -45.70 -12.94 -34.02
N GLN C 326 -46.13 -11.67 -34.02
CA GLN C 326 -47.55 -11.38 -33.85
C GLN C 326 -48.37 -11.93 -35.02
N GLU C 327 -47.85 -11.82 -36.23
CA GLU C 327 -48.53 -12.39 -37.39
C GLU C 327 -48.54 -13.91 -37.31
N SER C 328 -49.58 -14.50 -37.90
CA SER C 328 -49.73 -15.96 -37.89
C SER C 328 -48.56 -16.62 -38.58
N PHE C 329 -48.00 -17.65 -37.94
CA PHE C 329 -46.88 -18.43 -38.47
C PHE C 329 -47.26 -19.90 -38.37
N ASN C 330 -47.93 -20.40 -39.40
CA ASN C 330 -48.45 -21.77 -39.39
C ASN C 330 -47.53 -22.68 -40.20
N SER C 331 -46.42 -23.06 -39.56
CA SER C 331 -45.46 -23.98 -40.14
C SER C 331 -45.44 -25.26 -39.32
N VAL C 332 -45.45 -26.40 -40.00
CA VAL C 332 -45.41 -27.71 -39.34
C VAL C 332 -43.94 -28.03 -39.07
N GLN C 333 -43.48 -27.74 -37.86
CA GLN C 333 -42.10 -28.02 -37.47
C GLN C 333 -41.99 -29.47 -37.01
N ASN C 334 -41.17 -30.25 -37.71
CA ASN C 334 -41.02 -31.66 -37.39
C ASN C 334 -40.19 -31.86 -36.12
N LEU C 335 -40.29 -33.06 -35.56
CA LEU C 335 -39.65 -33.34 -34.27
C LEU C 335 -38.14 -33.17 -34.35
N ASP C 336 -37.53 -33.62 -35.44
CA ASP C 336 -36.10 -33.44 -35.61
C ASP C 336 -35.72 -31.96 -35.61
N GLN C 337 -36.56 -31.12 -36.21
CA GLN C 337 -36.30 -29.69 -36.20
C GLN C 337 -36.34 -29.14 -34.77
N LEU C 338 -37.32 -29.56 -33.98
CA LEU C 338 -37.40 -29.11 -32.59
C LEU C 338 -36.17 -29.52 -31.80
N LEU C 339 -35.76 -30.79 -31.93
CA LEU C 339 -34.63 -31.26 -31.16
C LEU C 339 -33.34 -30.58 -31.61
N THR C 340 -33.20 -30.35 -32.91
CA THR C 340 -32.03 -29.63 -33.42
C THR C 340 -31.98 -28.21 -32.86
N ASP C 341 -33.13 -27.51 -32.90
CA ASP C 341 -33.19 -26.15 -32.39
C ASP C 341 -32.83 -26.13 -30.91
N LEU C 342 -33.35 -27.09 -30.14
CA LEU C 342 -32.98 -27.19 -28.74
C LEU C 342 -31.48 -27.41 -28.58
N ILE C 343 -30.89 -28.24 -29.43
CA ILE C 343 -29.46 -28.56 -29.30
C ILE C 343 -28.62 -27.31 -29.53
N GLU C 344 -28.84 -26.61 -30.65
CA GLU C 344 -28.00 -25.45 -30.89
C GLU C 344 -28.31 -24.32 -29.91
N THR C 345 -29.57 -24.18 -29.49
CA THR C 345 -29.90 -23.16 -28.49
C THR C 345 -29.16 -23.41 -27.19
N SER C 346 -29.18 -24.67 -26.72
CA SER C 346 -28.49 -25.01 -25.48
C SER C 346 -26.99 -24.80 -25.61
N PHE C 347 -26.40 -25.26 -26.73
CA PHE C 347 -24.96 -25.13 -26.90
C PHE C 347 -24.53 -23.68 -26.98
N THR C 348 -25.27 -22.85 -27.73
CA THR C 348 -24.92 -21.44 -27.82
C THR C 348 -25.14 -20.73 -26.49
N CYS C 349 -26.19 -21.09 -25.75
CA CYS C 349 -26.41 -20.49 -24.44
C CYS C 349 -25.27 -20.82 -23.48
N PHE C 350 -24.83 -22.08 -23.48
CA PHE C 350 -23.69 -22.44 -22.64
C PHE C 350 -22.42 -21.74 -23.11
N ALA C 351 -22.26 -21.58 -24.42
CA ALA C 351 -21.11 -20.86 -24.96
C ALA C 351 -21.07 -19.43 -24.44
N GLN C 352 -22.19 -18.73 -24.52
CA GLN C 352 -22.24 -17.36 -24.01
C GLN C 352 -22.04 -17.34 -22.49
N PHE C 353 -22.63 -18.30 -21.79
CA PHE C 353 -22.52 -18.33 -20.33
C PHE C 353 -21.06 -18.50 -19.90
N VAL C 354 -20.30 -19.34 -20.60
CA VAL C 354 -18.92 -19.58 -20.21
C VAL C 354 -17.99 -18.51 -20.77
N SER C 355 -18.35 -17.88 -21.89
CA SER C 355 -17.50 -16.88 -22.52
C SER C 355 -17.77 -15.47 -22.04
N ASN C 356 -18.78 -15.27 -21.19
CA ASN C 356 -18.98 -13.98 -20.56
C ASN C 356 -18.33 -13.87 -19.19
N LYS C 357 -17.69 -14.94 -18.71
CA LYS C 357 -17.20 -14.97 -17.33
C LYS C 357 -15.89 -14.23 -17.16
N GLN C 358 -15.10 -14.06 -18.22
CA GLN C 358 -13.81 -13.40 -18.07
C GLN C 358 -13.96 -11.91 -17.79
N TYR C 359 -15.07 -11.30 -18.23
CA TYR C 359 -15.30 -9.88 -17.95
C TYR C 359 -15.80 -9.64 -16.55
N HIS C 360 -16.30 -10.68 -15.86
CA HIS C 360 -16.71 -10.54 -14.48
C HIS C 360 -15.48 -10.34 -13.59
N GLN C 361 -15.72 -9.87 -12.37
CA GLN C 361 -14.66 -9.84 -11.38
C GLN C 361 -14.15 -11.26 -11.13
N ALA C 362 -12.83 -11.38 -10.94
CA ALA C 362 -12.23 -12.70 -10.81
C ALA C 362 -12.73 -13.44 -9.58
N ASN C 363 -13.32 -12.75 -8.61
CA ASN C 363 -13.81 -13.38 -7.39
C ASN C 363 -15.31 -13.22 -7.18
N SER C 364 -16.03 -12.59 -8.11
CA SER C 364 -17.48 -12.50 -8.03
C SER C 364 -18.06 -13.87 -8.41
N ASN C 365 -17.92 -14.81 -7.49
CA ASN C 365 -18.11 -16.23 -7.77
C ASN C 365 -19.56 -16.62 -7.54
N LEU C 366 -20.25 -17.05 -8.59
CA LEU C 366 -21.59 -17.63 -8.50
C LEU C 366 -21.63 -18.83 -9.43
N THR C 367 -21.73 -20.04 -8.86
CA THR C 367 -21.62 -21.27 -9.63
C THR C 367 -22.87 -22.16 -9.54
N LEU C 368 -23.93 -21.72 -8.88
CA LEU C 368 -25.14 -22.52 -8.85
C LEU C 368 -25.72 -22.69 -10.25
N LEU C 369 -25.76 -21.61 -11.02
CA LEU C 369 -26.28 -21.70 -12.38
C LEU C 369 -25.34 -22.47 -13.30
N GLU C 370 -24.03 -22.41 -13.06
CA GLU C 370 -23.10 -23.20 -13.87
C GLU C 370 -23.34 -24.69 -13.68
N ARG C 371 -23.42 -25.14 -12.43
CA ARG C 371 -23.76 -26.52 -12.15
C ARG C 371 -25.13 -26.86 -12.67
N LYS C 372 -26.06 -25.88 -12.65
CA LYS C 372 -27.40 -26.13 -13.15
C LYS C 372 -27.40 -26.37 -14.66
N TRP C 373 -26.65 -25.56 -15.41
CA TRP C 373 -26.47 -25.81 -16.84
C TRP C 373 -25.85 -27.18 -17.08
N VAL C 374 -24.81 -27.53 -16.33
CA VAL C 374 -24.15 -28.80 -16.54
C VAL C 374 -25.13 -29.95 -16.31
N ILE C 375 -25.88 -29.88 -15.21
CA ILE C 375 -26.83 -30.94 -14.88
C ILE C 375 -27.91 -31.05 -15.94
N PHE C 376 -28.46 -29.90 -16.37
CA PHE C 376 -29.48 -29.93 -17.41
C PHE C 376 -28.96 -30.56 -18.69
N ILE C 377 -27.82 -30.06 -19.19
CA ILE C 377 -27.32 -30.49 -20.48
C ILE C 377 -26.90 -31.96 -20.45
N THR C 378 -26.41 -32.44 -19.31
CA THR C 378 -25.96 -33.83 -19.22
C THR C 378 -27.07 -34.80 -18.83
N LYS C 379 -28.19 -34.32 -18.31
CA LYS C 379 -29.20 -35.22 -17.75
C LYS C 379 -30.53 -35.14 -18.48
N HIS C 380 -31.08 -33.94 -18.67
CA HIS C 380 -32.43 -33.81 -19.20
C HIS C 380 -32.45 -33.93 -20.72
N LEU C 381 -31.55 -33.21 -21.40
CA LEU C 381 -31.50 -33.26 -22.86
C LEU C 381 -31.34 -34.69 -23.38
N PRO C 382 -30.49 -35.55 -22.81
CA PRO C 382 -30.53 -36.96 -23.24
C PRO C 382 -31.90 -37.60 -23.09
N LEU C 383 -32.63 -37.31 -22.00
CA LEU C 383 -33.98 -37.87 -21.85
C LEU C 383 -34.94 -37.22 -22.84
N LEU C 384 -34.78 -35.91 -23.08
CA LEU C 384 -35.58 -35.22 -24.07
C LEU C 384 -35.45 -35.90 -25.42
N ILE C 385 -34.23 -36.26 -25.80
CA ILE C 385 -34.03 -37.00 -27.04
C ILE C 385 -34.62 -38.40 -26.92
N LEU C 386 -34.45 -39.04 -25.76
CA LEU C 386 -34.83 -40.45 -25.61
C LEU C 386 -36.33 -40.66 -25.83
N GLU C 387 -37.16 -39.89 -25.14
CA GLU C 387 -38.60 -39.98 -25.37
C GLU C 387 -39.17 -38.78 -26.11
N ASN C 388 -38.37 -38.12 -26.95
CA ASN C 388 -38.92 -37.13 -27.87
C ASN C 388 -38.42 -37.31 -29.30
N SER C 389 -37.28 -37.98 -29.47
CA SER C 389 -36.73 -38.14 -30.80
C SER C 389 -37.18 -39.45 -31.44
N SER C 390 -36.81 -39.61 -32.71
CA SER C 390 -37.06 -40.82 -33.49
C SER C 390 -35.82 -41.68 -33.67
N ARG C 391 -34.76 -41.42 -32.88
CA ARG C 391 -33.51 -42.19 -32.94
C ARG C 391 -32.86 -42.09 -34.33
N SER C 392 -32.69 -40.86 -34.81
CA SER C 392 -32.01 -40.64 -36.08
C SER C 392 -30.57 -40.22 -35.82
N PRO C 393 -29.58 -41.06 -36.16
CA PRO C 393 -28.18 -40.64 -35.97
C PRO C 393 -27.80 -39.43 -36.82
N ARG C 394 -28.42 -39.25 -37.98
CA ARG C 394 -28.04 -38.16 -38.87
C ARG C 394 -28.30 -36.81 -38.24
N VAL C 395 -29.43 -36.65 -37.55
CA VAL C 395 -29.81 -35.33 -37.04
C VAL C 395 -28.84 -34.89 -35.95
N VAL C 396 -28.36 -35.84 -35.12
CA VAL C 396 -27.38 -35.50 -34.10
C VAL C 396 -26.08 -35.04 -34.74
N THR C 397 -25.64 -35.72 -35.80
CA THR C 397 -24.42 -35.31 -36.50
C THR C 397 -24.58 -33.92 -37.10
N ASN C 398 -25.73 -33.64 -37.71
CA ASN C 398 -25.97 -32.30 -38.25
C ASN C 398 -25.98 -31.24 -37.14
N ALA C 399 -26.59 -31.56 -36.00
CA ALA C 399 -26.69 -30.60 -34.92
C ALA C 399 -25.32 -30.28 -34.33
N LEU C 400 -24.50 -31.30 -34.13
CA LEU C 400 -23.18 -31.10 -33.54
C LEU C 400 -22.10 -30.72 -34.55
N ASP C 401 -22.42 -30.76 -35.85
CA ASP C 401 -21.48 -30.29 -36.87
C ASP C 401 -21.75 -28.85 -37.31
N ASN C 402 -22.93 -28.31 -37.02
CA ASN C 402 -23.29 -26.96 -37.43
C ASN C 402 -22.82 -25.90 -36.46
N ILE C 403 -22.19 -26.29 -35.35
CA ILE C 403 -21.74 -25.31 -34.36
C ILE C 403 -20.51 -24.58 -34.89
N ASP C 404 -20.35 -23.33 -34.45
CA ASP C 404 -19.16 -22.57 -34.76
C ASP C 404 -17.98 -23.08 -33.94
N GLU C 405 -16.77 -22.82 -34.44
CA GLU C 405 -15.57 -23.20 -33.72
C GLU C 405 -15.21 -22.23 -32.61
N LYS C 406 -15.92 -21.10 -32.51
CA LYS C 406 -15.63 -20.13 -31.46
C LYS C 406 -15.91 -20.72 -30.07
N VAL C 407 -16.98 -21.50 -29.94
CA VAL C 407 -17.28 -22.13 -28.66
C VAL C 407 -16.15 -23.08 -28.26
N VAL C 408 -15.67 -23.88 -29.19
CA VAL C 408 -14.60 -24.83 -28.89
C VAL C 408 -13.33 -24.09 -28.51
N LYS C 409 -13.00 -23.04 -29.26
CA LYS C 409 -11.80 -22.27 -28.96
C LYS C 409 -11.89 -21.63 -27.58
N ALA C 410 -13.04 -21.04 -27.24
CA ALA C 410 -13.19 -20.41 -25.94
C ALA C 410 -13.11 -21.42 -24.81
N ILE C 411 -13.77 -22.58 -24.98
CA ILE C 411 -13.73 -23.60 -23.93
C ILE C 411 -12.32 -24.11 -23.72
N ARG C 412 -11.60 -24.38 -24.82
CA ARG C 412 -10.23 -24.87 -24.70
C ARG C 412 -9.32 -23.81 -24.08
N ILE C 413 -9.49 -22.55 -24.46
CA ILE C 413 -8.68 -21.48 -23.88
C ILE C 413 -8.92 -21.36 -22.39
N TYR C 414 -10.19 -21.41 -21.98
CA TYR C 414 -10.51 -21.29 -20.56
C TYR C 414 -9.96 -22.47 -19.77
N PHE C 415 -10.08 -23.69 -20.30
CA PHE C 415 -9.53 -24.85 -19.61
C PHE C 415 -8.00 -24.77 -19.51
N THR C 416 -7.35 -24.32 -20.58
CA THR C 416 -5.89 -24.18 -20.55
C THR C 416 -5.46 -23.13 -19.55
N GLU C 417 -6.19 -22.01 -19.48
CA GLU C 417 -5.87 -20.97 -18.51
C GLU C 417 -6.07 -21.47 -17.08
N LYS C 418 -7.14 -22.23 -16.84
CA LYS C 418 -7.38 -22.78 -15.51
C LYS C 418 -6.28 -23.78 -15.13
N ASP C 419 -5.85 -24.60 -16.06
CA ASP C 419 -4.77 -25.56 -15.81
C ASP C 419 -3.41 -24.87 -15.88
N PRO C 433 -1.18 -33.58 -23.23
CA PRO C 433 -1.61 -32.79 -22.07
C PRO C 433 -2.56 -33.55 -21.16
N SER C 434 -2.92 -32.96 -20.03
CA SER C 434 -3.88 -33.58 -19.12
C SER C 434 -5.23 -33.70 -19.82
N THR C 435 -5.96 -34.78 -19.50
CA THR C 435 -7.24 -35.06 -20.13
C THR C 435 -8.22 -33.91 -19.89
N SER C 436 -8.58 -33.21 -20.96
CA SER C 436 -9.49 -32.08 -20.89
C SER C 436 -10.70 -32.40 -21.77
N LEU C 437 -11.70 -33.04 -21.17
CA LEU C 437 -12.91 -33.40 -21.89
C LEU C 437 -13.90 -32.23 -21.88
N ASP C 438 -14.66 -32.11 -22.97
CA ASP C 438 -15.67 -31.07 -23.09
C ASP C 438 -17.05 -31.65 -22.81
N ILE C 439 -18.05 -30.76 -22.78
CA ILE C 439 -19.41 -31.19 -22.50
C ILE C 439 -20.00 -31.99 -23.65
N ARG C 440 -19.39 -31.92 -24.84
CA ARG C 440 -19.90 -32.69 -25.97
C ARG C 440 -19.65 -34.18 -25.79
N HIS C 441 -18.50 -34.54 -25.19
CA HIS C 441 -18.21 -35.94 -24.96
C HIS C 441 -19.22 -36.57 -24.01
N ASP C 442 -19.57 -35.87 -22.93
CA ASP C 442 -20.55 -36.39 -21.98
C ASP C 442 -21.93 -36.51 -22.61
N PHE C 443 -22.27 -35.61 -23.54
CA PHE C 443 -23.55 -35.71 -24.21
C PHE C 443 -23.67 -37.01 -25.00
N ILE C 444 -22.65 -37.34 -25.78
CA ILE C 444 -22.71 -38.54 -26.62
C ILE C 444 -22.67 -39.79 -25.76
N LYS C 445 -21.91 -39.76 -24.67
CA LYS C 445 -21.78 -40.94 -23.82
C LYS C 445 -23.13 -41.35 -23.24
N GLY C 446 -23.93 -40.38 -22.79
CA GLY C 446 -25.24 -40.70 -22.26
C GLY C 446 -26.16 -41.31 -23.30
N LEU C 447 -26.07 -40.84 -24.54
CA LEU C 447 -26.89 -41.40 -25.62
C LEU C 447 -26.52 -42.85 -25.90
N ILE C 448 -25.24 -43.21 -25.73
CA ILE C 448 -24.82 -44.59 -25.96
C ILE C 448 -25.49 -45.53 -24.97
N MET C 449 -25.54 -45.12 -23.70
CA MET C 449 -26.12 -45.99 -22.67
C MET C 449 -27.61 -46.23 -22.91
N LEU C 450 -28.29 -45.31 -23.59
CA LEU C 450 -29.72 -45.43 -23.86
C LEU C 450 -30.00 -46.16 -25.17
N ASN C 451 -28.99 -46.73 -25.81
CA ASN C 451 -29.13 -47.43 -27.10
C ASN C 451 -29.60 -46.48 -28.19
N LEU C 452 -29.32 -45.18 -28.04
CA LEU C 452 -29.71 -44.22 -29.06
C LEU C 452 -28.82 -44.34 -30.29
N GLN C 453 -27.50 -44.45 -30.09
CA GLN C 453 -26.55 -44.49 -31.18
C GLN C 453 -25.60 -45.67 -30.98
N PRO C 454 -25.10 -46.26 -32.07
CA PRO C 454 -24.09 -47.31 -31.95
C PRO C 454 -22.74 -46.74 -31.51
N ALA C 455 -21.87 -47.64 -31.09
CA ALA C 455 -20.55 -47.25 -30.61
C ALA C 455 -19.66 -46.67 -31.70
N SER C 456 -20.04 -46.81 -32.97
CA SER C 456 -19.25 -46.26 -34.07
C SER C 456 -19.47 -44.76 -34.27
N VAL C 457 -20.40 -44.16 -33.54
CA VAL C 457 -20.70 -42.75 -33.73
C VAL C 457 -19.78 -41.84 -32.91
N ILE C 458 -19.34 -42.30 -31.74
CA ILE C 458 -18.46 -41.47 -30.90
C ILE C 458 -17.12 -41.25 -31.60
N ASN C 459 -16.65 -42.24 -32.36
CA ASN C 459 -15.38 -42.08 -33.08
C ASN C 459 -15.47 -41.03 -34.19
N ASN C 460 -16.68 -40.71 -34.66
CA ASN C 460 -16.82 -39.72 -35.71
C ASN C 460 -16.44 -38.33 -35.21
N TYR C 461 -16.84 -37.98 -33.99
CA TYR C 461 -16.59 -36.66 -33.43
C TYR C 461 -15.31 -36.58 -32.62
N LEU C 462 -14.63 -37.70 -32.39
CA LEU C 462 -13.37 -37.68 -31.66
C LEU C 462 -12.29 -37.01 -32.50
N ARG C 463 -11.24 -36.56 -31.83
CA ARG C 463 -10.10 -35.99 -32.52
C ARG C 463 -9.46 -37.03 -33.43
N GLU C 464 -8.95 -36.57 -34.58
CA GLU C 464 -8.49 -37.48 -35.62
C GLU C 464 -7.32 -38.35 -35.16
N ASP C 465 -6.65 -37.97 -34.07
CA ASP C 465 -5.52 -38.75 -33.58
C ASP C 465 -5.87 -39.68 -32.43
N GLN C 466 -6.95 -39.42 -31.70
CA GLN C 466 -7.31 -40.22 -30.54
C GLN C 466 -8.71 -40.80 -30.72
N MET C 467 -8.82 -42.11 -30.53
CA MET C 467 -10.10 -42.82 -30.52
C MET C 467 -10.46 -43.21 -29.10
N ILE C 468 -11.64 -43.82 -28.95
CA ILE C 468 -12.10 -44.36 -27.69
C ILE C 468 -12.53 -45.80 -27.91
N ASP C 469 -12.02 -46.71 -27.08
CA ASP C 469 -12.37 -48.12 -27.19
C ASP C 469 -13.86 -48.30 -26.93
N THR C 470 -14.52 -49.07 -27.81
CA THR C 470 -15.96 -49.26 -27.69
C THR C 470 -16.32 -50.14 -26.51
N SER C 471 -15.51 -51.16 -26.22
CA SER C 471 -15.84 -52.09 -25.15
C SER C 471 -15.78 -51.43 -23.78
N ILE C 472 -14.84 -50.50 -23.59
CA ILE C 472 -14.67 -49.86 -22.29
C ILE C 472 -15.88 -49.00 -21.94
N LEU C 473 -16.46 -48.34 -22.94
CA LEU C 473 -17.60 -47.47 -22.69
C LEU C 473 -18.82 -48.29 -22.24
N PRO C 474 -19.45 -47.94 -21.13
CA PRO C 474 -20.67 -48.65 -20.72
C PRO C 474 -21.77 -48.52 -21.76
N THR C 475 -22.54 -49.59 -21.93
CA THR C 475 -23.60 -49.63 -22.91
C THR C 475 -24.96 -50.00 -22.35
N ARG C 476 -25.04 -50.47 -21.11
CA ARG C 476 -26.30 -50.86 -20.49
C ARG C 476 -26.66 -49.90 -19.37
N ASP C 477 -27.97 -49.71 -19.17
CA ASP C 477 -28.49 -48.80 -18.17
C ASP C 477 -28.86 -49.50 -16.87
N ASP C 478 -28.17 -50.57 -16.53
CA ASP C 478 -28.41 -51.28 -15.29
C ASP C 478 -27.46 -50.80 -14.21
N LEU C 479 -27.96 -50.75 -12.98
CA LEU C 479 -27.16 -50.25 -11.87
C LEU C 479 -26.12 -51.26 -11.46
N PHE C 480 -24.88 -50.81 -11.31
CA PHE C 480 -23.76 -51.66 -10.90
C PHE C 480 -23.07 -51.01 -9.70
N VAL C 481 -22.91 -51.79 -8.64
CA VAL C 481 -22.32 -51.31 -7.40
C VAL C 481 -21.20 -52.26 -6.97
N ARG C 482 -20.12 -51.70 -6.45
CA ARG C 482 -19.01 -52.49 -5.94
C ARG C 482 -19.35 -53.04 -4.56
N ASN C 483 -19.42 -54.36 -4.43
CA ASN C 483 -19.80 -54.98 -3.16
C ASN C 483 -18.60 -55.01 -2.23
N LEU C 484 -18.74 -55.71 -1.10
CA LEU C 484 -17.64 -55.82 -0.15
C LEU C 484 -16.49 -56.64 -0.71
N GLN C 485 -16.78 -57.57 -1.62
CA GLN C 485 -15.77 -58.45 -2.20
C GLN C 485 -15.23 -57.94 -3.53
N GLY C 486 -15.66 -56.76 -3.98
CA GLY C 486 -15.14 -56.16 -5.20
C GLY C 486 -15.86 -56.54 -6.48
N ILE C 487 -16.93 -57.33 -6.40
CA ILE C 487 -17.69 -57.71 -7.59
C ILE C 487 -18.76 -56.67 -7.84
N GLN C 488 -18.87 -56.21 -9.09
CA GLN C 488 -19.88 -55.24 -9.47
C GLN C 488 -21.24 -55.93 -9.46
N GLU C 489 -22.01 -55.70 -8.40
CA GLU C 489 -23.32 -56.32 -8.24
C GLU C 489 -24.39 -55.49 -8.94
N VAL C 490 -25.39 -56.19 -9.47
CA VAL C 490 -26.46 -55.54 -10.23
C VAL C 490 -27.60 -55.22 -9.28
N VAL C 491 -27.94 -53.93 -9.18
CA VAL C 491 -29.04 -53.48 -8.34
C VAL C 491 -30.30 -53.51 -9.22
N HIS C 492 -30.97 -54.66 -9.23
CA HIS C 492 -32.14 -54.82 -10.08
C HIS C 492 -33.31 -53.97 -9.61
N ASN C 493 -33.47 -53.80 -8.30
CA ASN C 493 -34.55 -53.02 -7.72
C ASN C 493 -33.96 -51.84 -6.96
N THR C 494 -34.47 -50.64 -7.24
CA THR C 494 -33.93 -49.42 -6.65
C THR C 494 -34.52 -49.12 -5.27
N ASN C 495 -35.85 -49.14 -5.16
CA ASN C 495 -36.50 -48.77 -3.90
C ASN C 495 -36.11 -49.73 -2.79
N SER C 496 -36.08 -51.03 -3.08
CA SER C 496 -35.69 -52.00 -2.06
C SER C 496 -34.24 -51.79 -1.63
N PHE C 497 -33.37 -51.42 -2.56
CA PHE C 497 -31.97 -51.18 -2.23
C PHE C 497 -31.83 -50.01 -1.25
N ILE C 498 -32.60 -48.94 -1.48
CA ILE C 498 -32.49 -47.77 -0.61
C ILE C 498 -32.97 -48.09 0.80
N ILE C 499 -34.14 -48.74 0.91
CA ILE C 499 -34.70 -49.00 2.23
C ILE C 499 -33.87 -50.03 2.98
N SER C 500 -33.36 -51.04 2.28
CA SER C 500 -32.52 -52.04 2.93
C SER C 500 -31.22 -51.42 3.44
N SER C 501 -30.58 -50.58 2.63
CA SER C 501 -29.38 -49.89 3.07
C SER C 501 -29.69 -48.88 4.16
N LEU C 502 -30.83 -48.19 4.06
CA LEU C 502 -31.20 -47.19 5.04
C LEU C 502 -31.40 -47.80 6.42
N ASP C 503 -32.04 -48.98 6.47
CA ASP C 503 -32.27 -49.64 7.76
C ASP C 503 -30.95 -50.02 8.42
N THR C 504 -30.00 -50.53 7.65
CA THR C 504 -28.69 -50.92 8.17
C THR C 504 -27.68 -49.79 8.14
N LEU C 505 -28.08 -48.60 7.71
CA LEU C 505 -27.16 -47.47 7.63
C LEU C 505 -26.75 -47.03 9.04
N GLU C 506 -25.50 -46.63 9.17
CA GLU C 506 -24.95 -46.13 10.42
C GLU C 506 -24.68 -44.63 10.30
N LEU C 507 -25.19 -43.85 11.25
CA LEU C 507 -24.99 -42.41 11.22
C LEU C 507 -23.54 -42.02 11.45
N GLU C 508 -22.72 -42.91 12.01
CA GLU C 508 -21.32 -42.61 12.20
C GLU C 508 -20.55 -42.61 10.89
N SER C 509 -21.04 -43.34 9.89
CA SER C 509 -20.33 -43.49 8.62
C SER C 509 -20.49 -42.31 7.68
N ILE C 510 -20.94 -41.16 8.17
CA ILE C 510 -21.24 -40.03 7.28
C ILE C 510 -19.96 -39.31 6.89
N THR C 511 -19.24 -38.74 7.86
CA THR C 511 -18.09 -37.90 7.56
C THR C 511 -16.75 -38.57 7.83
N GLU C 512 -16.69 -39.53 8.76
CA GLU C 512 -15.42 -40.19 9.05
C GLU C 512 -15.01 -41.17 7.97
N SER C 513 -15.95 -41.69 7.20
CA SER C 513 -15.67 -42.65 6.13
C SER C 513 -15.19 -41.88 4.89
N ILE C 514 -13.97 -41.37 4.99
CA ILE C 514 -13.36 -40.67 3.86
C ILE C 514 -13.07 -41.65 2.73
N THR C 515 -12.61 -42.85 3.07
CA THR C 515 -12.30 -43.85 2.06
C THR C 515 -13.57 -44.33 1.36
N HIS C 516 -13.42 -44.67 0.08
CA HIS C 516 -14.54 -45.13 -0.73
C HIS C 516 -14.89 -46.60 -0.50
N ASP C 517 -14.03 -47.35 0.17
CA ASP C 517 -14.26 -48.78 0.38
C ASP C 517 -15.16 -49.04 1.59
N SER C 518 -16.33 -48.41 1.60
CA SER C 518 -17.31 -48.61 2.66
C SER C 518 -18.21 -49.79 2.30
N SER C 519 -18.56 -50.58 3.31
CA SER C 519 -19.43 -51.74 3.08
C SER C 519 -20.80 -51.33 2.58
N ASN C 520 -21.27 -50.15 2.96
CA ASN C 520 -22.60 -49.70 2.56
C ASN C 520 -22.60 -49.30 1.10
N GLY C 521 -23.49 -49.91 0.31
CA GLY C 521 -23.57 -49.58 -1.11
C GLY C 521 -24.09 -48.18 -1.36
N LEU C 522 -25.09 -47.75 -0.59
CA LEU C 522 -25.69 -46.44 -0.82
C LEU C 522 -24.71 -45.31 -0.58
N PHE C 523 -23.88 -45.42 0.45
CA PHE C 523 -22.89 -44.38 0.73
C PHE C 523 -21.86 -44.28 -0.38
N GLN C 524 -21.55 -45.40 -1.03
CA GLN C 524 -20.66 -45.36 -2.18
C GLN C 524 -21.25 -44.56 -3.34
N VAL C 525 -22.58 -44.60 -3.48
CA VAL C 525 -23.23 -43.92 -4.59
C VAL C 525 -23.08 -42.41 -4.46
N LEU C 526 -23.18 -41.88 -3.24
CA LEU C 526 -23.07 -40.44 -3.04
C LEU C 526 -21.71 -39.92 -3.48
N HIS C 527 -20.64 -40.61 -3.08
CA HIS C 527 -19.30 -40.19 -3.48
C HIS C 527 -18.99 -40.53 -4.93
N ASN C 528 -19.78 -41.36 -5.57
CA ASN C 528 -19.63 -41.69 -6.98
C ASN C 528 -20.88 -41.28 -7.75
N PHE C 529 -21.42 -40.10 -7.43
CA PHE C 529 -22.68 -39.66 -7.99
C PHE C 529 -22.55 -39.14 -9.41
N GLU C 530 -21.33 -38.83 -9.85
CA GLU C 530 -21.13 -38.20 -11.15
C GLU C 530 -21.24 -39.18 -12.32
N SER C 531 -21.29 -40.49 -12.06
CA SER C 531 -21.27 -41.48 -13.13
C SER C 531 -22.57 -42.27 -13.23
N VAL C 532 -23.66 -41.78 -12.65
CA VAL C 532 -24.92 -42.51 -12.69
C VAL C 532 -25.51 -42.46 -14.09
N ALA C 533 -26.25 -43.50 -14.45
CA ALA C 533 -26.87 -43.57 -15.76
C ALA C 533 -27.93 -42.47 -15.92
N PRO C 534 -28.20 -42.03 -17.15
CA PRO C 534 -29.15 -40.93 -17.35
C PRO C 534 -30.56 -41.21 -16.86
N THR C 535 -31.16 -42.30 -17.33
CA THR C 535 -32.56 -42.56 -16.99
C THR C 535 -32.74 -43.07 -15.56
N LYS C 536 -31.71 -43.71 -15.00
CA LYS C 536 -31.87 -44.34 -13.69
C LYS C 536 -31.93 -43.32 -12.56
N GLN C 537 -31.20 -42.21 -12.69
CA GLN C 537 -31.20 -41.22 -11.61
C GLN C 537 -32.57 -40.58 -11.41
N ARG C 538 -33.37 -40.50 -12.47
CA ARG C 538 -34.74 -40.03 -12.29
C ARG C 538 -35.52 -40.97 -11.39
N GLU C 539 -35.34 -42.27 -11.56
CA GLU C 539 -35.98 -43.24 -10.68
C GLU C 539 -35.49 -43.10 -9.25
N ILE C 540 -34.18 -42.86 -9.06
CA ILE C 540 -33.63 -42.72 -7.72
C ILE C 540 -34.20 -41.49 -7.04
N VAL C 541 -34.29 -40.37 -7.76
CA VAL C 541 -34.86 -39.15 -7.18
C VAL C 541 -36.33 -39.38 -6.83
N LYS C 542 -37.08 -40.02 -7.74
CA LYS C 542 -38.47 -40.32 -7.47
C LYS C 542 -38.61 -41.35 -6.35
N ALA C 543 -37.61 -42.21 -6.16
CA ALA C 543 -37.67 -43.18 -5.08
C ALA C 543 -37.64 -42.49 -3.73
N PHE C 544 -36.82 -41.45 -3.58
CA PHE C 544 -36.79 -40.71 -2.32
C PHE C 544 -38.13 -40.07 -2.01
N LEU C 545 -38.78 -39.48 -3.03
CA LEU C 545 -40.02 -38.74 -2.79
C LEU C 545 -41.11 -39.64 -2.24
N SER C 546 -41.35 -40.79 -2.88
CA SER C 546 -42.39 -41.70 -2.43
C SER C 546 -42.08 -42.25 -1.05
N ILE C 547 -40.81 -42.59 -0.80
CA ILE C 547 -40.42 -43.09 0.52
C ILE C 547 -40.58 -41.99 1.57
N PHE C 548 -40.16 -40.76 1.25
CA PHE C 548 -40.17 -39.69 2.24
C PHE C 548 -41.61 -39.30 2.60
N GLU C 549 -42.50 -39.24 1.61
CA GLU C 549 -43.89 -38.89 1.92
C GLU C 549 -44.58 -39.97 2.75
N ASP C 550 -44.24 -41.24 2.51
CA ASP C 550 -44.83 -42.33 3.30
C ASP C 550 -44.34 -42.29 4.74
N ALA C 551 -43.08 -41.90 4.96
CA ALA C 551 -42.55 -41.82 6.31
C ALA C 551 -43.28 -40.75 7.13
N ILE C 552 -43.73 -39.67 6.48
CA ILE C 552 -44.48 -38.64 7.19
C ILE C 552 -45.85 -39.18 7.60
N LYS C 553 -46.49 -39.94 6.72
CA LYS C 553 -47.82 -40.46 7.03
C LYS C 553 -47.78 -41.44 8.20
N GLU C 554 -46.79 -42.34 8.21
CA GLU C 554 -46.68 -43.38 9.23
C GLU C 554 -45.96 -42.91 10.49
N LEU C 555 -45.36 -41.72 10.47
CA LEU C 555 -44.59 -41.19 11.60
C LEU C 555 -43.44 -42.14 11.96
N ASN C 556 -42.67 -42.52 10.93
CA ASN C 556 -41.51 -43.37 11.12
C ASN C 556 -40.30 -42.48 11.36
N TYR C 557 -39.93 -42.29 12.63
CA TYR C 557 -38.90 -41.33 12.98
C TYR C 557 -37.49 -41.80 12.65
N ASN C 558 -37.28 -43.12 12.55
CA ASN C 558 -35.93 -43.63 12.30
C ASN C 558 -35.45 -43.26 10.90
N ARG C 559 -36.27 -43.51 9.89
CA ARG C 559 -35.85 -43.28 8.51
C ARG C 559 -35.92 -41.82 8.10
N ILE C 560 -36.68 -40.98 8.81
CA ILE C 560 -36.76 -39.57 8.47
C ILE C 560 -35.45 -38.86 8.81
N ALA C 561 -34.91 -39.12 10.00
CA ALA C 561 -33.68 -38.46 10.40
C ALA C 561 -32.50 -38.87 9.53
N LYS C 562 -32.41 -40.17 9.20
CA LYS C 562 -31.29 -40.65 8.40
C LYS C 562 -31.31 -40.06 7.00
N ILE C 563 -32.49 -39.93 6.40
CA ILE C 563 -32.60 -39.40 5.04
C ILE C 563 -32.10 -37.96 5.00
N CYS C 564 -32.48 -37.15 6.00
CA CYS C 564 -32.09 -35.75 6.00
C CYS C 564 -30.58 -35.58 6.12
N ALA C 565 -29.91 -36.50 6.80
CA ALA C 565 -28.46 -36.39 6.95
C ALA C 565 -27.75 -36.54 5.61
N LEU C 566 -28.21 -37.45 4.76
CA LEU C 566 -27.59 -37.63 3.45
C LEU C 566 -27.75 -36.40 2.58
N LEU C 567 -28.95 -35.79 2.58
CA LEU C 567 -29.24 -34.69 1.67
C LEU C 567 -28.56 -33.40 2.10
N PHE C 568 -28.36 -33.19 3.40
CA PHE C 568 -27.84 -31.91 3.86
C PHE C 568 -26.39 -31.69 3.41
N PHE C 569 -25.55 -32.71 3.53
CA PHE C 569 -24.12 -32.50 3.31
C PHE C 569 -23.79 -32.25 1.85
N ASN C 570 -24.58 -32.79 0.92
CA ASN C 570 -24.42 -32.56 -0.50
C ASN C 570 -23.03 -32.99 -0.98
N PHE C 571 -22.76 -34.28 -0.83
CA PHE C 571 -21.52 -34.87 -1.35
C PHE C 571 -21.62 -35.02 -2.86
N SER C 572 -20.60 -34.53 -3.57
CA SER C 572 -20.54 -34.62 -5.03
C SER C 572 -21.79 -34.02 -5.67
N HIS C 573 -22.21 -32.87 -5.16
CA HIS C 573 -23.37 -32.13 -5.68
C HIS C 573 -24.62 -33.01 -5.72
N SER C 574 -24.86 -33.72 -4.61
CA SER C 574 -26.04 -34.59 -4.54
C SER C 574 -27.32 -33.80 -4.36
N LEU C 575 -27.29 -32.77 -3.51
CA LEU C 575 -28.51 -32.01 -3.23
C LEU C 575 -28.93 -31.16 -4.42
N THR C 576 -27.98 -30.64 -5.19
CA THR C 576 -28.32 -29.77 -6.31
C THR C 576 -29.14 -30.53 -7.36
N THR C 577 -28.77 -31.78 -7.63
CA THR C 577 -29.51 -32.58 -8.60
C THR C 577 -30.94 -32.83 -8.15
N ILE C 578 -31.17 -32.91 -6.84
CA ILE C 578 -32.51 -33.17 -6.32
C ILE C 578 -33.45 -32.02 -6.66
N LEU C 579 -33.00 -30.78 -6.46
CA LEU C 579 -33.83 -29.65 -6.83
C LEU C 579 -33.90 -29.47 -8.34
N SER C 580 -32.81 -29.76 -9.04
CA SER C 580 -32.73 -29.58 -10.49
C SER C 580 -33.80 -30.36 -11.23
N PHE C 581 -34.64 -33.07 -9.27
CA PHE C 581 -35.60 -33.12 -10.36
C PHE C 581 -36.96 -32.64 -9.88
N SER C 582 -37.23 -32.85 -8.60
CA SER C 582 -38.50 -32.43 -8.02
C SER C 582 -38.53 -30.93 -7.80
N SER C 583 -39.72 -30.37 -7.93
CA SER C 583 -39.90 -28.94 -7.68
C SER C 583 -39.69 -28.65 -6.20
N PRO C 584 -38.89 -27.63 -5.85
CA PRO C 584 -38.65 -27.34 -4.42
C PRO C 584 -39.91 -26.95 -3.66
N ALA C 585 -40.95 -26.51 -4.35
CA ALA C 585 -42.20 -26.16 -3.66
C ALA C 585 -42.85 -27.38 -3.03
N ALA C 586 -43.00 -28.46 -3.80
CA ALA C 586 -43.61 -29.68 -3.27
C ALA C 586 -42.75 -30.27 -2.16
N LEU C 587 -41.43 -30.25 -2.33
CA LEU C 587 -40.54 -30.71 -1.27
C LEU C 587 -40.70 -29.85 -0.01
N MET C 588 -40.85 -28.54 -0.19
CA MET C 588 -41.03 -27.66 0.96
C MET C 588 -42.35 -27.95 1.68
N LYS C 589 -43.43 -28.19 0.91
CA LYS C 589 -44.76 -28.30 1.50
C LYS C 589 -44.84 -29.47 2.48
N THR C 590 -44.41 -30.66 2.04
CA THR C 590 -44.42 -31.81 2.94
C THR C 590 -43.47 -31.60 4.11
N LEU C 591 -42.29 -31.04 3.85
CA LEU C 591 -41.30 -30.85 4.90
C LEU C 591 -41.79 -29.86 5.95
N ILE C 592 -42.45 -28.78 5.54
CA ILE C 592 -42.97 -27.83 6.52
C ILE C 592 -44.26 -28.33 7.17
N LYS C 593 -44.95 -29.27 6.54
CA LYS C 593 -46.12 -29.87 7.17
C LYS C 593 -45.72 -30.66 8.41
N PHE C 594 -44.60 -31.41 8.33
CA PHE C 594 -44.13 -32.18 9.48
C PHE C 594 -43.73 -31.27 10.63
N VAL C 595 -43.03 -30.19 10.34
CA VAL C 595 -42.55 -29.30 11.40
C VAL C 595 -43.69 -28.49 12.00
N ASP C 596 -44.84 -28.41 11.31
CA ASP C 596 -45.99 -27.68 11.82
C ASP C 596 -47.01 -28.58 12.49
N LEU C 597 -47.25 -29.76 11.94
CA LEU C 597 -48.25 -30.69 12.47
C LEU C 597 -47.68 -31.60 13.55
N SER C 598 -46.43 -31.42 13.95
CA SER C 598 -45.84 -32.24 15.00
C SER C 598 -46.37 -31.86 16.38
N ARG C 599 -47.10 -30.75 16.50
CA ARG C 599 -47.64 -30.35 17.79
C ARG C 599 -48.67 -31.35 18.31
N ASN C 600 -49.52 -31.88 17.41
CA ASN C 600 -50.54 -32.83 17.81
C ASN C 600 -50.00 -34.20 18.16
N GLY C 601 -48.76 -34.50 17.78
CA GLY C 601 -48.19 -35.82 18.04
C GLY C 601 -47.65 -36.04 19.43
N ARG C 602 -47.47 -34.98 20.21
CA ARG C 602 -46.92 -35.09 21.55
C ARG C 602 -47.99 -35.23 22.63
N ASN C 603 -49.27 -35.19 22.26
CA ASN C 603 -50.37 -35.32 23.21
C ASN C 603 -50.96 -36.72 23.24
N GLY C 604 -50.35 -37.67 22.53
CA GLY C 604 -50.85 -39.02 22.50
C GLY C 604 -49.81 -40.05 22.91
N SER C 605 -48.64 -39.58 23.30
CA SER C 605 -47.54 -40.43 23.74
C SER C 605 -47.27 -40.21 25.22
N ASN C 606 -47.12 -41.29 25.96
CA ASN C 606 -46.83 -41.24 27.38
C ASN C 606 -45.47 -41.89 27.65
N GLY C 607 -44.60 -41.17 28.35
CA GLY C 607 -43.27 -41.67 28.65
C GLY C 607 -43.24 -42.60 29.85
N ASN C 608 -43.74 -43.82 29.66
CA ASN C 608 -43.76 -44.81 30.74
C ASN C 608 -43.25 -46.16 30.26
N ASP C 609 -42.37 -46.16 29.26
CA ASP C 609 -41.81 -47.39 28.71
C ASP C 609 -40.31 -47.22 28.53
N GLU C 610 -39.60 -48.35 28.54
CA GLU C 610 -38.16 -48.32 28.32
C GLU C 610 -37.78 -48.01 26.88
N SER C 611 -38.73 -48.03 25.95
CA SER C 611 -38.49 -47.58 24.59
C SER C 611 -38.75 -46.10 24.40
N SER C 612 -39.25 -45.42 25.43
CA SER C 612 -39.52 -43.98 25.32
C SER C 612 -38.23 -43.20 25.11
N GLU C 613 -37.20 -43.49 25.91
CA GLU C 613 -35.93 -42.80 25.74
C GLU C 613 -35.32 -43.08 24.37
N TYR C 614 -35.50 -44.29 23.84
CA TYR C 614 -35.15 -44.54 22.45
C TYR C 614 -36.04 -43.75 21.51
N GLU C 615 -37.34 -43.67 21.82
CA GLU C 615 -38.26 -42.95 20.94
C GLU C 615 -38.05 -41.44 21.02
N THR C 616 -37.83 -40.91 22.23
CA THR C 616 -37.63 -39.46 22.37
C THR C 616 -36.38 -39.01 21.63
N ILE C 617 -35.30 -39.76 21.74
CA ILE C 617 -34.11 -39.47 20.95
C ILE C 617 -34.41 -39.58 19.46
N ASN C 618 -35.15 -40.63 19.07
CA ASN C 618 -35.57 -40.77 17.68
C ASN C 618 -36.48 -39.62 17.28
N ILE C 619 -37.36 -39.18 18.18
CA ILE C 619 -38.23 -38.05 17.87
C ILE C 619 -37.43 -36.76 17.81
N SER C 620 -36.52 -36.57 18.76
CA SER C 620 -35.74 -35.33 18.80
C SER C 620 -34.88 -35.17 17.56
N LEU C 621 -34.21 -36.24 17.14
CA LEU C 621 -33.33 -36.15 15.96
C LEU C 621 -34.14 -35.98 14.68
N SER C 622 -35.31 -36.62 14.60
CA SER C 622 -36.14 -36.46 13.41
C SER C 622 -36.60 -35.03 13.25
N PHE C 623 -36.97 -34.38 14.35
CA PHE C 623 -37.40 -32.99 14.28
C PHE C 623 -36.21 -32.04 14.09
N SER C 624 -35.09 -32.31 14.79
CA SER C 624 -33.96 -31.40 14.73
C SER C 624 -33.31 -31.40 13.34
N TRP C 625 -33.17 -32.56 12.73
CA TRP C 625 -32.56 -32.63 11.40
C TRP C 625 -33.43 -31.91 10.37
N ALA C 626 -34.76 -32.07 10.46
CA ALA C 626 -35.65 -31.46 9.48
C ALA C 626 -35.54 -29.95 9.47
N ILE C 627 -35.14 -29.34 10.59
CA ILE C 627 -34.89 -27.91 10.61
C ILE C 627 -33.64 -27.56 9.80
N LEU C 628 -32.58 -28.37 9.95
CA LEU C 628 -31.33 -28.08 9.26
C LEU C 628 -31.49 -28.17 7.74
N LEU C 629 -32.43 -28.98 7.27
CA LEU C 629 -32.67 -29.06 5.83
C LEU C 629 -33.24 -27.75 5.29
N ILE C 630 -34.10 -27.10 6.07
CA ILE C 630 -34.72 -25.86 5.63
C ILE C 630 -33.70 -24.74 5.56
N ILE C 631 -32.87 -24.61 6.59
CA ILE C 631 -31.93 -23.49 6.67
C ILE C 631 -30.92 -23.54 5.53
N ASN C 632 -30.40 -24.74 5.23
CA ASN C 632 -29.47 -24.88 4.12
C ASN C 632 -30.12 -24.51 2.80
N LEU C 633 -31.37 -24.93 2.60
CA LEU C 633 -32.08 -24.56 1.37
C LEU C 633 -32.29 -23.06 1.27
N THR C 634 -32.69 -22.43 2.38
CA THR C 634 -32.97 -21.00 2.36
C THR C 634 -31.72 -20.18 2.09
N GLN C 635 -30.60 -20.54 2.75
CA GLN C 635 -29.41 -19.70 2.70
C GLN C 635 -28.70 -19.78 1.35
N THR C 636 -28.27 -20.98 0.97
CA THR C 636 -27.44 -21.13 -0.22
C THR C 636 -28.26 -21.34 -1.50
N TYR C 637 -29.39 -22.05 -1.43
CA TYR C 637 -30.15 -22.38 -2.61
C TYR C 637 -31.18 -21.32 -2.99
N GLY C 638 -31.27 -20.23 -2.23
CA GLY C 638 -32.13 -19.12 -2.60
C GLY C 638 -33.62 -19.42 -2.66
N ILE C 639 -34.14 -20.10 -1.64
CA ILE C 639 -35.57 -20.35 -1.52
C ILE C 639 -36.08 -19.62 -0.29
N SER C 640 -37.32 -19.13 -0.36
CA SER C 640 -37.91 -18.35 0.71
C SER C 640 -39.04 -19.13 1.36
N VAL C 641 -39.01 -19.21 2.69
CA VAL C 641 -40.04 -19.93 3.43
C VAL C 641 -41.37 -19.18 3.38
N VAL C 642 -41.33 -17.85 3.29
CA VAL C 642 -42.55 -17.04 3.30
C VAL C 642 -43.38 -17.32 2.05
N ASP C 643 -42.71 -17.51 0.91
CA ASP C 643 -43.43 -17.65 -0.35
C ASP C 643 -44.33 -18.88 -0.36
N VAL C 644 -43.84 -20.00 0.17
CA VAL C 644 -44.59 -21.25 0.08
C VAL C 644 -45.87 -21.18 0.91
N ALA C 645 -45.86 -20.45 2.02
CA ALA C 645 -47.06 -20.31 2.84
C ALA C 645 -48.15 -19.57 2.07
N LEU C 646 -47.78 -18.52 1.35
CA LEU C 646 -48.76 -17.75 0.59
C LEU C 646 -49.39 -18.59 -0.52
N LYS C 647 -48.58 -19.39 -1.21
CA LYS C 647 -49.09 -20.18 -2.32
C LYS C 647 -50.03 -21.29 -1.85
N TYR C 648 -49.76 -21.88 -0.69
CA TYR C 648 -50.58 -22.98 -0.19
C TYR C 648 -51.47 -22.48 0.94
N PRO C 649 -52.78 -22.38 0.73
CA PRO C 649 -53.66 -21.82 1.78
C PRO C 649 -53.79 -22.69 3.01
N GLU C 650 -53.44 -23.98 2.93
CA GLU C 650 -53.58 -24.87 4.07
C GLU C 650 -52.58 -24.58 5.18
N LEU C 651 -51.58 -23.74 4.92
CA LEU C 651 -50.59 -23.39 5.93
C LEU C 651 -51.07 -22.18 6.73
N SER C 652 -51.04 -22.30 8.05
CA SER C 652 -51.46 -21.23 8.95
C SER C 652 -50.26 -20.30 9.15
N ILE C 653 -50.28 -19.15 8.47
CA ILE C 653 -49.17 -18.21 8.52
C ILE C 653 -49.01 -17.64 9.92
N LYS C 654 -50.12 -17.27 10.56
CA LYS C 654 -50.05 -16.62 11.86
C LYS C 654 -49.63 -17.58 12.96
N ASN C 655 -49.90 -18.87 12.80
CA ASN C 655 -49.56 -19.88 13.80
C ASN C 655 -48.39 -20.75 13.37
N SER C 656 -47.60 -20.30 12.40
CA SER C 656 -46.46 -21.07 11.91
C SER C 656 -45.22 -20.72 12.71
N PHE C 657 -44.69 -21.69 13.45
CA PHE C 657 -43.48 -21.49 14.22
C PHE C 657 -42.24 -21.47 13.33
N ILE C 658 -42.27 -22.22 12.22
CA ILE C 658 -41.10 -22.29 11.36
C ILE C 658 -40.85 -20.96 10.65
N ILE C 659 -41.92 -20.25 10.28
CA ILE C 659 -41.78 -19.06 9.45
C ILE C 659 -41.03 -17.96 10.19
N ASN C 660 -41.45 -17.66 11.42
CA ASN C 660 -40.79 -16.61 12.17
C ASN C 660 -39.49 -17.06 12.81
N PHE C 661 -39.21 -18.36 12.84
CA PHE C 661 -37.95 -18.84 13.38
C PHE C 661 -36.78 -18.54 12.46
N ILE C 662 -36.97 -18.79 11.15
CA ILE C 662 -35.89 -18.60 10.19
C ILE C 662 -35.52 -17.13 10.07
N SER C 663 -36.53 -16.24 9.97
CA SER C 663 -36.26 -14.82 9.79
C SER C 663 -35.58 -14.20 11.00
N ASN C 664 -35.66 -14.83 12.17
CA ASN C 664 -34.97 -14.38 13.36
C ASN C 664 -33.89 -15.37 13.79
N LEU C 665 -33.32 -16.09 12.83
CA LEU C 665 -32.33 -17.12 13.14
C LEU C 665 -31.07 -16.57 13.81
N PRO C 666 -30.42 -15.51 13.30
CA PRO C 666 -29.17 -15.07 13.93
C PRO C 666 -29.37 -14.22 15.18
N ASN C 667 -30.60 -13.88 15.54
CA ASN C 667 -30.87 -13.02 16.69
C ASN C 667 -31.70 -13.78 17.71
N VAL C 668 -31.33 -13.65 18.98
CA VAL C 668 -31.99 -14.33 20.09
C VAL C 668 -32.49 -13.29 21.08
N SER C 669 -33.69 -13.52 21.60
CA SER C 669 -34.29 -12.57 22.53
C SER C 669 -33.54 -12.55 23.85
N ASP C 670 -33.43 -11.36 24.45
CA ASP C 670 -32.78 -11.23 25.75
C ASP C 670 -33.63 -11.79 26.87
N LYS C 671 -34.95 -11.89 26.69
CA LYS C 671 -35.86 -12.48 27.65
C LYS C 671 -36.38 -13.81 27.11
N TYR C 672 -36.66 -14.73 28.03
CA TYR C 672 -37.09 -16.07 27.67
C TYR C 672 -38.61 -16.17 27.86
N TYR C 673 -39.32 -16.53 26.80
CA TYR C 673 -40.77 -16.67 26.83
C TYR C 673 -41.15 -18.07 26.40
N LEU C 674 -41.95 -18.75 27.22
CA LEU C 674 -42.41 -20.09 26.85
C LEU C 674 -43.30 -20.05 25.61
N GLU C 675 -44.18 -19.05 25.53
CA GLU C 675 -45.05 -18.88 24.37
C GLU C 675 -45.04 -17.41 23.97
N GLU C 676 -45.13 -17.17 22.66
CA GLU C 676 -45.01 -15.82 22.12
C GLU C 676 -46.36 -15.17 21.82
N SER C 677 -47.37 -15.95 21.46
CA SER C 677 -48.68 -15.38 21.15
C SER C 677 -49.45 -14.95 22.38
N ASN C 678 -49.01 -15.33 23.58
CA ASN C 678 -49.73 -14.98 24.80
C ASN C 678 -48.83 -14.22 25.77
N VAL C 679 -48.08 -13.24 25.26
CA VAL C 679 -47.23 -12.42 26.12
C VAL C 679 -48.05 -11.54 27.05
N ASN C 680 -49.35 -11.36 26.76
CA ASN C 680 -50.20 -10.54 27.62
C ASN C 680 -50.56 -11.24 28.92
N ASP C 681 -50.27 -12.52 29.06
CA ASP C 681 -50.53 -13.27 30.28
C ASP C 681 -49.25 -13.41 31.08
N SER C 682 -49.37 -13.41 32.41
CA SER C 682 -48.22 -13.47 33.29
C SER C 682 -48.00 -14.84 33.92
N ASP C 683 -48.95 -15.78 33.76
CA ASP C 683 -48.80 -17.08 34.41
C ASP C 683 -47.63 -17.87 33.84
N MET C 684 -47.44 -17.83 32.52
CA MET C 684 -46.33 -18.57 31.94
C MET C 684 -44.98 -17.91 32.25
N LEU C 685 -44.97 -16.58 32.42
CA LEU C 685 -43.73 -15.89 32.72
C LEU C 685 -43.22 -16.23 34.12
N THR C 686 -44.11 -16.64 35.02
CA THR C 686 -43.68 -17.04 36.36
C THR C 686 -42.82 -18.30 36.30
N LYS C 687 -43.23 -19.29 35.51
CA LYS C 687 -42.46 -20.52 35.37
C LYS C 687 -41.40 -20.43 34.29
N SER C 688 -41.41 -19.39 33.46
CA SER C 688 -40.34 -19.22 32.48
C SER C 688 -39.00 -18.99 33.17
N HIS C 689 -38.99 -18.15 34.21
CA HIS C 689 -37.77 -17.99 35.01
C HIS C 689 -37.46 -19.26 35.80
N ASN C 690 -38.49 -20.02 36.18
CA ASN C 690 -38.26 -21.29 36.86
C ASN C 690 -37.52 -22.27 35.97
N THR C 691 -37.87 -22.31 34.69
CA THR C 691 -37.19 -23.21 33.76
C THR C 691 -35.72 -22.83 33.59
N VAL C 692 -35.43 -21.54 33.55
CA VAL C 692 -34.05 -21.09 33.36
C VAL C 692 -33.18 -21.52 34.53
N GLN C 693 -33.66 -21.31 35.76
CA GLN C 693 -32.87 -21.69 36.92
C GLN C 693 -32.84 -23.19 37.13
N SER C 694 -33.91 -23.89 36.73
CA SER C 694 -33.92 -25.35 36.86
C SER C 694 -32.89 -25.99 35.94
N TRP C 695 -32.75 -25.48 34.71
CA TRP C 695 -31.81 -26.05 33.77
C TRP C 695 -30.37 -25.66 34.10
N LEU C 696 -30.16 -24.44 34.60
CA LEU C 696 -28.81 -24.00 34.93
C LEU C 696 -28.22 -24.80 36.09
N CYS C 697 -29.01 -25.04 37.14
CA CYS C 697 -28.50 -25.76 38.29
C CYS C 697 -28.25 -27.23 37.96
N ASP C 698 -29.15 -27.84 37.18
CA ASP C 698 -29.02 -29.26 36.88
C ASP C 698 -27.84 -29.54 35.96
N LEU C 699 -27.52 -28.62 35.05
CA LEU C 699 -26.50 -28.88 34.04
C LEU C 699 -25.13 -28.34 34.44
N PHE C 700 -25.08 -27.29 35.26
CA PHE C 700 -23.80 -26.68 35.64
C PHE C 700 -23.35 -27.03 37.05
N VAL C 701 -24.25 -27.47 37.92
CA VAL C 701 -23.93 -27.81 39.30
C VAL C 701 -24.18 -29.29 39.59
N ASN C 702 -25.37 -29.77 39.26
CA ASN C 702 -25.68 -31.19 39.48
C ASN C 702 -24.86 -32.09 38.56
N GLY C 703 -24.61 -31.64 37.33
CA GLY C 703 -23.87 -32.45 36.39
C GLY C 703 -24.64 -33.60 35.79
N SER C 704 -25.97 -33.53 35.81
CA SER C 704 -26.80 -34.58 35.24
C SER C 704 -28.12 -33.96 34.80
N ILE C 705 -28.71 -34.54 33.75
CA ILE C 705 -29.97 -34.08 33.19
C ILE C 705 -31.05 -35.06 33.61
N THR C 706 -31.98 -34.60 34.45
CA THR C 706 -33.07 -35.44 34.91
C THR C 706 -34.06 -35.69 33.77
N ASP C 707 -34.65 -36.89 33.78
CA ASP C 707 -35.61 -37.26 32.75
C ASP C 707 -36.91 -36.47 32.87
N GLN C 708 -37.22 -35.94 34.06
CA GLN C 708 -38.45 -35.16 34.22
C GLN C 708 -38.38 -33.86 33.42
N LEU C 709 -37.21 -33.21 33.38
CA LEU C 709 -37.08 -31.95 32.66
C LEU C 709 -37.32 -32.14 31.17
N ILE C 710 -36.77 -33.21 30.59
CA ILE C 710 -36.93 -33.45 29.15
C ILE C 710 -38.39 -33.71 28.81
N GLN C 711 -39.07 -34.52 29.62
CA GLN C 711 -40.45 -34.87 29.33
C GLN C 711 -41.36 -33.67 29.41
N ASN C 712 -41.13 -32.77 30.38
CA ASN C 712 -42.03 -31.65 30.62
C ASN C 712 -41.83 -30.51 29.62
N ILE C 713 -40.72 -30.49 28.89
CA ILE C 713 -40.43 -29.41 27.95
C ILE C 713 -40.55 -29.94 26.53
N GLU C 714 -40.86 -29.02 25.62
CA GLU C 714 -40.98 -29.34 24.20
C GLU C 714 -39.68 -28.96 23.48
N THR C 715 -39.59 -29.38 22.22
CA THR C 715 -38.41 -29.07 21.41
C THR C 715 -38.34 -27.58 21.08
N ARG C 716 -39.49 -26.93 20.89
CA ARG C 716 -39.50 -25.53 20.49
C ARG C 716 -38.90 -24.64 21.57
N GLN C 717 -39.22 -24.92 22.84
CA GLN C 717 -38.62 -24.15 23.93
C GLN C 717 -37.12 -24.44 24.05
N LEU C 718 -36.71 -25.68 23.77
CA LEU C 718 -35.29 -26.02 23.81
C LEU C 718 -34.49 -25.24 22.77
N ALA C 719 -35.07 -25.05 21.58
CA ALA C 719 -34.38 -24.35 20.51
C ALA C 719 -34.01 -22.92 20.90
N ASN C 720 -34.76 -22.32 21.84
CA ASN C 720 -34.44 -20.99 22.33
C ASN C 720 -33.80 -21.00 23.71
N LEU C 721 -33.98 -22.06 24.49
CA LEU C 721 -33.38 -22.12 25.83
C LEU C 721 -31.87 -22.24 25.74
N ILE C 722 -31.38 -23.12 24.87
CA ILE C 722 -29.93 -23.34 24.76
C ILE C 722 -29.20 -22.07 24.35
N PRO C 723 -29.63 -21.33 23.31
CA PRO C 723 -28.94 -20.06 23.01
C PRO C 723 -28.98 -19.06 24.16
N PHE C 724 -30.06 -19.05 24.94
CA PHE C 724 -30.16 -18.13 26.06
C PHE C 724 -29.07 -18.43 27.09
N ILE C 725 -28.96 -19.70 27.51
CA ILE C 725 -28.03 -20.06 28.57
C ILE C 725 -26.59 -19.85 28.12
N VAL C 726 -26.24 -20.27 26.91
CA VAL C 726 -24.87 -20.12 26.44
C VAL C 726 -24.51 -18.65 26.30
N LYS C 727 -25.47 -17.82 25.88
CA LYS C 727 -25.20 -16.39 25.79
C LYS C 727 -24.94 -15.80 27.17
N GLN C 728 -25.74 -16.19 28.16
CA GLN C 728 -25.54 -15.69 29.52
C GLN C 728 -24.19 -16.11 30.07
N VAL C 729 -23.82 -17.37 29.88
CA VAL C 729 -22.54 -17.87 30.41
C VAL C 729 -21.39 -17.21 29.67
N LEU C 730 -21.44 -17.15 28.35
CA LEU C 730 -20.35 -16.58 27.58
C LEU C 730 -20.18 -15.09 27.86
N LEU C 731 -21.30 -14.36 27.97
CA LEU C 731 -21.21 -12.95 28.31
C LEU C 731 -20.64 -12.76 29.72
N SER C 732 -21.05 -13.60 30.66
CA SER C 732 -20.52 -13.49 32.02
C SER C 732 -19.03 -13.77 32.06
N VAL C 733 -18.57 -14.75 31.27
CA VAL C 733 -17.14 -15.05 31.22
C VAL C 733 -16.37 -13.87 30.65
N GLU C 734 -16.88 -13.26 29.58
CA GLU C 734 -16.17 -12.17 28.93
C GLU C 734 -16.03 -10.97 29.86
N ILE C 735 -17.11 -10.62 30.57
CA ILE C 735 -17.05 -9.48 31.49
C ILE C 735 -16.14 -9.81 32.68
N GLY C 736 -16.19 -11.05 33.15
CA GLY C 736 -15.40 -11.46 34.29
C GLY C 736 -16.24 -11.99 35.44
N VAL C 737 -17.54 -12.11 35.21
CA VAL C 737 -18.44 -12.65 36.23
C VAL C 737 -18.08 -14.10 36.53
N LEU C 738 -17.85 -14.89 35.48
CA LEU C 738 -17.46 -16.29 35.63
C LEU C 738 -15.97 -16.41 35.37
N THR C 739 -15.24 -16.98 36.34
CA THR C 739 -13.80 -17.09 36.27
C THR C 739 -13.31 -18.53 36.20
N ASP C 740 -14.17 -19.51 36.48
CA ASP C 740 -13.80 -20.92 36.44
C ASP C 740 -14.14 -21.50 35.07
N ILE C 741 -13.14 -22.01 34.38
CA ILE C 741 -13.30 -22.53 33.03
C ILE C 741 -13.50 -24.04 33.02
N SER C 742 -12.75 -24.76 33.86
CA SER C 742 -12.74 -26.22 33.80
C SER C 742 -14.14 -26.79 34.05
N SER C 743 -14.86 -26.26 35.03
CA SER C 743 -16.23 -26.70 35.26
C SER C 743 -17.13 -26.37 34.08
N LEU C 744 -16.86 -25.25 33.40
CA LEU C 744 -17.65 -24.89 32.24
C LEU C 744 -17.35 -25.80 31.05
N ILE C 745 -16.09 -26.20 30.88
CA ILE C 745 -15.72 -27.07 29.77
C ILE C 745 -16.51 -28.37 29.84
N GLY C 746 -16.57 -28.97 31.03
CA GLY C 746 -17.47 -30.09 31.23
C GLY C 746 -18.93 -29.71 31.08
N GLY C 747 -19.28 -28.49 31.49
CA GLY C 747 -20.66 -28.06 31.40
C GLY C 747 -21.18 -27.99 29.97
N PHE C 748 -20.37 -27.42 29.08
CA PHE C 748 -20.77 -27.35 27.68
C PHE C 748 -20.75 -28.70 26.97
N GLU C 749 -20.18 -29.73 27.61
CA GLU C 749 -20.24 -31.07 27.01
C GLU C 749 -21.67 -31.60 26.99
N TYR C 750 -22.50 -31.19 27.96
CA TYR C 750 -23.88 -31.68 28.01
C TYR C 750 -24.76 -31.12 26.90
N PHE C 751 -24.28 -30.12 26.15
CA PHE C 751 -25.06 -29.60 25.03
C PHE C 751 -24.97 -30.47 23.78
N LEU C 752 -24.14 -31.51 23.80
CA LEU C 752 -23.89 -32.34 22.63
C LEU C 752 -24.67 -33.64 22.64
N GLN C 753 -25.48 -33.89 23.66
CA GLN C 753 -26.28 -35.10 23.71
C GLN C 753 -27.37 -35.06 22.63
N PRO C 754 -27.82 -36.22 22.17
CA PRO C 754 -28.84 -36.24 21.11
C PRO C 754 -30.13 -35.53 21.49
N LEU C 755 -30.50 -35.54 22.78
CA LEU C 755 -31.70 -34.83 23.20
C LEU C 755 -31.55 -33.32 23.04
N LEU C 756 -30.36 -32.79 23.32
CA LEU C 756 -30.10 -31.36 23.29
C LEU C 756 -29.42 -30.92 22.00
N LEU C 757 -29.55 -31.68 20.92
CA LEU C 757 -28.84 -31.36 19.69
C LEU C 757 -29.45 -30.17 18.95
N VAL C 758 -30.77 -29.98 19.06
CA VAL C 758 -31.42 -28.91 18.33
C VAL C 758 -31.03 -27.53 18.86
N GLY C 759 -30.49 -27.46 20.07
CA GLY C 759 -30.12 -26.18 20.65
C GLY C 759 -28.86 -25.57 20.08
N LEU C 760 -28.12 -26.31 19.26
CA LEU C 760 -26.89 -25.80 18.66
C LEU C 760 -27.15 -25.00 17.38
N ILE C 761 -28.35 -25.10 16.81
CA ILE C 761 -28.62 -24.45 15.53
C ILE C 761 -28.46 -22.94 15.64
N LYS C 762 -29.05 -22.34 16.67
CA LYS C 762 -28.95 -20.90 16.87
C LYS C 762 -27.67 -20.49 17.57
N THR C 763 -26.92 -21.44 18.14
CA THR C 763 -25.72 -21.08 18.89
C THR C 763 -24.64 -20.51 17.98
N PHE C 764 -24.46 -21.10 16.79
CA PHE C 764 -23.38 -20.70 15.91
C PHE C 764 -23.67 -19.38 15.19
N TYR C 765 -24.93 -19.13 14.84
CA TYR C 765 -25.27 -17.89 14.13
C TYR C 765 -24.95 -16.67 14.98
N TRP C 766 -25.27 -16.72 16.27
CA TRP C 766 -25.00 -15.59 17.16
C TRP C 766 -23.51 -15.35 17.34
N LEU C 767 -22.66 -16.33 17.05
CA LEU C 767 -21.24 -16.23 17.39
C LEU C 767 -20.57 -15.07 16.67
N GLU C 768 -20.84 -14.90 15.37
CA GLU C 768 -20.16 -13.84 14.62
C GLU C 768 -20.58 -12.46 15.12
N GLN C 769 -21.88 -12.27 15.40
CA GLN C 769 -22.30 -11.02 16.02
C GLN C 769 -21.62 -10.82 17.37
N PHE C 770 -21.49 -11.89 18.14
CA PHE C 770 -20.68 -11.84 19.35
C PHE C 770 -19.22 -11.60 19.02
N LEU C 771 -18.70 -12.25 17.97
CA LEU C 771 -17.28 -12.16 17.66
C LEU C 771 -16.94 -10.83 17.00
N SER C 772 -17.83 -10.29 16.18
CA SER C 772 -17.56 -9.02 15.51
C SER C 772 -17.36 -7.90 16.53
N CYS C 773 -18.22 -7.87 17.57
CA CYS C 773 -18.00 -6.93 18.65
C CYS C 773 -16.70 -7.23 19.39
N VAL C 774 -16.39 -8.52 19.57
CA VAL C 774 -15.15 -8.92 20.24
C VAL C 774 -13.94 -8.48 19.42
N LYS C 775 -14.03 -8.61 18.10
CA LYS C 775 -12.90 -8.26 17.24
C LYS C 775 -12.54 -6.79 17.37
N ASN C 776 -13.55 -5.91 17.39
CA ASN C 776 -13.28 -4.47 17.51
C ASN C 776 -12.95 -4.09 18.94
N ASP C 777 -13.59 -4.73 19.92
CA ASP C 777 -13.35 -4.41 21.32
C ASP C 777 -11.99 -4.96 21.77
N THR C 778 -11.43 -4.35 22.80
CA THR C 778 -10.13 -4.75 23.34
C THR C 778 -10.36 -5.79 24.43
N ILE C 779 -9.99 -7.04 24.16
CA ILE C 779 -10.10 -8.14 25.12
C ILE C 779 -8.71 -8.69 25.38
N SER C 780 -8.37 -8.86 26.66
CA SER C 780 -7.07 -9.40 27.02
C SER C 780 -6.95 -10.85 26.56
N GLU C 781 -5.71 -11.27 26.28
CA GLU C 781 -5.47 -12.61 25.78
C GLU C 781 -5.88 -13.67 26.80
N ASP C 782 -5.78 -13.36 28.10
CA ASP C 782 -6.22 -14.31 29.11
C ASP C 782 -7.71 -14.58 29.00
N ILE C 783 -8.52 -13.53 28.81
CA ILE C 783 -9.94 -13.72 28.54
C ILE C 783 -10.13 -14.32 27.15
N LEU C 784 -9.35 -13.85 26.16
CA LEU C 784 -9.49 -14.33 24.80
C LEU C 784 -9.17 -15.82 24.70
N GLN C 785 -8.09 -16.26 25.35
CA GLN C 785 -7.77 -17.69 25.34
C GLN C 785 -8.85 -18.49 26.06
N GLY C 786 -9.50 -17.90 27.06
CA GLY C 786 -10.64 -18.56 27.68
C GLY C 786 -11.80 -18.71 26.73
N ILE C 787 -12.09 -17.66 25.96
CA ILE C 787 -13.19 -17.71 24.99
C ILE C 787 -12.98 -18.86 24.01
N PHE C 788 -11.75 -19.01 23.52
CA PHE C 788 -11.44 -20.12 22.64
C PHE C 788 -11.58 -21.45 23.36
N ASN C 789 -11.19 -21.50 24.64
CA ASN C 789 -11.30 -22.74 25.40
C ASN C 789 -12.76 -23.17 25.52
N LEU C 790 -13.64 -22.25 25.88
CA LEU C 790 -15.07 -22.57 25.91
C LEU C 790 -15.60 -22.86 24.50
N LEU C 791 -15.14 -22.11 23.50
CA LEU C 791 -15.59 -22.35 22.14
C LEU C 791 -15.09 -23.69 21.61
N ASN C 792 -13.84 -24.05 21.94
CA ASN C 792 -13.26 -25.28 21.41
C ASN C 792 -14.01 -26.51 21.89
N THR C 793 -14.68 -26.42 23.04
CA THR C 793 -15.45 -27.56 23.54
C THR C 793 -16.57 -27.91 22.57
N LEU C 794 -17.27 -26.89 22.05
CA LEU C 794 -18.27 -27.14 21.02
C LEU C 794 -17.64 -27.44 19.66
N PHE C 795 -16.47 -26.86 19.39
CA PHE C 795 -15.81 -27.07 18.10
C PHE C 795 -15.10 -28.42 18.04
N ASN C 796 -14.36 -28.77 19.09
CA ASN C 796 -13.54 -29.98 19.11
C ASN C 796 -13.91 -30.81 20.33
N PRO C 797 -15.01 -31.55 20.25
CA PRO C 797 -15.41 -32.41 21.38
C PRO C 797 -14.43 -33.54 21.60
N VAL C 798 -14.27 -33.93 22.87
CA VAL C 798 -13.41 -35.05 23.19
C VAL C 798 -14.04 -36.37 22.74
N THR C 799 -15.35 -36.51 22.92
CA THR C 799 -16.07 -37.72 22.54
C THR C 799 -17.42 -37.34 21.95
N LEU C 800 -17.90 -38.17 21.03
CA LEU C 800 -19.18 -37.95 20.38
C LEU C 800 -19.98 -39.25 20.35
N ASN C 801 -21.29 -39.13 20.58
CA ASN C 801 -22.16 -40.28 20.50
C ASN C 801 -22.34 -40.71 19.05
N GLU C 802 -22.90 -41.91 18.87
CA GLU C 802 -23.08 -42.45 17.53
C GLU C 802 -24.19 -41.76 16.76
N ASP C 803 -24.97 -40.88 17.39
CA ASP C 803 -26.01 -40.11 16.72
C ASP C 803 -25.70 -38.63 16.66
N SER C 804 -24.62 -38.17 17.30
CA SER C 804 -24.32 -36.75 17.38
C SER C 804 -23.09 -36.32 16.60
N LYS C 805 -22.27 -37.27 16.11
CA LYS C 805 -21.03 -36.89 15.45
C LYS C 805 -21.32 -36.26 14.09
N ALA C 806 -22.20 -36.87 13.29
CA ALA C 806 -22.53 -36.29 12.00
C ALA C 806 -23.34 -35.02 12.15
N PHE C 807 -24.20 -34.95 13.18
CA PHE C 807 -24.97 -33.73 13.42
C PHE C 807 -24.06 -32.56 13.76
N HIS C 808 -23.06 -32.79 14.60
CA HIS C 808 -22.18 -31.69 15.01
C HIS C 808 -21.42 -31.10 13.82
N THR C 809 -20.93 -31.95 12.93
CA THR C 809 -20.29 -31.45 11.72
C THR C 809 -21.27 -30.70 10.84
N ALA C 810 -22.51 -31.19 10.76
CA ALA C 810 -23.51 -30.58 9.88
C ALA C 810 -23.82 -29.14 10.30
N VAL C 811 -23.99 -28.90 11.60
CA VAL C 811 -24.32 -27.56 12.07
C VAL C 811 -23.14 -26.62 11.87
N LEU C 812 -21.91 -27.10 12.06
CA LEU C 812 -20.74 -26.28 11.82
C LEU C 812 -20.58 -25.91 10.35
N ARG C 813 -21.27 -26.63 9.45
CA ARG C 813 -21.14 -26.37 8.03
C ARG C 813 -22.07 -25.28 7.52
N LEU C 814 -23.15 -24.98 8.25
CA LEU C 814 -24.13 -24.01 7.75
C LEU C 814 -23.58 -22.61 7.77
N ASN C 815 -22.98 -22.20 8.87
CA ASN C 815 -22.56 -20.81 9.09
C ASN C 815 -21.05 -20.76 9.34
N ALA C 816 -20.29 -21.55 8.58
CA ALA C 816 -18.85 -21.59 8.72
C ALA C 816 -18.18 -20.39 8.07
N ILE C 817 -18.65 -20.00 6.88
CA ILE C 817 -17.91 -19.04 6.06
C ILE C 817 -17.74 -17.69 6.74
N PRO C 818 -18.79 -17.03 7.26
CA PRO C 818 -18.55 -15.78 7.98
C PRO C 818 -17.72 -15.96 9.24
N LEU C 819 -17.82 -17.12 9.88
CA LEU C 819 -17.01 -17.39 11.07
C LEU C 819 -15.52 -17.42 10.74
N LEU C 820 -15.16 -18.01 9.60
CA LEU C 820 -13.75 -18.10 9.21
C LEU C 820 -13.16 -16.72 8.98
N LYS C 821 -13.93 -15.82 8.36
CA LYS C 821 -13.43 -14.48 8.07
C LYS C 821 -13.12 -13.73 9.36
N VAL C 822 -13.99 -13.85 10.36
CA VAL C 822 -13.78 -13.12 11.61
C VAL C 822 -12.61 -13.70 12.38
N LEU C 823 -12.48 -15.03 12.39
CA LEU C 823 -11.42 -15.66 13.17
C LEU C 823 -10.03 -15.30 12.63
N ARG C 824 -9.87 -15.27 11.31
CA ARG C 824 -8.57 -14.97 10.73
C ARG C 824 -8.11 -13.55 11.00
N LYS C 825 -9.04 -12.65 11.36
CA LYS C 825 -8.67 -11.26 11.63
C LYS C 825 -7.81 -11.12 12.88
N PHE C 826 -7.76 -12.13 13.74
CA PHE C 826 -6.96 -12.07 14.96
C PHE C 826 -5.50 -12.36 14.66
N ASN C 846 -3.95 -21.61 20.33
CA ASN C 846 -5.26 -22.26 20.28
C ASN C 846 -6.15 -21.67 19.17
N LEU C 847 -5.67 -20.59 18.55
CA LEU C 847 -6.41 -19.99 17.45
C LEU C 847 -6.46 -20.93 16.25
N GLU C 848 -5.31 -21.48 15.86
CA GLU C 848 -5.23 -22.32 14.67
C GLU C 848 -6.17 -23.53 14.70
N PRO C 849 -6.32 -24.28 15.80
CA PRO C 849 -7.22 -25.43 15.76
C PRO C 849 -8.65 -25.09 15.34
N LEU C 850 -9.16 -23.91 15.73
CA LEU C 850 -10.50 -23.53 15.32
C LEU C 850 -10.59 -23.37 13.80
N ILE C 851 -9.62 -22.67 13.20
CA ILE C 851 -9.56 -22.58 11.75
C ILE C 851 -9.29 -23.97 11.16
N ALA C 852 -8.40 -24.73 11.79
CA ALA C 852 -8.11 -26.08 11.32
C ALA C 852 -9.36 -26.96 11.35
N LYS C 853 -10.15 -26.84 12.41
CA LYS C 853 -11.43 -27.56 12.45
C LYS C 853 -12.41 -26.99 11.44
N LEU C 854 -12.45 -25.66 11.30
CA LEU C 854 -13.38 -25.03 10.37
C LEU C 854 -13.02 -25.38 8.92
N VAL C 855 -11.73 -25.38 8.59
CA VAL C 855 -11.33 -25.75 7.23
C VAL C 855 -11.57 -27.24 7.00
N ALA C 856 -11.44 -28.06 8.04
CA ALA C 856 -11.69 -29.50 7.89
C ALA C 856 -13.15 -29.79 7.57
N VAL C 857 -14.07 -29.12 8.25
CA VAL C 857 -15.48 -29.32 7.98
C VAL C 857 -15.90 -28.63 6.69
N LEU C 858 -15.11 -27.66 6.22
CA LEU C 858 -15.39 -27.01 4.93
C LEU C 858 -14.92 -27.84 3.75
N ASN C 859 -13.99 -28.76 3.96
CA ASN C 859 -13.43 -29.56 2.87
C ASN C 859 -14.15 -30.87 2.64
N VAL C 860 -15.12 -31.22 3.48
CA VAL C 860 -15.80 -32.51 3.35
C VAL C 860 -16.61 -32.57 2.06
N SER C 861 -17.20 -31.45 1.66
CA SER C 861 -17.95 -31.34 0.42
C SER C 861 -17.74 -29.94 -0.15
N PRO C 862 -17.91 -29.77 -1.45
CA PRO C 862 -17.73 -28.43 -2.04
C PRO C 862 -18.77 -27.44 -1.53
N VAL C 863 -18.33 -26.19 -1.43
CA VAL C 863 -19.18 -25.08 -0.98
C VAL C 863 -19.41 -24.16 -2.15
N TYR C 864 -20.67 -23.79 -2.37
CA TYR C 864 -21.04 -22.95 -3.50
C TYR C 864 -20.65 -21.50 -3.27
N ASP C 865 -20.23 -20.84 -4.35
CA ASP C 865 -20.01 -19.39 -4.38
C ASP C 865 -19.00 -18.95 -3.33
N VAL C 866 -17.88 -19.66 -3.28
CA VAL C 866 -16.79 -19.38 -2.34
C VAL C 866 -15.49 -19.32 -3.13
N ASP C 867 -14.64 -18.37 -2.77
CA ASP C 867 -13.29 -18.32 -3.35
C ASP C 867 -12.49 -19.50 -2.82
N PRO C 868 -12.01 -20.40 -3.69
CA PRO C 868 -11.20 -21.52 -3.20
C PRO C 868 -9.90 -21.09 -2.55
N ARG C 869 -9.41 -19.88 -2.85
CA ARG C 869 -8.18 -19.40 -2.22
C ARG C 869 -8.37 -19.13 -0.75
N ILE C 870 -9.59 -18.77 -0.33
CA ILE C 870 -9.85 -18.48 1.08
C ILE C 870 -9.70 -19.74 1.92
N ILE C 871 -10.26 -20.86 1.45
CA ILE C 871 -10.23 -22.10 2.22
C ILE C 871 -8.80 -22.59 2.41
N ASN C 872 -7.94 -22.40 1.41
CA ASN C 872 -6.58 -22.91 1.41
C ASN C 872 -5.57 -21.78 1.35
N SER C 873 -5.77 -20.74 2.17
CA SER C 873 -4.86 -19.60 2.24
C SER C 873 -3.79 -19.76 3.30
N GLU C 874 -3.43 -21.00 3.65
CA GLU C 874 -2.41 -21.23 4.67
C GLU C 874 -1.06 -20.66 4.25
N ASN C 875 -0.67 -20.88 2.99
CA ASN C 875 0.60 -20.38 2.49
C ASN C 875 0.53 -19.68 1.15
N ASP C 876 -0.59 -19.74 0.45
CA ASP C 876 -0.71 -19.08 -0.84
C ASP C 876 -0.84 -17.58 -0.65
N TYR C 877 -0.03 -16.81 -1.38
CA TYR C 877 -0.05 -15.35 -1.35
C TYR C 877 0.00 -14.86 -2.79
N SER C 878 -1.17 -14.65 -3.38
CA SER C 878 -1.30 -14.24 -4.77
C SER C 878 -1.33 -12.73 -4.95
N ARG C 879 -1.07 -11.97 -3.88
CA ARG C 879 -1.09 -10.50 -3.90
C ARG C 879 -2.44 -9.96 -4.36
N LYS C 880 -3.51 -10.66 -4.02
CA LYS C 880 -4.87 -10.20 -4.31
C LYS C 880 -5.73 -10.45 -3.10
N GLN C 881 -6.41 -9.41 -2.63
CA GLN C 881 -7.22 -9.53 -1.43
C GLN C 881 -8.43 -10.43 -1.67
N LEU C 882 -8.77 -11.24 -0.68
CA LEU C 882 -9.82 -12.22 -0.82
C LEU C 882 -11.20 -11.58 -0.68
N GLY C 883 -12.16 -12.10 -1.45
CA GLY C 883 -13.53 -11.66 -1.37
C GLY C 883 -14.46 -12.75 -0.89
N TYR C 884 -15.02 -12.58 0.30
CA TYR C 884 -15.84 -13.61 0.92
C TYR C 884 -17.27 -13.64 0.40
N GLY C 885 -17.72 -12.59 -0.29
CA GLY C 885 -19.09 -12.48 -0.73
C GLY C 885 -19.28 -12.90 -2.18
N LYS C 886 -20.55 -13.14 -2.53
CA LYS C 886 -20.88 -13.50 -3.90
C LYS C 886 -20.56 -12.38 -4.87
N PHE C 887 -20.90 -11.16 -4.50
CA PHE C 887 -20.77 -9.99 -5.37
C PHE C 887 -19.79 -9.01 -4.74
N LEU C 888 -18.76 -8.62 -5.49
CA LEU C 888 -17.67 -7.81 -4.96
C LEU C 888 -17.41 -6.63 -5.88
N ILE C 889 -16.99 -5.50 -5.29
CA ILE C 889 -16.79 -4.26 -6.01
C ILE C 889 -15.49 -3.60 -5.54
N LEU C 890 -14.75 -3.03 -6.48
CA LEU C 890 -13.53 -2.28 -6.20
C LEU C 890 -13.71 -0.82 -6.61
N ASN C 891 -12.72 0.01 -6.29
CA ASN C 891 -12.71 1.38 -6.76
C ASN C 891 -12.28 1.47 -8.22
N GLU C 892 -11.40 0.58 -8.67
CA GLU C 892 -10.99 0.57 -10.07
C GLU C 892 -12.15 0.20 -10.98
N ASN C 893 -13.05 -0.65 -10.51
CA ASN C 893 -14.26 -1.02 -11.25
C ASN C 893 -15.45 -0.74 -10.33
N PRO C 894 -15.82 0.53 -10.15
CA PRO C 894 -16.91 0.86 -9.22
C PRO C 894 -18.26 0.47 -9.75
N ILE C 895 -19.32 0.74 -8.99
CA ILE C 895 -20.66 0.50 -9.47
C ILE C 895 -20.97 1.35 -10.69
N ASN C 896 -20.29 2.49 -10.84
CA ASN C 896 -20.52 3.36 -11.98
C ASN C 896 -20.10 2.69 -13.28
N LYS C 897 -18.89 2.13 -13.31
CA LYS C 897 -18.36 1.56 -14.54
C LYS C 897 -19.21 0.39 -15.02
N ILE C 898 -19.63 -0.49 -14.10
CA ILE C 898 -20.41 -1.65 -14.51
C ILE C 898 -21.78 -1.23 -15.02
N MET C 899 -22.45 -0.31 -14.34
CA MET C 899 -23.77 0.12 -14.80
C MET C 899 -23.67 1.05 -16.01
N THR C 900 -22.58 1.82 -16.12
CA THR C 900 -22.32 2.52 -17.38
C THR C 900 -22.11 1.51 -18.51
N ASN C 901 -21.45 0.39 -18.21
CA ASN C 901 -21.42 -0.72 -19.15
C ASN C 901 -22.77 -1.39 -19.28
N GLN C 902 -23.61 -1.30 -18.24
CA GLN C 902 -24.98 -1.80 -18.37
C GLN C 902 -25.81 -0.88 -19.24
N ILE C 903 -25.64 0.44 -19.09
CA ILE C 903 -26.32 1.38 -19.98
C ILE C 903 -25.88 1.15 -21.42
N ASN C 904 -24.60 0.86 -21.64
CA ASN C 904 -24.16 0.48 -22.97
C ASN C 904 -24.76 -0.84 -23.43
N SER C 905 -25.22 -1.67 -22.51
CA SER C 905 -25.90 -2.92 -22.83
C SER C 905 -27.41 -2.79 -22.77
N PHE C 906 -27.93 -1.97 -21.87
CA PHE C 906 -29.37 -1.73 -21.81
C PHE C 906 -29.85 -0.98 -23.05
N TRP C 907 -28.97 -0.20 -23.67
CA TRP C 907 -29.28 0.62 -24.83
C TRP C 907 -28.71 0.06 -26.12
N SER C 908 -27.41 -0.25 -26.16
CA SER C 908 -26.76 -0.74 -27.37
C SER C 908 -26.40 -2.21 -27.31
N LEU C 909 -26.74 -2.90 -26.22
CA LEU C 909 -26.44 -4.32 -26.06
C LEU C 909 -24.95 -4.61 -26.22
N HIS C 910 -24.13 -3.73 -25.66
CA HIS C 910 -22.68 -3.90 -25.66
C HIS C 910 -22.25 -4.65 -24.40
N SER C 911 -20.95 -4.66 -24.13
CA SER C 911 -20.37 -5.35 -22.99
C SER C 911 -20.64 -6.85 -23.06
N SER C 912 -20.41 -7.57 -21.97
CA SER C 912 -20.67 -9.00 -21.97
C SER C 912 -21.30 -9.48 -20.66
N THR C 913 -21.88 -8.58 -19.86
CA THR C 913 -22.49 -8.98 -18.60
C THR C 913 -23.92 -9.48 -18.76
N TYR C 914 -24.50 -9.38 -19.95
CA TYR C 914 -25.85 -9.86 -20.19
C TYR C 914 -25.88 -11.37 -20.29
N TYR C 915 -27.11 -11.91 -20.28
CA TYR C 915 -27.37 -13.36 -20.21
C TYR C 915 -26.79 -14.01 -18.97
N ASN C 916 -26.34 -13.19 -18.01
CA ASN C 916 -25.80 -13.67 -16.73
C ASN C 916 -26.71 -13.14 -15.64
N LEU C 917 -27.77 -13.88 -15.36
CA LEU C 917 -28.70 -13.49 -14.31
C LEU C 917 -28.12 -13.67 -12.92
N ASP C 918 -26.98 -14.36 -12.80
CA ASP C 918 -26.27 -14.40 -11.52
C ASP C 918 -25.72 -13.02 -11.17
N TYR C 919 -25.02 -12.39 -12.12
CA TYR C 919 -24.39 -11.10 -11.89
C TYR C 919 -25.37 -9.94 -12.02
N LEU C 920 -26.55 -10.17 -12.61
CA LEU C 920 -27.51 -9.10 -12.85
C LEU C 920 -28.61 -9.04 -11.79
N PHE C 921 -29.14 -10.20 -11.38
CA PHE C 921 -30.20 -10.21 -10.36
C PHE C 921 -29.69 -9.65 -9.04
N GLU C 922 -28.47 -10.03 -8.64
CA GLU C 922 -27.89 -9.46 -7.43
C GLU C 922 -27.57 -7.99 -7.60
N LEU C 923 -27.15 -7.58 -8.81
CA LEU C 923 -26.87 -6.16 -9.07
C LEU C 923 -28.14 -5.33 -8.93
N ILE C 924 -29.27 -5.83 -9.43
CA ILE C 924 -30.53 -5.12 -9.33
C ILE C 924 -30.88 -4.87 -7.87
N GLU C 925 -30.76 -5.91 -7.05
CA GLU C 925 -31.08 -5.78 -5.62
C GLU C 925 -30.16 -4.76 -4.94
N LEU C 926 -28.87 -4.80 -5.26
CA LEU C 926 -27.92 -3.88 -4.65
C LEU C 926 -28.21 -2.43 -5.01
N VAL C 927 -28.93 -2.19 -6.11
CA VAL C 927 -29.31 -0.84 -6.51
C VAL C 927 -30.80 -0.60 -6.38
N THR C 928 -31.60 -1.64 -6.06
CA THR C 928 -33.05 -1.63 -5.91
C THR C 928 -33.72 -1.44 -7.27
N PRO C 929 -34.88 -2.08 -7.49
CA PRO C 929 -35.55 -1.93 -8.79
C PRO C 929 -35.93 -0.49 -9.11
N LYS C 930 -36.22 0.33 -8.10
CA LYS C 930 -36.57 1.73 -8.35
C LYS C 930 -35.42 2.47 -9.01
N SER C 931 -34.28 2.55 -8.33
CA SER C 931 -33.13 3.28 -8.87
C SER C 931 -32.59 2.59 -10.13
N PHE C 932 -32.75 1.28 -10.23
CA PHE C 932 -32.31 0.57 -11.43
C PHE C 932 -33.11 1.01 -12.65
N LEU C 933 -34.44 1.06 -12.52
CA LEU C 933 -35.28 1.47 -13.64
C LEU C 933 -35.27 2.98 -13.83
N PHE C 934 -35.17 3.75 -12.75
CA PHE C 934 -35.21 5.21 -12.87
C PHE C 934 -33.97 5.74 -13.58
N ASP C 935 -32.80 5.17 -13.31
CA ASP C 935 -31.55 5.67 -13.88
C ASP C 935 -31.34 5.23 -15.32
N VAL C 936 -32.17 4.32 -15.84
CA VAL C 936 -32.03 3.86 -17.21
C VAL C 936 -33.15 4.33 -18.13
N LEU C 937 -34.39 4.43 -17.62
CA LEU C 937 -35.51 4.80 -18.49
C LEU C 937 -35.39 6.25 -18.95
N LYS C 938 -35.07 7.16 -18.04
CA LYS C 938 -34.94 8.57 -18.40
C LYS C 938 -33.57 8.90 -19.00
N THR C 939 -32.56 8.07 -18.77
CA THR C 939 -31.27 8.25 -19.42
C THR C 939 -31.28 7.74 -20.85
N LEU C 940 -32.23 6.87 -21.20
CA LEU C 940 -32.32 6.37 -22.58
C LEU C 940 -32.57 7.51 -23.56
N GLU C 941 -33.40 8.47 -23.18
CA GLU C 941 -33.76 9.56 -24.08
C GLU C 941 -32.53 10.37 -24.49
N TYR C 942 -31.62 10.62 -23.55
CA TYR C 942 -30.41 11.38 -23.87
C TYR C 942 -29.58 10.66 -24.93
N LYS C 943 -29.42 9.34 -24.78
CA LYS C 943 -28.70 8.57 -25.80
C LYS C 943 -29.50 8.51 -27.10
N LEU C 944 -30.82 8.39 -27.01
CA LEU C 944 -31.65 8.28 -28.20
C LEU C 944 -31.72 9.60 -28.97
N ALA C 945 -31.73 10.72 -28.26
CA ALA C 945 -31.87 12.02 -28.92
C ALA C 945 -30.61 12.42 -29.69
N THR C 946 -29.45 11.86 -29.34
CA THR C 946 -28.18 12.24 -29.96
C THR C 946 -27.67 11.19 -30.92
N TYR C 947 -27.52 9.94 -30.49
CA TYR C 947 -26.91 8.92 -31.34
C TYR C 947 -27.91 8.35 -32.33
N GLY C 948 -29.02 7.82 -31.83
CA GLY C 948 -30.04 7.19 -32.66
C GLY C 948 -30.10 5.69 -32.42
N VAL C 949 -31.03 5.06 -33.14
CA VAL C 949 -31.27 3.62 -32.99
C VAL C 949 -30.17 2.84 -33.70
N PRO C 950 -29.46 1.96 -33.00
CA PRO C 950 -28.42 1.16 -33.65
C PRO C 950 -29.04 0.11 -34.56
N GLY C 951 -28.23 -0.35 -35.52
CA GLY C 951 -28.65 -1.36 -36.47
C GLY C 951 -29.37 -0.82 -37.68
N SER C 952 -29.65 0.48 -37.74
CA SER C 952 -30.31 1.10 -38.89
C SER C 952 -29.51 2.31 -39.31
N GLU C 953 -29.25 2.43 -40.61
CA GLU C 953 -28.52 3.55 -41.17
C GLU C 953 -29.41 4.73 -41.52
N ASN C 954 -30.71 4.62 -41.30
CA ASN C 954 -31.67 5.69 -41.62
C ASN C 954 -32.47 6.01 -40.36
N LYS C 955 -32.57 7.31 -40.06
CA LYS C 955 -33.33 7.77 -38.90
C LYS C 955 -34.76 8.11 -39.30
N ARG C 956 -35.45 7.11 -39.84
CA ARG C 956 -36.81 7.26 -40.32
C ARG C 956 -37.71 6.21 -39.67
N GLY C 957 -38.83 6.64 -39.14
CA GLY C 957 -39.81 5.74 -38.57
C GLY C 957 -39.53 5.40 -37.12
N SER C 958 -40.59 5.03 -36.41
CA SER C 958 -40.50 4.60 -35.03
C SER C 958 -40.60 3.09 -34.86
N LEU C 959 -40.89 2.36 -35.94
CA LEU C 959 -40.97 0.90 -35.86
C LEU C 959 -39.62 0.30 -35.52
N ASP C 960 -38.53 0.87 -36.06
CA ASP C 960 -37.19 0.38 -35.75
C ASP C 960 -36.89 0.55 -34.27
N SER C 961 -37.28 1.69 -33.69
CA SER C 961 -37.10 1.90 -32.25
C SER C 961 -38.08 1.09 -31.42
N GLU C 962 -39.19 0.64 -32.02
CA GLU C 962 -40.16 -0.15 -31.28
C GLU C 962 -39.58 -1.48 -30.83
N HIS C 963 -38.85 -2.16 -31.72
CA HIS C 963 -38.27 -3.45 -31.36
C HIS C 963 -37.16 -3.30 -30.33
N VAL C 964 -36.44 -2.17 -30.34
CA VAL C 964 -35.42 -1.94 -29.32
C VAL C 964 -36.06 -1.82 -27.94
N PHE C 965 -37.22 -1.16 -27.86
CA PHE C 965 -37.94 -1.09 -26.60
C PHE C 965 -38.43 -2.46 -26.17
N ASP C 966 -38.76 -3.33 -27.12
CA ASP C 966 -39.22 -4.67 -26.77
C ASP C 966 -38.16 -5.47 -26.04
N TYR C 967 -36.88 -5.24 -26.34
CA TYR C 967 -35.81 -5.93 -25.63
C TYR C 967 -35.81 -5.59 -24.15
N PHE C 968 -36.04 -4.32 -23.81
CA PHE C 968 -36.00 -3.90 -22.42
C PHE C 968 -37.23 -4.37 -21.65
N PHE C 969 -38.41 -4.30 -22.28
CA PHE C 969 -39.64 -4.68 -21.59
C PHE C 969 -39.79 -6.19 -21.47
N TYR C 970 -39.29 -6.95 -22.44
CA TYR C 970 -39.37 -8.40 -22.34
C TYR C 970 -38.47 -8.94 -21.23
N PHE C 971 -37.32 -8.31 -21.02
CA PHE C 971 -36.43 -8.74 -19.94
C PHE C 971 -37.07 -8.52 -18.57
N LEU C 972 -37.78 -7.39 -18.40
CA LEU C 972 -38.40 -7.10 -17.12
C LEU C 972 -39.55 -8.04 -16.80
N VAL C 973 -40.22 -8.58 -17.84
CA VAL C 973 -41.33 -9.49 -17.61
C VAL C 973 -40.86 -10.77 -16.91
N LEU C 974 -39.74 -11.33 -17.36
CA LEU C 974 -39.27 -12.59 -16.82
C LEU C 974 -38.84 -12.44 -15.35
N TYR C 975 -38.25 -11.30 -15.01
CA TYR C 975 -37.86 -11.05 -13.62
C TYR C 975 -39.06 -10.95 -12.69
N ASP C 976 -40.28 -10.82 -13.24
CA ASP C 976 -41.49 -10.74 -12.44
C ASP C 976 -42.30 -12.03 -12.46
N VAL C 977 -42.54 -12.59 -13.63
CA VAL C 977 -43.32 -13.83 -13.75
C VAL C 977 -42.37 -15.02 -13.69
N LYS C 978 -42.70 -15.99 -12.83
CA LYS C 978 -41.82 -17.13 -12.60
C LYS C 978 -42.44 -18.47 -12.96
N THR C 979 -43.75 -18.57 -13.11
CA THR C 979 -44.39 -19.85 -13.39
C THR C 979 -45.43 -19.75 -14.51
N ALA C 980 -46.20 -20.81 -14.71
CA ALA C 980 -47.15 -20.87 -15.81
C ALA C 980 -48.48 -20.20 -15.48
N GLU C 981 -49.15 -20.68 -14.43
CA GLU C 981 -50.46 -20.13 -14.07
C GLU C 981 -50.39 -18.74 -13.50
N GLU C 982 -49.19 -18.29 -13.08
CA GLU C 982 -49.06 -16.96 -12.50
C GLU C 982 -49.43 -15.87 -13.50
N ALA C 983 -49.11 -16.08 -14.79
CA ALA C 983 -49.39 -15.06 -15.80
C ALA C 983 -50.89 -14.80 -15.91
N SER C 984 -51.71 -15.84 -15.85
CA SER C 984 -53.16 -15.69 -15.97
C SER C 984 -53.76 -14.86 -14.84
N GLN C 985 -53.03 -14.69 -13.74
CA GLN C 985 -53.53 -13.92 -12.61
C GLN C 985 -52.99 -12.49 -12.57
N LEU C 986 -51.83 -12.23 -13.19
CA LEU C 986 -51.32 -10.87 -13.26
C LEU C 986 -52.07 -10.03 -14.27
N ILE C 987 -52.70 -10.65 -15.27
CA ILE C 987 -53.52 -9.89 -16.21
C ILE C 987 -54.73 -9.30 -15.50
N GLU C 988 -55.29 -10.02 -14.52
CA GLU C 988 -56.41 -9.49 -13.74
C GLU C 988 -55.98 -8.43 -12.76
N TYR C 989 -54.72 -8.46 -12.30
CA TYR C 989 -54.23 -7.41 -11.42
C TYR C 989 -54.17 -6.07 -12.15
N MET C 990 -53.74 -6.08 -13.41
CA MET C 990 -53.68 -4.85 -14.19
C MET C 990 -55.07 -4.35 -14.56
N GLU C 991 -56.01 -5.26 -14.83
CA GLU C 991 -57.34 -4.86 -15.30
C GLU C 991 -58.14 -4.13 -14.25
N ASN C 992 -57.75 -4.19 -12.98
CA ASN C 992 -58.45 -3.49 -11.92
C ASN C 992 -57.91 -2.08 -11.73
N ASN C 1078 -55.88 -9.21 -4.10
CA ASN C 1078 -55.15 -9.12 -2.84
C ASN C 1078 -54.01 -10.12 -2.79
N LYS C 1079 -54.33 -11.39 -3.01
CA LYS C 1079 -53.34 -12.46 -2.90
C LYS C 1079 -52.24 -12.36 -3.95
N ILE C 1080 -52.46 -11.62 -5.04
CA ILE C 1080 -51.51 -11.63 -6.15
C ILE C 1080 -50.26 -10.86 -5.77
N SER C 1081 -50.41 -9.60 -5.37
CA SER C 1081 -49.27 -8.73 -5.12
C SER C 1081 -48.52 -9.09 -3.84
N ILE C 1082 -49.06 -9.99 -3.02
CA ILE C 1082 -48.35 -10.42 -1.82
C ILE C 1082 -47.06 -11.13 -2.18
N LEU C 1083 -47.10 -11.98 -3.20
CA LEU C 1083 -45.93 -12.76 -3.58
C LEU C 1083 -44.90 -11.95 -4.36
N LYS C 1084 -45.28 -10.78 -4.88
CA LYS C 1084 -44.45 -10.00 -5.79
C LYS C 1084 -44.29 -8.57 -5.28
N ARG C 1085 -43.92 -8.44 -4.01
CA ARG C 1085 -43.77 -7.12 -3.40
C ARG C 1085 -42.76 -6.26 -4.16
N HIS C 1086 -41.67 -6.87 -4.61
CA HIS C 1086 -40.57 -6.13 -5.25
C HIS C 1086 -40.64 -6.17 -6.77
N SER C 1087 -41.74 -6.65 -7.34
CA SER C 1087 -41.87 -6.73 -8.79
C SER C 1087 -42.05 -5.33 -9.39
N PHE C 1088 -41.66 -5.21 -10.66
CA PHE C 1088 -41.90 -3.97 -11.40
C PHE C 1088 -43.40 -3.75 -11.64
N ALA C 1089 -44.15 -4.83 -11.84
CA ALA C 1089 -45.57 -4.71 -12.16
C ALA C 1089 -46.32 -3.98 -11.05
N VAL C 1090 -45.96 -4.23 -9.79
CA VAL C 1090 -46.58 -3.51 -8.69
C VAL C 1090 -46.24 -2.02 -8.76
N LEU C 1091 -44.97 -1.71 -9.04
CA LEU C 1091 -44.56 -0.31 -9.09
C LEU C 1091 -45.25 0.43 -10.22
N LEU C 1092 -45.37 -0.21 -11.39
CA LEU C 1092 -46.05 0.44 -12.52
C LEU C 1092 -47.53 0.63 -12.24
N HIS C 1093 -48.18 -0.36 -11.62
CA HIS C 1093 -49.62 -0.29 -11.40
C HIS C 1093 -49.97 0.71 -10.30
N GLU C 1094 -49.15 0.77 -9.25
CA GLU C 1094 -49.46 1.69 -8.15
C GLU C 1094 -49.36 3.14 -8.60
N ARG C 1095 -48.46 3.46 -9.52
CA ARG C 1095 -48.38 4.82 -10.04
C ARG C 1095 -49.48 5.10 -11.05
N LYS C 1096 -49.95 4.06 -11.76
CA LYS C 1096 -51.01 4.27 -12.74
C LYS C 1096 -52.30 4.74 -12.08
N LEU C 1097 -52.67 4.10 -10.97
CA LEU C 1097 -53.89 4.50 -10.27
C LEU C 1097 -53.73 5.84 -9.59
N LEU C 1098 -52.55 6.12 -9.04
CA LEU C 1098 -52.34 7.35 -8.29
C LEU C 1098 -52.41 8.58 -9.19
N ASN C 1099 -51.76 8.53 -10.35
CA ASN C 1099 -51.77 9.69 -11.24
C ASN C 1099 -53.13 9.87 -11.90
N ASP C 1100 -53.90 8.78 -12.07
CA ASP C 1100 -55.26 8.91 -12.58
C ASP C 1100 -56.13 9.68 -11.61
N LEU C 1101 -55.87 9.55 -10.30
CA LEU C 1101 -56.59 10.33 -9.32
C LEU C 1101 -56.33 11.82 -9.49
N ALA C 1102 -55.07 12.19 -9.78
CA ALA C 1102 -54.76 13.60 -10.02
C ALA C 1102 -55.40 14.09 -11.31
N LEU C 1103 -55.65 13.18 -12.26
CA LEU C 1103 -56.34 13.58 -13.48
C LEU C 1103 -57.74 14.10 -13.19
N GLU C 1104 -58.46 13.46 -12.27
CA GLU C 1104 -59.75 13.98 -11.85
C GLU C 1104 -59.61 15.34 -11.18
N ASN C 1105 -58.58 15.50 -10.35
CA ASN C 1105 -58.32 16.76 -9.67
C ASN C 1105 -57.55 17.76 -10.55
N GLY C 1106 -56.97 17.30 -11.64
CA GLY C 1106 -56.34 18.20 -12.61
C GLY C 1106 -55.10 18.93 -12.15
N GLU C 1107 -54.19 18.26 -11.44
CA GLU C 1107 -52.89 18.84 -11.12
C GLU C 1107 -51.79 18.41 -12.08
N ILE C 1108 -52.12 17.56 -13.07
CA ILE C 1108 -51.14 17.05 -14.01
C ILE C 1108 -51.64 17.31 -15.43
N THR C 1109 -50.74 17.74 -16.30
CA THR C 1109 -51.11 17.97 -17.69
C THR C 1109 -51.51 16.66 -18.36
N LYS C 1110 -52.42 16.76 -19.33
CA LYS C 1110 -52.91 15.57 -20.01
C LYS C 1110 -51.81 14.89 -20.81
N THR C 1111 -50.85 15.64 -21.32
CA THR C 1111 -49.75 15.04 -22.08
C THR C 1111 -48.90 14.14 -21.20
N GLU C 1112 -48.61 14.59 -19.97
CA GLU C 1112 -47.78 13.79 -19.07
C GLU C 1112 -48.47 12.48 -18.69
N ASN C 1113 -49.78 12.53 -18.43
CA ASN C 1113 -50.51 11.31 -18.10
C ASN C 1113 -50.53 10.34 -19.26
N GLU C 1114 -50.67 10.85 -20.49
CA GLU C 1114 -50.67 9.98 -21.66
C GLU C 1114 -49.34 9.28 -21.85
N LYS C 1115 -48.23 9.96 -21.50
CA LYS C 1115 -46.91 9.36 -21.66
C LYS C 1115 -46.73 8.16 -20.73
N PHE C 1116 -47.18 8.29 -19.47
CA PHE C 1116 -46.95 7.21 -18.51
C PHE C 1116 -47.74 5.96 -18.86
N ILE C 1117 -49.00 6.11 -19.28
CA ILE C 1117 -49.81 4.95 -19.60
C ILE C 1117 -49.26 4.22 -20.82
N SER C 1118 -48.48 4.91 -21.65
CA SER C 1118 -47.87 4.26 -22.81
C SER C 1118 -46.91 3.15 -22.36
N TYR C 1119 -46.14 3.40 -21.30
CA TYR C 1119 -45.28 2.36 -20.75
C TYR C 1119 -46.12 1.23 -20.17
N HIS C 1120 -47.22 1.56 -19.49
CA HIS C 1120 -48.02 0.55 -18.80
C HIS C 1120 -48.70 -0.39 -19.79
N ASP C 1121 -49.35 0.17 -20.83
CA ASP C 1121 -50.08 -0.68 -21.77
C ASP C 1121 -49.13 -1.56 -22.58
N LYS C 1122 -47.92 -1.08 -22.86
CA LYS C 1122 -46.93 -1.91 -23.55
C LYS C 1122 -46.56 -3.12 -22.69
N TYR C 1123 -46.42 -2.92 -21.39
CA TYR C 1123 -46.13 -4.04 -20.48
C TYR C 1123 -47.26 -5.06 -20.50
N LEU C 1124 -48.51 -4.59 -20.47
CA LEU C 1124 -49.65 -5.50 -20.53
C LEU C 1124 -49.75 -6.17 -21.89
N CYS C 1125 -49.50 -5.42 -22.96
CA CYS C 1125 -49.71 -5.95 -24.31
C CYS C 1125 -48.82 -7.15 -24.58
N MET C 1126 -47.55 -7.08 -24.18
CA MET C 1126 -46.67 -8.22 -24.34
C MET C 1126 -47.00 -9.32 -23.34
N LEU C 1127 -47.49 -8.94 -22.16
CA LEU C 1127 -47.89 -9.93 -21.16
C LEU C 1127 -49.06 -10.79 -21.67
N LYS C 1128 -50.05 -10.16 -22.31
CA LYS C 1128 -51.22 -10.89 -22.75
C LYS C 1128 -50.96 -11.71 -24.02
N THR C 1129 -50.11 -11.22 -24.92
CA THR C 1129 -49.89 -11.92 -26.18
C THR C 1129 -48.89 -13.07 -26.06
N CYS C 1130 -48.10 -13.09 -24.99
CA CYS C 1130 -47.10 -14.13 -24.77
C CYS C 1130 -47.53 -15.03 -23.63
N VAL C 1131 -47.38 -16.34 -23.81
CA VAL C 1131 -47.74 -17.32 -22.79
C VAL C 1131 -46.54 -17.53 -21.87
N PHE C 1132 -46.80 -17.49 -20.57
CA PHE C 1132 -45.77 -17.67 -19.56
C PHE C 1132 -46.09 -18.84 -18.66
N MET D 834 -64.65 74.76 -36.06
CA MET D 834 -63.68 74.81 -34.98
C MET D 834 -64.21 75.61 -33.79
N GLN D 835 -64.87 76.74 -34.06
CA GLN D 835 -65.47 77.52 -32.98
C GLN D 835 -66.49 76.69 -32.22
N LEU D 836 -67.36 75.98 -32.94
CA LEU D 836 -68.38 75.16 -32.29
C LEU D 836 -67.76 74.02 -31.51
N VAL D 837 -66.70 73.40 -32.04
CA VAL D 837 -66.06 72.28 -31.34
C VAL D 837 -65.43 72.76 -30.05
N VAL D 838 -64.71 73.88 -30.09
CA VAL D 838 -64.09 74.39 -28.87
C VAL D 838 -65.16 74.84 -27.87
N LEU D 839 -66.26 75.42 -28.37
CA LEU D 839 -67.34 75.80 -27.48
C LEU D 839 -67.96 74.58 -26.81
N THR D 840 -68.13 73.49 -27.57
CA THR D 840 -68.67 72.26 -26.98
C THR D 840 -67.72 71.68 -25.95
N ASP D 841 -66.42 71.73 -26.23
CA ASP D 841 -65.44 71.26 -25.24
C ASP D 841 -65.50 72.09 -23.96
N VAL D 842 -65.61 73.42 -24.11
CA VAL D 842 -65.71 74.30 -22.95
C VAL D 842 -66.98 73.99 -22.16
N VAL D 843 -68.10 73.79 -22.87
CA VAL D 843 -69.35 73.48 -22.20
C VAL D 843 -69.27 72.16 -21.45
N GLU D 844 -68.65 71.15 -22.06
CA GLU D 844 -68.48 69.86 -21.39
C GLU D 844 -67.62 69.99 -20.14
N ARG D 845 -66.52 70.75 -20.24
CA ARG D 845 -65.65 70.96 -19.09
C ARG D 845 -66.39 71.71 -17.98
N LEU D 846 -67.20 72.70 -18.35
CA LEU D 846 -68.00 73.42 -17.35
C LEU D 846 -68.99 72.49 -16.68
N HIS D 847 -69.68 71.66 -17.46
CA HIS D 847 -70.63 70.71 -16.87
C HIS D 847 -69.92 69.74 -15.94
N LYS D 848 -68.70 69.34 -16.29
CA LYS D 848 -67.90 68.51 -15.39
C LYS D 848 -67.51 69.27 -14.13
N ASN D 849 -67.33 70.59 -14.22
CA ASN D 849 -66.84 71.38 -13.11
C ASN D 849 -67.90 72.26 -12.44
N PHE D 850 -69.07 72.44 -13.06
CA PHE D 850 -70.10 73.32 -12.51
C PHE D 850 -71.39 72.57 -12.24
N GLU D 851 -71.31 71.42 -11.58
CA GLU D 851 -72.49 70.62 -11.30
C GLU D 851 -73.32 71.26 -10.19
N SER D 852 -74.20 72.17 -10.56
CA SER D 852 -75.04 72.89 -9.61
C SER D 852 -76.40 73.11 -10.22
N GLU D 853 -77.40 73.34 -9.36
CA GLU D 853 -78.77 73.52 -9.80
C GLU D 853 -79.02 74.91 -10.39
N ASN D 854 -78.12 75.86 -10.18
CA ASN D 854 -78.27 77.20 -10.74
C ASN D 854 -77.54 77.39 -12.05
N PHE D 855 -76.87 76.35 -12.57
CA PHE D 855 -76.11 76.46 -13.80
C PHE D 855 -77.07 76.44 -15.00
N LYS D 856 -76.97 77.46 -15.85
CA LYS D 856 -77.83 77.57 -17.01
C LYS D 856 -77.19 78.52 -18.00
N ILE D 857 -77.49 78.31 -19.28
CA ILE D 857 -77.00 79.15 -20.37
C ILE D 857 -78.15 80.01 -20.86
N ILE D 858 -77.93 81.32 -20.90
CA ILE D 858 -78.96 82.27 -21.30
C ILE D 858 -78.88 82.56 -22.79
N ALA D 859 -77.75 83.10 -23.23
CA ALA D 859 -77.54 83.48 -24.62
C ALA D 859 -76.28 82.82 -25.16
N LEU D 860 -76.37 82.34 -26.39
CA LEU D 860 -75.25 81.72 -27.09
C LEU D 860 -74.84 82.60 -28.25
N GLN D 861 -73.57 83.00 -28.27
CA GLN D 861 -73.04 83.86 -29.34
C GLN D 861 -71.70 83.32 -29.80
N PRO D 862 -71.37 83.52 -31.08
CA PRO D 862 -70.07 83.05 -31.58
C PRO D 862 -68.88 83.71 -30.91
N ASN D 863 -69.03 84.94 -30.43
CA ASN D 863 -67.90 85.69 -29.86
C ASN D 863 -67.98 85.89 -28.36
N GLU D 864 -69.10 85.52 -27.73
CA GLU D 864 -69.22 85.69 -26.28
C GLU D 864 -70.15 84.62 -25.72
N ILE D 865 -70.01 84.37 -24.42
CA ILE D 865 -70.82 83.38 -23.71
C ILE D 865 -71.59 84.10 -22.61
N SER D 866 -72.90 83.86 -22.57
CA SER D 866 -73.77 84.46 -21.56
C SER D 866 -74.49 83.31 -20.84
N PHE D 867 -73.96 82.92 -19.69
CA PHE D 867 -74.53 81.83 -18.90
C PHE D 867 -74.71 82.28 -17.46
N LYS D 868 -75.68 81.67 -16.79
CA LYS D 868 -76.01 81.98 -15.41
C LYS D 868 -75.73 80.77 -14.53
N TYR D 869 -74.95 80.97 -13.47
CA TYR D 869 -74.67 79.93 -12.50
C TYR D 869 -74.96 80.34 -11.07
N LEU D 870 -75.40 81.57 -10.84
CA LEU D 870 -75.76 82.06 -9.51
C LEU D 870 -77.27 82.03 -9.34
N SER D 871 -77.75 82.59 -8.23
CA SER D 871 -79.17 82.62 -7.92
C SER D 871 -79.83 83.94 -8.30
N ASN D 872 -79.34 84.59 -9.35
CA ASN D 872 -79.96 85.84 -9.79
C ASN D 872 -81.31 85.57 -10.43
N ASN D 873 -82.32 86.34 -10.01
CA ASN D 873 -83.68 86.10 -10.47
C ASN D 873 -83.92 86.56 -11.91
N ASP D 874 -83.17 87.56 -12.36
CA ASP D 874 -83.41 88.12 -13.69
C ASP D 874 -83.03 87.09 -14.76
N GLU D 875 -83.90 86.91 -15.75
CA GLU D 875 -83.68 85.89 -16.76
C GLU D 875 -82.60 86.29 -17.75
N ASP D 876 -82.63 87.53 -18.23
CA ASP D 876 -81.71 87.97 -19.26
C ASP D 876 -80.40 88.53 -18.71
N ASP D 877 -80.26 88.63 -17.39
CA ASP D 877 -79.03 89.13 -16.80
C ASP D 877 -78.00 88.00 -16.74
N LYS D 878 -76.87 88.20 -17.42
CA LYS D 878 -75.82 87.21 -17.47
C LYS D 878 -74.89 87.38 -16.27
N ASP D 879 -74.85 86.38 -15.40
CA ASP D 879 -74.01 86.46 -14.21
C ASP D 879 -72.53 86.51 -14.60
N CYS D 880 -72.12 85.67 -15.55
CA CYS D 880 -70.74 85.64 -16.02
C CYS D 880 -70.72 85.73 -17.53
N THR D 881 -69.84 86.59 -18.05
CA THR D 881 -69.66 86.78 -19.48
C THR D 881 -68.27 86.29 -19.87
N ILE D 882 -68.21 85.38 -20.83
CA ILE D 882 -66.94 84.85 -21.33
C ILE D 882 -66.83 85.19 -22.80
N LYS D 883 -65.80 85.97 -23.15
CA LYS D 883 -65.56 86.36 -24.53
C LYS D 883 -64.78 85.27 -25.25
N ILE D 884 -65.20 84.97 -26.48
CA ILE D 884 -64.61 83.90 -27.27
C ILE D 884 -63.65 84.51 -28.28
N SER D 885 -62.36 84.18 -28.13
CA SER D 885 -61.31 84.58 -29.07
C SER D 885 -60.71 83.30 -29.63
N THR D 886 -61.18 82.87 -30.80
CA THR D 886 -60.81 81.59 -31.36
C THR D 886 -59.66 81.72 -32.34
N ASN D 887 -58.79 80.71 -32.35
CA ASN D 887 -57.68 80.59 -33.27
C ASN D 887 -57.92 79.39 -34.20
N ASP D 888 -56.92 79.07 -35.01
CA ASP D 888 -57.04 77.98 -35.98
C ASP D 888 -57.24 76.62 -35.30
N ASP D 889 -56.85 76.49 -34.04
CA ASP D 889 -56.96 75.21 -33.33
C ASP D 889 -57.73 75.27 -32.02
N SER D 890 -57.71 76.38 -31.30
CA SER D 890 -58.41 76.49 -30.02
C SER D 890 -58.64 77.96 -29.72
N ILE D 891 -59.27 78.22 -28.57
CA ILE D 891 -59.50 79.59 -28.14
C ILE D 891 -58.19 80.19 -27.64
N LYS D 892 -57.85 81.36 -28.17
CA LYS D 892 -56.61 82.03 -27.78
C LYS D 892 -56.63 82.41 -26.31
N ASN D 893 -57.74 83.02 -25.86
CA ASN D 893 -57.85 83.47 -24.49
C ASN D 893 -59.32 83.46 -24.08
N LEU D 894 -59.59 83.04 -22.85
CA LEU D 894 -60.94 83.02 -22.29
C LEU D 894 -61.01 84.10 -21.21
N THR D 895 -61.43 85.30 -21.60
CA THR D 895 -61.54 86.41 -20.67
C THR D 895 -62.87 86.34 -19.94
N VAL D 896 -62.83 86.38 -18.61
CA VAL D 896 -64.02 86.30 -17.80
C VAL D 896 -64.50 87.72 -17.49
N GLN D 897 -65.73 88.03 -17.89
CA GLN D 897 -66.36 89.31 -17.62
C GLN D 897 -67.57 89.08 -16.72
N LEU D 898 -67.76 89.97 -15.75
CA LEU D 898 -68.79 89.81 -14.74
C LEU D 898 -69.68 91.04 -14.70
N SER D 899 -70.99 90.81 -14.56
CA SER D 899 -71.95 91.89 -14.61
C SER D 899 -71.79 92.83 -13.42
N PRO D 900 -72.03 94.13 -13.60
CA PRO D 900 -71.99 95.05 -12.46
C PRO D 900 -72.99 94.69 -11.36
N SER D 901 -74.17 94.20 -11.73
CA SER D 901 -75.11 93.73 -10.71
C SER D 901 -74.56 92.51 -9.98
N ASN D 902 -73.82 91.67 -10.68
CA ASN D 902 -73.17 90.54 -10.05
C ASN D 902 -72.10 91.05 -9.08
N PRO D 903 -72.12 90.62 -7.81
CA PRO D 903 -71.12 91.11 -6.85
C PRO D 903 -69.70 90.66 -7.14
N GLN D 904 -69.50 89.78 -8.12
CA GLN D 904 -68.18 89.24 -8.41
C GLN D 904 -67.33 90.16 -9.27
N HIS D 905 -67.88 91.29 -9.72
CA HIS D 905 -67.19 92.18 -10.65
C HIS D 905 -65.94 92.83 -10.06
N ILE D 906 -65.76 92.79 -8.75
CA ILE D 906 -64.60 93.43 -8.13
C ILE D 906 -63.32 92.64 -8.35
N ILE D 907 -63.41 91.39 -8.78
CA ILE D 907 -62.23 90.56 -9.06
C ILE D 907 -61.88 90.60 -10.55
N GLN D 908 -62.58 91.42 -11.34
CA GLN D 908 -62.34 91.46 -12.78
C GLN D 908 -60.92 91.82 -13.16
N PRO D 909 -60.30 92.89 -12.62
CA PRO D 909 -58.93 93.22 -13.06
C PRO D 909 -57.92 92.12 -12.78
N PHE D 910 -58.05 91.42 -11.64
CA PHE D 910 -57.09 90.39 -11.30
C PHE D 910 -57.22 89.19 -12.24
N LEU D 911 -58.45 88.85 -12.63
CA LEU D 911 -58.64 87.81 -13.64
C LEU D 911 -58.08 88.26 -14.99
N ASP D 912 -58.26 89.54 -15.33
CA ASP D 912 -57.81 90.03 -16.63
C ASP D 912 -56.29 90.02 -16.73
N ASN D 913 -55.59 90.48 -15.70
CA ASN D 913 -54.14 90.62 -15.78
C ASN D 913 -53.38 89.33 -15.52
N SER D 914 -54.05 88.29 -15.03
CA SER D 914 -53.40 87.03 -14.70
C SER D 914 -53.81 85.96 -15.71
N LYS D 915 -52.81 85.28 -16.29
CA LYS D 915 -53.07 84.20 -17.24
C LYS D 915 -53.05 82.88 -16.48
N MET D 916 -54.13 82.62 -15.77
CA MET D 916 -54.32 81.38 -15.04
C MET D 916 -55.13 80.39 -15.87
N ASP D 917 -55.08 79.13 -15.46
CA ASP D 917 -55.84 78.10 -16.16
C ASP D 917 -57.33 78.37 -16.06
N TYR D 918 -58.03 78.19 -17.18
CA TYR D 918 -59.47 78.43 -17.20
C TYR D 918 -60.21 77.48 -16.27
N HIS D 919 -59.76 76.22 -16.22
CA HIS D 919 -60.34 75.27 -15.29
C HIS D 919 -60.15 75.71 -13.86
N PHE D 920 -58.97 76.25 -13.54
CA PHE D 920 -58.72 76.75 -12.19
C PHE D 920 -59.62 77.94 -11.88
N ILE D 921 -59.84 78.81 -12.87
CA ILE D 921 -60.75 79.95 -12.67
C ILE D 921 -62.15 79.46 -12.40
N PHE D 922 -62.61 78.46 -13.15
CA PHE D 922 -63.94 77.90 -12.92
C PHE D 922 -64.04 77.27 -11.54
N SER D 923 -62.98 76.57 -11.12
CA SER D 923 -62.97 75.97 -9.79
C SER D 923 -63.05 77.04 -8.70
N TYR D 924 -62.29 78.12 -8.86
CA TYR D 924 -62.35 79.21 -7.89
C TYR D 924 -63.74 79.84 -7.84
N LEU D 925 -64.35 80.04 -9.02
CA LEU D 925 -65.69 80.64 -9.06
C LEU D 925 -66.71 79.75 -8.36
N GLN D 926 -66.67 78.44 -8.64
CA GLN D 926 -67.61 77.53 -8.00
C GLN D 926 -67.34 77.41 -6.50
N PHE D 927 -66.07 77.53 -6.10
CA PHE D 927 -65.71 77.44 -4.69
C PHE D 927 -66.11 78.68 -3.90
N THR D 928 -66.14 79.83 -4.56
CA THR D 928 -66.40 81.11 -3.89
C THR D 928 -67.76 81.71 -4.22
N SER D 929 -68.60 80.99 -4.98
CA SER D 929 -69.92 81.53 -5.31
C SER D 929 -70.77 81.79 -4.08
N SER D 930 -70.73 80.89 -3.10
CA SER D 930 -71.50 81.11 -1.87
C SER D 930 -70.99 82.32 -1.10
N LEU D 931 -69.66 82.51 -1.06
CA LEU D 931 -69.10 83.71 -0.44
C LEU D 931 -69.55 84.96 -1.18
N PHE D 932 -69.59 84.90 -2.51
CA PHE D 932 -70.05 86.05 -3.29
C PHE D 932 -71.50 86.36 -2.98
N LYS D 933 -72.35 85.33 -2.86
CA LYS D 933 -73.74 85.57 -2.51
C LYS D 933 -73.88 86.19 -1.12
N ALA D 934 -73.11 85.69 -0.15
CA ALA D 934 -73.16 86.23 1.20
C ALA D 934 -72.73 87.68 1.24
N LEU D 935 -71.63 88.01 0.56
CA LEU D 935 -71.18 89.40 0.54
C LEU D 935 -72.14 90.27 -0.27
N LYS D 936 -72.83 89.70 -1.26
CA LYS D 936 -73.87 90.43 -1.96
C LYS D 936 -75.00 90.81 -1.02
N VAL D 937 -75.41 89.87 -0.17
CA VAL D 937 -76.45 90.18 0.82
C VAL D 937 -75.95 91.26 1.78
N ILE D 938 -74.69 91.15 2.22
CA ILE D 938 -74.13 92.13 3.14
C ILE D 938 -74.12 93.52 2.52
N LEU D 939 -73.68 93.63 1.26
CA LEU D 939 -73.60 94.94 0.62
C LEU D 939 -74.98 95.47 0.24
N ASN D 940 -75.93 94.59 -0.06
CA ASN D 940 -77.29 95.06 -0.34
C ASN D 940 -78.02 95.49 0.91
N GLU D 941 -77.60 95.01 2.08
CA GLU D 941 -78.18 95.51 3.32
C GLU D 941 -77.91 97.00 3.49
N ARG D 942 -76.67 97.43 3.24
CA ARG D 942 -76.36 98.86 3.29
C ARG D 942 -76.85 99.60 2.06
N GLY D 943 -76.84 98.95 0.91
CA GLY D 943 -77.24 99.59 -0.34
C GLY D 943 -78.72 99.79 -0.53
N GLY D 944 -79.54 99.40 0.45
CA GLY D 944 -80.96 99.62 0.33
C GLY D 944 -81.29 101.09 0.26
N LYS D 945 -82.38 101.41 -0.44
CA LYS D 945 -82.79 102.79 -0.65
C LYS D 945 -83.42 103.34 0.63
N PHE D 946 -83.97 104.55 0.55
CA PHE D 946 -84.54 105.22 1.70
C PHE D 946 -85.72 104.44 2.26
N HIS D 947 -85.59 103.96 3.49
CA HIS D 947 -86.65 103.20 4.16
C HIS D 947 -87.41 104.05 5.17
N GLU D 948 -87.37 105.37 5.02
CA GLU D 948 -88.08 106.31 5.89
C GLU D 948 -87.65 106.19 7.35
N SER D 949 -86.38 105.83 7.56
CA SER D 949 -85.80 105.72 8.89
C SER D 949 -84.58 106.62 9.00
N GLY D 950 -84.49 107.36 10.11
CA GLY D 950 -83.37 108.24 10.34
C GLY D 950 -82.18 107.56 10.95
N SER D 951 -81.96 106.29 10.59
CA SER D 951 -80.85 105.50 11.13
C SER D 951 -79.65 105.62 10.18
N GLN D 952 -79.04 106.80 10.20
CA GLN D 952 -77.84 107.07 9.40
C GLN D 952 -76.65 106.40 10.08
N TYR D 953 -76.46 105.12 9.78
CA TYR D 953 -75.39 104.35 10.41
C TYR D 953 -74.03 104.90 9.99
N SER D 954 -73.13 105.04 10.96
CA SER D 954 -71.80 105.57 10.71
C SER D 954 -70.85 104.54 10.12
N THR D 955 -71.26 103.28 10.02
CA THR D 955 -70.42 102.21 9.49
C THR D 955 -70.79 101.94 8.04
N MET D 956 -69.81 102.02 7.15
CA MET D 956 -69.98 101.67 5.75
C MET D 956 -69.15 100.43 5.42
N VAL D 957 -69.72 99.54 4.62
CA VAL D 957 -69.10 98.27 4.28
C VAL D 957 -68.53 98.38 2.87
N ASN D 958 -67.22 98.15 2.74
CA ASN D 958 -66.57 98.13 1.45
C ASN D 958 -65.57 96.98 1.41
N ILE D 959 -65.24 96.55 0.20
CA ILE D 959 -64.41 95.37 -0.02
C ILE D 959 -62.97 95.80 -0.27
N GLY D 960 -62.06 95.26 0.52
CA GLY D 960 -60.63 95.43 0.30
C GLY D 960 -60.06 94.21 -0.42
N LEU D 961 -59.14 94.45 -1.35
CA LEU D 961 -58.62 93.40 -2.19
C LEU D 961 -57.10 93.46 -2.22
N HIS D 962 -56.45 92.33 -1.98
CA HIS D 962 -55.01 92.19 -2.10
C HIS D 962 -54.59 91.42 -3.34
N ASN D 963 -55.11 90.21 -3.50
CA ASN D 963 -54.85 89.40 -4.70
C ASN D 963 -55.98 88.38 -4.81
N LEU D 964 -55.80 87.39 -5.68
CA LEU D 964 -56.80 86.35 -5.85
C LEU D 964 -56.83 85.37 -4.69
N ASN D 965 -55.79 85.35 -3.84
CA ASN D 965 -55.74 84.41 -2.73
C ASN D 965 -56.57 84.85 -1.53
N GLU D 966 -56.93 86.13 -1.43
CA GLU D 966 -57.66 86.60 -0.27
C GLU D 966 -58.61 87.72 -0.66
N TYR D 967 -59.69 87.85 0.11
CA TYR D 967 -60.66 88.92 -0.04
C TYR D 967 -60.92 89.50 1.34
N GLN D 968 -60.86 90.82 1.45
CA GLN D 968 -60.87 91.51 2.73
C GLN D 968 -62.04 92.48 2.82
N ILE D 969 -62.67 92.53 3.99
CA ILE D 969 -63.79 93.43 4.25
C ILE D 969 -63.42 94.29 5.45
N VAL D 970 -63.51 95.61 5.27
CA VAL D 970 -63.21 96.57 6.33
C VAL D 970 -64.39 97.52 6.47
N TYR D 971 -64.76 97.81 7.72
CA TYR D 971 -65.92 98.63 8.03
C TYR D 971 -65.45 100.04 8.38
N TYR D 972 -65.80 101.01 7.53
CA TYR D 972 -65.34 102.38 7.71
C TYR D 972 -66.31 103.14 8.61
N ASN D 973 -65.79 103.69 9.70
CA ASN D 973 -66.57 104.54 10.60
C ASN D 973 -65.85 105.86 10.79
N PRO D 974 -66.15 106.88 9.97
CA PRO D 974 -65.46 108.16 10.12
C PRO D 974 -65.94 108.95 11.34
N GLN D 975 -67.18 108.71 11.75
CA GLN D 975 -67.72 109.40 12.92
C GLN D 975 -67.02 108.95 14.19
N ALA D 976 -66.87 107.64 14.39
CA ALA D 976 -66.20 107.11 15.55
C ALA D 976 -64.69 106.95 15.36
N GLY D 977 -64.20 107.04 14.13
CA GLY D 977 -62.78 106.87 13.87
C GLY D 977 -62.27 105.49 14.21
N THR D 978 -63.03 104.46 13.87
CA THR D 978 -62.66 103.09 14.18
C THR D 978 -62.75 102.23 12.92
N LYS D 979 -62.05 101.10 12.96
CA LYS D 979 -61.97 100.18 11.84
C LYS D 979 -62.31 98.77 12.29
N ILE D 980 -63.00 98.02 11.43
CA ILE D 980 -63.38 96.63 11.69
C ILE D 980 -62.95 95.83 10.48
N THR D 981 -61.78 95.19 10.56
CA THR D 981 -61.20 94.44 9.46
C THR D 981 -61.49 92.96 9.61
N ILE D 982 -62.01 92.35 8.53
CA ILE D 982 -62.24 90.91 8.47
C ILE D 982 -61.57 90.41 7.20
N CYS D 983 -60.51 89.63 7.35
CA CYS D 983 -59.76 89.10 6.22
C CYS D 983 -60.14 87.65 5.98
N ILE D 984 -60.29 87.28 4.71
CA ILE D 984 -60.66 85.94 4.29
C ILE D 984 -59.59 85.46 3.33
N GLU D 985 -58.69 84.61 3.81
CA GLU D 985 -57.60 84.08 3.00
C GLU D 985 -57.86 82.63 2.62
N LEU D 986 -57.10 82.15 1.64
CA LEU D 986 -57.16 80.77 1.19
C LEU D 986 -55.91 80.07 1.70
N LYS D 987 -56.02 79.40 2.86
CA LYS D 987 -54.90 78.74 3.50
C LYS D 987 -55.10 77.23 3.45
N THR D 988 -54.02 76.51 3.19
CA THR D 988 -54.05 75.06 3.11
C THR D 988 -53.80 74.45 4.49
N VAL D 989 -54.59 73.43 4.82
CA VAL D 989 -54.47 72.74 6.10
C VAL D 989 -54.44 71.23 5.84
N LEU D 990 -53.58 70.53 6.58
CA LEU D 990 -53.48 69.09 6.44
C LEU D 990 -54.67 68.41 7.12
N HIS D 991 -55.35 67.53 6.39
CA HIS D 991 -56.52 66.83 6.90
C HIS D 991 -56.42 65.36 6.51
N ASN D 992 -56.18 64.50 7.50
CA ASN D 992 -56.15 63.05 7.30
C ASN D 992 -55.13 62.66 6.22
N GLY D 993 -53.94 63.24 6.31
CA GLY D 993 -52.90 62.98 5.35
C GLY D 993 -53.08 63.66 4.01
N ARG D 994 -54.05 64.57 3.88
CA ARG D 994 -54.33 65.27 2.64
C ARG D 994 -54.50 66.75 2.94
N ASP D 995 -54.00 67.59 2.04
CA ASP D 995 -54.06 69.03 2.22
C ASP D 995 -55.31 69.60 1.54
N LYS D 996 -56.08 70.38 2.29
CA LYS D 996 -57.30 70.99 1.79
C LYS D 996 -57.24 72.50 1.98
N ILE D 997 -57.97 73.21 1.13
CA ILE D 997 -58.03 74.66 1.15
C ILE D 997 -59.37 75.08 1.72
N GLN D 998 -59.34 75.91 2.77
CA GLN D 998 -60.54 76.38 3.43
C GLN D 998 -60.44 77.87 3.67
N PHE D 999 -61.60 78.51 3.75
CA PHE D 999 -61.65 79.95 3.94
C PHE D 999 -61.26 80.31 5.36
N HIS D 1000 -60.22 81.14 5.51
CA HIS D 1000 -59.69 81.51 6.82
C HIS D 1000 -60.26 82.86 7.22
N ILE D 1001 -61.51 82.85 7.66
CA ILE D 1001 -62.15 84.06 8.16
C ILE D 1001 -61.68 84.31 9.59
N HIS D 1002 -61.00 85.42 9.81
CA HIS D 1002 -60.45 85.72 11.13
C HIS D 1002 -60.11 87.20 11.21
N PHE D 1003 -59.86 87.65 12.43
CA PHE D 1003 -59.35 88.99 12.65
C PHE D 1003 -57.84 89.01 12.49
N ALA D 1004 -57.33 90.11 11.93
CA ALA D 1004 -55.91 90.21 11.63
C ALA D 1004 -55.09 90.29 12.93
N ASP D 1005 -53.80 89.99 12.80
CA ASP D 1005 -52.90 90.05 13.94
C ASP D 1005 -52.76 91.47 14.50
N VAL D 1006 -53.01 92.48 13.67
CA VAL D 1006 -53.02 93.86 14.16
C VAL D 1006 -54.16 94.06 15.16
N ALA D 1007 -55.23 93.28 15.04
CA ALA D 1007 -56.41 93.44 15.90
C ALA D 1007 -56.14 92.85 17.29
N HIS D 1008 -55.06 93.34 17.90
CA HIS D 1008 -54.79 93.09 19.31
C HIS D 1008 -55.41 94.20 20.16
N ILE D 1009 -56.72 94.37 19.95
CA ILE D 1009 -57.43 95.51 20.53
C ILE D 1009 -57.62 95.28 22.03
N THR D 1010 -57.19 96.25 22.82
CA THR D 1010 -57.36 96.18 24.27
C THR D 1010 -58.80 96.48 24.65
N THR D 1011 -59.10 96.32 25.94
CA THR D 1011 -60.43 96.60 26.46
C THR D 1011 -60.76 98.07 26.49
N LYS D 1012 -59.78 98.95 26.24
CA LYS D 1012 -59.98 100.39 26.37
C LYS D 1012 -60.58 101.04 25.13
N SER D 1013 -60.67 100.32 24.01
CA SER D 1013 -61.19 100.92 22.80
C SER D 1013 -62.70 101.15 22.91
N PRO D 1014 -63.20 102.31 22.49
CA PRO D 1014 -64.65 102.55 22.53
C PRO D 1014 -65.44 101.55 21.69
N ALA D 1015 -64.91 101.13 20.54
CA ALA D 1015 -65.59 100.18 19.68
C ALA D 1015 -65.29 98.73 20.03
N TYR D 1016 -64.39 98.49 20.99
CA TYR D 1016 -63.99 97.16 21.43
C TYR D 1016 -65.14 96.25 21.85
N PRO D 1017 -66.23 96.77 22.43
CA PRO D 1017 -67.35 95.87 22.81
C PRO D 1017 -67.80 94.91 21.71
N MET D 1018 -67.94 95.37 20.47
CA MET D 1018 -68.50 94.48 19.46
C MET D 1018 -67.48 93.45 18.97
N MET D 1019 -66.19 93.84 18.86
CA MET D 1019 -65.16 92.85 18.56
C MET D 1019 -65.09 91.81 19.69
N HIS D 1020 -65.18 92.26 20.94
CA HIS D 1020 -65.12 91.34 22.07
C HIS D 1020 -66.32 90.40 22.08
N GLN D 1021 -67.50 90.91 21.75
CA GLN D 1021 -68.68 90.06 21.66
C GLN D 1021 -68.52 89.02 20.56
N VAL D 1022 -68.00 89.42 19.39
CA VAL D 1022 -67.77 88.47 18.32
C VAL D 1022 -66.77 87.41 18.76
N ARG D 1023 -65.68 87.82 19.41
CA ARG D 1023 -64.68 86.88 19.88
C ARG D 1023 -65.28 85.89 20.89
N ASN D 1024 -66.07 86.40 21.83
CA ASN D 1024 -66.64 85.53 22.86
C ASN D 1024 -67.65 84.55 22.27
N GLN D 1025 -68.47 85.01 21.32
CA GLN D 1025 -69.53 84.17 20.78
C GLN D 1025 -69.07 83.28 19.61
N VAL D 1026 -67.86 83.48 19.09
CA VAL D 1026 -67.39 82.63 18.00
C VAL D 1026 -66.08 81.94 18.40
N PHE D 1027 -65.05 82.72 18.68
CA PHE D 1027 -63.71 82.20 18.93
C PHE D 1027 -63.68 81.39 20.23
N ILE D 1049 -64.70 75.39 13.08
CA ILE D 1049 -63.44 75.08 13.73
C ILE D 1049 -62.80 76.36 14.24
N ARG D 1050 -62.77 76.52 15.55
CA ARG D 1050 -62.26 77.73 16.19
C ARG D 1050 -61.05 77.38 17.05
N LEU D 1051 -59.93 78.06 16.81
CA LEU D 1051 -58.72 77.87 17.59
C LEU D 1051 -58.35 79.11 18.39
N GLY D 1052 -59.28 80.05 18.53
CA GLY D 1052 -59.04 81.26 19.31
C GLY D 1052 -59.00 82.51 18.47
N ASN D 1053 -58.36 82.44 17.30
CA ASN D 1053 -58.31 83.56 16.37
C ASN D 1053 -58.96 83.23 15.03
N GLY D 1054 -58.58 82.12 14.40
CA GLY D 1054 -59.06 81.81 13.07
C GLY D 1054 -60.31 80.95 13.07
N VAL D 1055 -61.05 81.05 11.97
CA VAL D 1055 -62.23 80.22 11.74
C VAL D 1055 -62.18 79.66 10.32
N ALA D 1056 -61.72 78.42 10.19
CA ALA D 1056 -61.74 77.73 8.90
C ALA D 1056 -63.10 77.07 8.71
N CYS D 1057 -63.67 77.24 7.52
CA CYS D 1057 -65.04 76.80 7.27
C CYS D 1057 -65.16 76.19 5.88
N ASP D 1058 -66.10 75.26 5.75
CA ASP D 1058 -66.43 74.63 4.48
C ASP D 1058 -67.28 75.59 3.65
N PRO D 1059 -66.94 75.81 2.37
CA PRO D 1059 -67.72 76.75 1.55
C PRO D 1059 -69.20 76.41 1.47
N SER D 1060 -69.56 75.14 1.61
CA SER D 1060 -70.98 74.79 1.66
C SER D 1060 -71.65 75.29 2.94
N GLU D 1061 -70.87 75.69 3.95
CA GLU D 1061 -71.42 76.13 5.21
C GLU D 1061 -70.94 77.54 5.59
N ILE D 1062 -70.19 78.22 4.71
CA ILE D 1062 -69.74 79.57 5.02
C ILE D 1062 -70.92 80.54 5.03
N GLU D 1063 -71.88 80.37 4.13
CA GLU D 1063 -72.93 81.38 3.99
C GLU D 1063 -73.90 81.42 5.18
N PRO D 1064 -74.21 80.32 5.88
CA PRO D 1064 -74.96 80.50 7.13
C PRO D 1064 -74.13 81.04 8.26
N ILE D 1065 -72.88 80.57 8.42
CA ILE D 1065 -72.06 81.00 9.55
C ILE D 1065 -71.67 82.47 9.40
N LEU D 1066 -71.41 82.92 8.17
CA LEU D 1066 -71.08 84.33 7.97
C LEU D 1066 -72.25 85.22 8.35
N MET D 1067 -73.47 84.79 8.00
CA MET D 1067 -74.66 85.52 8.47
C MET D 1067 -74.78 85.46 9.98
N GLU D 1068 -74.35 84.34 10.60
CA GLU D 1068 -74.29 84.28 12.05
C GLU D 1068 -73.33 85.33 12.60
N ILE D 1069 -72.18 85.51 11.94
CA ILE D 1069 -71.32 86.64 12.25
C ILE D 1069 -72.04 87.94 11.93
N HIS D 1070 -72.70 87.99 10.76
CA HIS D 1070 -73.38 89.20 10.34
C HIS D 1070 -74.66 89.46 11.14
N ASN D 1071 -75.20 88.43 11.80
CA ASN D 1071 -76.35 88.64 12.67
C ASN D 1071 -76.01 89.59 13.81
N ILE D 1072 -74.83 89.40 14.41
CA ILE D 1072 -74.34 90.37 15.40
C ILE D 1072 -74.11 91.72 14.74
N LEU D 1073 -73.57 91.72 13.52
CA LEU D 1073 -73.37 92.97 12.79
C LEU D 1073 -74.70 93.62 12.41
N LYS D 1074 -75.75 92.83 12.27
CA LYS D 1074 -77.05 93.37 11.88
C LYS D 1074 -78.17 92.81 12.75
N PHE E 848 -1.97 66.29 3.94
CA PHE E 848 -3.32 66.70 3.55
C PHE E 848 -3.40 68.22 3.44
N ARG E 849 -2.60 68.79 2.54
CA ARG E 849 -2.58 70.23 2.38
C ARG E 849 -3.80 70.77 1.63
N LYS E 850 -4.48 69.92 0.87
CA LYS E 850 -5.60 70.38 0.07
C LYS E 850 -6.73 70.91 0.94
N GLU E 851 -7.17 70.11 1.92
CA GLU E 851 -8.24 70.57 2.81
C GLU E 851 -7.81 71.77 3.63
N GLU E 852 -6.54 71.80 4.04
CA GLU E 852 -6.03 72.95 4.80
C GLU E 852 -6.11 74.22 3.98
N LEU E 853 -5.75 74.16 2.70
CA LEU E 853 -5.79 75.38 1.89
C LEU E 853 -7.23 75.74 1.53
N LEU E 854 -8.12 74.76 1.35
CA LEU E 854 -9.53 75.09 1.18
C LEU E 854 -10.09 75.82 2.39
N LEU E 855 -9.81 75.32 3.59
CA LEU E 855 -10.36 75.97 4.78
C LEU E 855 -9.73 77.34 5.01
N LYS E 856 -8.43 77.48 4.72
CA LYS E 856 -7.79 78.78 4.81
C LYS E 856 -8.42 79.76 3.83
N ASP E 857 -8.68 79.32 2.60
CA ASP E 857 -9.34 80.17 1.62
C ASP E 857 -10.74 80.55 2.07
N LEU E 858 -11.46 79.62 2.70
CA LEU E 858 -12.79 79.93 3.20
C LEU E 858 -12.75 80.98 4.30
N GLU E 859 -11.80 80.87 5.22
CA GLU E 859 -11.68 81.87 6.28
C GLU E 859 -11.29 83.23 5.70
N ILE E 860 -10.37 83.25 4.74
CA ILE E 860 -10.00 84.49 4.09
C ILE E 860 -11.20 85.09 3.38
N ARG E 861 -12.01 84.25 2.73
CA ARG E 861 -13.20 84.72 2.04
C ARG E 861 -14.20 85.34 3.02
N LYS E 862 -14.41 84.71 4.17
CA LYS E 862 -15.40 85.24 5.10
C LYS E 862 -14.93 86.56 5.71
N LEU E 863 -13.63 86.66 6.03
CA LEU E 863 -13.16 87.94 6.56
C LEU E 863 -13.17 89.03 5.49
N GLU E 864 -12.88 88.66 4.24
CA GLU E 864 -12.97 89.61 3.15
C GLU E 864 -14.41 90.10 2.96
N ILE E 865 -15.37 89.18 3.06
CA ILE E 865 -16.78 89.56 2.95
C ILE E 865 -17.18 90.47 4.11
N SER E 866 -16.67 90.18 5.31
CA SER E 866 -16.96 91.03 6.46
C SER E 866 -16.48 92.46 6.21
N SER E 867 -15.21 92.61 5.83
CA SER E 867 -14.68 93.94 5.51
C SER E 867 -15.46 94.56 4.36
N ARG E 868 -15.87 93.74 3.39
CA ARG E 868 -16.58 94.23 2.22
C ARG E 868 -17.90 94.89 2.62
N PHE E 869 -18.71 94.20 3.43
CA PHE E 869 -20.00 94.79 3.73
C PHE E 869 -19.87 95.92 4.75
N LYS E 870 -18.90 95.84 5.67
CA LYS E 870 -18.74 96.95 6.61
C LYS E 870 -18.28 98.22 5.89
N HIS E 871 -17.50 98.08 4.82
CA HIS E 871 -17.11 99.24 4.03
C HIS E 871 -18.25 99.70 3.12
N ARG E 872 -19.01 98.74 2.59
CA ARG E 872 -20.08 99.06 1.64
C ARG E 872 -21.23 99.78 2.32
N GLN E 873 -21.58 99.39 3.55
CA GLN E 873 -22.71 100.00 4.22
C GLN E 873 -22.45 101.48 4.51
N GLU E 874 -21.18 101.89 4.56
CA GLU E 874 -20.87 103.29 4.83
C GLU E 874 -20.55 104.08 3.57
N ILE E 875 -19.97 103.45 2.54
CA ILE E 875 -19.62 104.21 1.34
C ILE E 875 -20.87 104.62 0.57
N PHE E 876 -21.88 103.75 0.51
CA PHE E 876 -23.10 104.02 -0.23
C PHE E 876 -24.33 104.01 0.68
N LYS E 877 -24.18 104.62 1.86
CA LYS E 877 -25.30 104.66 2.80
C LYS E 877 -26.47 105.47 2.28
N ASP E 878 -26.20 106.47 1.43
CA ASP E 878 -27.25 107.37 0.97
C ASP E 878 -28.14 106.78 -0.10
N SER E 879 -27.71 105.70 -0.76
CA SER E 879 -28.43 105.12 -1.90
C SER E 879 -28.76 103.67 -1.61
N PRO E 880 -29.96 103.37 -1.11
CA PRO E 880 -30.35 101.96 -0.94
C PRO E 880 -30.36 101.18 -2.23
N MET E 881 -30.75 101.83 -3.34
CA MET E 881 -30.68 101.18 -4.65
C MET E 881 -29.26 100.75 -4.98
N ASP E 882 -28.29 101.64 -4.79
CA ASP E 882 -26.92 101.32 -5.15
C ASP E 882 -26.38 100.19 -4.29
N LEU E 883 -26.66 100.23 -2.98
CA LEU E 883 -26.21 99.14 -2.10
C LEU E 883 -26.83 97.81 -2.49
N PHE E 884 -28.14 97.81 -2.74
CA PHE E 884 -28.83 96.59 -3.16
C PHE E 884 -28.22 96.02 -4.43
N MET E 885 -28.11 96.85 -5.47
CA MET E 885 -27.62 96.34 -6.75
C MET E 885 -26.15 95.93 -6.66
N SER E 886 -25.35 96.65 -5.88
CA SER E 886 -23.94 96.30 -5.74
C SER E 886 -23.77 94.96 -5.02
N THR E 887 -24.44 94.79 -3.88
CA THR E 887 -24.32 93.53 -3.16
C THR E 887 -24.91 92.37 -3.93
N LEU E 888 -25.98 92.62 -4.70
CA LEU E 888 -26.60 91.55 -5.48
C LEU E 888 -25.72 91.16 -6.66
N GLY E 889 -25.10 92.14 -7.32
CA GLY E 889 -24.17 91.83 -8.40
C GLY E 889 -22.94 91.09 -7.91
N ASP E 890 -22.43 91.49 -6.73
CA ASP E 890 -21.30 90.76 -6.16
C ASP E 890 -21.71 89.37 -5.67
N CYS E 891 -22.98 89.18 -5.30
CA CYS E 891 -23.48 87.82 -5.09
C CYS E 891 -23.50 87.04 -6.39
N LEU E 892 -23.85 87.69 -7.49
CA LEU E 892 -23.75 87.06 -8.81
C LEU E 892 -22.29 86.79 -9.16
N GLY E 893 -21.40 87.73 -8.86
CA GLY E 893 -19.99 87.60 -9.21
C GLY E 893 -19.56 88.56 -10.28
N ILE E 894 -20.17 89.74 -10.32
CA ILE E 894 -19.87 90.74 -11.34
C ILE E 894 -18.71 91.60 -10.88
N LYS E 895 -17.72 91.79 -11.76
CA LYS E 895 -16.63 92.70 -11.47
C LYS E 895 -17.15 94.14 -11.37
N ASP E 896 -16.55 94.92 -10.47
CA ASP E 896 -17.02 96.28 -10.25
C ASP E 896 -16.82 97.19 -11.45
N GLU E 897 -15.96 96.81 -12.39
CA GLU E 897 -15.69 97.65 -13.56
C GLU E 897 -16.78 97.55 -14.63
N GLU E 898 -17.72 96.61 -14.50
CA GLU E 898 -18.77 96.42 -15.50
C GLU E 898 -20.10 97.02 -15.08
N MET E 899 -20.48 96.90 -13.81
CA MET E 899 -21.77 97.40 -13.36
C MET E 899 -21.81 98.93 -13.40
N LEU E 900 -23.02 99.47 -13.51
CA LEU E 900 -23.24 100.90 -13.64
C LEU E 900 -23.82 101.49 -12.36
N THR E 901 -23.49 102.75 -12.11
CA THR E 901 -23.93 103.47 -10.93
C THR E 901 -24.85 104.61 -11.32
N SER E 902 -25.98 104.74 -10.59
CA SER E 902 -26.91 105.83 -10.86
C SER E 902 -26.42 107.15 -10.29
N CYS E 903 -25.74 107.13 -9.15
CA CYS E 903 -25.29 108.34 -8.47
C CYS E 903 -23.78 108.50 -8.61
N THR E 904 -23.33 109.73 -8.41
CA THR E 904 -21.91 110.07 -8.48
C THR E 904 -21.38 110.35 -7.08
N ILE E 905 -20.27 109.71 -6.73
CA ILE E 905 -19.67 109.86 -5.41
C ILE E 905 -18.81 111.13 -5.37
N PRO E 906 -18.62 111.74 -4.20
CA PRO E 906 -17.73 112.91 -4.13
C PRO E 906 -16.28 112.52 -4.40
N LYS E 907 -15.52 113.49 -4.90
CA LYS E 907 -14.12 113.28 -5.25
C LYS E 907 -13.18 113.44 -4.06
N ALA E 908 -13.65 113.99 -2.94
CA ALA E 908 -12.79 114.17 -1.78
C ALA E 908 -12.32 112.83 -1.22
N VAL E 909 -13.24 111.86 -1.11
CA VAL E 909 -12.88 110.54 -0.62
C VAL E 909 -11.92 109.86 -1.58
N VAL E 910 -12.11 110.08 -2.88
CA VAL E 910 -11.20 109.51 -3.88
C VAL E 910 -9.80 110.09 -3.72
N ASP E 911 -9.70 111.41 -3.53
CA ASP E 911 -8.40 112.03 -3.34
C ASP E 911 -7.73 111.56 -2.06
N HIS E 912 -8.49 111.44 -0.99
CA HIS E 912 -7.92 111.08 0.31
C HIS E 912 -7.55 109.61 0.40
N ILE E 913 -8.30 108.72 -0.26
CA ILE E 913 -8.02 107.29 -0.14
C ILE E 913 -6.69 106.93 -0.76
N ASN E 914 -6.27 107.66 -1.81
CA ASN E 914 -4.98 107.42 -2.44
C ASN E 914 -3.92 108.41 -1.99
N GLY E 915 -4.26 109.69 -1.87
CA GLY E 915 -3.33 110.70 -1.40
C GLY E 915 -2.34 111.19 -2.43
N SER E 916 -2.43 110.72 -3.68
CA SER E 916 -1.50 111.15 -4.72
C SER E 916 -1.68 112.62 -5.09
N GLY E 917 -2.76 113.26 -4.65
CA GLY E 917 -2.98 114.66 -4.94
C GLY E 917 -2.07 115.59 -4.16
N LYS E 918 -2.52 116.84 -3.94
CA LYS E 918 -1.70 117.81 -3.23
C LYS E 918 -1.46 117.39 -1.78
N ARG E 919 -2.47 116.84 -1.10
CA ARG E 919 -2.34 116.43 0.29
C ARG E 919 -1.70 115.04 0.34
N LYS E 920 -0.60 114.93 1.07
CA LYS E 920 0.07 113.65 1.22
C LYS E 920 -0.75 112.72 2.10
N PRO E 921 -0.77 111.42 1.79
CA PRO E 921 -1.46 110.47 2.67
C PRO E 921 -0.79 110.41 4.04
N THR E 922 -1.61 110.26 5.08
CA THR E 922 -1.08 110.19 6.44
C THR E 922 -0.39 108.87 6.68
N LYS E 923 0.72 108.91 7.43
CA LYS E 923 1.39 107.67 7.82
C LYS E 923 0.50 106.81 8.70
N ALA E 924 -0.30 107.44 9.57
CA ALA E 924 -1.31 106.70 10.32
C ALA E 924 -2.34 106.09 9.38
N ALA E 925 -2.74 106.83 8.35
CA ALA E 925 -3.64 106.28 7.33
C ALA E 925 -2.96 105.14 6.59
N GLN E 926 -1.66 105.24 6.35
CA GLN E 926 -0.93 104.14 5.72
C GLN E 926 -0.97 102.90 6.58
N ARG E 927 -0.73 103.05 7.89
CA ARG E 927 -0.82 101.90 8.79
C ARG E 927 -2.23 101.33 8.82
N ALA E 928 -3.25 102.21 8.79
CA ALA E 928 -4.63 101.75 8.81
C ALA E 928 -4.95 100.94 7.56
N ARG E 929 -4.56 101.43 6.39
CA ARG E 929 -4.81 100.67 5.17
C ARG E 929 -3.93 99.43 5.07
N ASP E 930 -2.81 99.39 5.79
CA ASP E 930 -2.02 98.16 5.85
C ASP E 930 -2.69 97.11 6.71
N GLN E 931 -3.28 97.52 7.85
CA GLN E 931 -3.88 96.53 8.74
C GLN E 931 -5.19 95.98 8.19
N ASP E 932 -5.88 96.76 7.36
CA ASP E 932 -7.09 96.24 6.71
C ASP E 932 -6.73 95.17 5.69
N SER E 933 -7.64 94.21 5.52
CA SER E 933 -7.38 93.05 4.69
C SER E 933 -7.65 93.27 3.20
N ILE E 934 -8.28 94.38 2.83
CA ILE E 934 -8.66 94.66 1.46
C ILE E 934 -8.01 95.96 1.01
N ASP E 935 -7.35 95.92 -0.15
CA ASP E 935 -6.84 97.13 -0.78
C ASP E 935 -8.00 97.84 -1.48
N ILE E 936 -8.30 99.07 -1.04
CA ILE E 936 -9.47 99.80 -1.51
C ILE E 936 -9.01 101.11 -2.15
N SER E 937 -9.54 101.40 -3.34
CA SER E 937 -9.25 102.63 -4.06
C SER E 937 -10.32 102.80 -5.13
N ILE E 938 -10.59 104.05 -5.49
CA ILE E 938 -11.62 104.40 -6.46
C ILE E 938 -10.96 105.06 -7.65
N LYS E 939 -11.27 104.56 -8.85
CA LYS E 939 -10.75 105.12 -10.09
C LYS E 939 -11.91 105.51 -10.98
N ASP E 940 -12.06 106.81 -11.24
CA ASP E 940 -13.09 107.35 -12.12
C ASP E 940 -14.49 106.92 -11.66
N ASN E 941 -14.84 107.36 -10.45
CA ASN E 941 -16.15 107.15 -9.84
C ASN E 941 -16.48 105.67 -9.63
N LYS E 942 -15.51 104.77 -9.77
CA LYS E 942 -15.72 103.36 -9.54
C LYS E 942 -14.55 102.78 -8.76
N LEU E 943 -14.87 102.01 -7.72
CA LEU E 943 -13.85 101.36 -6.93
C LEU E 943 -13.37 100.08 -7.61
N VAL E 944 -12.28 99.52 -7.09
CA VAL E 944 -11.67 98.32 -7.64
C VAL E 944 -11.56 97.29 -6.52
N MET E 945 -11.89 96.03 -6.86
CA MET E 945 -11.85 94.92 -5.91
C MET E 945 -11.13 93.77 -6.57
N LYS E 946 -10.05 93.30 -5.94
CA LYS E 946 -9.27 92.19 -6.45
C LYS E 946 -8.80 91.31 -5.30
N SER E 947 -8.91 90.00 -5.49
CA SER E 947 -8.45 89.06 -4.48
C SER E 947 -6.93 89.06 -4.42
N LYS E 948 -6.39 88.97 -3.21
CA LYS E 948 -4.95 89.04 -3.00
C LYS E 948 -4.29 87.66 -2.99
N PHE E 949 -5.04 86.60 -2.74
CA PHE E 949 -4.48 85.24 -2.72
C PHE E 949 -4.74 84.48 -4.01
N ASN E 950 -5.95 84.54 -4.55
CA ASN E 950 -6.32 83.82 -5.76
C ASN E 950 -6.56 84.81 -6.88
N LYS E 951 -5.73 84.74 -7.93
CA LYS E 951 -5.85 85.63 -9.06
C LYS E 951 -6.81 85.12 -10.13
N SER E 952 -7.36 83.92 -9.97
CA SER E 952 -8.30 83.38 -10.93
C SER E 952 -9.67 84.03 -10.78
N ASN E 953 -10.58 83.68 -11.68
CA ASN E 953 -11.93 84.23 -11.68
C ASN E 953 -12.73 83.57 -10.56
N ARG E 954 -12.61 84.10 -9.36
CA ARG E 954 -13.33 83.57 -8.20
C ARG E 954 -14.82 83.85 -8.37
N SER E 955 -15.59 82.81 -8.67
CA SER E 955 -17.02 82.97 -8.84
C SER E 955 -17.70 83.06 -7.47
N TYR E 956 -18.49 84.11 -7.28
CA TYR E 956 -19.21 84.34 -6.04
C TYR E 956 -20.66 83.89 -6.12
N SER E 957 -21.07 83.27 -7.23
CA SER E 957 -22.45 82.89 -7.42
C SER E 957 -22.85 81.79 -6.44
N ILE E 958 -24.13 81.78 -6.09
CA ILE E 958 -24.68 80.79 -5.16
C ILE E 958 -25.46 79.73 -5.92
N MET F 1 -42.08 6.53 -5.86
CA MET F 1 -40.71 6.97 -5.62
C MET F 1 -40.64 7.90 -4.42
N MET F 2 -39.51 7.86 -3.71
CA MET F 2 -39.31 8.73 -2.55
C MET F 2 -39.16 10.17 -2.99
N LEU F 3 -39.78 11.08 -2.24
CA LEU F 3 -39.75 12.49 -2.56
C LEU F 3 -38.40 13.11 -2.15
N GLY F 4 -38.25 14.38 -2.49
CA GLY F 4 -37.03 15.12 -2.23
C GLY F 4 -36.92 15.67 -0.82
N GLU F 5 -36.61 14.78 0.14
CA GLU F 5 -36.58 15.19 1.54
C GLU F 5 -35.63 16.36 1.80
N HIS F 6 -34.54 16.46 1.04
CA HIS F 6 -33.56 17.52 1.25
C HIS F 6 -33.29 18.34 -0.01
N LEU F 7 -34.30 18.48 -0.88
CA LEU F 7 -34.15 19.35 -2.03
C LEU F 7 -34.27 20.83 -1.67
N MET F 8 -35.02 21.18 -0.64
CA MET F 8 -35.24 22.56 -0.25
C MET F 8 -34.94 22.73 1.23
N SER F 9 -34.43 23.93 1.58
CA SER F 9 -34.08 24.25 2.95
C SER F 9 -34.48 25.69 3.25
N TRP F 10 -35.35 25.87 4.24
CA TRP F 10 -35.70 27.19 4.77
C TRP F 10 -34.64 27.61 5.77
N SER F 11 -33.81 28.56 5.37
CA SER F 11 -32.82 29.10 6.29
C SER F 11 -33.51 29.83 7.43
N LYS F 12 -32.84 29.85 8.58
CA LYS F 12 -33.46 30.44 9.77
C LYS F 12 -33.72 31.94 9.60
N THR F 13 -33.07 32.59 8.63
CA THR F 13 -33.26 34.01 8.36
C THR F 13 -34.29 34.26 7.27
N GLY F 14 -34.98 33.23 6.78
CA GLY F 14 -36.04 33.38 5.81
C GLY F 14 -35.68 33.08 4.38
N ILE F 15 -34.40 32.95 4.07
CA ILE F 15 -33.99 32.64 2.68
C ILE F 15 -34.41 31.21 2.35
N ILE F 16 -35.11 31.06 1.23
CA ILE F 16 -35.57 29.77 0.76
C ILE F 16 -34.67 29.37 -0.40
N ALA F 17 -33.66 28.56 -0.12
CA ALA F 17 -32.76 28.02 -1.14
C ALA F 17 -33.22 26.61 -1.49
N TYR F 18 -33.57 26.40 -2.75
CA TYR F 18 -34.08 25.11 -3.19
C TYR F 18 -33.42 24.71 -4.50
N SER F 19 -33.38 23.39 -4.73
CA SER F 19 -32.76 22.86 -5.93
C SER F 19 -33.59 23.22 -7.16
N ASP F 20 -32.90 23.54 -8.25
CA ASP F 20 -33.54 23.87 -9.53
C ASP F 20 -33.16 22.81 -10.55
N SER F 21 -34.17 22.24 -11.21
CA SER F 21 -33.97 21.15 -12.16
C SER F 21 -34.59 21.44 -13.53
N GLN F 22 -35.02 22.66 -13.79
CA GLN F 22 -35.66 23.00 -15.06
C GLN F 22 -34.89 24.02 -15.89
N SER F 23 -34.26 25.00 -15.25
CA SER F 23 -33.51 26.00 -15.98
C SER F 23 -32.23 25.39 -16.54
N SER F 24 -31.93 25.69 -17.80
CA SER F 24 -30.75 25.16 -18.46
C SER F 24 -29.49 25.95 -18.13
N ASN F 25 -29.61 27.09 -17.46
CA ASN F 25 -28.45 27.91 -17.12
C ASN F 25 -28.21 28.01 -15.62
N ALA F 26 -29.07 27.42 -14.79
CA ALA F 26 -28.91 27.51 -13.35
C ALA F 26 -29.39 26.22 -12.71
N ASN F 27 -28.83 25.91 -11.53
CA ASN F 27 -29.21 24.73 -10.78
C ASN F 27 -29.70 25.02 -9.38
N ILE F 28 -29.53 26.24 -8.87
CA ILE F 28 -30.00 26.62 -7.55
C ILE F 28 -30.76 27.93 -7.66
N CYS F 29 -31.69 28.15 -6.73
CA CYS F 29 -32.51 29.35 -6.70
C CYS F 29 -32.59 29.88 -5.27
N LEU F 30 -32.72 31.19 -5.15
CA LEU F 30 -32.88 31.85 -3.87
C LEU F 30 -34.06 32.81 -3.92
N THR F 31 -34.86 32.82 -2.86
CA THR F 31 -36.03 33.69 -2.79
C THR F 31 -36.41 33.84 -1.32
N PHE F 32 -37.39 34.70 -1.08
CA PHE F 32 -37.90 34.94 0.27
C PHE F 32 -39.26 35.62 0.18
N LEU F 33 -39.94 35.69 1.32
CA LEU F 33 -41.28 36.27 1.40
C LEU F 33 -41.20 37.77 1.59
N GLU F 34 -42.04 38.49 0.86
CA GLU F 34 -42.16 39.93 0.99
C GLU F 34 -43.62 40.34 0.92
N SER F 35 -43.93 41.49 1.52
CA SER F 35 -45.31 41.98 1.61
C SER F 35 -45.63 42.84 0.40
N ILE F 36 -46.78 42.58 -0.21
CA ILE F 36 -47.17 43.33 -1.41
C ILE F 36 -47.67 44.72 -1.04
N ASN F 37 -48.76 44.78 -0.27
CA ASN F 37 -49.39 46.05 0.09
C ASN F 37 -49.75 46.06 1.57
N GLY F 38 -48.91 45.46 2.40
CA GLY F 38 -49.17 45.37 3.82
C GLY F 38 -50.19 44.32 4.22
N ILE F 39 -51.04 43.88 3.30
CA ILE F 39 -52.05 42.87 3.58
C ILE F 39 -51.60 41.55 2.99
N ASN F 40 -51.40 41.52 1.67
CA ASN F 40 -51.04 40.32 0.96
C ASN F 40 -49.53 40.11 0.97
N TRP F 41 -49.11 38.93 0.52
CA TRP F 41 -47.71 38.55 0.48
C TRP F 41 -47.38 37.91 -0.86
N ARG F 42 -46.10 38.00 -1.24
CA ARG F 42 -45.62 37.35 -2.44
C ARG F 42 -44.17 36.96 -2.23
N PHE F 43 -43.74 35.93 -2.95
CA PHE F 43 -42.34 35.52 -2.92
C PHE F 43 -41.50 36.50 -3.74
N HIS F 44 -40.24 36.63 -3.34
CA HIS F 44 -39.34 37.53 -4.05
C HIS F 44 -38.93 36.94 -5.39
N THR F 45 -38.36 37.78 -6.23
CA THR F 45 -37.90 37.33 -7.54
C THR F 45 -36.81 36.28 -7.38
N PRO F 46 -36.87 35.16 -8.09
CA PRO F 46 -35.85 34.11 -7.93
C PRO F 46 -34.49 34.60 -8.41
N GLN F 47 -33.49 34.47 -7.54
CA GLN F 47 -32.10 34.80 -7.86
C GLN F 47 -31.40 33.50 -8.24
N LYS F 48 -31.28 33.26 -9.54
CA LYS F 48 -30.71 32.01 -10.03
C LYS F 48 -29.20 32.07 -10.08
N TYR F 49 -28.56 30.97 -9.69
CA TYR F 49 -27.11 30.84 -9.73
C TYR F 49 -26.76 29.50 -10.36
N VAL F 50 -25.53 29.40 -10.88
CA VAL F 50 -25.03 28.19 -11.50
C VAL F 50 -23.82 27.69 -10.70
N LEU F 51 -23.82 26.39 -10.39
CA LEU F 51 -22.76 25.78 -9.60
C LEU F 51 -22.12 24.67 -10.42
N HIS F 52 -20.82 24.82 -10.68
CA HIS F 52 -20.03 23.78 -11.35
C HIS F 52 -18.74 23.56 -10.59
N PRO F 53 -18.13 22.38 -10.73
CA PRO F 53 -16.90 22.10 -9.96
C PRO F 53 -15.74 23.02 -10.29
N GLN F 54 -15.76 23.71 -11.44
CA GLN F 54 -14.64 24.51 -11.90
C GLN F 54 -14.88 26.01 -11.73
N LEU F 55 -15.55 26.42 -10.66
CA LEU F 55 -15.67 27.84 -10.34
C LEU F 55 -14.32 28.46 -9.95
N HIS F 56 -13.33 27.64 -9.58
CA HIS F 56 -12.07 28.16 -9.09
C HIS F 56 -11.26 28.88 -10.17
N GLU F 57 -11.58 28.68 -11.44
CA GLU F 57 -10.87 29.40 -12.50
C GLU F 57 -11.86 30.14 -13.40
N GLN F 100 -16.65 23.63 -19.84
CA GLN F 100 -17.14 23.74 -18.46
C GLN F 100 -18.60 23.29 -18.37
N PHE F 101 -18.82 22.17 -17.69
CA PHE F 101 -20.14 21.59 -17.52
C PHE F 101 -20.49 21.52 -16.04
N PHE F 102 -21.74 21.81 -15.70
CA PHE F 102 -22.21 21.77 -14.32
C PHE F 102 -23.13 20.57 -14.11
N TYR F 103 -23.18 20.10 -12.87
CA TYR F 103 -23.90 18.89 -12.50
C TYR F 103 -25.08 19.23 -11.59
N ASN F 104 -26.00 18.29 -11.49
CA ASN F 104 -27.23 18.50 -10.73
C ASN F 104 -26.95 18.59 -9.24
N ILE F 105 -27.89 19.16 -8.51
CA ILE F 105 -27.79 19.35 -7.08
C ILE F 105 -28.48 18.19 -6.37
N SER F 106 -27.79 17.58 -5.41
CA SER F 106 -28.33 16.44 -4.69
C SER F 106 -29.09 16.85 -3.43
N SER F 107 -28.51 17.73 -2.61
CA SER F 107 -29.14 18.14 -1.37
C SER F 107 -28.64 19.51 -0.97
N ILE F 108 -29.49 20.24 -0.25
CA ILE F 108 -29.20 21.57 0.25
C ILE F 108 -29.40 21.57 1.76
N HIS F 109 -28.38 21.99 2.50
CA HIS F 109 -28.40 21.95 3.96
C HIS F 109 -27.93 23.30 4.52
N TRP F 110 -28.87 24.15 4.90
CA TRP F 110 -28.53 25.36 5.64
C TRP F 110 -28.01 25.00 7.02
N ASN F 111 -27.03 25.78 7.50
CA ASN F 111 -26.46 25.51 8.81
C ASN F 111 -27.32 26.12 9.92
N ASN F 112 -28.61 25.79 9.93
CA ASN F 112 -29.54 26.29 10.92
C ASN F 112 -29.66 25.37 12.13
N TRP F 113 -28.86 24.31 12.17
CA TRP F 113 -28.90 23.37 13.28
C TRP F 113 -28.50 24.03 14.61
N PHE F 114 -29.20 23.63 15.68
CA PHE F 114 -28.94 24.10 17.04
C PHE F 114 -28.98 25.62 17.20
N SER F 115 -27.82 26.19 17.50
CA SER F 115 -27.70 27.63 17.71
C SER F 115 -26.78 28.29 16.69
N LEU F 116 -26.54 27.64 15.56
CA LEU F 116 -25.64 28.17 14.55
C LEU F 116 -26.26 29.41 13.90
N PRO F 117 -25.42 30.33 13.40
CA PRO F 117 -25.96 31.55 12.79
C PRO F 117 -26.85 31.29 11.58
N GLY F 118 -26.62 30.22 10.84
CA GLY F 118 -27.49 29.88 9.73
C GLY F 118 -27.25 30.64 8.45
N ASP F 119 -26.02 31.11 8.23
CA ASP F 119 -25.70 31.84 7.02
C ASP F 119 -24.80 31.08 6.05
N MET F 120 -24.07 30.08 6.52
CA MET F 120 -23.10 29.36 5.69
C MET F 120 -23.80 28.15 5.06
N LEU F 121 -24.11 28.25 3.78
CA LEU F 121 -24.82 27.19 3.07
C LEU F 121 -23.80 26.31 2.34
N ALA F 122 -23.87 25.00 2.60
CA ALA F 122 -23.02 24.02 1.93
C ALA F 122 -23.90 23.06 1.14
N VAL F 123 -23.72 23.06 -0.17
CA VAL F 123 -24.52 22.24 -1.08
C VAL F 123 -23.65 21.14 -1.66
N CYS F 124 -24.19 19.93 -1.71
CA CYS F 124 -23.49 18.77 -2.25
C CYS F 124 -24.16 18.37 -3.56
N ASP F 125 -23.38 18.27 -4.63
CA ASP F 125 -23.92 17.95 -5.93
C ASP F 125 -24.05 16.43 -6.10
N GLU F 126 -24.50 16.02 -7.29
CA GLU F 126 -24.65 14.60 -7.57
C GLU F 126 -23.31 13.90 -7.77
N LEU F 127 -22.26 14.63 -8.13
CA LEU F 127 -20.94 14.02 -8.29
C LEU F 127 -20.26 13.76 -6.96
N GLY F 128 -20.75 14.38 -5.88
CA GLY F 128 -20.16 14.24 -4.57
C GLY F 128 -19.33 15.43 -4.10
N ASN F 129 -19.10 16.40 -4.97
CA ASN F 129 -18.36 17.59 -4.57
C ASN F 129 -19.20 18.44 -3.61
N MET F 130 -18.60 18.86 -2.52
CA MET F 130 -19.27 19.67 -1.51
C MET F 130 -18.87 21.13 -1.72
N THR F 131 -19.82 21.94 -2.20
CA THR F 131 -19.58 23.35 -2.46
C THR F 131 -20.16 24.16 -1.31
N MET F 132 -19.32 25.00 -0.70
CA MET F 132 -19.71 25.79 0.46
C MET F 132 -19.84 27.24 0.04
N LEU F 133 -21.02 27.82 0.27
CA LEU F 133 -21.31 29.21 -0.08
C LEU F 133 -21.69 29.97 1.17
N ILE F 134 -21.04 31.12 1.38
CA ILE F 134 -21.34 31.98 2.52
C ILE F 134 -22.08 33.21 2.01
N THR F 135 -23.19 33.54 2.66
CA THR F 135 -23.99 34.69 2.30
C THR F 135 -23.93 35.73 3.41
N GLY F 136 -24.13 37.00 3.04
CA GLY F 136 -24.06 38.08 4.00
C GLY F 136 -22.66 38.58 4.29
N GLN F 137 -21.67 38.19 3.50
CA GLN F 137 -20.30 38.64 3.69
C GLN F 137 -19.60 38.72 2.34
N ARG F 138 -18.70 39.69 2.23
CA ARG F 138 -17.88 39.91 1.05
C ARG F 138 -16.42 39.97 1.47
N PRO F 139 -15.49 39.69 0.56
CA PRO F 139 -14.07 39.73 0.94
C PRO F 139 -13.60 41.08 1.46
N ASP F 140 -14.20 42.17 0.98
CA ASP F 140 -13.77 43.52 1.35
C ASP F 140 -14.70 44.22 2.33
N ARG F 141 -15.98 43.87 2.36
CA ARG F 141 -16.94 44.58 3.18
C ARG F 141 -18.08 43.64 3.54
N ALA F 142 -19.08 44.18 4.24
CA ALA F 142 -20.27 43.44 4.61
C ALA F 142 -21.40 43.74 3.62
N THR F 143 -22.19 42.73 3.31
CA THR F 143 -23.25 42.83 2.32
C THR F 143 -24.54 42.24 2.89
N THR F 144 -25.61 42.37 2.10
CA THR F 144 -26.92 41.88 2.52
C THR F 144 -26.98 40.36 2.41
N TYR F 145 -28.15 39.81 2.72
CA TYR F 145 -28.33 38.36 2.82
C TYR F 145 -28.69 37.68 1.51
N GLU F 146 -28.85 38.44 0.42
CA GLU F 146 -29.20 37.86 -0.87
C GLU F 146 -28.01 37.77 -1.82
N LYS F 147 -26.81 38.07 -1.35
CA LYS F 147 -25.60 38.00 -2.16
C LYS F 147 -24.69 36.91 -1.62
N LEU F 148 -24.22 36.04 -2.51
CA LEU F 148 -23.46 34.86 -2.14
C LEU F 148 -21.95 35.12 -2.25
N THR F 149 -21.18 34.22 -1.64
CA THR F 149 -19.73 34.26 -1.67
C THR F 149 -19.22 32.86 -1.41
N MET F 150 -18.11 32.50 -2.06
CA MET F 150 -17.52 31.17 -1.89
C MET F 150 -16.46 31.18 -0.80
N VAL F 151 -16.27 30.02 -0.19
CA VAL F 151 -15.20 29.79 0.79
C VAL F 151 -14.13 28.86 0.23
N PHE F 152 -14.52 27.66 -0.16
CA PHE F 152 -13.58 26.70 -0.76
C PHE F 152 -14.37 25.68 -1.55
N GLN F 153 -13.69 25.04 -2.49
CA GLN F 153 -14.27 24.03 -3.36
C GLN F 153 -13.56 22.69 -3.13
N ASP F 154 -14.33 21.62 -3.12
CA ASP F 154 -13.81 20.27 -2.90
C ASP F 154 -13.95 19.44 -4.16
N ASN F 155 -12.90 18.69 -4.51
CA ASN F 155 -12.93 17.83 -5.68
C ASN F 155 -12.26 16.49 -5.40
N LYS F 158 -8.99 16.42 -2.62
CA LYS F 158 -8.21 17.65 -2.56
C LYS F 158 -9.09 18.86 -2.34
N ILE F 159 -8.65 19.77 -1.47
CA ILE F 159 -9.38 20.99 -1.15
C ILE F 159 -8.43 22.17 -1.18
N TYR F 160 -8.91 23.31 -1.66
CA TYR F 160 -8.09 24.50 -1.85
C TYR F 160 -8.91 25.73 -1.50
N ASN F 161 -8.21 26.79 -1.09
CA ASN F 161 -8.85 28.04 -0.71
C ASN F 161 -8.89 28.98 -1.91
N HIS F 162 -10.08 29.49 -2.23
CA HIS F 162 -10.23 30.44 -3.32
C HIS F 162 -11.47 31.28 -3.01
N VAL F 163 -11.25 32.51 -2.52
CA VAL F 163 -12.34 33.41 -2.21
C VAL F 163 -12.77 34.15 -3.46
N MET F 164 -14.06 34.06 -3.79
CA MET F 164 -14.59 34.70 -4.99
C MET F 164 -16.07 34.98 -4.82
N PRO F 165 -16.53 36.22 -5.03
CA PRO F 165 -17.95 36.53 -4.87
C PRO F 165 -18.73 36.12 -6.12
N LEU F 166 -19.76 35.30 -5.93
CA LEU F 166 -20.56 34.81 -7.04
C LEU F 166 -21.49 35.90 -7.55
N LYS F 167 -21.93 35.74 -8.79
CA LYS F 167 -22.82 36.68 -9.46
C LYS F 167 -24.01 35.94 -10.05
N PRO F 168 -25.16 36.60 -10.13
CA PRO F 168 -26.36 35.94 -10.67
C PRO F 168 -26.19 35.57 -12.15
N VAL F 169 -26.92 34.54 -12.55
CA VAL F 169 -26.83 34.04 -13.93
C VAL F 169 -27.41 35.07 -14.90
N ASP F 170 -28.55 35.67 -14.56
CA ASP F 170 -29.21 36.60 -15.47
C ASP F 170 -28.33 37.81 -15.76
N LYS F 171 -27.68 38.35 -14.72
CA LYS F 171 -26.80 39.50 -14.94
C LYS F 171 -25.52 39.10 -15.67
N LEU F 172 -25.05 37.86 -15.47
CA LEU F 172 -23.83 37.40 -16.09
C LEU F 172 -24.03 37.22 -17.59
N LYS F 173 -22.92 37.30 -18.33
CA LYS F 173 -22.95 37.13 -19.77
C LYS F 173 -23.24 35.67 -20.12
N PRO F 174 -23.79 35.42 -21.31
CA PRO F 174 -24.03 34.03 -21.73
C PRO F 174 -22.72 33.25 -21.79
N MET F 175 -22.65 32.20 -20.97
CA MET F 175 -21.45 31.39 -20.83
C MET F 175 -21.63 30.05 -21.51
N ASN F 176 -20.51 29.37 -21.75
CA ASN F 176 -20.52 28.07 -22.43
C ASN F 176 -20.60 26.93 -21.42
N ILE F 177 -21.69 26.90 -20.68
CA ILE F 177 -21.95 25.87 -19.68
C ILE F 177 -23.27 25.18 -20.02
N GLU F 178 -23.24 23.86 -20.11
CA GLU F 178 -24.41 23.06 -20.43
C GLU F 178 -24.71 22.11 -19.28
N ARG F 179 -25.99 21.79 -19.11
CA ARG F 179 -26.45 20.96 -18.00
C ARG F 179 -26.12 19.51 -18.30
N LYS F 180 -24.92 19.09 -17.88
CA LYS F 180 -24.54 17.68 -17.94
C LYS F 180 -25.16 16.95 -16.76
N GLN F 181 -25.81 15.83 -17.04
CA GLN F 181 -26.51 15.06 -16.03
C GLN F 181 -25.63 13.90 -15.57
N THR F 182 -25.26 13.92 -14.29
CA THR F 182 -24.49 12.83 -13.68
C THR F 182 -25.48 11.79 -13.17
N ARG F 183 -25.91 10.92 -14.08
CA ARG F 183 -26.90 9.90 -13.78
C ARG F 183 -26.31 8.68 -13.09
N LYS F 184 -25.10 8.78 -12.55
CA LYS F 184 -24.41 7.66 -11.93
C LYS F 184 -24.25 7.94 -10.44
N GLU F 185 -24.57 6.94 -9.61
CA GLU F 185 -24.43 7.05 -8.16
C GLU F 185 -23.03 6.59 -7.79
N TYR F 186 -22.11 7.53 -7.63
CA TYR F 186 -20.70 7.24 -7.42
C TYR F 186 -20.45 6.77 -5.99
N ASN F 187 -19.25 6.23 -5.79
CA ASN F 187 -18.81 5.87 -4.44
C ASN F 187 -18.84 7.08 -3.52
N THR F 188 -18.59 8.27 -4.06
CA THR F 188 -18.53 9.49 -3.27
C THR F 188 -19.88 10.19 -3.14
N SER F 189 -20.95 9.60 -3.68
CA SER F 189 -22.27 10.19 -3.57
C SER F 189 -22.69 10.29 -2.11
N ILE F 190 -22.80 11.51 -1.60
CA ILE F 190 -23.12 11.71 -0.19
C ILE F 190 -24.58 11.33 0.06
N LEU F 191 -24.80 10.44 1.02
CA LEU F 191 -26.16 10.02 1.35
C LEU F 191 -26.82 11.02 2.29
N GLU F 192 -26.25 11.24 3.47
CA GLU F 192 -26.80 12.14 4.46
C GLU F 192 -25.72 13.11 4.92
N PHE F 193 -26.06 14.40 4.94
CA PHE F 193 -25.17 15.45 5.41
C PHE F 193 -25.64 15.92 6.78
N ARG F 194 -24.70 16.15 7.69
CA ARG F 194 -25.02 16.63 9.02
C ARG F 194 -24.01 17.68 9.44
N TRP F 195 -24.49 18.72 10.11
CA TRP F 195 -23.67 19.82 10.58
C TRP F 195 -23.27 19.60 12.04
N LEU F 196 -22.23 20.31 12.46
CA LEU F 196 -21.73 20.24 13.84
C LEU F 196 -21.94 21.58 14.51
N THR F 197 -22.54 21.55 15.69
CA THR F 197 -22.82 22.76 16.46
C THR F 197 -21.64 23.10 17.36
N SER F 198 -21.70 24.28 17.96
CA SER F 198 -20.68 24.77 18.86
C SER F 198 -21.06 24.44 20.30
N SER F 199 -20.29 24.98 21.26
CA SER F 199 -20.52 24.71 22.67
C SER F 199 -21.60 25.58 23.28
N LYS F 200 -22.22 26.46 22.50
CA LYS F 200 -23.29 27.31 23.01
C LYS F 200 -24.51 26.48 23.39
N SER F 201 -25.26 26.99 24.37
CA SER F 201 -26.48 26.34 24.84
C SER F 201 -27.71 27.01 24.23
N VAL F 202 -28.78 26.24 24.10
CA VAL F 202 -30.03 26.71 23.52
C VAL F 202 -31.13 26.58 24.57
N ILE F 203 -31.92 27.63 24.72
CA ILE F 203 -33.03 27.66 25.68
C ILE F 203 -34.33 27.73 24.88
N VAL F 204 -35.19 26.73 25.06
CA VAL F 204 -36.48 26.65 24.39
C VAL F 204 -37.54 26.29 25.43
N SER F 205 -38.78 26.16 24.95
CA SER F 205 -39.91 25.78 25.78
C SER F 205 -40.47 24.44 25.29
N GLN F 206 -41.01 23.67 26.23
CA GLN F 206 -41.53 22.34 25.91
C GLN F 206 -43.03 22.33 25.64
N PHE F 207 -43.84 22.87 26.55
CA PHE F 207 -45.29 22.93 26.35
C PHE F 207 -45.88 23.89 27.37
N CYS F 208 -47.17 24.15 27.22
CA CYS F 208 -47.92 25.02 28.12
C CYS F 208 -49.21 24.32 28.53
N ALA F 209 -49.72 24.72 29.68
CA ALA F 209 -50.95 24.16 30.24
C ALA F 209 -51.86 25.28 30.74
N PHE F 210 -53.15 25.00 30.77
CA PHE F 210 -54.16 25.97 31.20
C PHE F 210 -54.30 25.88 32.72
N ASP F 211 -53.93 26.95 33.41
CA ASP F 211 -54.05 27.01 34.87
C ASP F 211 -55.48 27.41 35.21
N SER F 212 -56.33 26.43 35.52
CA SER F 212 -57.72 26.71 35.84
C SER F 212 -57.88 27.52 37.11
N SER F 213 -56.88 27.51 38.00
CA SER F 213 -56.96 28.31 39.21
C SER F 213 -57.00 29.80 38.88
N SER F 214 -56.14 30.24 37.97
CA SER F 214 -56.10 31.63 37.53
C SER F 214 -56.82 31.87 36.21
N ASN F 215 -57.38 30.80 35.61
CA ASN F 215 -58.08 30.89 34.32
C ASN F 215 -57.18 31.46 33.23
N THR F 216 -55.88 31.18 33.31
CA THR F 216 -54.92 31.67 32.32
C THR F 216 -53.97 30.53 31.95
N TYR F 217 -53.40 30.62 30.76
CA TYR F 217 -52.45 29.63 30.29
C TYR F 217 -51.06 29.95 30.80
N ARG F 218 -50.34 28.91 31.22
CA ARG F 218 -49.01 29.04 31.78
C ARG F 218 -48.04 28.13 31.03
N SER F 219 -46.84 28.65 30.75
CA SER F 219 -45.82 27.91 30.04
C SER F 219 -44.52 27.94 30.83
N ARG F 220 -43.74 26.86 30.70
CA ARG F 220 -42.45 26.74 31.36
C ARG F 220 -41.38 26.46 30.32
N ALA F 221 -40.27 27.19 30.40
CA ALA F 221 -39.16 27.04 29.48
C ALA F 221 -38.02 26.31 30.17
N GLN F 222 -37.49 25.28 29.51
CA GLN F 222 -36.40 24.48 30.05
C GLN F 222 -35.19 24.61 29.15
N GLN F 223 -34.04 24.93 29.73
CA GLN F 223 -32.80 25.02 28.97
C GLN F 223 -32.39 23.64 28.46
N VAL F 224 -31.91 23.60 27.22
CA VAL F 224 -31.50 22.35 26.60
C VAL F 224 -29.98 22.33 26.48
N PRO F 225 -29.28 21.55 27.31
CA PRO F 225 -27.84 21.45 27.17
C PRO F 225 -27.47 20.76 25.87
N PRO F 226 -26.32 21.07 25.29
CA PRO F 226 -25.91 20.43 24.04
C PRO F 226 -25.73 18.93 24.22
N TYR F 227 -26.13 18.17 23.20
CA TYR F 227 -26.03 16.72 23.21
C TYR F 227 -25.43 16.25 21.89
N GLY F 228 -24.70 15.14 21.96
CA GLY F 228 -24.08 14.58 20.76
C GLY F 228 -22.66 15.05 20.61
N VAL F 229 -22.34 15.58 19.43
CA VAL F 229 -20.99 16.03 19.11
C VAL F 229 -21.04 17.53 18.83
N TYR F 230 -20.16 18.29 19.48
CA TYR F 230 -20.07 19.73 19.31
C TYR F 230 -18.61 20.12 19.08
N HIS F 231 -18.39 21.09 18.15
CA HIS F 231 -17.02 21.48 17.87
C HIS F 231 -16.57 22.63 18.77
N PRO F 232 -15.29 22.66 19.13
CA PRO F 232 -14.80 23.68 20.07
C PRO F 232 -14.70 25.04 19.41
N PRO F 233 -14.62 26.12 20.20
CA PRO F 233 -14.55 27.46 19.60
C PRO F 233 -13.36 27.69 18.70
N PHE F 234 -12.20 27.10 19.01
CA PHE F 234 -11.02 27.37 18.19
C PHE F 234 -11.12 26.79 16.79
N ILE F 235 -12.09 25.91 16.54
CA ILE F 235 -12.40 25.45 15.20
C ILE F 235 -13.53 26.30 14.65
N LYS F 236 -13.33 26.88 13.46
CA LYS F 236 -14.33 27.77 12.90
C LYS F 236 -15.65 27.03 12.66
N TYR F 237 -15.58 25.82 12.11
CA TYR F 237 -16.77 25.00 11.87
C TYR F 237 -16.32 23.60 11.52
N ALA F 238 -17.25 22.67 11.58
CA ALA F 238 -17.00 21.28 11.20
C ALA F 238 -18.29 20.70 10.65
N CYS F 239 -18.15 19.72 9.77
CA CYS F 239 -19.30 19.04 9.19
C CYS F 239 -18.91 17.61 8.83
N LEU F 240 -19.92 16.76 8.73
CA LEU F 240 -19.74 15.34 8.46
C LEU F 240 -20.65 14.91 7.34
N ALA F 241 -20.15 14.06 6.45
CA ALA F 241 -20.92 13.53 5.35
C ALA F 241 -20.61 12.04 5.18
N ILE F 242 -21.64 11.26 4.93
CA ILE F 242 -21.50 9.82 4.70
C ILE F 242 -21.77 9.56 3.23
N ARG F 243 -20.80 8.94 2.55
CA ARG F 243 -20.93 8.63 1.14
C ARG F 243 -21.57 7.27 0.95
N LYS F 244 -22.08 7.04 -0.25
CA LYS F 244 -22.86 5.83 -0.50
C LYS F 244 -22.01 4.56 -0.44
N ASN F 245 -20.69 4.67 -0.61
CA ASN F 245 -19.82 3.52 -0.53
C ASN F 245 -19.33 3.23 0.89
N GLY F 246 -19.67 4.08 1.85
CA GLY F 246 -19.23 3.91 3.21
C GLY F 246 -18.11 4.83 3.62
N GLN F 247 -17.41 5.44 2.65
CA GLN F 247 -16.34 6.38 2.98
C GLN F 247 -16.93 7.60 3.68
N ILE F 248 -16.29 8.01 4.76
CA ILE F 248 -16.74 9.15 5.55
C ILE F 248 -15.79 10.32 5.32
N ASP F 249 -16.30 11.52 5.56
CA ASP F 249 -15.55 12.75 5.39
C ASP F 249 -15.74 13.64 6.61
N PHE F 250 -14.74 14.49 6.86
CA PHE F 250 -14.81 15.42 7.99
C PHE F 250 -14.08 16.70 7.59
N TRP F 251 -14.85 17.67 7.09
CA TRP F 251 -14.31 18.98 6.75
C TRP F 251 -14.31 19.88 7.98
N TYR F 252 -13.21 20.60 8.17
CA TYR F 252 -13.11 21.55 9.26
C TYR F 252 -12.15 22.66 8.88
N GLN F 253 -12.29 23.80 9.56
CA GLN F 253 -11.47 24.97 9.31
C GLN F 253 -10.99 25.53 10.65
N PHE F 254 -9.70 25.83 10.73
CA PHE F 254 -9.16 26.44 11.94
C PHE F 254 -9.44 27.93 11.97
N SER F 255 -9.88 28.42 13.14
CA SER F 255 -10.29 29.81 13.26
C SER F 255 -9.13 30.78 13.07
N ASN F 256 -7.90 30.32 13.20
CA ASN F 256 -6.73 31.18 13.06
C ASN F 256 -6.04 31.05 11.70
N SER F 257 -6.64 30.29 10.77
CA SER F 257 -6.03 30.06 9.47
C SER F 257 -7.11 30.03 8.39
N LYS F 258 -6.67 30.15 7.15
CA LYS F 258 -7.55 30.08 5.99
C LYS F 258 -7.54 28.71 5.31
N ASP F 259 -6.45 27.97 5.43
CA ASP F 259 -6.37 26.66 4.79
C ASP F 259 -7.34 25.69 5.42
N HIS F 260 -7.98 24.87 4.58
CA HIS F 260 -8.93 23.87 5.03
C HIS F 260 -8.28 22.49 5.04
N LYS F 261 -8.77 21.62 5.93
CA LYS F 261 -8.24 20.28 6.08
C LYS F 261 -9.38 19.27 6.01
N LYS F 262 -9.08 18.09 5.46
CA LYS F 262 -10.05 17.01 5.32
C LYS F 262 -9.46 15.71 5.83
N ILE F 263 -10.26 14.95 6.57
CA ILE F 263 -9.87 13.64 7.08
C ILE F 263 -10.94 12.65 6.67
N THR F 264 -10.53 11.55 6.04
CA THR F 264 -11.46 10.57 5.49
C THR F 264 -11.12 9.17 5.99
N LEU F 265 -12.16 8.36 6.21
CA LEU F 265 -12.01 6.96 6.61
C LEU F 265 -13.04 6.15 5.84
N GLN F 266 -13.17 4.87 6.23
CA GLN F 266 -14.19 3.99 5.67
C GLN F 266 -14.81 3.20 6.81
N LEU F 267 -16.11 2.88 6.65
CA LEU F 267 -16.83 2.21 7.73
C LEU F 267 -16.32 0.79 7.94
N LEU F 268 -16.21 0.01 6.88
CA LEU F 268 -15.80 -1.39 6.99
C LEU F 268 -14.29 -1.44 6.96
N ASP F 269 -13.69 -1.40 8.15
CA ASP F 269 -12.23 -1.35 8.30
C ASP F 269 -11.63 -2.76 8.27
N THR F 270 -11.93 -3.47 7.18
CA THR F 270 -11.40 -4.81 6.97
C THR F 270 -10.03 -4.74 6.31
N SER F 271 -9.32 -5.86 6.36
CA SER F 271 -7.99 -5.94 5.76
C SER F 271 -8.03 -6.03 4.24
N ASN F 272 -9.20 -6.21 3.64
CA ASN F 272 -9.34 -6.41 2.20
C ASN F 272 -10.10 -5.23 1.59
N GLN F 273 -9.55 -4.65 0.53
CA GLN F 273 -10.27 -3.63 -0.23
C GLN F 273 -11.42 -4.20 -1.04
N ARG F 274 -11.51 -5.53 -1.15
CA ARG F 274 -12.62 -6.15 -1.86
C ARG F 274 -13.96 -5.85 -1.20
N PHE F 275 -13.99 -5.85 0.13
CA PHE F 275 -15.19 -5.49 0.88
C PHE F 275 -15.25 -4.03 1.28
N LYS F 276 -14.12 -3.31 1.18
CA LYS F 276 -14.13 -1.89 1.50
C LYS F 276 -15.06 -1.12 0.57
N ASP F 277 -15.03 -1.46 -0.72
CA ASP F 277 -15.80 -0.75 -1.75
C ASP F 277 -17.11 -1.44 -2.07
N LEU F 278 -17.69 -2.16 -1.10
CA LEU F 278 -18.92 -2.90 -1.32
C LEU F 278 -20.11 -2.35 -0.55
N GLN F 279 -19.89 -1.55 0.49
CA GLN F 279 -20.96 -1.13 1.40
C GLN F 279 -21.83 -0.08 0.70
N TRP F 280 -22.76 -0.56 -0.13
CA TRP F 280 -23.74 0.29 -0.79
C TRP F 280 -24.93 0.48 0.15
N LEU F 281 -24.87 1.55 0.93
CA LEU F 281 -25.84 1.78 2.00
C LEU F 281 -27.12 2.36 1.40
N GLU F 282 -28.24 1.66 1.58
CA GLU F 282 -29.51 2.20 1.11
C GLU F 282 -29.93 3.41 1.94
N PHE F 283 -29.90 3.29 3.26
CA PHE F 283 -30.23 4.39 4.16
C PHE F 283 -29.10 4.52 5.18
N ALA F 284 -28.62 5.75 5.37
CA ALA F 284 -27.56 6.04 6.33
C ALA F 284 -27.97 7.28 7.12
N ARG F 285 -28.68 7.07 8.22
CA ARG F 285 -29.18 8.15 9.06
C ARG F 285 -28.29 8.30 10.28
N ILE F 286 -27.79 9.52 10.50
CA ILE F 286 -26.89 9.80 11.60
C ILE F 286 -27.67 10.51 12.69
N THR F 287 -27.82 9.86 13.84
CA THR F 287 -28.50 10.43 14.99
C THR F 287 -27.54 10.57 16.15
N PRO F 288 -27.16 11.79 16.55
CA PRO F 288 -26.29 11.95 17.71
C PRO F 288 -26.95 11.40 18.98
N MET F 289 -26.13 10.81 19.84
CA MET F 289 -26.60 10.21 21.08
C MET F 289 -25.96 10.94 22.26
N ASN F 290 -26.54 10.74 23.45
CA ASN F 290 -26.03 11.40 24.64
C ASN F 290 -24.62 10.98 24.98
N ASP F 291 -24.14 9.87 24.43
CA ASP F 291 -22.74 9.48 24.60
C ASP F 291 -21.83 10.58 24.04
N ASP F 292 -20.75 10.85 24.77
CA ASP F 292 -19.88 11.97 24.42
C ASP F 292 -19.18 11.71 23.09
N GLN F 293 -19.27 12.68 22.18
CA GLN F 293 -18.60 12.63 20.89
C GLN F 293 -18.96 11.37 20.10
N CYS F 294 -20.24 11.00 20.14
CA CYS F 294 -20.72 9.79 19.52
C CYS F 294 -21.89 10.07 18.61
N MET F 295 -21.89 9.44 17.43
CA MET F 295 -23.01 9.49 16.49
C MET F 295 -23.37 8.07 16.08
N LEU F 296 -24.64 7.72 16.22
CA LEU F 296 -25.12 6.40 15.85
C LEU F 296 -25.41 6.38 14.36
N ILE F 297 -24.50 5.76 13.60
CA ILE F 297 -24.64 5.71 12.13
C ILE F 297 -25.48 4.48 11.82
N THR F 298 -26.80 4.66 11.84
CA THR F 298 -27.72 3.56 11.57
C THR F 298 -27.81 3.36 10.07
N THR F 299 -27.20 2.28 9.59
CA THR F 299 -27.15 1.98 8.17
C THR F 299 -27.90 0.69 7.85
N TYR F 300 -28.43 0.60 6.64
CA TYR F 300 -29.14 -0.58 6.16
C TYR F 300 -28.50 -1.02 4.86
N SER F 301 -27.58 -1.99 4.93
CA SER F 301 -26.91 -2.52 3.75
C SER F 301 -27.71 -3.69 3.20
N LYS F 302 -28.16 -3.57 1.95
CA LYS F 302 -28.90 -4.67 1.33
C LYS F 302 -28.02 -5.83 0.93
N LEU F 303 -26.69 -5.68 1.00
CA LEU F 303 -25.80 -6.80 0.74
C LEU F 303 -25.98 -7.90 1.77
N SER F 304 -26.09 -7.53 3.04
CA SER F 304 -26.30 -8.48 4.13
C SER F 304 -27.74 -8.51 4.64
N LYS F 305 -28.60 -7.63 4.13
CA LYS F 305 -30.02 -7.61 4.47
C LYS F 305 -30.25 -7.46 5.98
N ASN F 306 -29.44 -6.63 6.62
CA ASN F 306 -29.59 -6.37 8.04
C ASN F 306 -29.38 -4.88 8.31
N ILE F 307 -30.05 -4.39 9.35
CA ILE F 307 -29.95 -2.98 9.73
C ILE F 307 -28.77 -2.89 10.70
N SER F 308 -27.59 -2.66 10.14
CA SER F 308 -26.37 -2.60 10.94
C SER F 308 -26.27 -1.27 11.68
N PHE F 309 -25.71 -1.33 12.89
CA PHE F 309 -25.48 -0.14 13.70
C PHE F 309 -23.98 0.08 13.88
N TYR F 310 -23.59 1.34 14.01
CA TYR F 310 -22.19 1.71 14.18
C TYR F 310 -22.10 2.83 15.22
N LYS F 311 -20.88 3.04 15.70
CA LYS F 311 -20.60 4.14 16.62
C LYS F 311 -19.34 4.86 16.16
N LEU F 312 -19.40 6.19 16.10
CA LEU F 312 -18.30 7.03 15.66
C LEU F 312 -17.84 7.91 16.80
N HIS F 313 -16.53 7.95 17.03
CA HIS F 313 -15.95 8.72 18.12
C HIS F 313 -14.90 9.68 17.58
N VAL F 314 -14.90 10.90 18.12
CA VAL F 314 -13.98 11.95 17.70
C VAL F 314 -13.37 12.59 18.94
N ASN F 315 -12.05 12.77 18.92
CA ASN F 315 -11.33 13.47 19.98
C ASN F 315 -10.95 14.85 19.46
N TRP F 316 -11.58 15.89 20.01
CA TRP F 316 -11.34 17.25 19.53
C TRP F 316 -9.92 17.70 19.83
N ASN F 317 -9.46 17.49 21.06
CA ASN F 317 -8.12 17.90 21.49
C ASN F 317 -7.32 16.65 21.82
N LEU F 318 -6.43 16.26 20.90
CA LEU F 318 -5.60 15.09 21.15
C LEU F 318 -4.58 15.34 22.26
N ASN F 319 -4.03 16.56 22.32
CA ASN F 319 -3.02 16.92 23.30
C ASN F 319 -3.56 18.08 24.13
N ALA F 320 -4.22 17.76 25.24
CA ALA F 320 -4.72 18.80 26.13
C ALA F 320 -3.60 19.52 26.87
N THR F 321 -2.44 18.87 27.03
CA THR F 321 -1.31 19.50 27.70
C THR F 321 -0.64 20.58 26.87
N LYS F 322 -0.95 20.66 25.58
CA LYS F 322 -0.38 21.65 24.67
C LYS F 322 -1.51 22.41 23.99
N PRO F 323 -2.13 23.35 24.70
CA PRO F 323 -3.22 24.13 24.08
C PRO F 323 -2.78 24.92 22.86
N ASN F 324 -1.53 25.38 22.82
CA ASN F 324 -1.07 26.17 21.69
C ASN F 324 -0.98 25.33 20.42
N VAL F 325 -0.60 24.06 20.54
CA VAL F 325 -0.45 23.18 19.39
C VAL F 325 -1.84 22.64 19.05
N LEU F 326 -2.45 23.18 18.00
CA LEU F 326 -3.78 22.79 17.56
C LEU F 326 -3.67 21.56 16.67
N ASN F 327 -3.96 20.39 17.23
CA ASN F 327 -3.87 19.14 16.51
C ASN F 327 -5.17 18.81 15.81
N ASP F 328 -5.07 18.08 14.71
CA ASP F 328 -6.25 17.65 13.98
C ASP F 328 -7.04 16.64 14.81
N PRO F 329 -8.37 16.73 14.81
CA PRO F 329 -9.17 15.76 15.56
C PRO F 329 -8.99 14.35 15.04
N SER F 330 -8.97 13.38 15.96
CA SER F 330 -8.84 11.97 15.61
C SER F 330 -10.21 11.33 15.51
N LEU F 331 -10.39 10.50 14.48
CA LEU F 331 -11.67 9.85 14.21
C LEU F 331 -11.53 8.34 14.46
N LYS F 332 -12.50 7.78 15.17
CA LYS F 332 -12.52 6.37 15.49
C LYS F 332 -13.90 5.80 15.21
N ILE F 333 -13.95 4.49 14.93
CA ILE F 333 -15.18 3.80 14.58
C ILE F 333 -15.21 2.45 15.27
N GLN F 334 -16.39 2.03 15.70
CA GLN F 334 -16.55 0.77 16.44
C GLN F 334 -17.90 0.16 16.10
N PHE F 335 -17.87 -1.05 15.52
CA PHE F 335 -19.10 -1.76 15.20
C PHE F 335 -19.81 -2.20 16.48
N ILE F 336 -21.14 -2.17 16.45
CA ILE F 336 -21.92 -2.44 17.66
C ILE F 336 -22.90 -3.59 17.49
N LEU F 337 -23.85 -3.45 16.55
CA LEU F 337 -24.96 -4.39 16.51
C LEU F 337 -25.52 -4.48 15.10
N SER F 338 -26.25 -5.56 14.84
CA SER F 338 -26.91 -5.79 13.56
C SER F 338 -28.11 -6.70 13.79
N THR F 339 -29.26 -6.32 13.21
CA THR F 339 -30.49 -7.09 13.37
C THR F 339 -31.19 -7.25 12.03
N THR F 340 -32.09 -8.22 11.97
CA THR F 340 -32.87 -8.53 10.78
C THR F 340 -34.31 -8.02 10.96
N LEU F 341 -34.94 -7.71 9.83
CA LEU F 341 -36.28 -7.13 9.83
C LEU F 341 -37.35 -8.22 9.84
N ASP F 342 -38.48 -7.89 10.44
CA ASP F 342 -39.58 -8.85 10.57
C ASP F 342 -40.27 -9.06 9.24
N PRO F 343 -40.56 -10.30 8.84
CA PRO F 343 -41.18 -10.55 7.54
C PRO F 343 -42.69 -10.39 7.51
N THR F 344 -43.36 -10.66 8.64
CA THR F 344 -44.82 -10.74 8.66
C THR F 344 -45.36 -10.05 9.91
N ASP F 345 -46.67 -9.76 9.86
CA ASP F 345 -47.38 -9.17 10.98
C ASP F 345 -47.99 -10.27 11.84
N ASP F 346 -48.87 -9.88 12.77
CA ASP F 346 -49.49 -10.86 13.66
C ASP F 346 -50.55 -11.68 12.95
N GLU F 347 -51.32 -11.04 12.06
CA GLU F 347 -52.45 -11.72 11.41
C GLU F 347 -52.06 -12.50 10.17
N GLY F 348 -50.83 -12.37 9.69
CA GLY F 348 -50.36 -13.12 8.55
C GLY F 348 -50.18 -12.35 7.25
N HIS F 349 -50.01 -11.02 7.31
CA HIS F 349 -49.76 -10.22 6.12
C HIS F 349 -48.29 -9.81 6.11
N VAL F 350 -47.63 -10.01 4.96
CA VAL F 350 -46.20 -9.76 4.87
C VAL F 350 -45.95 -8.26 4.78
N LEU F 351 -44.71 -7.86 5.08
CA LEU F 351 -44.33 -6.47 5.19
C LEU F 351 -43.13 -6.16 4.30
N LYS F 352 -43.05 -4.91 3.86
CA LYS F 352 -41.93 -4.41 3.09
C LYS F 352 -41.43 -3.13 3.72
N LEU F 353 -40.11 -3.03 3.93
CA LEU F 353 -39.53 -1.83 4.51
C LEU F 353 -39.54 -0.71 3.49
N GLU F 354 -40.36 0.32 3.75
CA GLU F 354 -40.44 1.45 2.84
C GLU F 354 -39.40 2.52 3.18
N ASN F 355 -39.22 2.82 4.46
CA ASN F 355 -38.29 3.85 4.88
C ASN F 355 -37.76 3.50 6.26
N LEU F 356 -36.59 4.05 6.60
CA LEU F 356 -35.95 3.84 7.89
C LEU F 356 -35.55 5.21 8.41
N HIS F 357 -36.44 5.84 9.16
CA HIS F 357 -36.19 7.15 9.75
C HIS F 357 -36.01 6.98 11.25
N VAL F 358 -34.84 7.40 11.75
CA VAL F 358 -34.54 7.38 13.19
C VAL F 358 -34.58 8.82 13.69
N VAL F 359 -35.26 9.03 14.80
CA VAL F 359 -35.48 10.38 15.31
C VAL F 359 -34.26 10.85 16.10
N SER F 360 -33.91 12.11 15.94
CA SER F 360 -32.83 12.72 16.72
C SER F 360 -33.38 13.06 18.10
N LYS F 361 -33.14 12.18 19.07
CA LYS F 361 -33.71 12.29 20.40
C LYS F 361 -32.65 12.77 21.38
N SER F 362 -33.00 13.79 22.17
CA SER F 362 -32.10 14.32 23.18
C SER F 362 -32.28 13.55 24.49
N SER F 363 -31.64 14.05 25.54
CA SER F 363 -31.73 13.44 26.87
C SER F 363 -32.94 13.92 27.66
N ILE F 364 -33.73 14.85 27.12
CA ILE F 364 -34.87 15.38 27.84
C ILE F 364 -35.94 14.30 28.03
N GLU F 365 -36.20 13.52 27.00
CA GLU F 365 -37.29 12.55 27.04
C GLU F 365 -37.00 11.44 28.05
N LYS F 366 -38.05 10.72 28.43
CA LYS F 366 -37.94 9.68 29.46
C LYS F 366 -36.92 8.62 29.05
N ASP F 367 -37.05 8.08 27.84
CA ASP F 367 -36.12 7.08 27.33
C ASP F 367 -35.32 7.70 26.19
N PRO F 368 -34.06 8.07 26.41
CA PRO F 368 -33.31 8.79 25.37
C PRO F 368 -32.90 7.93 24.18
N SER F 369 -33.17 6.63 24.21
CA SER F 369 -32.78 5.78 23.10
C SER F 369 -33.51 6.20 21.83
N PRO F 370 -32.81 6.41 20.72
CA PRO F 370 -33.47 6.89 19.50
C PRO F 370 -34.48 5.89 18.98
N GLU F 371 -35.57 6.41 18.42
CA GLU F 371 -36.66 5.58 17.90
C GLU F 371 -36.34 5.22 16.45
N ILE F 372 -36.01 3.95 16.21
CA ILE F 372 -35.79 3.44 14.86
C ILE F 372 -37.17 3.09 14.29
N LEU F 373 -37.73 3.98 13.49
CA LEU F 373 -39.08 3.80 12.95
C LEU F 373 -38.96 3.13 11.59
N VAL F 374 -38.97 1.80 11.59
CA VAL F 374 -38.95 1.03 10.34
C VAL F 374 -40.38 0.92 9.82
N LEU F 375 -40.66 1.62 8.71
CA LEU F 375 -42.00 1.63 8.16
C LEU F 375 -42.25 0.39 7.32
N TYR F 376 -43.45 -0.18 7.47
CA TYR F 376 -43.88 -1.32 6.69
C TYR F 376 -45.28 -1.05 6.13
N ASN F 377 -45.52 -1.51 4.92
CA ASN F 377 -46.83 -1.39 4.28
C ASN F 377 -47.38 -2.78 3.96
N VAL F 378 -48.59 -3.06 4.46
CA VAL F 378 -49.27 -4.29 4.12
C VAL F 378 -49.76 -4.17 2.68
N CYS F 379 -49.32 -5.08 1.82
CA CYS F 379 -49.62 -4.96 0.39
C CYS F 379 -51.10 -5.16 0.12
N ASP F 380 -51.60 -4.43 -0.86
CA ASP F 380 -53.01 -4.45 -1.27
C ASP F 380 -53.94 -4.05 -0.13
N THR F 381 -53.43 -3.35 0.88
CA THR F 381 -54.23 -2.90 2.00
C THR F 381 -53.86 -1.46 2.31
N SER F 382 -54.88 -0.64 2.61
CA SER F 382 -54.66 0.76 2.90
C SER F 382 -53.85 0.97 4.19
N LYS F 383 -53.74 -0.05 5.03
CA LYS F 383 -53.03 0.09 6.28
C LYS F 383 -51.53 0.23 6.05
N SER F 384 -50.85 0.86 7.02
CA SER F 384 -49.40 1.00 6.99
C SER F 384 -48.90 0.93 8.42
N LEU F 385 -47.98 0.00 8.67
CA LEU F 385 -47.49 -0.28 10.01
C LEU F 385 -46.14 0.38 10.24
N VAL F 386 -45.96 0.97 11.41
CA VAL F 386 -44.72 1.65 11.78
C VAL F 386 -44.23 0.98 13.06
N LYS F 387 -43.35 0.00 12.92
CA LYS F 387 -42.77 -0.66 14.08
C LYS F 387 -41.68 0.21 14.69
N ARG F 388 -41.65 0.27 16.02
CA ARG F 388 -40.73 1.12 16.75
C ARG F 388 -39.77 0.26 17.56
N TYR F 389 -38.48 0.53 17.42
CA TYR F 389 -37.43 -0.14 18.17
C TYR F 389 -36.59 0.88 18.91
N ARG F 390 -35.94 0.44 19.99
CA ARG F 390 -35.05 1.28 20.77
C ARG F 390 -33.78 0.51 21.08
N LEU F 391 -32.65 1.20 21.02
CA LEU F 391 -31.35 0.57 21.29
C LEU F 391 -30.99 0.78 22.75
N ALA F 392 -30.76 -0.32 23.46
CA ALA F 392 -30.41 -0.28 24.87
C ALA F 392 -29.27 -1.24 25.16
N PRO F 393 -28.44 -0.92 26.15
CA PRO F 393 -27.37 -1.86 26.53
C PRO F 393 -27.93 -3.13 27.14
N THR F 394 -27.18 -4.21 26.98
CA THR F 394 -27.54 -5.49 27.58
C THR F 394 -27.12 -5.50 29.05
N GLN F 395 -28.07 -5.81 29.93
CA GLN F 395 -27.86 -5.72 31.37
C GLN F 395 -27.76 -7.11 31.98
N LEU F 396 -26.89 -7.25 32.97
CA LEU F 396 -26.66 -8.51 33.67
C LEU F 396 -27.56 -8.61 34.88
N SER F 397 -27.77 -9.84 35.34
CA SER F 397 -28.60 -10.10 36.50
C SER F 397 -27.78 -10.72 37.63
N TYR F 425 -25.23 -4.95 22.90
CA TYR F 425 -26.48 -4.26 23.19
C TYR F 425 -27.65 -5.05 22.65
N ASN F 426 -28.86 -4.49 22.73
CA ASN F 426 -30.05 -5.17 22.24
C ASN F 426 -31.08 -4.14 21.80
N LEU F 427 -32.03 -4.60 20.99
CA LEU F 427 -33.15 -3.79 20.52
C LEU F 427 -34.43 -4.29 21.18
N ARG F 428 -35.10 -3.39 21.90
CA ARG F 428 -36.34 -3.71 22.59
C ARG F 428 -37.52 -3.15 21.81
N ARG F 429 -38.49 -4.00 21.52
CA ARG F 429 -39.69 -3.60 20.79
C ARG F 429 -40.75 -3.10 21.78
N HIS F 430 -41.22 -1.87 21.56
CA HIS F 430 -42.18 -1.25 22.46
C HIS F 430 -43.61 -1.56 22.07
N SER F 431 -44.00 -1.18 20.86
CA SER F 431 -45.37 -1.40 20.39
C SER F 431 -45.41 -1.21 18.88
N ASP F 432 -46.57 -1.46 18.30
CA ASP F 432 -46.81 -1.29 16.87
C ASP F 432 -47.96 -0.33 16.66
N ILE F 433 -47.82 0.55 15.67
CA ILE F 433 -48.79 1.60 15.38
C ILE F 433 -49.26 1.44 13.94
N VAL F 434 -50.57 1.38 13.75
CA VAL F 434 -51.18 1.16 12.44
C VAL F 434 -51.76 2.47 11.93
N LEU F 435 -51.45 2.80 10.68
CA LEU F 435 -51.97 3.99 10.02
C LEU F 435 -52.82 3.56 8.84
N ASP F 436 -53.90 4.30 8.60
CA ASP F 436 -54.91 3.91 7.62
C ASP F 436 -54.58 4.32 6.20
N LYS F 437 -53.50 5.07 5.97
CA LYS F 437 -53.12 5.51 4.64
C LYS F 437 -51.63 5.28 4.43
N LYS F 438 -51.26 5.04 3.17
CA LYS F 438 -49.87 4.83 2.82
C LYS F 438 -49.09 6.14 2.93
N VAL F 439 -47.83 6.03 3.34
CA VAL F 439 -46.97 7.19 3.58
C VAL F 439 -45.98 7.30 2.43
N THR F 440 -45.82 8.52 1.90
CA THR F 440 -44.90 8.78 0.81
C THR F 440 -43.73 9.66 1.19
N LEU F 441 -43.71 10.23 2.39
CA LEU F 441 -42.62 11.11 2.80
C LEU F 441 -42.64 11.24 4.32
N ILE F 442 -41.46 11.32 4.92
CA ILE F 442 -41.29 11.56 6.34
C ILE F 442 -40.26 12.67 6.52
N THR F 443 -40.63 13.70 7.28
CA THR F 443 -39.73 14.80 7.59
C THR F 443 -39.78 15.06 9.09
N SER F 444 -38.61 15.13 9.73
CA SER F 444 -38.55 15.43 11.15
C SER F 444 -38.40 16.94 11.36
N GLU F 445 -39.23 17.50 12.23
CA GLU F 445 -39.15 18.93 12.52
C GLU F 445 -37.97 19.21 13.44
N MET F 446 -37.44 20.43 13.31
CA MET F 446 -36.28 20.85 14.09
C MET F 446 -36.74 21.60 15.33
N PHE F 447 -36.20 21.21 16.48
CA PHE F 447 -36.52 21.81 17.78
C PHE F 447 -38.00 21.71 18.11
N ASP F 448 -38.73 20.80 17.46
CA ASP F 448 -40.15 20.61 17.71
C ASP F 448 -40.52 19.19 18.11
N ALA F 449 -39.72 18.19 17.75
CA ALA F 449 -40.00 16.79 18.05
C ALA F 449 -41.35 16.36 17.46
N PHE F 450 -41.44 16.46 16.14
CA PHE F 450 -42.68 16.14 15.43
C PHE F 450 -42.33 15.36 14.16
N VAL F 451 -42.83 14.14 14.06
CA VAL F 451 -42.70 13.36 12.83
C VAL F 451 -43.94 13.58 11.97
N SER F 452 -43.71 13.92 10.71
CA SER F 452 -44.79 14.29 9.79
C SER F 452 -45.00 13.17 8.79
N PHE F 453 -46.24 12.69 8.70
CA PHE F 453 -46.60 11.59 7.80
C PHE F 453 -47.37 12.17 6.62
N TYR F 454 -46.68 12.37 5.51
CA TYR F 454 -47.29 12.92 4.29
C TYR F 454 -47.96 11.78 3.54
N PHE F 455 -49.24 11.56 3.85
CA PHE F 455 -49.97 10.45 3.25
C PHE F 455 -50.23 10.70 1.78
N GLU F 456 -50.84 9.71 1.12
CA GLU F 456 -51.06 9.81 -0.32
C GLU F 456 -52.13 10.84 -0.66
N ASP F 457 -53.20 10.91 0.14
CA ASP F 457 -54.30 11.81 -0.15
C ASP F 457 -53.99 13.28 0.16
N GLY F 458 -52.76 13.59 0.58
CA GLY F 458 -52.37 14.95 0.88
C GLY F 458 -52.51 15.33 2.34
N THR F 459 -53.30 14.60 3.12
CA THR F 459 -53.45 14.91 4.53
C THR F 459 -52.17 14.61 5.29
N ILE F 460 -51.91 15.40 6.32
CA ILE F 460 -50.71 15.28 7.13
C ILE F 460 -51.11 15.07 8.58
N GLU F 461 -50.58 14.01 9.20
CA GLU F 461 -50.87 13.68 10.59
C GLU F 461 -49.55 13.68 11.35
N SER F 462 -49.26 14.77 12.04
CA SER F 462 -48.01 14.92 12.78
C SER F 462 -48.18 14.29 14.16
N TYR F 463 -47.40 13.24 14.43
CA TYR F 463 -47.43 12.56 15.72
C TYR F 463 -46.32 13.09 16.61
N ASN F 464 -46.67 13.48 17.82
CA ASN F 464 -45.68 13.96 18.77
C ASN F 464 -44.74 12.84 19.19
N GLN F 465 -43.51 13.22 19.53
CA GLN F 465 -42.51 12.23 19.94
C GLN F 465 -42.78 11.69 21.34
N ASN F 466 -43.45 12.47 22.19
CA ASN F 466 -43.61 12.08 23.59
C ASN F 466 -44.53 10.88 23.74
N ASP F 467 -45.70 10.91 23.09
CA ASP F 467 -46.70 9.87 23.27
C ASP F 467 -47.27 9.33 21.97
N TRP F 468 -46.86 9.87 20.82
CA TRP F 468 -47.41 9.47 19.52
C TRP F 468 -48.93 9.62 19.49
N LYS F 469 -49.42 10.69 20.10
CA LYS F 469 -50.82 11.07 20.05
C LYS F 469 -51.00 12.17 19.01
N LEU F 470 -52.02 12.03 18.17
CA LEU F 470 -52.24 12.98 17.09
C LEU F 470 -52.44 14.39 17.64
N GLU F 471 -51.70 15.34 17.07
CA GLU F 471 -51.70 16.70 17.62
C GLU F 471 -53.00 17.42 17.29
N THR F 472 -53.55 17.21 16.09
CA THR F 472 -54.77 17.89 15.69
C THR F 472 -56.00 17.37 16.44
N GLU F 473 -55.92 16.18 17.03
CA GLU F 473 -57.04 15.59 17.75
C GLU F 473 -56.73 15.37 19.22
N ARG F 474 -55.66 15.99 19.74
CA ARG F 474 -55.30 15.76 21.13
C ARG F 474 -56.31 16.38 22.08
N LEU F 475 -56.90 17.53 21.70
CA LEU F 475 -57.84 18.21 22.59
C LEU F 475 -59.09 17.37 22.84
N ILE F 476 -59.59 16.71 21.78
CA ILE F 476 -60.80 15.90 21.92
C ILE F 476 -60.57 14.73 22.87
N SER F 477 -59.42 14.07 22.74
CA SER F 477 -59.11 12.88 23.53
C SER F 477 -58.32 13.19 24.79
N GLN F 478 -58.06 14.45 25.08
CA GLN F 478 -57.29 14.79 26.28
C GLN F 478 -58.12 14.57 27.54
N SER F 479 -57.50 13.98 28.55
CA SER F 479 -58.11 13.85 29.86
C SER F 479 -58.11 15.22 30.52
N GLN F 480 -59.25 15.90 30.48
CA GLN F 480 -59.33 17.28 30.97
C GLN F 480 -59.07 17.36 32.47
N LEU F 481 -59.61 16.40 33.23
CA LEU F 481 -59.44 16.42 34.68
C LEU F 481 -57.97 16.23 35.05
N GLY F 482 -57.52 17.02 36.01
CA GLY F 482 -56.15 16.95 36.46
C GLY F 482 -55.66 18.30 36.91
N LYS F 483 -54.41 18.32 37.38
CA LYS F 483 -53.80 19.57 37.82
C LYS F 483 -53.56 20.51 36.64
N PHE F 484 -52.97 19.99 35.57
CA PHE F 484 -52.71 20.76 34.35
C PHE F 484 -53.71 20.34 33.28
N LYS F 485 -54.46 21.30 32.76
CA LYS F 485 -55.50 21.05 31.77
C LYS F 485 -55.16 21.76 30.47
N ASN F 486 -55.74 21.25 29.38
CA ASN F 486 -55.62 21.85 28.05
C ASN F 486 -54.15 22.07 27.66
N ILE F 487 -53.41 20.97 27.60
CA ILE F 487 -52.00 21.04 27.23
C ILE F 487 -51.90 21.31 25.74
N ILE F 488 -51.30 22.44 25.39
CA ILE F 488 -51.16 22.89 24.00
C ILE F 488 -49.69 23.14 23.73
N ALA F 489 -49.21 22.62 22.59
CA ALA F 489 -47.83 22.81 22.18
C ALA F 489 -47.67 23.61 20.89
N SER F 490 -48.68 23.66 20.05
CA SER F 490 -48.61 24.34 18.77
C SER F 490 -50.02 24.74 18.35
N PRO F 491 -50.15 25.70 17.43
CA PRO F 491 -51.49 26.06 16.92
C PRO F 491 -52.21 24.91 16.25
N LEU F 492 -51.49 23.87 15.81
CA LEU F 492 -52.13 22.70 15.23
C LEU F 492 -53.01 21.97 16.23
N SER F 493 -52.72 22.09 17.53
CA SER F 493 -53.54 21.43 18.55
C SER F 493 -54.95 22.00 18.60
N ALA F 494 -55.13 23.26 18.19
CA ALA F 494 -56.45 23.88 18.25
C ALA F 494 -57.41 23.25 17.25
N GLY F 495 -56.91 22.85 16.08
CA GLY F 495 -57.76 22.26 15.07
C GLY F 495 -57.53 22.83 13.68
N PHE F 496 -56.53 23.68 13.55
CA PHE F 496 -56.22 24.31 12.26
C PHE F 496 -55.59 23.29 11.31
N ASN F 497 -56.41 22.66 10.47
CA ASN F 497 -55.95 21.62 9.57
C ASN F 497 -55.77 22.18 8.17
N TYR F 498 -54.76 21.66 7.47
CA TYR F 498 -54.49 22.09 6.11
C TYR F 498 -55.59 21.62 5.17
N GLY F 499 -55.75 22.34 4.07
CA GLY F 499 -56.76 22.01 3.08
C GLY F 499 -56.33 20.87 2.18
N LYS F 500 -57.05 20.73 1.07
CA LYS F 500 -56.78 19.68 0.10
C LYS F 500 -55.49 20.02 -0.64
N LEU F 501 -54.39 19.41 -0.22
CA LEU F 501 -53.10 19.67 -0.85
C LEU F 501 -53.02 18.96 -2.20
N PRO F 502 -52.19 19.46 -3.11
CA PRO F 502 -52.02 18.80 -4.40
C PRO F 502 -51.42 17.40 -4.23
N LEU F 503 -51.80 16.51 -5.14
CA LEU F 503 -51.39 15.12 -5.03
C LEU F 503 -49.88 14.98 -5.23
N PRO F 504 -49.23 14.10 -4.48
CA PRO F 504 -47.76 14.00 -4.55
C PRO F 504 -47.24 13.70 -5.94
N PRO F 505 -47.94 12.90 -6.78
CA PRO F 505 -47.43 12.68 -8.15
C PRO F 505 -47.14 13.97 -8.92
N SER F 506 -47.98 14.99 -8.77
CA SER F 506 -47.74 16.25 -9.46
C SER F 506 -46.73 17.13 -8.73
N VAL F 507 -46.42 16.82 -7.48
CA VAL F 507 -45.60 17.68 -6.63
C VAL F 507 -44.15 17.26 -6.74
N GLU F 508 -43.26 18.23 -7.00
CA GLU F 508 -41.84 17.94 -7.00
C GLU F 508 -41.32 17.66 -5.60
N TRP F 509 -41.71 18.50 -4.63
CA TRP F 509 -41.32 18.29 -3.25
C TRP F 509 -42.21 19.12 -2.34
N MET F 510 -42.46 18.60 -1.14
CA MET F 510 -43.21 19.30 -0.10
C MET F 510 -42.31 19.52 1.10
N LYS F 511 -42.72 20.47 1.95
CA LYS F 511 -42.09 20.64 3.26
C LYS F 511 -43.03 21.45 4.14
N VAL F 512 -43.41 20.87 5.29
CA VAL F 512 -44.20 21.60 6.26
C VAL F 512 -43.39 22.79 6.78
N SER F 513 -44.05 23.93 6.94
CA SER F 513 -43.40 25.11 7.46
C SER F 513 -42.93 24.87 8.88
N PRO F 514 -41.90 25.61 9.33
CA PRO F 514 -41.33 25.33 10.66
C PRO F 514 -42.33 25.39 11.80
N SER F 515 -43.32 26.28 11.73
CA SER F 515 -44.33 26.39 12.77
C SER F 515 -45.54 25.51 12.51
N MET F 516 -45.50 24.69 11.46
CA MET F 516 -46.58 23.77 11.08
C MET F 516 -47.86 24.50 10.71
N CYS F 517 -47.80 25.82 10.49
CA CYS F 517 -48.99 26.58 10.13
C CYS F 517 -49.39 26.34 8.68
N GLY F 518 -48.43 26.00 7.83
CA GLY F 518 -48.70 25.77 6.43
C GLY F 518 -47.65 24.88 5.80
N VAL F 519 -47.87 24.55 4.52
CA VAL F 519 -47.02 23.65 3.76
C VAL F 519 -46.55 24.35 2.49
N ILE F 520 -45.29 24.12 2.11
CA ILE F 520 -44.73 24.62 0.86
C ILE F 520 -44.84 23.52 -0.17
N VAL F 521 -45.42 23.83 -1.32
CA VAL F 521 -45.54 22.89 -2.43
C VAL F 521 -44.90 23.53 -3.66
N LYS F 522 -44.03 22.77 -4.32
CA LYS F 522 -43.46 23.16 -5.60
C LYS F 522 -44.10 22.30 -6.68
N GLN F 523 -44.58 22.94 -7.73
CA GLN F 523 -45.38 22.28 -8.75
C GLN F 523 -44.60 22.20 -10.05
N TYR F 524 -44.94 21.20 -10.86
CA TYR F 524 -44.24 21.01 -12.14
C TYR F 524 -44.54 22.15 -13.10
N ASN F 525 -45.81 22.51 -13.26
CA ASN F 525 -46.22 23.54 -14.22
C ASN F 525 -46.23 24.94 -13.62
N LYS F 526 -45.93 25.09 -12.33
CA LYS F 526 -45.87 26.38 -11.68
C LYS F 526 -44.42 26.84 -11.57
N LYS F 527 -44.09 27.95 -12.23
CA LYS F 527 -42.73 28.47 -12.17
C LYS F 527 -42.42 29.13 -10.83
N TRP F 528 -43.42 29.32 -9.97
CA TRP F 528 -43.22 29.93 -8.66
C TRP F 528 -43.69 28.97 -7.57
N PRO F 529 -43.09 29.04 -6.39
CA PRO F 529 -43.56 28.20 -5.28
C PRO F 529 -44.96 28.60 -4.86
N GLN F 530 -45.75 27.61 -4.46
CA GLN F 530 -47.10 27.84 -3.97
C GLN F 530 -47.06 27.97 -2.45
N PHE F 531 -48.24 28.02 -1.82
CA PHE F 531 -48.34 28.07 -0.37
C PHE F 531 -49.77 27.76 0.02
N TYR F 532 -49.92 26.93 1.05
CA TYR F 532 -51.23 26.55 1.57
C TYR F 532 -51.24 26.80 3.07
N ALA F 533 -52.30 27.43 3.57
CA ALA F 533 -52.44 27.76 4.98
C ALA F 533 -53.49 26.87 5.62
N ALA F 534 -53.55 26.95 6.95
CA ALA F 534 -54.49 26.15 7.72
C ALA F 534 -55.84 26.85 7.82
N VAL F 535 -56.91 26.06 7.80
CA VAL F 535 -58.27 26.57 7.87
C VAL F 535 -59.00 25.90 9.03
N GLN F 536 -60.06 26.56 9.49
CA GLN F 536 -60.89 26.05 10.58
C GLN F 536 -62.34 26.08 10.15
N LYS F 537 -63.04 24.95 10.32
CA LYS F 537 -64.41 24.84 9.82
C LYS F 537 -65.40 25.58 10.70
N ASN F 538 -65.20 25.56 12.02
CA ASN F 538 -66.15 26.16 12.94
C ASN F 538 -65.74 27.57 13.32
N TYR F 539 -65.70 28.45 12.31
CA TYR F 539 -65.37 29.85 12.53
C TYR F 539 -66.56 30.66 13.01
N ALA F 540 -67.78 30.10 12.95
CA ALA F 540 -68.97 30.80 13.40
C ALA F 540 -69.21 30.67 14.90
N ASP F 541 -68.45 29.82 15.60
CA ASP F 541 -68.63 29.64 17.03
C ASP F 541 -67.80 30.67 17.79
N PRO F 542 -68.44 31.60 18.52
CA PRO F 542 -67.66 32.65 19.20
C PRO F 542 -66.96 32.19 20.47
N GLU F 543 -67.38 31.08 21.07
CA GLU F 543 -66.83 30.68 22.37
C GLU F 543 -65.40 30.15 22.28
N LYS F 544 -64.93 29.81 21.09
CA LYS F 544 -63.60 29.24 20.92
C LYS F 544 -62.51 30.29 20.71
N ASP F 545 -62.85 31.58 20.73
CA ASP F 545 -61.85 32.61 20.50
C ASP F 545 -60.84 32.67 21.64
N SER F 546 -61.24 32.30 22.85
CA SER F 546 -60.31 32.34 23.98
C SER F 546 -59.16 31.34 23.80
N ILE F 547 -59.48 30.12 23.36
CA ILE F 547 -58.45 29.10 23.18
C ILE F 547 -57.55 29.43 22.00
N ASN F 548 -58.15 29.86 20.88
CA ASN F 548 -57.38 30.06 19.66
C ASN F 548 -56.33 31.16 19.83
N ALA F 549 -56.70 32.26 20.50
CA ALA F 549 -55.74 33.34 20.69
C ALA F 549 -54.57 32.89 21.55
N THR F 550 -54.83 32.06 22.56
CA THR F 550 -53.75 31.55 23.40
C THR F 550 -52.88 30.57 22.63
N ALA F 551 -53.48 29.75 21.76
CA ALA F 551 -52.71 28.77 21.01
C ALA F 551 -51.73 29.45 20.05
N LEU F 552 -52.20 30.47 19.33
CA LEU F 552 -51.31 31.22 18.45
C LEU F 552 -50.32 32.07 19.23
N ALA F 553 -50.64 32.42 20.48
CA ALA F 553 -49.71 33.18 21.30
C ALA F 553 -48.45 32.37 21.61
N PHE F 554 -48.60 31.09 21.92
CA PHE F 554 -47.45 30.25 22.22
C PHE F 554 -46.67 29.85 20.97
N GLY F 555 -47.29 29.95 19.79
CA GLY F 555 -46.58 29.62 18.56
C GLY F 555 -45.37 30.51 18.35
N TYR F 556 -45.49 31.80 18.65
CA TYR F 556 -44.36 32.71 18.53
C TYR F 556 -43.35 32.51 19.65
N VAL F 557 -43.79 32.02 20.82
CA VAL F 557 -42.90 31.88 21.96
C VAL F 557 -41.75 30.93 21.62
N LYS F 558 -42.06 29.81 20.97
CA LYS F 558 -41.00 28.88 20.57
C LYS F 558 -40.16 29.48 19.44
N SER F 559 -40.78 30.26 18.54
CA SER F 559 -40.06 30.78 17.39
C SER F 559 -38.96 31.75 17.80
N LEU F 560 -39.25 32.65 18.74
CA LEU F 560 -38.24 33.61 19.18
C LEU F 560 -37.08 32.91 19.88
N HIS F 561 -37.38 31.89 20.69
CA HIS F 561 -36.33 31.16 21.38
C HIS F 561 -35.42 30.43 20.40
N LYS F 562 -35.94 30.03 19.25
CA LYS F 562 -35.15 29.38 18.21
C LYS F 562 -34.67 30.36 17.15
N GLN F 563 -34.91 31.66 17.33
CA GLN F 563 -34.45 32.70 16.41
C GLN F 563 -34.98 32.47 14.99
N ILE F 564 -36.24 32.02 14.89
CA ILE F 564 -36.89 31.79 13.61
C ILE F 564 -37.69 33.04 13.24
N SER F 565 -37.73 33.36 11.95
CA SER F 565 -38.49 34.53 11.49
C SER F 565 -39.98 34.35 11.76
N ALA F 566 -40.49 33.13 11.59
CA ALA F 566 -41.89 32.81 11.81
C ALA F 566 -42.81 33.65 10.92
N GLU F 567 -42.39 33.85 9.66
CA GLU F 567 -43.24 34.54 8.71
C GLU F 567 -44.42 33.67 8.28
N ASP F 568 -44.26 32.34 8.36
CA ASP F 568 -45.35 31.43 8.04
C ASP F 568 -46.51 31.57 9.01
N LEU F 569 -46.21 31.75 10.31
CA LEU F 569 -47.26 31.85 11.31
C LEU F 569 -48.05 33.14 11.17
N THR F 570 -47.38 34.22 10.75
CA THR F 570 -48.05 35.51 10.61
C THR F 570 -49.14 35.45 9.55
N ILE F 571 -48.88 34.78 8.43
CA ILE F 571 -49.88 34.68 7.36
C ILE F 571 -51.11 33.92 7.84
N ALA F 572 -50.91 32.82 8.57
CA ALA F 572 -52.03 32.00 9.02
C ALA F 572 -52.93 32.74 9.99
N ALA F 573 -52.35 33.55 10.88
CA ALA F 573 -53.15 34.28 11.86
C ALA F 573 -54.05 35.31 11.17
N LYS F 574 -53.53 35.98 10.13
CA LYS F 574 -54.29 37.04 9.48
C LYS F 574 -55.51 36.49 8.74
N THR F 575 -55.39 35.31 8.12
CA THR F 575 -56.51 34.77 7.36
C THR F 575 -57.71 34.47 8.26
N HIS F 576 -57.45 33.93 9.45
CA HIS F 576 -58.55 33.68 10.39
C HIS F 576 -59.19 34.98 10.85
N ILE F 577 -58.37 36.00 11.12
CA ILE F 577 -58.90 37.30 11.54
C ILE F 577 -59.74 37.91 10.43
N LEU F 578 -59.30 37.76 9.18
CA LEU F 578 -60.03 38.33 8.06
C LEU F 578 -61.42 37.73 7.94
N ARG F 579 -61.53 36.41 8.15
CA ARG F 579 -62.84 35.77 8.08
C ARG F 579 -63.74 36.22 9.23
N ILE F 580 -63.16 36.53 10.39
CA ILE F 580 -63.95 37.05 11.51
C ILE F 580 -64.48 38.43 11.19
N SER F 581 -63.64 39.30 10.63
CA SER F 581 -64.03 40.67 10.35
C SER F 581 -65.10 40.77 9.28
N PHE F 582 -65.22 39.76 8.41
CA PHE F 582 -66.24 39.80 7.36
C PHE F 582 -67.64 39.75 7.93
N LEU F 583 -67.83 39.03 9.04
CA LEU F 583 -69.15 38.93 9.67
C LEU F 583 -69.36 40.00 10.72
N ASP F 584 -68.45 40.12 11.69
CA ASP F 584 -68.56 41.09 12.76
C ASP F 584 -67.21 41.77 12.93
N ARG F 585 -67.15 43.08 12.63
CA ARG F 585 -65.90 43.81 12.76
C ARG F 585 -65.55 44.06 14.21
N LYS F 586 -66.55 44.21 15.09
CA LYS F 586 -66.28 44.45 16.50
C LYS F 586 -65.59 43.26 17.15
N ARG F 587 -65.98 42.05 16.78
CA ARG F 587 -65.41 40.85 17.41
C ARG F 587 -63.93 40.71 17.10
N ALA F 588 -63.53 41.03 15.86
CA ALA F 588 -62.15 40.81 15.45
C ALA F 588 -61.16 41.69 16.23
N LYS F 589 -61.60 42.89 16.63
CA LYS F 589 -60.70 43.79 17.37
C LYS F 589 -60.31 43.20 18.72
N GLU F 590 -61.28 42.59 19.43
CA GLU F 590 -60.98 41.99 20.72
C GLU F 590 -60.08 40.78 20.59
N PHE F 591 -60.13 40.09 19.44
CA PHE F 591 -59.28 38.93 19.23
C PHE F 591 -57.81 39.31 19.27
N ILE F 592 -57.45 40.45 18.68
CA ILE F 592 -56.07 40.91 18.70
C ILE F 592 -55.62 41.21 20.12
N THR F 593 -56.46 41.90 20.89
CA THR F 593 -56.06 42.33 22.24
C THR F 593 -55.78 41.13 23.14
N THR F 594 -56.65 40.13 23.11
CA THR F 594 -56.43 38.93 23.94
C THR F 594 -55.21 38.15 23.45
N LEU F 595 -55.00 38.10 22.14
CA LEU F 595 -53.91 37.29 21.59
C LEU F 595 -52.55 37.83 22.02
N LEU F 596 -52.33 39.13 21.86
CA LEU F 596 -51.04 39.72 22.20
C LEU F 596 -50.82 39.79 23.70
N LYS F 597 -51.90 39.79 24.49
CA LYS F 597 -51.75 39.83 25.95
C LYS F 597 -51.07 38.57 26.45
N SER F 598 -51.40 37.41 25.87
CA SER F 598 -50.83 36.15 26.33
C SER F 598 -49.33 36.07 26.06
N LEU F 599 -48.84 36.81 25.07
CA LEU F 599 -47.40 36.83 24.80
C LEU F 599 -46.62 37.35 26.00
N TYR F 600 -47.13 38.42 26.63
CA TYR F 600 -46.45 39.01 27.78
C TYR F 600 -46.42 38.03 28.95
N SER F 601 -47.52 37.33 29.19
CA SER F 601 -47.55 36.36 30.29
C SER F 601 -46.62 35.19 30.02
N PHE F 602 -46.55 34.72 28.77
CA PHE F 602 -45.71 33.58 28.44
C PHE F 602 -44.23 33.91 28.64
N PHE F 603 -43.81 35.11 28.25
CA PHE F 603 -42.41 35.51 28.32
C PHE F 603 -42.04 36.13 29.67
N ASN F 604 -42.96 36.13 30.64
CA ASN F 604 -42.72 36.69 31.97
C ASN F 604 -42.33 38.16 31.90
N ILE F 605 -42.98 38.90 31.01
CA ILE F 605 -42.85 40.34 30.91
C ILE F 605 -44.22 40.96 31.17
N SER F 606 -44.26 41.97 32.04
CA SER F 606 -45.54 42.54 32.47
C SER F 606 -45.59 44.03 32.20
N PRO F 607 -46.51 44.50 31.34
CA PRO F 607 -46.66 45.94 31.12
C PRO F 607 -47.28 46.69 32.28
N ASP F 608 -47.71 46.00 33.34
CA ASP F 608 -48.20 46.63 34.55
C ASP F 608 -47.17 46.60 35.68
N ALA F 609 -45.91 46.30 35.36
CA ALA F 609 -44.85 46.21 36.36
C ALA F 609 -44.37 47.60 36.74
N PRO F 610 -43.58 47.72 37.80
CA PRO F 610 -42.95 49.01 38.12
C PRO F 610 -42.06 49.51 36.99
N LYS F 611 -41.63 50.75 37.13
CA LYS F 611 -40.94 51.45 36.05
C LYS F 611 -39.55 50.88 35.77
N GLU F 612 -38.96 50.13 36.71
CA GLU F 612 -37.63 49.60 36.49
C GLU F 612 -37.60 48.62 35.32
N ILE F 613 -38.59 47.73 35.24
CA ILE F 613 -38.65 46.77 34.14
C ILE F 613 -38.94 47.48 32.82
N MET F 614 -39.55 48.67 32.90
CA MET F 614 -39.99 49.35 31.68
C MET F 614 -38.80 49.76 30.81
N ASP F 615 -37.68 50.11 31.45
CA ASP F 615 -36.46 50.41 30.68
C ASP F 615 -35.98 49.17 29.92
N LYS F 616 -36.09 48.00 30.53
CA LYS F 616 -35.69 46.77 29.85
C LYS F 616 -36.57 46.48 28.64
N ILE F 617 -37.83 46.89 28.69
CA ILE F 617 -38.76 46.61 27.59
C ILE F 617 -38.33 47.35 26.33
N ILE F 618 -37.92 48.61 26.46
CA ILE F 618 -37.62 49.44 25.29
C ILE F 618 -36.46 48.86 24.50
N THR F 619 -35.43 48.37 25.19
CA THR F 619 -34.27 47.80 24.53
C THR F 619 -34.51 46.37 24.06
N SER F 620 -35.66 45.78 24.36
CA SER F 620 -35.91 44.39 24.03
C SER F 620 -36.14 44.21 22.53
N ARG F 621 -35.52 43.17 21.99
CA ARG F 621 -35.76 42.79 20.60
C ARG F 621 -37.22 42.47 20.29
N PRO F 622 -37.99 41.78 21.14
CA PRO F 622 -39.35 41.36 20.73
C PRO F 622 -40.24 42.48 20.22
N LEU F 623 -40.13 43.70 20.74
CA LEU F 623 -41.00 44.77 20.26
C LEU F 623 -40.79 45.04 18.78
N GLN F 624 -39.58 44.75 18.26
CA GLN F 624 -39.36 44.84 16.82
C GLN F 624 -40.19 43.81 16.06
N LYS F 625 -40.70 42.78 16.73
CA LYS F 625 -41.48 41.72 16.10
C LYS F 625 -42.90 41.63 16.61
N ILE F 626 -43.12 41.74 17.92
CA ILE F 626 -44.49 41.64 18.44
C ILE F 626 -45.32 42.83 17.99
N MET F 627 -44.71 44.02 17.94
CA MET F 627 -45.41 45.17 17.36
C MET F 627 -45.60 45.01 15.86
N LEU F 628 -44.67 44.33 15.19
CA LEU F 628 -44.83 44.03 13.77
C LEU F 628 -46.02 43.11 13.52
N LEU F 629 -46.44 42.34 14.53
CA LEU F 629 -47.59 41.45 14.35
C LEU F 629 -48.85 42.24 14.05
N GLN F 630 -49.16 43.23 14.89
CA GLN F 630 -50.33 44.07 14.63
C GLN F 630 -50.11 44.97 13.43
N LEU F 631 -48.87 45.21 13.03
CA LEU F 631 -48.61 45.96 11.80
C LEU F 631 -49.13 45.21 10.58
N GLU F 632 -49.14 43.88 10.64
CA GLU F 632 -49.69 43.06 9.57
C GLU F 632 -51.10 42.58 9.86
N LEU F 633 -51.41 42.27 11.12
CA LEU F 633 -52.73 41.78 11.48
C LEU F 633 -53.78 42.88 11.47
N GLY F 634 -53.38 44.15 11.47
CA GLY F 634 -54.30 45.26 11.40
C GLY F 634 -54.24 46.07 10.12
N SER F 635 -53.64 45.54 9.05
CA SER F 635 -53.48 46.32 7.83
C SER F 635 -54.80 46.54 7.11
N CYS F 636 -55.66 45.52 7.08
CA CYS F 636 -56.92 45.64 6.35
C CYS F 636 -57.82 46.73 6.93
N PHE F 637 -57.72 46.98 8.23
CA PHE F 637 -58.59 47.97 8.86
C PHE F 637 -58.16 49.39 8.48
N SER F 638 -58.79 49.92 7.44
CA SER F 638 -58.47 51.27 6.99
C SER F 638 -58.92 52.31 8.02
N GLN F 639 -58.16 53.40 8.11
CA GLN F 639 -58.45 54.51 9.03
C GLN F 639 -58.51 54.03 10.47
N GLU F 640 -57.70 53.04 10.83
CA GLU F 640 -57.64 52.51 12.17
C GLU F 640 -56.26 52.75 12.77
N ASN F 641 -56.22 52.97 14.08
CA ASN F 641 -55.01 53.39 14.78
C ASN F 641 -54.29 52.24 15.46
N ILE F 642 -54.70 50.99 15.22
CA ILE F 642 -54.01 49.86 15.81
C ILE F 642 -52.60 49.74 15.23
N GLU F 643 -52.49 49.82 13.90
CA GLU F 643 -51.17 49.76 13.27
C GLU F 643 -50.42 51.07 13.42
N GLU F 644 -51.14 52.20 13.43
CA GLU F 644 -50.50 53.50 13.57
C GLU F 644 -49.84 53.64 14.93
N MET F 645 -50.50 53.16 15.99
CA MET F 645 -49.93 53.25 17.33
C MET F 645 -48.65 52.42 17.44
N ALA F 646 -48.62 51.24 16.81
CA ALA F 646 -47.41 50.42 16.88
C ALA F 646 -46.28 51.03 16.06
N ARG F 647 -46.61 51.61 14.90
CA ARG F 647 -45.57 52.14 14.02
C ARG F 647 -44.87 53.36 14.63
N VAL F 648 -45.63 54.25 15.26
CA VAL F 648 -45.03 55.44 15.84
C VAL F 648 -44.09 55.07 16.98
N ILE F 649 -44.49 54.10 17.82
CA ILE F 649 -43.60 53.60 18.85
C ILE F 649 -42.39 52.90 18.23
N LEU F 650 -42.63 52.10 17.20
CA LEU F 650 -41.53 51.41 16.51
C LEU F 650 -40.59 52.42 15.86
N TYR F 651 -41.13 53.45 15.21
CA TYR F 651 -40.28 54.46 14.61
C TYR F 651 -39.60 55.32 15.66
N LEU F 652 -40.25 55.53 16.80
CA LEU F 652 -39.59 56.21 17.91
C LEU F 652 -38.39 55.41 18.39
N LYS F 653 -38.46 54.08 18.34
CA LYS F 653 -37.30 53.26 18.62
C LYS F 653 -36.17 53.54 17.63
N ASN F 654 -36.51 53.69 16.34
CA ASN F 654 -35.52 54.14 15.37
C ASN F 654 -35.05 55.55 15.69
N VAL F 655 -35.97 56.43 16.10
CA VAL F 655 -35.58 57.75 16.60
C VAL F 655 -34.71 57.61 17.83
N LEU F 656 -35.01 56.63 18.70
CA LEU F 656 -34.18 56.38 19.86
C LEU F 656 -32.76 55.98 19.46
N PHE F 657 -32.64 55.11 18.46
CA PHE F 657 -31.31 54.68 18.01
C PHE F 657 -30.52 55.81 17.39
N ALA F 658 -31.19 56.89 16.98
CA ALA F 658 -30.50 57.99 16.30
C ALA F 658 -29.72 58.84 17.29
N PHE F 659 -30.40 59.45 18.26
CA PHE F 659 -29.74 60.37 19.18
C PHE F 659 -28.93 59.62 20.24
N ASN F 660 -29.59 58.74 21.00
CA ASN F 660 -28.86 58.00 22.03
C ASN F 660 -27.89 56.99 21.45
N GLY F 661 -28.10 56.56 20.20
CA GLY F 661 -27.11 55.74 19.54
C GLY F 661 -25.79 56.48 19.29
N VAL F 662 -25.87 57.79 19.08
CA VAL F 662 -24.67 58.59 18.86
C VAL F 662 -24.28 59.40 20.09
N ALA F 663 -25.19 59.59 21.05
CA ALA F 663 -24.84 60.30 22.27
C ALA F 663 -23.76 59.57 23.04
N ARG F 664 -23.86 58.24 23.12
CA ARG F 664 -22.78 57.45 23.70
C ARG F 664 -21.51 57.56 22.86
N ASN F 665 -21.64 57.50 21.54
CA ASN F 665 -20.47 57.62 20.66
C ASN F 665 -19.82 58.99 20.78
N PHE F 666 -20.63 60.04 20.84
CA PHE F 666 -20.08 61.40 20.94
C PHE F 666 -19.40 61.64 22.28
N HIS F 667 -19.89 60.99 23.35
CA HIS F 667 -19.29 61.19 24.67
C HIS F 667 -17.85 60.72 24.70
N PHE F 668 -17.56 59.56 24.09
CA PHE F 668 -16.19 59.05 24.07
C PHE F 668 -15.26 59.92 23.22
N ALA F 669 -15.80 60.68 22.27
CA ALA F 669 -14.97 61.57 21.47
C ALA F 669 -14.41 62.74 22.28
N ILE F 670 -15.04 63.07 23.41
CA ILE F 670 -14.55 64.17 24.24
C ILE F 670 -13.20 63.82 24.85
N GLU F 671 -13.08 62.59 25.37
CA GLU F 671 -11.84 62.18 26.01
C GLU F 671 -10.72 62.01 25.00
N GLN F 672 -11.03 61.62 23.77
CA GLN F 672 -10.00 61.43 22.75
C GLN F 672 -9.31 62.74 22.39
N ILE F 673 -10.00 63.87 22.60
CA ILE F 673 -9.41 65.16 22.25
C ILE F 673 -8.25 65.49 23.17
N SER F 674 -8.44 65.30 24.48
CA SER F 674 -7.42 65.73 25.45
C SER F 674 -6.17 64.86 25.37
N ASN F 675 -6.35 63.54 25.29
CA ASN F 675 -5.21 62.63 25.33
C ASN F 675 -4.43 62.60 24.02
N ASN F 676 -5.03 63.04 22.92
CA ASN F 676 -4.38 63.04 21.62
C ASN F 676 -4.02 64.45 21.14
N SER F 677 -3.83 65.37 22.09
CA SER F 677 -3.47 66.74 21.78
C SER F 677 -1.97 66.98 21.75
N ASN F 678 -1.16 65.95 21.95
CA ASN F 678 0.29 66.10 21.96
C ASN F 678 0.92 65.90 20.58
N GLN F 679 0.14 65.48 19.58
CA GLN F 679 0.63 65.31 18.22
C GLN F 679 -0.38 65.94 17.26
N GLN F 680 -0.10 67.16 16.83
CA GLN F 680 -1.02 67.89 15.97
C GLN F 680 -0.71 67.71 14.48
N GLN F 681 0.56 67.52 14.12
CA GLN F 681 0.97 67.44 12.73
C GLN F 681 0.88 66.02 12.15
N ASN F 682 0.49 65.03 12.95
CA ASN F 682 0.40 63.68 12.45
C ASN F 682 -0.72 63.56 11.42
N PRO F 683 -0.56 62.69 10.42
CA PRO F 683 -1.59 62.54 9.39
C PRO F 683 -2.82 61.77 9.86
N LYS F 684 -2.84 61.28 11.10
CA LYS F 684 -3.99 60.58 11.64
C LYS F 684 -4.96 61.49 12.37
N LEU F 685 -4.46 62.56 13.01
CA LEU F 685 -5.34 63.48 13.71
C LEU F 685 -6.21 64.29 12.75
N PHE F 686 -5.67 64.63 11.57
CA PHE F 686 -6.43 65.44 10.63
C PHE F 686 -7.69 64.73 10.17
N GLN F 687 -7.59 63.43 9.87
CA GLN F 687 -8.78 62.66 9.56
C GLN F 687 -9.67 62.47 10.79
N THR F 688 -9.05 62.37 11.97
CA THR F 688 -9.84 62.29 13.20
C THR F 688 -10.60 63.59 13.45
N ILE F 689 -9.95 64.73 13.22
CA ILE F 689 -10.60 66.02 13.42
C ILE F 689 -11.75 66.20 12.43
N PHE F 690 -11.53 65.83 11.16
CA PHE F 690 -12.56 65.98 10.15
C PHE F 690 -13.79 65.15 10.49
N SER F 691 -13.58 63.91 10.94
CA SER F 691 -14.71 63.04 11.27
C SER F 691 -15.50 63.53 12.47
N LYS F 692 -14.89 64.28 13.38
CA LYS F 692 -15.60 64.74 14.57
C LYS F 692 -16.75 65.67 14.19
N GLN F 693 -16.50 66.63 13.31
CA GLN F 693 -17.52 67.59 12.91
C GLN F 693 -18.38 67.11 11.75
N ASP F 694 -17.99 66.04 11.07
CA ASP F 694 -18.83 65.49 10.01
C ASP F 694 -19.99 64.68 10.58
N LEU F 695 -19.78 63.99 11.71
CA LEU F 695 -20.82 63.12 12.26
C LEU F 695 -22.05 63.93 12.69
N ILE F 696 -21.83 65.07 13.33
CA ILE F 696 -22.95 65.90 13.80
C ILE F 696 -23.77 66.45 12.64
N HIS F 697 -23.17 66.57 11.45
CA HIS F 697 -23.91 67.09 10.30
C HIS F 697 -25.04 66.15 9.88
N SER F 698 -24.78 64.84 9.92
CA SER F 698 -25.77 63.87 9.47
C SER F 698 -26.98 63.77 10.40
N LEU F 699 -26.88 64.29 11.63
CA LEU F 699 -28.01 64.26 12.55
C LEU F 699 -29.06 65.31 12.19
N ILE F 700 -28.68 66.33 11.41
CA ILE F 700 -29.62 67.40 11.09
C ILE F 700 -30.85 66.90 10.34
N PRO F 701 -30.73 66.07 9.30
CA PRO F 701 -31.96 65.56 8.66
C PRO F 701 -32.84 64.75 9.60
N VAL F 702 -32.25 64.04 10.56
CA VAL F 702 -33.06 63.30 11.54
C VAL F 702 -33.82 64.27 12.42
N ALA F 703 -33.18 65.36 12.87
CA ALA F 703 -33.83 66.30 13.77
C ALA F 703 -35.03 66.97 13.11
N LYS F 704 -35.02 67.13 11.79
CA LYS F 704 -36.15 67.73 11.11
C LYS F 704 -37.41 66.89 11.28
N TRP F 705 -37.28 65.56 11.15
CA TRP F 705 -38.42 64.68 11.40
C TRP F 705 -38.75 64.62 12.88
N PHE F 706 -37.75 64.80 13.75
CA PHE F 706 -38.01 64.82 15.18
C PHE F 706 -38.92 65.98 15.57
N VAL F 707 -38.63 67.17 15.03
CA VAL F 707 -39.51 68.32 15.27
C VAL F 707 -40.84 68.14 14.54
N LYS F 708 -40.79 67.65 13.31
CA LYS F 708 -42.01 67.43 12.52
C LYS F 708 -42.95 66.43 13.18
N PHE F 709 -42.44 65.56 14.06
CA PHE F 709 -43.28 64.56 14.70
C PHE F 709 -44.07 65.16 15.86
N ILE F 710 -43.39 65.94 16.71
CA ILE F 710 -44.04 66.49 17.90
C ILE F 710 -45.11 67.51 17.50
N THR F 711 -44.99 68.12 16.33
CA THR F 711 -45.99 69.08 15.89
C THR F 711 -47.30 68.38 15.52
N TYR F 712 -47.21 67.17 14.97
CA TYR F 712 -48.43 66.46 14.56
C TYR F 712 -49.31 66.15 15.76
N LEU F 713 -48.72 65.72 16.87
CA LEU F 713 -49.51 65.42 18.06
C LEU F 713 -50.07 66.69 18.68
N THR F 714 -49.30 67.79 18.63
CA THR F 714 -49.80 69.06 19.14
C THR F 714 -50.92 69.61 18.27
N GLN F 715 -50.83 69.40 16.95
CA GLN F 715 -51.90 69.82 16.05
C GLN F 715 -53.20 69.11 16.37
N GLU F 716 -53.14 67.80 16.67
CA GLU F 716 -54.34 67.04 16.98
C GLU F 716 -54.98 67.49 18.29
N ILE F 717 -54.21 68.11 19.18
CA ILE F 717 -54.78 68.61 20.44
C ILE F 717 -55.83 69.68 20.15
N LEU F 718 -55.51 70.61 19.25
CA LEU F 718 -56.43 71.69 18.94
C LEU F 718 -57.67 71.15 18.22
N ILE F 719 -57.49 70.16 17.35
CA ILE F 719 -58.62 69.62 16.60
C ILE F 719 -59.58 68.87 17.51
N LEU F 720 -59.03 68.09 18.45
CA LEU F 720 -59.87 67.23 19.28
C LEU F 720 -60.73 68.03 20.25
N ILE F 721 -60.30 69.22 20.64
CA ILE F 721 -61.05 70.01 21.61
C ILE F 721 -62.43 70.38 21.07
N ASN F 722 -62.49 70.80 19.80
CA ASN F 722 -63.77 71.22 19.23
C ASN F 722 -64.75 70.05 19.13
N ASP F 723 -64.27 68.88 18.68
CA ASP F 723 -65.13 67.72 18.46
C ASP F 723 -64.56 66.53 19.20
N PRO F 724 -64.94 66.34 20.47
CA PRO F 724 -64.44 65.20 21.24
C PRO F 724 -65.07 63.87 20.85
N THR F 725 -66.13 63.88 20.05
CA THR F 725 -66.86 62.66 19.70
C THR F 725 -66.34 62.00 18.43
N ASN F 726 -65.24 62.48 17.87
CA ASN F 726 -64.70 61.92 16.64
C ASN F 726 -63.84 60.71 16.97
N LYS F 727 -64.30 59.53 16.57
CA LYS F 727 -63.56 58.29 16.86
C LYS F 727 -62.37 58.10 15.92
N GLU F 728 -62.33 58.77 14.78
CA GLU F 728 -61.24 58.61 13.83
C GLU F 728 -59.94 59.24 14.30
N TYR F 729 -59.96 60.03 15.38
CA TYR F 729 -58.78 60.69 15.90
C TYR F 729 -58.45 60.23 17.32
N THR F 730 -58.69 58.96 17.60
CA THR F 730 -58.42 58.40 18.92
C THR F 730 -56.97 57.99 19.11
N LEU F 731 -56.14 58.12 18.07
CA LEU F 731 -54.73 57.76 18.20
C LEU F 731 -54.00 58.68 19.17
N VAL F 732 -54.46 59.93 19.29
CA VAL F 732 -53.79 60.90 20.16
C VAL F 732 -53.83 60.46 21.62
N HIS F 733 -54.87 59.72 22.01
CA HIS F 733 -54.97 59.27 23.40
C HIS F 733 -53.88 58.26 23.75
N GLY F 734 -53.65 57.29 22.87
CA GLY F 734 -52.68 56.25 23.18
C GLY F 734 -51.26 56.74 23.26
N ILE F 735 -50.90 57.71 22.41
CA ILE F 735 -49.52 58.18 22.35
C ILE F 735 -49.09 58.76 23.69
N PHE F 736 -49.93 59.62 24.27
CA PHE F 736 -49.61 60.17 25.58
C PHE F 736 -49.76 59.14 26.69
N GLY F 737 -50.65 58.16 26.50
CA GLY F 737 -50.89 57.17 27.53
C GLY F 737 -49.73 56.23 27.74
N ALA F 738 -48.91 56.02 26.71
CA ALA F 738 -47.76 55.13 26.83
C ALA F 738 -46.80 55.66 27.90
N LYS F 739 -46.40 54.76 28.82
CA LYS F 739 -45.65 55.21 29.99
C LYS F 739 -44.17 55.38 29.68
N MET F 740 -43.57 54.47 28.90
CA MET F 740 -42.16 54.59 28.61
C MET F 740 -41.89 55.67 27.56
N SER F 741 -42.87 55.95 26.68
CA SER F 741 -42.67 56.96 25.67
C SER F 741 -42.48 58.34 26.28
N ARG F 742 -43.25 58.64 27.33
CA ARG F 742 -43.07 59.91 28.03
C ARG F 742 -41.68 60.00 28.66
N THR F 743 -41.22 58.91 29.27
CA THR F 743 -39.86 58.87 29.78
C THR F 743 -38.83 58.86 28.65
N LEU F 744 -39.14 58.17 27.55
CA LEU F 744 -38.19 58.05 26.44
C LEU F 744 -37.92 59.41 25.82
N ILE F 745 -38.97 60.20 25.59
CA ILE F 745 -38.80 61.54 25.04
C ILE F 745 -38.06 62.43 26.04
N LEU F 746 -38.37 62.28 27.33
CA LEU F 746 -37.65 63.03 28.35
C LEU F 746 -36.16 62.69 28.34
N SER F 747 -35.83 61.41 28.18
CA SER F 747 -34.43 61.02 28.05
C SER F 747 -33.81 61.63 26.80
N ILE F 748 -34.56 61.64 25.70
CA ILE F 748 -34.07 62.28 24.48
C ILE F 748 -33.86 63.78 24.71
N LEU F 749 -34.81 64.42 25.38
CA LEU F 749 -34.63 65.83 25.73
C LEU F 749 -33.50 66.03 26.72
N ASN F 750 -33.26 65.04 27.60
CA ASN F 750 -32.17 65.14 28.55
C ASN F 750 -30.81 65.11 27.83
N GLU F 751 -30.61 64.12 26.96
CA GLU F 751 -29.35 64.03 26.23
C GLU F 751 -29.18 65.19 25.26
N ILE F 752 -30.29 65.70 24.71
CA ILE F 752 -30.21 66.89 23.85
C ILE F 752 -29.66 68.07 24.65
N LYS F 753 -30.15 68.26 25.88
CA LYS F 753 -29.58 69.28 26.75
C LYS F 753 -28.12 68.98 27.07
N LYS F 754 -27.81 67.71 27.36
CA LYS F 754 -26.44 67.34 27.66
C LYS F 754 -25.51 67.56 26.47
N VAL F 755 -25.97 67.19 25.26
CA VAL F 755 -25.15 67.37 24.07
C VAL F 755 -24.91 68.86 23.83
N THR F 756 -25.97 69.68 23.90
CA THR F 756 -25.81 71.11 23.71
C THR F 756 -24.93 71.73 24.78
N GLN F 757 -25.09 71.30 26.03
CA GLN F 757 -24.23 71.80 27.11
C GLN F 757 -22.79 71.39 26.88
N ILE F 758 -22.56 70.14 26.44
CA ILE F 758 -21.20 69.68 26.17
C ILE F 758 -20.61 70.43 24.98
N VAL F 759 -21.40 70.61 23.91
CA VAL F 759 -20.93 71.36 22.75
C VAL F 759 -20.61 72.79 23.14
N ALA F 760 -21.48 73.41 23.95
CA ALA F 760 -21.18 74.75 24.46
C ALA F 760 -19.94 74.71 25.36
N LYS F 761 -19.82 73.69 26.20
CA LYS F 761 -18.67 73.55 27.06
C LYS F 761 -17.40 73.24 26.26
N PHE F 762 -17.54 72.44 25.20
CA PHE F 762 -16.41 72.01 24.38
C PHE F 762 -16.72 72.29 22.91
N PRO F 763 -16.61 73.54 22.49
CA PRO F 763 -16.84 73.86 21.07
C PRO F 763 -15.61 73.60 20.23
N GLU F 764 -15.80 73.69 18.91
CA GLU F 764 -14.72 73.52 17.95
C GLU F 764 -14.03 74.87 17.75
N THR F 765 -12.72 74.90 17.98
CA THR F 765 -11.95 76.13 17.92
C THR F 765 -10.88 76.14 16.85
N SER F 766 -10.33 74.99 16.48
CA SER F 766 -9.26 74.95 15.48
C SER F 766 -9.75 75.45 14.13
N TYR F 767 -10.94 75.02 13.71
CA TYR F 767 -11.48 75.38 12.40
C TYR F 767 -12.85 76.00 12.56
N PRO F 768 -12.96 77.34 12.45
CA PRO F 768 -14.28 77.97 12.56
C PRO F 768 -15.28 77.53 11.50
N ILE F 769 -14.80 77.12 10.32
CA ILE F 769 -15.70 76.73 9.24
C ILE F 769 -16.50 75.49 9.62
N LEU F 770 -15.95 74.64 10.49
CA LEU F 770 -16.63 73.42 10.90
C LEU F 770 -17.66 73.64 11.99
N ASN F 771 -17.78 74.88 12.50
CA ASN F 771 -18.75 75.18 13.55
C ASN F 771 -20.18 75.29 13.05
N GLU F 772 -20.39 75.25 11.73
CA GLU F 772 -21.74 75.41 11.19
C GLU F 772 -22.67 74.30 11.68
N SER F 773 -22.19 73.06 11.67
CA SER F 773 -23.02 71.94 12.14
C SER F 773 -23.34 72.09 13.62
N SER F 774 -22.34 72.46 14.43
CA SER F 774 -22.58 72.69 15.84
C SER F 774 -23.53 73.87 16.06
N THR F 775 -23.32 74.95 15.32
CA THR F 775 -24.20 76.12 15.47
C THR F 775 -25.61 75.81 15.00
N PHE F 776 -25.75 75.08 13.89
CA PHE F 776 -27.08 74.74 13.39
C PHE F 776 -27.86 73.91 14.40
N LEU F 777 -27.17 73.06 15.17
CA LEU F 777 -27.87 72.26 16.17
C LEU F 777 -28.52 73.15 17.23
N LYS F 778 -27.82 74.21 17.66
CA LYS F 778 -28.43 75.15 18.59
C LYS F 778 -29.58 75.91 17.94
N LEU F 779 -29.42 76.30 16.68
CA LEU F 779 -30.44 77.12 16.02
C LEU F 779 -31.74 76.35 15.81
N VAL F 780 -31.64 75.08 15.39
CA VAL F 780 -32.86 74.32 15.09
C VAL F 780 -33.70 74.11 16.34
N LEU F 781 -33.06 74.00 17.51
CA LEU F 781 -33.81 73.84 18.75
C LEU F 781 -34.51 75.14 19.13
N SER F 782 -33.80 76.28 19.04
CA SER F 782 -34.39 77.55 19.41
C SER F 782 -35.45 78.00 18.41
N GLU F 783 -35.26 77.69 17.14
CA GLU F 783 -36.18 78.14 16.09
C GLU F 783 -37.39 77.22 15.94
N SER F 784 -37.51 76.18 16.75
CA SER F 784 -38.66 75.30 16.68
C SER F 784 -39.93 76.07 17.01
N PRO F 785 -41.04 75.80 16.33
CA PRO F 785 -42.28 76.56 16.59
C PRO F 785 -42.81 76.40 18.00
N VAL F 786 -42.51 75.29 18.67
CA VAL F 786 -42.93 75.06 20.05
C VAL F 786 -41.69 74.84 20.91
N ASP F 787 -41.65 75.53 22.05
CA ASP F 787 -40.51 75.41 22.95
C ASP F 787 -40.45 74.02 23.56
N PHE F 788 -39.26 73.45 23.59
CA PHE F 788 -39.10 72.09 24.12
C PHE F 788 -39.30 72.05 25.63
N GLU F 789 -38.88 73.11 26.33
CA GLU F 789 -39.06 73.15 27.78
C GLU F 789 -40.53 73.13 28.16
N LYS F 790 -41.36 73.88 27.45
CA LYS F 790 -42.80 73.85 27.70
C LYS F 790 -43.38 72.48 27.36
N PHE F 791 -42.89 71.85 26.28
CA PHE F 791 -43.35 70.52 25.92
C PHE F 791 -42.79 69.46 26.85
N GLU F 792 -41.62 69.71 27.44
CA GLU F 792 -41.05 68.76 28.40
C GLU F 792 -41.94 68.62 29.62
N THR F 793 -42.43 69.75 30.16
CA THR F 793 -43.30 69.70 31.33
C THR F 793 -44.65 69.07 31.00
N PHE F 794 -45.05 69.10 29.73
CA PHE F 794 -46.32 68.52 29.34
C PHE F 794 -46.38 67.03 29.63
N LEU F 795 -45.37 66.29 29.19
CA LEU F 795 -45.38 64.84 29.39
C LEU F 795 -45.06 64.46 30.84
N VAL F 796 -44.28 65.29 31.54
CA VAL F 796 -43.94 65.00 32.93
C VAL F 796 -45.19 65.02 33.80
N ASP F 797 -46.05 66.01 33.60
CA ASP F 797 -47.27 66.11 34.41
C ASP F 797 -48.23 64.97 34.13
N VAL F 798 -48.24 64.45 32.90
CA VAL F 798 -49.13 63.34 32.56
C VAL F 798 -48.74 62.09 33.34
N ASN F 799 -47.44 61.85 33.49
CA ASN F 799 -46.98 60.66 34.21
C ASN F 799 -47.45 60.67 35.66
N ASN F 800 -47.31 61.81 36.35
CA ASN F 800 -47.70 61.88 37.75
C ASN F 800 -49.20 61.68 37.93
N LYS F 801 -50.00 62.28 37.03
CA LYS F 801 -51.45 62.14 37.15
C LYS F 801 -51.90 60.72 36.83
N PHE F 802 -51.20 60.05 35.93
CA PHE F 802 -51.55 58.68 35.56
C PHE F 802 -51.04 57.64 36.56
N ILE F 803 -50.21 58.05 37.52
CA ILE F 803 -49.74 57.14 38.55
C ILE F 803 -50.67 57.16 39.76
N ALA F 804 -51.13 58.37 40.15
CA ALA F 804 -52.06 58.48 41.27
C ALA F 804 -53.39 57.81 40.95
N LEU F 805 -53.79 57.80 39.68
CA LEU F 805 -55.03 57.14 39.30
C LEU F 805 -54.95 55.63 39.51
N CYS F 806 -53.75 55.05 39.36
CA CYS F 806 -53.58 53.63 39.62
C CYS F 806 -53.84 53.30 41.08
N GLU F 807 -53.35 54.14 41.99
CA GLU F 807 -53.60 53.93 43.42
C GLU F 807 -55.07 54.15 43.77
N GLN F 808 -55.75 55.04 43.04
CA GLN F 808 -57.17 55.28 43.31
C GLN F 808 -58.00 54.02 43.07
N GLN F 809 -57.71 53.32 41.97
CA GLN F 809 -58.37 52.05 41.68
C GLN F 809 -57.36 51.14 40.98
N PRO F 810 -57.16 49.92 41.48
CA PRO F 810 -56.18 49.02 40.85
C PRO F 810 -56.73 48.44 39.55
N SER F 811 -55.93 48.52 38.49
CA SER F 811 -56.33 47.99 37.19
C SER F 811 -55.08 47.76 36.36
N GLN F 812 -55.03 46.63 35.66
CA GLN F 812 -53.91 46.31 34.79
C GLN F 812 -54.24 46.40 33.31
N GLU F 813 -55.52 46.42 32.95
CA GLU F 813 -55.89 46.56 31.55
C GLU F 813 -55.62 47.95 31.02
N ARG F 814 -55.61 48.97 31.90
CA ARG F 814 -55.33 50.32 31.44
C ARG F 814 -53.90 50.45 30.93
N GLU F 815 -52.97 49.68 31.49
CA GLU F 815 -51.60 49.68 30.96
C GLU F 815 -51.58 49.15 29.53
N PHE F 816 -52.33 48.09 29.26
CA PHE F 816 -52.45 47.59 27.89
C PHE F 816 -53.19 48.60 27.00
N SER F 817 -54.22 49.24 27.54
CA SER F 817 -55.03 50.16 26.75
C SER F 817 -54.21 51.38 26.30
N LEU F 818 -53.38 51.92 27.20
CA LEU F 818 -52.59 53.09 26.87
C LEU F 818 -51.41 52.77 25.95
N LEU F 819 -51.05 51.49 25.82
CA LEU F 819 -49.89 51.11 25.02
C LEU F 819 -50.28 50.51 23.67
N VAL F 820 -51.31 49.67 23.63
CA VAL F 820 -51.66 48.92 22.42
C VAL F 820 -53.02 49.36 21.87
N LYS F 821 -54.06 49.32 22.72
CA LYS F 821 -55.39 49.66 22.24
C LYS F 821 -55.49 51.11 21.80
N ALA F 822 -54.67 51.99 22.38
CA ALA F 822 -54.71 53.42 22.10
C ALA F 822 -56.09 54.01 22.37
N GLU F 823 -56.78 53.45 23.38
CA GLU F 823 -58.13 53.88 23.74
C GLU F 823 -58.25 53.85 25.26
N ILE F 824 -59.30 54.47 25.76
CA ILE F 824 -59.62 54.49 27.18
C ILE F 824 -60.90 53.68 27.38
N PRO F 825 -60.94 52.76 28.33
CA PRO F 825 -62.14 51.95 28.52
C PRO F 825 -63.31 52.82 28.92
N PRO F 826 -64.53 52.41 28.56
CA PRO F 826 -65.71 53.23 28.91
C PRO F 826 -65.87 53.44 30.41
N GLU F 827 -65.40 52.50 31.23
CA GLU F 827 -65.48 52.67 32.68
C GLU F 827 -64.63 53.84 33.17
N TYR F 828 -63.66 54.28 32.37
CA TYR F 828 -62.80 55.41 32.70
C TYR F 828 -63.09 56.60 31.79
N ALA F 829 -64.36 56.82 31.47
CA ALA F 829 -64.73 57.92 30.57
C ALA F 829 -64.37 59.27 31.17
N LYS F 830 -64.38 59.39 32.49
CA LYS F 830 -64.00 60.65 33.13
C LYS F 830 -62.53 60.98 32.89
N VAL F 831 -61.68 59.96 32.77
CA VAL F 831 -60.26 60.20 32.56
C VAL F 831 -60.02 60.82 31.19
N GLY F 832 -60.80 60.42 30.18
CA GLY F 832 -60.62 60.96 28.85
C GLY F 832 -60.86 62.45 28.78
N ASP F 833 -61.81 62.96 29.57
CA ASP F 833 -62.12 64.39 29.55
C ASP F 833 -60.97 65.22 30.08
N PHE F 834 -60.13 64.65 30.95
CA PHE F 834 -59.01 65.40 31.53
C PHE F 834 -57.98 65.76 30.46
N LEU F 835 -57.73 64.86 29.51
CA LEU F 835 -56.73 65.13 28.49
C LEU F 835 -57.12 66.32 27.63
N LEU F 836 -58.41 66.41 27.27
CA LEU F 836 -58.86 67.51 26.41
C LEU F 836 -58.72 68.86 27.11
N GLN F 837 -59.13 68.94 28.37
CA GLN F 837 -59.16 70.24 29.05
C GLN F 837 -57.78 70.73 29.44
N TYR F 838 -56.92 69.86 29.96
CA TYR F 838 -55.64 70.31 30.51
C TYR F 838 -54.63 70.65 29.44
N ALA F 839 -54.67 69.96 28.29
CA ALA F 839 -53.64 70.15 27.28
C ALA F 839 -53.71 71.55 26.66
N ASN F 840 -54.89 72.17 26.66
CA ASN F 840 -55.04 73.47 26.01
C ASN F 840 -54.25 74.56 26.74
N ASN F 841 -54.34 74.60 28.07
CA ASN F 841 -53.74 75.68 28.84
C ASN F 841 -52.28 75.42 29.18
N ALA F 842 -51.78 74.20 28.99
CA ALA F 842 -50.45 73.86 29.46
C ALA F 842 -49.34 74.37 28.54
N VAL F 843 -49.33 73.92 27.29
CA VAL F 843 -48.25 74.23 26.37
C VAL F 843 -48.68 75.18 25.26
N ILE F 844 -49.92 75.11 24.78
CA ILE F 844 -50.35 75.94 23.67
C ILE F 844 -50.30 77.43 24.03
N SER F 845 -50.40 77.74 25.32
CA SER F 845 -50.36 79.14 25.74
C SER F 845 -49.03 79.81 25.43
N HIS F 846 -47.96 79.04 25.23
CA HIS F 846 -46.64 79.59 24.94
C HIS F 846 -46.23 79.41 23.49
N ALA F 847 -47.15 79.01 22.61
CA ALA F 847 -46.85 78.79 21.21
C ALA F 847 -47.87 79.54 20.34
N ASN F 848 -47.61 79.55 19.04
CA ASN F 848 -48.48 80.21 18.07
C ASN F 848 -49.59 79.24 17.68
N ALA F 849 -50.83 79.53 18.09
CA ALA F 849 -51.94 78.64 17.78
C ALA F 849 -52.23 78.63 16.29
N ALA F 850 -52.21 79.79 15.64
CA ALA F 850 -52.54 79.87 14.22
C ALA F 850 -51.50 79.15 13.36
N ALA F 851 -50.22 79.24 13.75
CA ALA F 851 -49.16 78.66 12.93
C ALA F 851 -49.20 77.14 12.96
N VAL F 852 -49.39 76.55 14.14
CA VAL F 852 -49.33 75.10 14.26
C VAL F 852 -50.48 74.43 13.51
N TYR F 853 -51.66 75.04 13.49
CA TYR F 853 -52.79 74.45 12.79
C TYR F 853 -52.53 74.34 11.29
N PHE F 854 -51.95 75.38 10.69
CA PHE F 854 -51.70 75.40 9.26
C PHE F 854 -50.30 74.90 8.90
N ALA F 855 -49.52 74.45 9.88
CA ALA F 855 -48.18 73.97 9.60
C ALA F 855 -48.23 72.72 8.72
N ASP F 856 -47.22 72.59 7.86
CA ASP F 856 -47.15 71.47 6.92
C ASP F 856 -46.42 70.31 7.57
N THR F 857 -47.19 69.43 8.22
CA THR F 857 -46.66 68.21 8.81
C THR F 857 -46.95 66.98 7.97
N SER F 858 -47.40 67.16 6.72
CA SER F 858 -47.68 66.04 5.85
C SER F 858 -46.38 65.36 5.41
N GLY F 859 -46.51 64.09 5.02
CA GLY F 859 -45.36 63.31 4.61
C GLY F 859 -44.61 62.64 5.73
N LEU F 860 -45.24 62.50 6.92
CA LEU F 860 -44.57 61.85 8.05
C LEU F 860 -44.38 60.35 7.84
N LYS F 861 -45.02 59.76 6.83
CA LYS F 861 -44.92 58.32 6.56
C LYS F 861 -45.37 57.51 7.78
N ILE F 862 -46.47 57.93 8.39
CA ILE F 862 -46.99 57.22 9.56
C ILE F 862 -48.04 56.19 9.16
N SER F 863 -48.99 56.59 8.32
CA SER F 863 -50.03 55.68 7.89
C SER F 863 -49.55 54.79 6.74
N ASN F 864 -50.14 53.60 6.65
CA ASN F 864 -49.76 52.68 5.58
C ASN F 864 -50.23 53.17 4.22
N SER F 865 -51.29 53.98 4.18
CA SER F 865 -51.82 54.46 2.91
C SER F 865 -50.79 55.28 2.15
N GLU F 866 -49.85 55.91 2.84
CA GLU F 866 -48.81 56.72 2.23
C GLU F 866 -47.47 56.00 2.19
N PHE F 867 -47.47 54.68 2.33
CA PHE F 867 -46.29 53.85 2.08
C PHE F 867 -46.35 53.16 0.73
N PHE F 868 -47.42 52.42 0.48
CA PHE F 868 -47.61 51.74 -0.79
C PHE F 868 -48.34 52.64 -1.79
N ASN F 869 -48.11 52.39 -3.07
CA ASN F 869 -48.76 53.18 -4.11
C ASN F 869 -50.26 52.91 -4.11
N PRO F 870 -51.07 53.92 -4.45
CA PRO F 870 -52.54 53.74 -4.39
C PRO F 870 -53.06 52.72 -5.38
N GLU F 871 -52.29 52.35 -6.41
CA GLU F 871 -52.77 51.37 -7.38
C GLU F 871 -52.98 50.00 -6.73
N ILE F 872 -52.09 49.61 -5.82
CA ILE F 872 -52.12 48.28 -5.21
C ILE F 872 -52.62 48.29 -3.79
N PHE F 873 -52.95 49.46 -3.23
CA PHE F 873 -53.39 49.55 -1.83
C PHE F 873 -54.87 49.19 -1.75
N HIS F 874 -55.15 47.92 -1.99
CA HIS F 874 -56.50 47.36 -1.90
C HIS F 874 -56.39 45.85 -1.97
N LEU F 875 -57.47 45.18 -1.54
CA LEU F 875 -57.53 43.73 -1.66
C LEU F 875 -57.64 43.34 -3.13
N LEU F 876 -56.83 42.37 -3.55
CA LEU F 876 -56.76 41.98 -4.95
C LEU F 876 -57.49 40.68 -5.26
N GLN F 877 -57.57 39.76 -4.31
CA GLN F 877 -58.21 38.48 -4.54
C GLN F 877 -59.17 38.15 -3.41
N PRO F 878 -60.21 37.36 -3.68
CA PRO F 878 -61.13 36.97 -2.61
C PRO F 878 -60.44 36.10 -1.57
N LEU F 879 -61.00 36.12 -0.35
CA LEU F 879 -60.43 35.34 0.75
C LEU F 879 -60.46 33.83 0.46
N GLU F 880 -61.37 33.36 -0.40
CA GLU F 880 -61.39 31.95 -0.75
C GLU F 880 -60.13 31.55 -1.49
N GLU F 881 -59.63 32.41 -2.37
CA GLU F 881 -58.41 32.12 -3.12
C GLU F 881 -57.16 32.17 -2.25
N GLY F 882 -57.27 32.64 -1.02
CA GLY F 882 -56.14 32.71 -0.11
C GLY F 882 -55.64 34.14 0.05
N LEU F 883 -54.58 34.26 0.86
CA LEU F 883 -53.98 35.55 1.15
C LEU F 883 -52.70 35.82 0.37
N ILE F 884 -51.99 34.78 -0.04
CA ILE F 884 -50.76 34.92 -0.80
C ILE F 884 -51.12 35.05 -2.28
N ILE F 885 -50.42 35.95 -2.99
CA ILE F 885 -50.72 36.27 -4.37
C ILE F 885 -49.47 36.02 -5.21
N ASP F 886 -49.63 35.30 -6.31
CA ASP F 886 -48.56 35.14 -7.28
C ASP F 886 -48.30 36.44 -8.01
N THR F 887 -47.03 36.65 -8.40
CA THR F 887 -46.65 37.90 -9.06
C THR F 887 -47.35 38.06 -10.40
N ASP F 888 -47.62 36.96 -11.10
CA ASP F 888 -48.19 37.03 -12.44
C ASP F 888 -49.57 37.69 -12.45
N LYS F 889 -50.28 37.71 -11.31
CA LYS F 889 -51.59 38.33 -11.25
C LYS F 889 -51.54 39.83 -10.99
N LEU F 890 -50.37 40.38 -10.68
CA LEU F 890 -50.24 41.80 -10.43
C LEU F 890 -50.38 42.60 -11.73
N PRO F 891 -50.75 43.87 -11.63
CA PRO F 891 -50.81 44.71 -12.83
C PRO F 891 -49.45 44.85 -13.48
N ILE F 892 -49.46 45.08 -14.80
CA ILE F 892 -48.22 45.11 -15.57
C ILE F 892 -47.29 46.20 -15.03
N LYS F 893 -47.84 47.38 -14.74
CA LYS F 893 -47.02 48.44 -14.16
C LYS F 893 -46.72 48.22 -12.69
N ASN F 894 -47.35 47.23 -12.05
CA ASN F 894 -47.18 46.97 -10.63
C ASN F 894 -46.56 45.59 -10.39
N ARG F 895 -45.74 45.11 -11.33
CA ARG F 895 -45.11 43.80 -11.22
C ARG F 895 -43.64 43.90 -10.83
N THR F 896 -43.19 45.05 -10.34
CA THR F 896 -41.83 45.24 -9.88
C THR F 896 -41.84 45.87 -8.49
N SER F 897 -40.75 45.64 -7.75
CA SER F 897 -40.64 46.20 -6.41
C SER F 897 -40.46 47.71 -6.44
N LYS F 898 -40.08 48.28 -7.58
CA LYS F 898 -39.91 49.73 -7.66
C LYS F 898 -41.24 50.46 -7.60
N SER F 899 -42.29 49.87 -8.14
CA SER F 899 -43.61 50.50 -8.18
C SER F 899 -44.46 50.17 -6.95
N PHE F 900 -43.92 49.42 -6.00
CA PHE F 900 -44.73 49.00 -4.85
C PHE F 900 -44.92 50.14 -3.85
N SER F 901 -43.90 50.96 -3.63
CA SER F 901 -43.93 51.95 -2.57
C SER F 901 -43.60 53.34 -3.10
N LYS F 902 -43.76 54.34 -2.23
CA LYS F 902 -43.37 55.71 -2.53
C LYS F 902 -41.87 55.86 -2.29
N LEU F 903 -41.12 56.02 -3.36
CA LEU F 903 -39.66 56.18 -3.27
C LEU F 903 -39.28 57.66 -3.28
N LEU F 904 -39.74 58.36 -2.25
CA LEU F 904 -39.52 59.81 -2.13
C LEU F 904 -38.68 60.20 -0.93
N TYR F 905 -38.92 59.59 0.24
CA TYR F 905 -38.24 59.98 1.46
C TYR F 905 -37.49 58.78 2.05
N ASP F 906 -36.46 59.07 2.82
CA ASP F 906 -35.68 58.04 3.49
C ASP F 906 -36.30 57.73 4.86
N ASP F 907 -35.97 56.56 5.39
CA ASP F 907 -36.62 56.06 6.59
C ASP F 907 -35.71 55.96 7.81
N VAL F 908 -34.40 55.98 7.63
CA VAL F 908 -33.46 55.89 8.75
C VAL F 908 -32.91 57.25 9.14
N THR F 909 -32.33 57.99 8.20
CA THR F 909 -31.82 59.32 8.48
C THR F 909 -32.85 60.42 8.23
N CYS F 910 -34.03 60.06 7.73
CA CYS F 910 -35.14 61.00 7.54
C CYS F 910 -34.72 62.17 6.64
N ASP F 911 -34.16 61.84 5.49
CA ASP F 911 -33.68 62.82 4.53
C ASP F 911 -34.36 62.61 3.18
N LYS F 912 -34.52 63.70 2.44
CA LYS F 912 -35.11 63.62 1.11
C LYS F 912 -34.19 62.88 0.16
N LEU F 913 -34.78 62.06 -0.71
CA LEU F 913 -34.02 61.27 -1.66
C LEU F 913 -33.95 62.00 -3.00
N SER F 914 -32.74 62.29 -3.45
CA SER F 914 -32.55 62.95 -4.73
C SER F 914 -32.64 61.95 -5.88
N VAL F 915 -32.62 62.48 -7.09
CA VAL F 915 -32.71 61.62 -8.28
C VAL F 915 -31.48 60.73 -8.40
N SER F 916 -30.31 61.25 -8.04
CA SER F 916 -29.08 60.47 -8.15
C SER F 916 -29.12 59.23 -7.26
N GLU F 917 -29.60 59.39 -6.02
CA GLU F 917 -29.66 58.25 -5.11
C GLU F 917 -30.75 57.26 -5.49
N ILE F 918 -31.79 57.73 -6.19
CA ILE F 918 -32.83 56.82 -6.65
C ILE F 918 -32.32 55.93 -7.77
N SER F 919 -31.59 56.51 -8.73
CA SER F 919 -31.23 55.82 -9.95
C SER F 919 -30.00 54.95 -9.85
N ASP F 920 -29.21 55.08 -8.77
CA ASP F 920 -27.96 54.32 -8.68
C ASP F 920 -28.18 52.86 -8.29
N GLY F 921 -29.38 52.49 -7.85
CA GLY F 921 -29.65 51.12 -7.50
C GLY F 921 -28.96 50.62 -6.24
N LYS F 922 -28.51 51.53 -5.38
CA LYS F 922 -27.84 51.17 -4.15
C LYS F 922 -28.74 51.30 -2.92
N LEU F 923 -30.04 51.49 -3.11
CA LEU F 923 -30.99 51.62 -2.02
C LEU F 923 -31.66 50.28 -1.75
N LYS F 924 -32.16 50.13 -0.52
CA LYS F 924 -32.70 48.86 -0.04
C LYS F 924 -34.16 49.04 0.38
N ARG F 925 -34.90 47.93 0.31
CA ARG F 925 -36.30 47.90 0.69
C ARG F 925 -36.52 46.80 1.72
N CYS F 926 -37.42 47.07 2.68
CA CYS F 926 -37.75 46.10 3.70
C CYS F 926 -38.91 45.22 3.24
N SER F 927 -38.72 43.90 3.31
CA SER F 927 -39.74 42.97 2.86
C SER F 927 -40.92 42.87 3.82
N ARG F 928 -40.83 43.49 5.00
CA ARG F 928 -41.89 43.38 6.01
C ARG F 928 -42.83 44.57 6.00
N CYS F 929 -42.30 45.78 6.20
CA CYS F 929 -43.12 46.98 6.32
C CYS F 929 -43.12 47.85 5.07
N GLY F 930 -42.39 47.45 4.03
CA GLY F 930 -42.36 48.24 2.81
C GLY F 930 -41.46 49.45 2.85
N SER F 931 -40.68 49.62 3.93
CA SER F 931 -39.80 50.77 4.04
C SER F 931 -38.69 50.72 2.99
N VAL F 932 -38.23 51.89 2.58
CA VAL F 932 -37.16 52.03 1.61
C VAL F 932 -36.06 52.89 2.22
N THR F 933 -34.83 52.39 2.18
CA THR F 933 -33.71 53.10 2.79
C THR F 933 -32.43 52.79 2.03
N ARG F 934 -31.57 53.79 1.89
CA ARG F 934 -30.25 53.64 1.29
C ARG F 934 -29.16 53.50 2.36
N ALA F 935 -29.49 52.89 3.49
CA ALA F 935 -28.54 52.74 4.58
C ALA F 935 -27.48 51.71 4.23
N GLY F 936 -26.33 51.82 4.90
CA GLY F 936 -25.25 50.88 4.71
C GLY F 936 -24.39 51.12 3.49
N ASN F 937 -24.53 52.26 2.82
CA ASN F 937 -23.77 52.57 1.63
C ASN F 937 -23.13 53.95 1.78
N ILE F 938 -22.04 54.15 1.04
CA ILE F 938 -21.34 55.43 1.09
C ILE F 938 -22.23 56.51 0.49
N ILE F 939 -22.28 57.65 1.17
CA ILE F 939 -23.13 58.76 0.74
C ILE F 939 -22.40 59.59 -0.29
N SER F 940 -23.16 60.26 -1.15
CA SER F 940 -22.58 61.11 -2.17
C SER F 940 -21.95 62.35 -1.55
N SER F 941 -21.05 62.98 -2.32
CA SER F 941 -20.29 64.12 -1.80
C SER F 941 -21.20 65.32 -1.54
N ASP F 942 -22.29 65.47 -2.29
CA ASP F 942 -23.17 66.61 -2.09
C ASP F 942 -23.88 66.56 -0.75
N LYS F 943 -24.00 65.39 -0.13
CA LYS F 943 -24.62 65.26 1.17
C LYS F 943 -23.65 65.48 2.32
N THR F 944 -22.36 65.65 2.04
CA THR F 944 -21.36 65.84 3.07
C THR F 944 -21.22 67.32 3.41
N ILE F 945 -20.41 67.61 4.43
CA ILE F 945 -20.18 68.99 4.82
C ILE F 945 -19.47 69.76 3.72
N VAL F 946 -18.49 69.12 3.07
CA VAL F 946 -17.77 69.72 1.96
C VAL F 946 -17.66 68.67 0.86
N PRO F 947 -17.92 69.01 -0.41
CA PRO F 947 -17.79 68.03 -1.49
C PRO F 947 -16.37 67.49 -1.59
N THR F 948 -16.23 66.19 -1.37
CA THR F 948 -14.93 65.54 -1.39
C THR F 948 -15.11 64.08 -1.77
N SER F 949 -14.01 63.45 -2.20
CA SER F 949 -14.01 62.05 -2.60
C SER F 949 -13.65 61.11 -1.46
N ILE F 950 -13.43 61.64 -0.25
CA ILE F 950 -13.08 60.80 0.88
C ILE F 950 -14.29 59.96 1.29
N GLN F 951 -14.09 58.65 1.44
CA GLN F 951 -15.14 57.74 1.83
C GLN F 951 -15.16 57.58 3.34
N THR F 952 -16.31 57.83 3.96
CA THR F 952 -16.48 57.69 5.39
C THR F 952 -17.64 56.75 5.67
N LYS F 953 -17.42 55.80 6.58
CA LYS F 953 -18.45 54.83 6.94
C LYS F 953 -19.37 55.46 7.98
N ARG F 954 -20.57 55.82 7.54
CA ARG F 954 -21.53 56.49 8.41
C ARG F 954 -22.39 55.47 9.16
N TRP F 955 -23.11 55.96 10.16
CA TRP F 955 -23.95 55.17 11.06
C TRP F 955 -24.99 54.30 10.35
N PRO F 956 -25.49 54.68 9.15
CA PRO F 956 -26.38 53.77 8.41
C PRO F 956 -25.83 52.36 8.21
N THR F 957 -24.56 52.13 8.49
CA THR F 957 -23.98 50.79 8.37
C THR F 957 -24.48 49.82 9.44
N MET F 958 -25.20 50.31 10.46
CA MET F 958 -25.77 49.40 11.45
C MET F 958 -26.92 48.59 10.85
N TYR F 959 -27.67 49.19 9.92
CA TYR F 959 -28.84 48.55 9.32
C TYR F 959 -28.55 47.96 7.93
N THR F 960 -27.34 47.44 7.72
CA THR F 960 -27.02 46.86 6.42
C THR F 960 -27.90 45.66 6.10
N ARG F 961 -28.14 44.80 7.08
CA ARG F 961 -28.89 43.56 6.86
C ARG F 961 -30.23 43.52 7.56
N LEU F 962 -30.40 44.22 8.67
CA LEU F 962 -31.64 44.22 9.43
C LEU F 962 -32.30 45.58 9.35
N CYS F 963 -33.59 45.58 9.02
CA CYS F 963 -34.35 46.82 8.91
C CYS F 963 -34.71 47.34 10.31
N ILE F 964 -35.47 48.43 10.34
CA ILE F 964 -35.88 49.02 11.62
C ILE F 964 -36.86 48.10 12.34
N CYS F 965 -37.72 47.38 11.59
CA CYS F 965 -38.72 46.50 12.17
C CYS F 965 -38.23 45.06 12.27
N SER F 966 -36.93 44.85 12.42
CA SER F 966 -36.29 43.53 12.47
C SER F 966 -36.47 42.74 11.18
N GLY F 967 -36.98 43.37 10.12
CA GLY F 967 -37.05 42.71 8.84
C GLY F 967 -35.73 42.74 8.09
N MET F 968 -35.65 41.93 7.04
CA MET F 968 -34.44 41.84 6.24
C MET F 968 -34.45 42.89 5.15
N LEU F 969 -33.28 43.47 4.89
CA LEU F 969 -33.10 44.45 3.83
C LEU F 969 -32.40 43.80 2.64
N PHE F 970 -32.88 44.10 1.44
CA PHE F 970 -32.32 43.51 0.23
C PHE F 970 -32.11 44.61 -0.81
N GLU F 971 -31.18 44.36 -1.72
CA GLU F 971 -30.90 45.30 -2.79
C GLU F 971 -32.11 45.43 -3.70
N MET F 972 -32.55 46.66 -3.94
CA MET F 972 -33.74 46.89 -4.74
C MET F 972 -33.43 46.66 -6.22
N ASP F 973 -34.25 45.84 -6.87
CA ASP F 973 -34.05 45.55 -8.29
C ASP F 973 -34.34 46.78 -9.15
N GLY F 974 -33.58 46.92 -10.22
CA GLY F 974 -33.74 48.06 -11.12
C GLY F 974 -34.59 47.75 -12.33
N TYR G 28 66.14 -84.81 63.58
CA TYR G 28 65.65 -84.70 62.22
C TYR G 28 64.24 -85.26 62.08
N LYS G 29 63.90 -86.21 62.95
CA LYS G 29 62.57 -86.80 62.92
C LYS G 29 61.49 -85.77 63.25
N ASN G 30 61.76 -84.89 64.23
CA ASN G 30 60.79 -83.86 64.58
C ASN G 30 60.76 -82.74 63.56
N LYS G 31 61.91 -82.43 62.95
CA LYS G 31 61.97 -81.31 62.00
C LYS G 31 61.07 -81.55 60.79
N LEU G 32 61.07 -82.78 60.26
CA LEU G 32 60.24 -83.07 59.10
C LEU G 32 58.76 -83.03 59.44
N THR G 33 58.40 -83.45 60.66
CA THR G 33 57.00 -83.39 61.07
C THR G 33 56.53 -81.94 61.24
N VAL G 34 57.31 -81.13 61.96
CA VAL G 34 56.89 -79.77 62.25
C VAL G 34 56.88 -78.91 60.99
N CYS G 35 57.83 -79.17 60.07
CA CYS G 35 57.90 -78.36 58.86
C CYS G 35 56.65 -78.48 58.02
N PHE G 36 56.13 -79.69 57.85
CA PHE G 36 54.86 -79.84 57.15
C PHE G 36 53.68 -79.41 58.00
N ASP G 37 53.82 -79.44 59.32
CA ASP G 37 52.80 -78.86 60.18
C ASP G 37 52.86 -77.34 60.15
N ASP G 38 54.07 -76.78 60.04
CA ASP G 38 54.22 -75.33 60.04
C ASP G 38 53.82 -74.71 58.71
N ILE G 39 54.05 -75.40 57.60
CA ILE G 39 53.65 -74.86 56.31
C ILE G 39 52.13 -74.69 56.25
N LEU G 40 51.40 -75.58 56.93
CA LEU G 40 49.96 -75.35 57.11
C LEU G 40 49.71 -74.29 58.17
N LYS G 41 50.55 -74.26 59.21
CA LYS G 41 50.44 -73.22 60.23
C LYS G 41 50.76 -71.84 59.65
N VAL G 42 51.78 -71.76 58.80
CA VAL G 42 52.10 -70.49 58.14
C VAL G 42 50.94 -70.05 57.26
N GLY G 43 50.34 -71.00 56.53
CA GLY G 43 49.17 -70.69 55.74
C GLY G 43 47.92 -70.43 56.55
N ALA G 44 47.88 -70.90 57.80
CA ALA G 44 46.68 -70.75 58.61
C ALA G 44 46.25 -69.30 58.72
N GLU G 45 47.21 -68.40 58.99
CA GLU G 45 46.91 -66.98 58.95
C GLU G 45 46.71 -66.46 57.53
N MET G 46 47.26 -67.14 56.52
CA MET G 46 47.07 -66.70 55.15
C MET G 46 45.63 -66.88 54.70
N MET G 47 45.02 -68.03 55.00
CA MET G 47 43.60 -68.19 54.72
C MET G 47 42.71 -67.60 55.80
N MET G 48 43.27 -67.25 56.95
CA MET G 48 42.47 -66.57 57.97
C MET G 48 41.95 -65.24 57.45
N GLN G 49 42.84 -64.40 56.93
CA GLN G 49 42.42 -63.17 56.26
C GLN G 49 41.54 -63.48 55.05
N GLN G 50 41.87 -64.55 54.33
CA GLN G 50 40.99 -65.02 53.25
C GLN G 50 39.63 -65.43 53.78
N GLN G 51 39.59 -66.10 54.93
CA GLN G 51 38.34 -66.54 55.53
C GLN G 51 37.52 -65.34 56.00
N GLY G 64 44.00 -58.80 49.23
CA GLY G 64 45.21 -59.40 48.68
C GLY G 64 45.97 -60.23 49.70
N PHE G 65 47.24 -60.47 49.41
CA PHE G 65 48.11 -61.26 50.28
C PHE G 65 49.14 -60.35 50.94
N SER G 66 49.43 -60.61 52.21
CA SER G 66 50.45 -59.86 52.93
C SER G 66 51.84 -60.35 52.53
N GLN G 67 52.75 -59.40 52.34
CA GLN G 67 54.11 -59.76 51.94
C GLN G 67 54.83 -60.54 53.04
N SER G 68 54.53 -60.26 54.30
CA SER G 68 55.16 -60.99 55.39
C SER G 68 54.82 -62.47 55.34
N GLN G 69 53.54 -62.80 55.12
CA GLN G 69 53.15 -64.21 55.02
C GLN G 69 53.77 -64.87 53.80
N GLN G 70 53.84 -64.16 52.68
CA GLN G 70 54.42 -64.72 51.47
C GLN G 70 55.91 -65.05 51.67
N LYS G 71 56.65 -64.11 52.28
CA LYS G 71 58.07 -64.38 52.51
C LYS G 71 58.26 -65.44 53.59
N LEU G 72 57.34 -65.53 54.56
CA LEU G 72 57.39 -66.61 55.54
C LEU G 72 57.22 -67.96 54.86
N LEU G 73 56.27 -68.06 53.92
CA LEU G 73 56.08 -69.29 53.17
C LEU G 73 57.31 -69.62 52.33
N LYS G 74 57.90 -68.59 51.68
CA LYS G 74 59.09 -68.81 50.86
C LYS G 74 60.25 -69.35 51.70
N GLU G 75 60.50 -68.74 52.86
CA GLU G 75 61.59 -69.21 53.69
C GLU G 75 61.29 -70.59 54.27
N LYS G 76 60.01 -70.87 54.57
CA LYS G 76 59.65 -72.21 55.06
C LYS G 76 59.94 -73.28 54.02
N VAL G 77 59.53 -73.05 52.77
CA VAL G 77 59.75 -74.07 51.75
C VAL G 77 61.23 -74.21 51.44
N LYS G 78 61.97 -73.09 51.41
CA LYS G 78 63.39 -73.21 51.11
C LYS G 78 64.14 -73.91 52.24
N LEU G 79 63.74 -73.68 53.50
CA LEU G 79 64.39 -74.40 54.60
C LEU G 79 64.00 -75.86 54.61
N PHE G 80 62.77 -76.19 54.20
CA PHE G 80 62.39 -77.60 54.06
C PHE G 80 63.29 -78.29 53.05
N HIS G 81 63.50 -77.65 51.89
CA HIS G 81 64.40 -78.21 50.89
C HIS G 81 65.82 -78.34 51.43
N GLY G 82 66.29 -77.31 52.15
CA GLY G 82 67.63 -77.35 52.69
C GLY G 82 67.85 -78.45 53.71
N ILE G 83 66.88 -78.65 54.60
CA ILE G 83 67.02 -79.71 55.60
C ILE G 83 66.90 -81.08 54.94
N LEU G 84 66.09 -81.21 53.88
CA LEU G 84 66.07 -82.46 53.14
C LEU G 84 67.43 -82.76 52.53
N ASP G 85 68.06 -81.75 51.94
CA ASP G 85 69.40 -81.94 51.38
C ASP G 85 70.41 -82.30 52.47
N ASP G 86 70.33 -81.63 53.62
CA ASP G 86 71.24 -81.91 54.71
C ASP G 86 71.07 -83.33 55.22
N LEU G 87 69.82 -83.80 55.33
CA LEU G 87 69.58 -85.18 55.76
C LEU G 87 70.12 -86.16 54.74
N GLU G 88 69.98 -85.85 53.44
CA GLU G 88 70.53 -86.73 52.42
C GLU G 88 72.05 -86.82 52.53
N THR G 89 72.71 -85.67 52.74
CA THR G 89 74.17 -85.66 52.89
C THR G 89 74.59 -86.44 54.14
N SER G 90 73.86 -86.27 55.24
CA SER G 90 74.17 -87.02 56.46
C SER G 90 74.01 -88.51 56.25
N LEU G 91 72.96 -88.92 55.53
CA LEU G 91 72.76 -90.33 55.24
C LEU G 91 73.90 -90.87 54.38
N SER G 92 74.34 -90.11 53.37
CA SER G 92 75.44 -90.56 52.53
C SER G 92 76.72 -90.70 53.34
N GLN G 93 77.01 -89.73 54.21
CA GLN G 93 78.22 -89.81 55.03
C GLN G 93 78.16 -90.99 55.99
N SER G 94 77.01 -91.21 56.61
CA SER G 94 76.87 -92.35 57.51
C SER G 94 77.03 -93.67 56.75
N SER G 95 76.48 -93.75 55.54
CA SER G 95 76.64 -94.96 54.74
C SER G 95 78.11 -95.20 54.44
N SER G 96 78.83 -94.16 53.97
CA SER G 96 80.25 -94.33 53.64
C SER G 96 81.04 -94.76 54.86
N TYR G 97 80.75 -94.16 56.02
CA TYR G 97 81.35 -94.65 57.26
C TYR G 97 81.02 -96.12 57.50
N LEU G 98 79.80 -96.54 57.14
CA LEU G 98 79.43 -97.94 57.32
C LEU G 98 80.34 -98.85 56.50
N GLU G 99 80.50 -98.57 55.20
CA GLU G 99 81.35 -99.47 54.41
C GLU G 99 82.80 -99.40 54.86
N THR G 100 83.30 -98.22 55.23
CA THR G 100 84.71 -98.15 55.59
C THR G 100 84.99 -98.87 56.91
N LEU G 101 84.08 -98.78 57.89
CA LEU G 101 84.25 -99.53 59.13
C LEU G 101 84.08 -101.03 58.91
N THR G 102 83.13 -101.43 58.07
CA THR G 102 82.96 -102.86 57.81
C THR G 102 84.19 -103.43 57.10
N ALA G 103 84.76 -102.69 56.15
CA ALA G 103 85.98 -103.13 55.50
C ALA G 103 87.14 -103.20 56.48
N LEU G 104 87.27 -102.19 57.35
CA LEU G 104 88.32 -102.18 58.35
C LEU G 104 87.89 -102.93 59.61
N MET H 1 61.10 -103.41 61.70
CA MET H 1 60.49 -104.66 62.13
C MET H 1 61.47 -105.51 62.92
N ASP H 2 62.17 -106.42 62.22
CA ASP H 2 63.14 -107.28 62.88
C ASP H 2 64.31 -106.47 63.42
N SER H 3 64.73 -106.78 64.63
CA SER H 3 65.83 -106.10 65.30
C SER H 3 67.09 -106.95 65.14
N ILE H 4 67.77 -106.78 64.01
CA ILE H 4 69.01 -107.51 63.77
C ILE H 4 70.07 -107.09 64.78
N ILE H 5 70.16 -105.79 65.06
CA ILE H 5 71.15 -105.23 65.98
C ILE H 5 70.47 -105.10 67.34
N PRO H 6 70.92 -105.84 68.37
CA PRO H 6 70.31 -105.69 69.69
C PRO H 6 70.61 -104.33 70.30
N ALA H 7 69.71 -103.88 71.17
CA ALA H 7 69.88 -102.61 71.85
C ALA H 7 70.77 -102.75 73.07
N GLY H 8 71.63 -101.75 73.29
CA GLY H 8 72.52 -101.73 74.43
C GLY H 8 73.80 -102.50 74.27
N VAL H 9 74.09 -103.04 73.09
CA VAL H 9 75.30 -103.82 72.85
C VAL H 9 76.42 -102.87 72.43
N LYS H 10 77.65 -103.22 72.81
CA LYS H 10 78.80 -102.38 72.54
C LYS H 10 79.20 -102.46 71.07
N LEU H 11 80.06 -101.51 70.67
CA LEU H 11 80.48 -101.44 69.27
C LEU H 11 81.36 -102.63 68.89
N ASP H 12 82.27 -103.04 69.77
CA ASP H 12 83.18 -104.13 69.44
C ASP H 12 82.43 -105.45 69.28
N ASP H 13 81.43 -105.70 70.14
CA ASP H 13 80.62 -106.89 69.99
C ASP H 13 79.88 -106.88 68.66
N LEU H 14 79.37 -105.71 68.25
CA LEU H 14 78.73 -105.59 66.95
C LEU H 14 79.71 -105.85 65.82
N GLN H 15 80.96 -105.40 65.96
CA GLN H 15 81.98 -105.69 64.96
C GLN H 15 82.21 -107.20 64.85
N VAL H 16 82.31 -107.87 65.99
CA VAL H 16 82.52 -109.32 65.99
C VAL H 16 81.34 -110.03 65.32
N ILE H 17 80.12 -109.61 65.64
CA ILE H 17 78.94 -110.20 65.02
C ILE H 17 78.94 -109.95 63.52
N LEU H 18 79.28 -108.73 63.10
CA LEU H 18 79.24 -108.36 61.69
C LEU H 18 80.30 -109.10 60.89
N ALA H 19 81.42 -109.47 61.53
CA ALA H 19 82.50 -110.14 60.81
C ALA H 19 82.09 -111.48 60.23
N LYS H 20 81.02 -112.09 60.75
CA LYS H 20 80.55 -113.39 60.30
C LYS H 20 79.17 -113.27 59.66
N ASN H 21 78.58 -114.42 59.34
CA ASN H 21 77.24 -114.62 58.77
C ASN H 21 77.17 -114.26 57.28
N GLU H 22 78.30 -114.03 56.61
CA GLU H 22 78.34 -113.77 55.17
C GLU H 22 77.50 -112.56 54.77
N ASN H 23 77.40 -111.57 55.66
CA ASN H 23 76.99 -110.21 55.30
C ASN H 23 75.55 -110.13 54.80
N GLU H 24 74.66 -111.00 55.33
CA GLU H 24 73.25 -110.86 55.00
C GLU H 24 72.69 -109.55 55.54
N THR H 25 73.12 -109.14 56.74
CA THR H 25 72.71 -107.86 57.29
C THR H 25 73.35 -106.70 56.53
N ARG H 26 74.58 -106.88 56.03
CA ARG H 26 75.17 -105.86 55.16
C ARG H 26 74.34 -105.69 53.89
N ASP H 27 73.90 -106.79 53.29
CA ASP H 27 73.03 -106.70 52.12
C ASP H 27 71.72 -106.00 52.46
N LYS H 28 71.13 -106.33 53.60
CA LYS H 28 69.87 -105.72 54.00
C LYS H 28 70.02 -104.21 54.21
N VAL H 29 71.08 -103.79 54.90
CA VAL H 29 71.26 -102.37 55.15
C VAL H 29 71.64 -101.64 53.87
N CYS H 30 72.38 -102.29 52.97
CA CYS H 30 72.66 -101.67 51.68
C CYS H 30 71.38 -101.45 50.89
N LYS H 31 70.49 -102.45 50.89
CA LYS H 31 69.20 -102.27 50.22
C LYS H 31 68.40 -101.15 50.87
N GLN H 32 68.42 -101.06 52.19
CA GLN H 32 67.66 -100.02 52.88
C GLN H 32 68.19 -98.62 52.56
N ILE H 33 69.52 -98.45 52.58
CA ILE H 33 70.07 -97.13 52.25
C ILE H 33 69.84 -96.81 50.78
N ASN H 34 69.88 -97.83 49.90
CA ASN H 34 69.61 -97.58 48.49
C ASN H 34 68.18 -97.13 48.27
N GLU H 35 67.21 -97.77 48.94
CA GLU H 35 65.82 -97.35 48.75
C GLU H 35 65.56 -96.00 49.42
N ALA H 36 66.26 -95.68 50.50
CA ALA H 36 66.15 -94.35 51.07
C ALA H 36 66.67 -93.29 50.09
N ARG H 37 67.82 -93.55 49.46
CA ARG H 37 68.35 -92.61 48.48
C ARG H 37 67.44 -92.47 47.27
N ASP H 38 66.84 -93.58 46.83
CA ASP H 38 65.92 -93.53 45.69
C ASP H 38 64.54 -93.00 46.08
N GLU H 39 64.25 -92.87 47.37
CA GLU H 39 63.01 -92.27 47.84
C GLU H 39 63.15 -90.79 48.11
N ILE H 40 64.37 -90.32 48.40
CA ILE H 40 64.59 -88.91 48.70
C ILE H 40 64.10 -88.02 47.55
N LEU H 41 64.51 -88.34 46.32
CA LEU H 41 64.16 -87.51 45.18
C LEU H 41 62.66 -87.46 44.87
N PRO H 42 61.94 -88.58 44.79
CA PRO H 42 60.50 -88.49 44.47
C PRO H 42 59.71 -87.67 45.47
N LEU H 43 60.10 -87.68 46.75
CA LEU H 43 59.43 -86.83 47.72
C LEU H 43 59.56 -85.36 47.34
N ARG H 44 60.76 -84.94 46.96
CA ARG H 44 60.97 -83.56 46.50
C ARG H 44 60.15 -83.28 45.25
N LEU H 45 60.12 -84.20 44.30
CA LEU H 45 59.39 -83.98 43.06
C LEU H 45 57.90 -83.79 43.31
N GLN H 46 57.31 -84.69 44.12
CA GLN H 46 55.88 -84.60 44.38
C GLN H 46 55.56 -83.40 45.28
N PHE H 47 56.50 -83.00 46.15
CA PHE H 47 56.27 -81.81 46.97
C PHE H 47 56.24 -80.56 46.10
N ASN H 48 57.15 -80.49 45.12
CA ASN H 48 57.10 -79.38 44.16
C ASN H 48 55.81 -79.43 43.35
N GLU H 49 55.36 -80.63 42.99
CA GLU H 49 54.08 -80.74 42.29
C GLU H 49 52.93 -80.23 43.14
N PHE H 50 52.94 -80.54 44.43
CA PHE H 50 51.90 -80.03 45.33
C PHE H 50 51.95 -78.51 45.43
N ILE H 51 53.15 -77.94 45.50
CA ILE H 51 53.29 -76.48 45.52
C ILE H 51 52.73 -75.88 44.23
N GLN H 52 53.03 -76.50 43.09
CA GLN H 52 52.50 -76.01 41.82
C GLN H 52 50.98 -76.08 41.79
N ILE H 53 50.41 -77.16 42.31
CA ILE H 53 48.95 -77.29 42.36
C ILE H 53 48.35 -76.20 43.23
N MET H 54 48.95 -75.96 44.39
CA MET H 54 48.44 -74.95 45.31
C MET H 54 48.51 -73.56 44.66
N ALA H 55 49.62 -73.26 43.98
CA ALA H 55 49.78 -71.94 43.37
C ALA H 55 48.78 -71.72 42.24
N ASN H 56 48.45 -72.78 41.49
CA ASN H 56 47.55 -72.68 40.36
C ASN H 56 46.11 -73.02 40.72
N ILE H 57 45.70 -72.75 41.96
CA ILE H 57 44.34 -73.06 42.38
C ILE H 57 43.30 -72.19 41.68
N ASP H 58 43.69 -71.02 41.20
CA ASP H 58 42.77 -70.10 40.54
C ASP H 58 42.69 -70.34 39.03
N GLN H 59 43.02 -71.54 38.57
CA GLN H 59 42.99 -71.86 37.15
C GLN H 59 42.34 -73.23 36.96
N GLU H 60 41.74 -73.41 35.78
CA GLU H 60 41.10 -74.67 35.40
C GLU H 60 40.00 -75.07 36.39
N GLY H 61 39.27 -74.08 36.90
CA GLY H 61 38.14 -74.35 37.76
C GLY H 61 36.89 -73.60 37.34
N SER H 62 35.85 -74.34 36.96
CA SER H 62 34.59 -73.75 36.53
C SER H 62 33.36 -74.40 37.14
N LYS H 63 33.44 -75.64 37.63
CA LYS H 63 32.30 -76.33 38.20
C LYS H 63 32.61 -76.71 39.66
N GLN H 64 31.56 -76.75 40.47
CA GLN H 64 31.73 -76.99 41.90
C GLN H 64 32.25 -78.41 42.14
N ALA H 65 31.71 -79.38 41.39
CA ALA H 65 32.20 -80.75 41.47
C ALA H 65 33.67 -80.84 41.08
N ASP H 66 34.15 -79.94 40.23
CA ASP H 66 35.58 -79.87 39.95
C ASP H 66 36.36 -79.57 41.22
N ARG H 67 35.85 -78.66 42.06
CA ARG H 67 36.47 -78.43 43.35
C ARG H 67 36.38 -79.66 44.24
N MET H 68 35.23 -80.34 44.27
CA MET H 68 35.15 -81.60 45.01
C MET H 68 36.27 -82.55 44.60
N ALA H 69 36.41 -82.80 43.29
CA ALA H 69 37.41 -83.75 42.82
C ALA H 69 38.82 -83.29 43.14
N LYS H 70 39.13 -82.03 42.87
CA LYS H 70 40.49 -81.54 43.07
C LYS H 70 40.89 -81.57 44.54
N TYR H 71 39.99 -81.13 45.43
CA TYR H 71 40.37 -81.09 46.84
C TYR H 71 40.33 -82.46 47.49
N LEU H 72 39.48 -83.38 47.02
CA LEU H 72 39.63 -84.77 47.44
C LEU H 72 40.97 -85.33 47.00
N HIS H 73 41.40 -84.99 45.78
CA HIS H 73 42.70 -85.43 45.29
C HIS H 73 43.82 -84.90 46.17
N ILE H 74 43.77 -83.63 46.55
CA ILE H 74 44.85 -83.06 47.35
C ILE H 74 44.83 -83.64 48.77
N ARG H 75 43.64 -83.87 49.33
CA ARG H 75 43.59 -84.48 50.66
C ARG H 75 44.17 -85.89 50.61
N ASP H 76 43.90 -86.62 49.52
CA ASP H 76 44.56 -87.92 49.34
C ASP H 76 46.07 -87.76 49.21
N LYS H 77 46.51 -86.69 48.53
CA LYS H 77 47.94 -86.45 48.35
C LYS H 77 48.65 -86.31 49.69
N ILE H 78 48.14 -85.42 50.55
CA ILE H 78 48.72 -85.32 51.90
C ILE H 78 48.49 -86.60 52.70
N LEU H 79 47.48 -87.39 52.36
CA LEU H 79 47.34 -88.70 53.00
C LEU H 79 48.56 -89.58 52.72
N GLN H 80 48.94 -89.73 51.44
CA GLN H 80 50.14 -90.53 51.22
C GLN H 80 51.39 -89.79 51.69
N LEU H 81 51.33 -88.47 51.83
CA LEU H 81 52.46 -87.75 52.44
C LEU H 81 52.68 -88.19 53.87
N ASN H 82 51.62 -88.24 54.67
CA ASN H 82 51.78 -88.71 56.05
C ASN H 82 52.14 -90.19 56.09
N ASP H 83 51.59 -90.99 55.17
CA ASP H 83 51.98 -92.39 55.09
C ASP H 83 53.46 -92.54 54.79
N ARG H 84 53.97 -91.75 53.84
CA ARG H 84 55.40 -91.81 53.50
C ARG H 84 56.26 -91.30 54.65
N PHE H 85 55.78 -90.29 55.39
CA PHE H 85 56.50 -89.85 56.58
C PHE H 85 56.61 -90.98 57.59
N GLN H 86 55.52 -91.72 57.79
CA GLN H 86 55.58 -92.87 58.70
C GLN H 86 56.53 -93.95 58.18
N THR H 87 56.52 -94.21 56.88
CA THR H 87 57.41 -95.22 56.31
C THR H 87 58.87 -94.83 56.47
N LEU H 88 59.20 -93.56 56.21
CA LEU H 88 60.59 -93.13 56.37
C LEU H 88 60.98 -93.09 57.84
N SER H 89 60.04 -92.80 58.74
CA SER H 89 60.33 -92.91 60.17
C SER H 89 60.67 -94.35 60.55
N SER H 90 59.90 -95.31 60.01
CA SER H 90 60.21 -96.71 60.24
C SER H 90 61.57 -97.09 59.66
N HIS H 91 61.88 -96.57 58.47
CA HIS H 91 63.17 -96.85 57.87
C HIS H 91 64.32 -96.32 58.71
N LEU H 92 64.19 -95.10 59.23
CA LEU H 92 65.27 -94.51 60.01
C LEU H 92 65.40 -95.17 61.38
N GLU H 93 64.27 -95.56 61.99
CA GLU H 93 64.38 -96.25 63.27
C GLU H 93 64.90 -97.67 63.11
N ALA H 94 64.69 -98.27 61.94
CA ALA H 94 65.32 -99.56 61.66
C ALA H 94 66.84 -99.43 61.61
N LEU H 95 67.35 -98.35 61.03
CA LEU H 95 68.77 -98.08 61.01
C LEU H 95 69.25 -97.32 62.24
N GLN H 96 68.35 -96.99 63.17
CA GLN H 96 68.76 -96.31 64.39
C GLN H 96 69.77 -97.11 65.21
N PRO H 97 69.59 -98.42 65.45
CA PRO H 97 70.65 -99.16 66.17
C PRO H 97 71.99 -99.15 65.44
N LEU H 98 71.97 -99.18 64.11
CA LEU H 98 73.22 -99.11 63.36
C LEU H 98 73.89 -97.75 63.54
N PHE H 99 73.11 -96.68 63.47
CA PHE H 99 73.66 -95.34 63.66
C PHE H 99 74.07 -95.07 65.10
N SER H 100 73.55 -95.84 66.06
CA SER H 100 73.85 -95.61 67.46
C SER H 100 75.32 -95.83 67.79
N THR H 101 76.04 -96.61 66.99
CA THR H 101 77.45 -96.84 67.21
C THR H 101 78.31 -95.64 66.83
N VAL H 102 77.84 -94.79 65.93
CA VAL H 102 78.64 -93.65 65.48
C VAL H 102 78.95 -92.69 66.62
N PRO H 103 77.99 -92.25 67.46
CA PRO H 103 78.35 -91.37 68.57
C PRO H 103 79.35 -92.00 69.53
N GLU H 104 79.21 -93.28 69.82
CA GLU H 104 80.15 -93.94 70.73
C GLU H 104 81.55 -94.00 70.12
N TYR H 105 81.64 -94.33 68.82
CA TYR H 105 82.93 -94.37 68.16
C TYR H 105 83.58 -92.98 68.14
N LEU H 106 82.78 -91.95 67.84
CA LEU H 106 83.33 -90.60 67.80
C LEU H 106 83.80 -90.15 69.19
N LYS H 107 83.02 -90.43 70.23
CA LYS H 107 83.41 -89.99 71.56
C LYS H 107 84.61 -90.77 72.09
N THR H 108 84.72 -92.06 71.72
CA THR H 108 85.90 -92.82 72.12
C THR H 108 87.14 -92.35 71.36
N ALA H 109 86.99 -92.01 70.09
CA ALA H 109 88.10 -91.51 69.30
C ALA H 109 88.48 -90.08 69.66
N ASP H 110 87.64 -89.37 70.41
CA ASP H 110 87.92 -88.00 70.82
C ASP H 110 89.05 -87.96 71.86
N ASP I 287 18.07 -24.77 -39.05
CA ASP I 287 18.89 -24.05 -40.03
C ASP I 287 18.30 -22.67 -40.31
N MET I 288 17.03 -22.62 -40.72
CA MET I 288 16.33 -21.35 -40.82
C MET I 288 16.22 -20.66 -39.48
N LYS I 289 15.92 -21.42 -38.42
CA LYS I 289 15.85 -20.83 -37.08
C LYS I 289 17.21 -20.30 -36.65
N LEU I 290 18.27 -21.03 -36.94
CA LEU I 290 19.62 -20.55 -36.65
C LEU I 290 19.90 -19.26 -37.41
N LEU I 291 19.53 -19.23 -38.69
CA LEU I 291 19.76 -18.04 -39.51
C LEU I 291 19.01 -16.84 -38.95
N ARG I 292 17.75 -17.02 -38.56
CA ARG I 292 16.96 -15.89 -38.09
C ARG I 292 17.46 -15.39 -36.74
N TYR I 293 17.82 -16.31 -35.83
CA TYR I 293 18.35 -15.88 -34.54
C TYR I 293 19.65 -15.12 -34.72
N TYR I 294 20.56 -15.67 -35.54
CA TYR I 294 21.83 -15.00 -35.79
C TYR I 294 21.63 -13.63 -36.41
N LYS I 295 20.72 -13.53 -37.38
CA LYS I 295 20.51 -12.25 -38.04
C LYS I 295 19.88 -11.24 -37.10
N ASN I 296 18.91 -11.65 -36.27
CA ASN I 296 18.30 -10.67 -35.37
C ASN I 296 19.31 -10.16 -34.35
N ILE I 297 20.12 -11.06 -33.78
CA ILE I 297 21.11 -10.59 -32.82
C ILE I 297 22.18 -9.73 -33.52
N TRP I 298 22.52 -10.06 -34.76
CA TRP I 298 23.52 -9.30 -35.51
C TRP I 298 23.02 -7.88 -35.78
N LEU I 299 21.78 -7.75 -36.27
CA LEU I 299 21.22 -6.43 -36.48
C LEU I 299 21.12 -5.64 -35.17
N ASN I 300 20.68 -6.29 -34.08
CA ASN I 300 20.58 -5.59 -32.81
C ASN I 300 21.95 -5.04 -32.38
N ASN I 301 22.97 -5.89 -32.45
CA ASN I 301 24.31 -5.47 -32.04
C ASN I 301 24.83 -4.35 -32.92
N LYS I 302 24.65 -4.46 -34.25
CA LYS I 302 25.17 -3.44 -35.14
C LYS I 302 24.43 -2.12 -34.99
N ILE I 303 23.13 -2.16 -34.70
CA ILE I 303 22.40 -0.91 -34.43
C ILE I 303 22.89 -0.27 -33.14
N ILE I 304 23.16 -1.09 -32.11
CA ILE I 304 23.68 -0.52 -30.87
C ILE I 304 25.07 0.10 -31.09
N ASN I 305 25.89 -0.54 -31.92
CA ASN I 305 27.30 -0.15 -32.06
C ASN I 305 27.52 1.03 -33.00
N TRP I 306 26.45 1.71 -33.43
CA TRP I 306 26.55 2.93 -34.22
C TRP I 306 27.27 2.72 -35.54
N GLU I 307 27.18 1.52 -36.12
CA GLU I 307 27.89 1.19 -37.35
C GLU I 307 26.99 1.26 -38.58
N ILE I 308 25.82 1.88 -38.48
CA ILE I 308 24.94 1.98 -39.65
C ILE I 308 25.59 2.80 -40.74
N SER I 309 26.27 3.89 -40.37
CA SER I 309 26.92 4.75 -41.34
C SER I 309 28.06 4.08 -42.08
N ASN I 310 28.52 2.92 -41.60
CA ASN I 310 29.58 2.19 -42.28
C ASN I 310 29.09 1.73 -43.65
N PRO I 311 29.80 2.06 -44.74
CA PRO I 311 29.38 1.57 -46.06
C PRO I 311 29.53 0.06 -46.25
N ASP I 312 29.98 -0.67 -45.23
CA ASP I 312 30.12 -2.11 -45.29
C ASP I 312 28.90 -2.83 -44.71
N PHE I 313 27.82 -2.11 -44.42
CA PHE I 313 26.64 -2.73 -43.83
C PHE I 313 26.05 -3.77 -44.78
N LEU I 314 25.88 -3.43 -46.05
CA LEU I 314 25.29 -4.36 -47.00
C LEU I 314 26.20 -5.55 -47.26
N SER I 315 27.52 -5.32 -47.29
CA SER I 315 28.46 -6.41 -47.53
C SER I 315 28.41 -7.43 -46.41
N LYS I 316 28.44 -6.95 -45.16
CA LYS I 316 28.36 -7.86 -44.02
C LYS I 316 27.01 -8.55 -43.97
N TYR I 317 25.93 -7.83 -44.27
CA TYR I 317 24.61 -8.43 -44.27
C TYR I 317 24.51 -9.54 -45.32
N SER I 318 25.11 -9.33 -46.49
CA SER I 318 25.10 -10.36 -47.53
C SER I 318 25.99 -11.54 -47.14
N ALA I 319 27.14 -11.28 -46.51
CA ALA I 319 28.05 -12.34 -46.13
C ALA I 319 27.62 -13.08 -44.87
N ILE I 320 26.57 -12.61 -44.18
CA ILE I 320 26.05 -13.33 -43.03
C ILE I 320 25.68 -14.75 -43.42
N THR I 321 24.97 -14.91 -44.54
CA THR I 321 24.51 -16.24 -44.94
C THR I 321 25.68 -17.17 -45.21
N SER I 322 26.73 -16.68 -45.86
CA SER I 322 27.88 -17.52 -46.15
C SER I 322 28.69 -17.81 -44.90
N SER I 323 28.74 -16.87 -43.95
CA SER I 323 29.54 -17.09 -42.75
C SER I 323 28.86 -18.05 -41.78
N ILE I 324 27.53 -18.00 -41.72
CA ILE I 324 26.80 -18.88 -40.80
C ILE I 324 26.99 -20.34 -41.18
N PHE I 325 26.85 -20.65 -42.47
CA PHE I 325 26.98 -22.02 -42.96
C PHE I 325 28.44 -22.28 -43.30
N GLN I 326 29.05 -23.25 -42.60
CA GLN I 326 30.46 -23.56 -42.83
C GLN I 326 30.67 -24.09 -44.24
N GLU I 327 29.74 -24.91 -44.75
CA GLU I 327 29.84 -25.41 -46.11
C GLU I 327 29.64 -24.26 -47.10
N SER I 328 30.26 -24.40 -48.28
CA SER I 328 30.16 -23.37 -49.30
C SER I 328 28.72 -23.19 -49.75
N PHE I 329 28.29 -21.93 -49.83
CA PHE I 329 26.95 -21.57 -50.26
C PHE I 329 27.09 -20.50 -51.34
N ASN I 330 27.24 -20.95 -52.59
CA ASN I 330 27.49 -20.05 -53.71
C ASN I 330 26.19 -19.79 -54.48
N SER I 331 25.36 -18.92 -53.92
CA SER I 331 24.11 -18.50 -54.54
C SER I 331 24.20 -17.03 -54.90
N VAL I 332 23.76 -16.68 -56.09
CA VAL I 332 23.77 -15.28 -56.55
C VAL I 332 22.48 -14.64 -56.04
N GLN I 333 22.57 -13.95 -54.90
CA GLN I 333 21.42 -13.27 -54.33
C GLN I 333 21.25 -11.90 -54.98
N ASN I 334 20.11 -11.69 -55.64
CA ASN I 334 19.87 -10.45 -56.34
C ASN I 334 19.57 -9.32 -55.36
N LEU I 335 19.67 -8.08 -55.87
CA LEU I 335 19.53 -6.90 -55.01
C LEU I 335 18.15 -6.85 -54.36
N ASP I 336 17.11 -7.18 -55.12
CA ASP I 336 15.76 -7.19 -54.56
C ASP I 336 15.66 -8.19 -53.41
N GLN I 337 16.33 -9.33 -53.54
CA GLN I 337 16.33 -10.31 -52.44
C GLN I 337 17.00 -9.74 -51.20
N LEU I 338 18.13 -9.05 -51.36
CA LEU I 338 18.80 -8.44 -50.22
C LEU I 338 17.91 -7.41 -49.54
N LEU I 339 17.29 -6.53 -50.33
CA LEU I 339 16.47 -5.48 -49.72
C LEU I 339 15.23 -6.09 -49.05
N THR I 340 14.65 -7.12 -49.66
CA THR I 340 13.51 -7.79 -49.05
C THR I 340 13.91 -8.42 -47.72
N ASP I 341 15.05 -9.13 -47.70
CA ASP I 341 15.53 -9.75 -46.47
C ASP I 341 15.76 -8.71 -45.39
N LEU I 342 16.36 -7.58 -45.77
CA LEU I 342 16.55 -6.49 -44.82
C LEU I 342 15.20 -5.99 -44.30
N ILE I 343 14.21 -5.88 -45.17
CA ILE I 343 12.92 -5.35 -44.76
C ILE I 343 12.25 -6.26 -43.73
N GLU I 344 12.14 -7.56 -44.05
CA GLU I 344 11.47 -8.43 -43.07
C GLU I 344 12.32 -8.61 -41.82
N THR I 345 13.65 -8.63 -41.94
CA THR I 345 14.48 -8.73 -40.75
C THR I 345 14.26 -7.55 -39.82
N SER I 346 14.26 -6.33 -40.39
CA SER I 346 14.04 -5.13 -39.57
C SER I 346 12.65 -5.13 -38.95
N PHE I 347 11.63 -5.49 -39.73
CA PHE I 347 10.27 -5.46 -39.20
C PHE I 347 10.09 -6.50 -38.10
N THR I 348 10.60 -7.71 -38.29
CA THR I 348 10.50 -8.73 -37.25
C THR I 348 11.31 -8.36 -36.02
N CYS I 349 12.49 -7.77 -36.21
CA CYS I 349 13.28 -7.34 -35.06
C CYS I 349 12.55 -6.27 -34.26
N PHE I 350 11.95 -5.30 -34.94
CA PHE I 350 11.16 -4.29 -34.23
C PHE I 350 9.94 -4.91 -33.55
N ALA I 351 9.33 -5.90 -34.21
CA ALA I 351 8.20 -6.60 -33.62
C ALA I 351 8.59 -7.26 -32.30
N GLN I 352 9.70 -8.00 -32.29
CA GLN I 352 10.15 -8.62 -31.07
C GLN I 352 10.55 -7.58 -30.03
N PHE I 353 11.20 -6.51 -30.47
CA PHE I 353 11.64 -5.46 -29.54
C PHE I 353 10.45 -4.83 -28.82
N VAL I 354 9.36 -4.60 -29.54
CA VAL I 354 8.22 -3.93 -28.93
C VAL I 354 7.32 -4.94 -28.20
N SER I 355 7.32 -6.21 -28.62
CA SER I 355 6.47 -7.22 -28.01
C SER I 355 7.14 -7.94 -26.85
N ASN I 356 8.41 -7.66 -26.57
CA ASN I 356 9.04 -8.19 -25.37
C ASN I 356 8.99 -7.23 -24.20
N LYS I 357 8.42 -6.03 -24.38
CA LYS I 357 8.48 -5.00 -23.35
C LYS I 357 7.47 -5.21 -22.23
N GLN I 358 6.38 -5.92 -22.48
CA GLN I 358 5.36 -6.10 -21.44
C GLN I 358 5.86 -7.00 -20.31
N TYR I 359 6.79 -7.90 -20.60
CA TYR I 359 7.33 -8.77 -19.55
C TYR I 359 8.38 -8.06 -18.70
N HIS I 360 8.93 -6.93 -19.16
CA HIS I 360 9.83 -6.14 -18.35
C HIS I 360 9.08 -5.50 -17.20
N GLN I 361 9.84 -5.04 -16.20
CA GLN I 361 9.26 -4.21 -15.16
C GLN I 361 8.66 -2.96 -15.77
N ALA I 362 7.51 -2.53 -15.24
CA ALA I 362 6.79 -1.41 -15.81
C ALA I 362 7.59 -0.11 -15.74
N ASN I 363 8.61 -0.04 -14.89
CA ASN I 363 9.41 1.16 -14.74
C ASN I 363 10.89 0.96 -15.07
N SER I 364 11.30 -0.24 -15.50
CA SER I 364 12.66 -0.47 -15.94
C SER I 364 12.82 0.14 -17.34
N ASN I 365 12.89 1.49 -17.34
CA ASN I 365 12.73 2.26 -18.56
C ASN I 365 14.08 2.49 -19.23
N LEU I 366 14.23 1.96 -20.45
CA LEU I 366 15.40 2.23 -21.29
C LEU I 366 14.88 2.45 -22.71
N THR I 367 15.00 3.69 -23.21
CA THR I 367 14.41 4.07 -24.49
C THR I 367 15.43 4.55 -25.52
N LEU I 368 16.72 4.54 -25.20
CA LEU I 368 17.72 4.94 -26.20
C LEU I 368 17.68 4.01 -27.40
N LEU I 369 17.58 2.71 -27.17
CA LEU I 369 17.54 1.77 -28.28
C LEU I 369 16.21 1.84 -29.03
N GLU I 370 15.12 2.17 -28.34
CA GLU I 370 13.83 2.32 -29.02
C GLU I 370 13.88 3.48 -30.01
N ARG I 371 14.35 4.65 -29.55
CA ARG I 371 14.55 5.77 -30.45
C ARG I 371 15.55 5.44 -31.54
N LYS I 372 16.55 4.61 -31.22
CA LYS I 372 17.55 4.23 -32.21
C LYS I 372 16.94 3.38 -33.32
N TRP I 373 16.10 2.41 -32.95
CA TRP I 373 15.35 1.64 -33.94
C TRP I 373 14.48 2.54 -34.79
N VAL I 374 13.76 3.47 -34.15
CA VAL I 374 12.86 4.36 -34.90
C VAL I 374 13.65 5.18 -35.91
N ILE I 375 14.78 5.75 -35.46
CA ILE I 375 15.60 6.59 -36.33
C ILE I 375 16.15 5.77 -37.49
N PHE I 376 16.68 4.58 -37.19
CA PHE I 376 17.22 3.74 -38.25
C PHE I 376 16.14 3.39 -39.28
N ILE I 377 15.01 2.86 -38.82
CA ILE I 377 13.98 2.37 -39.74
C ILE I 377 13.38 3.52 -40.55
N THR I 378 13.29 4.72 -39.97
CA THR I 378 12.68 5.83 -40.69
C THR I 378 13.69 6.61 -41.53
N LYS I 379 14.98 6.46 -41.31
CA LYS I 379 15.97 7.32 -41.95
C LYS I 379 16.91 6.57 -42.86
N HIS I 380 17.54 5.49 -42.38
CA HIS I 380 18.58 4.82 -43.14
C HIS I 380 18.01 3.87 -44.17
N LEU I 381 17.05 3.03 -43.76
CA LEU I 381 16.45 2.09 -44.70
C LEU I 381 15.87 2.76 -45.93
N PRO I 382 15.17 3.91 -45.84
CA PRO I 382 14.82 4.62 -47.08
C PRO I 382 16.02 4.97 -47.95
N LEU I 383 17.13 5.39 -47.35
CA LEU I 383 18.33 5.67 -48.14
C LEU I 383 18.95 4.39 -48.68
N LEU I 384 18.91 3.32 -47.88
CA LEU I 384 19.38 2.03 -48.35
C LEU I 384 18.63 1.61 -49.60
N ILE I 385 17.32 1.80 -49.62
CA ILE I 385 16.55 1.52 -50.82
C ILE I 385 16.91 2.51 -51.93
N LEU I 386 17.09 3.79 -51.57
CA LEU I 386 17.27 4.83 -52.58
C LEU I 386 18.52 4.59 -53.42
N GLU I 387 19.67 4.39 -52.79
CA GLU I 387 20.87 4.08 -53.55
C GLU I 387 21.30 2.62 -53.42
N ASN I 388 20.37 1.70 -53.18
CA ASN I 388 20.68 0.27 -53.29
C ASN I 388 19.64 -0.48 -54.13
N SER I 389 18.44 0.06 -54.25
CA SER I 389 17.39 -0.65 -54.98
C SER I 389 17.35 -0.22 -56.45
N SER I 390 16.52 -0.92 -57.21
CA SER I 390 16.25 -0.61 -58.61
C SER I 390 14.92 0.06 -58.84
N ARG I 391 14.29 0.58 -57.77
CA ARG I 391 13.01 1.28 -57.85
C ARG I 391 11.90 0.38 -58.39
N SER I 392 11.76 -0.80 -57.80
CA SER I 392 10.70 -1.73 -58.19
C SER I 392 9.55 -1.63 -57.20
N PRO I 393 8.39 -1.10 -57.60
CA PRO I 393 7.26 -1.06 -56.66
C PRO I 393 6.78 -2.42 -56.22
N ARG I 394 6.93 -3.45 -57.07
CA ARG I 394 6.43 -4.78 -56.74
C ARG I 394 7.12 -5.36 -55.51
N VAL I 395 8.44 -5.18 -55.41
CA VAL I 395 9.19 -5.83 -54.34
C VAL I 395 8.80 -5.24 -52.98
N VAL I 396 8.51 -3.94 -52.93
CA VAL I 396 8.06 -3.33 -51.68
C VAL I 396 6.71 -3.90 -51.27
N THR I 397 5.80 -4.06 -52.23
CA THR I 397 4.50 -4.63 -51.92
C THR I 397 4.62 -6.06 -51.41
N ASN I 398 5.50 -6.86 -52.05
CA ASN I 398 5.72 -8.22 -51.57
C ASN I 398 6.32 -8.23 -50.17
N ALA I 399 7.26 -7.33 -49.90
CA ALA I 399 7.92 -7.29 -48.60
C ALA I 399 6.95 -6.90 -47.50
N LEU I 400 6.10 -5.90 -47.74
CA LEU I 400 5.17 -5.44 -46.73
C LEU I 400 3.86 -6.23 -46.70
N ASP I 401 3.65 -7.14 -47.66
CA ASP I 401 2.49 -8.03 -47.62
C ASP I 401 2.80 -9.40 -47.03
N ASN I 402 4.07 -9.77 -46.93
CA ASN I 402 4.47 -11.07 -46.41
C ASN I 402 4.57 -11.09 -44.89
N ILE I 403 4.36 -9.96 -44.23
CA ILE I 403 4.48 -9.92 -42.78
C ILE I 403 3.29 -10.61 -42.14
N ASP I 404 3.51 -11.17 -40.95
CA ASP I 404 2.42 -11.75 -40.18
C ASP I 404 1.58 -10.63 -39.56
N GLU I 405 0.33 -10.98 -39.23
CA GLU I 405 -0.56 -10.02 -38.58
C GLU I 405 -0.30 -9.91 -37.09
N LYS I 406 0.56 -10.76 -36.53
CA LYS I 406 0.86 -10.69 -35.10
C LYS I 406 1.53 -9.38 -34.74
N VAL I 407 2.44 -8.89 -35.59
CA VAL I 407 3.09 -7.61 -35.33
C VAL I 407 2.07 -6.48 -35.30
N VAL I 408 1.14 -6.47 -36.25
CA VAL I 408 0.13 -5.42 -36.30
C VAL I 408 -0.76 -5.49 -35.07
N LYS I 409 -1.18 -6.70 -34.70
CA LYS I 409 -2.03 -6.87 -33.53
C LYS I 409 -1.33 -6.39 -32.26
N ALA I 410 -0.05 -6.76 -32.10
CA ALA I 410 0.69 -6.35 -30.91
C ALA I 410 0.87 -4.85 -30.85
N ILE I 411 1.22 -4.23 -31.99
CA ILE I 411 1.42 -2.79 -32.03
C ILE I 411 0.12 -2.05 -31.70
N ARG I 412 -0.99 -2.49 -32.29
CA ARG I 412 -2.27 -1.85 -32.03
C ARG I 412 -2.69 -2.04 -30.57
N ILE I 413 -2.47 -3.23 -30.01
CA ILE I 413 -2.82 -3.48 -28.62
C ILE I 413 -2.01 -2.60 -27.70
N TYR I 414 -0.71 -2.47 -27.96
CA TYR I 414 0.14 -1.63 -27.11
C TYR I 414 -0.26 -0.17 -27.20
N PHE I 415 -0.54 0.32 -28.41
CA PHE I 415 -0.98 1.72 -28.56
C PHE I 415 -2.31 1.96 -27.85
N THR I 416 -3.24 1.01 -27.98
CA THR I 416 -4.53 1.16 -27.31
C THR I 416 -4.38 1.15 -25.79
N GLU I 417 -3.51 0.29 -25.27
CA GLU I 417 -3.27 0.26 -23.83
C GLU I 417 -2.62 1.55 -23.35
N LYS I 418 -1.68 2.09 -24.13
CA LYS I 418 -1.06 3.35 -23.76
C LYS I 418 -2.06 4.50 -23.78
N ASP I 419 -2.95 4.52 -24.77
CA ASP I 419 -3.98 5.55 -24.84
C ASP I 419 -5.13 5.22 -23.90
N PRO I 433 -11.37 6.79 -33.58
CA PRO I 433 -10.41 6.95 -32.48
C PRO I 433 -9.33 7.97 -32.79
N SER I 434 -8.47 8.25 -31.81
CA SER I 434 -7.35 9.16 -32.04
C SER I 434 -6.40 8.57 -33.06
N THR I 435 -5.80 9.45 -33.87
CA THR I 435 -4.91 9.02 -34.94
C THR I 435 -3.74 8.21 -34.39
N SER I 436 -3.71 6.92 -34.72
CA SER I 436 -2.66 6.01 -34.26
C SER I 436 -1.95 5.45 -35.49
N LEU I 437 -0.92 6.17 -35.94
CA LEU I 437 -0.15 5.74 -37.09
C LEU I 437 0.94 4.75 -36.66
N ASP I 438 1.25 3.81 -37.55
CA ASP I 438 2.28 2.83 -37.32
C ASP I 438 3.56 3.21 -38.06
N ILE I 439 4.62 2.45 -37.82
CA ILE I 439 5.90 2.74 -38.44
C ILE I 439 5.87 2.43 -39.94
N ARG I 440 4.88 1.67 -40.40
CA ARG I 440 4.79 1.36 -41.83
C ARG I 440 4.39 2.59 -42.63
N HIS I 441 3.51 3.43 -42.07
CA HIS I 441 3.10 4.65 -42.76
C HIS I 441 4.29 5.58 -42.98
N ASP I 442 5.12 5.76 -41.96
CA ASP I 442 6.29 6.63 -42.10
C ASP I 442 7.29 6.08 -43.09
N PHE I 443 7.39 4.75 -43.20
CA PHE I 443 8.30 4.15 -44.17
C PHE I 443 7.89 4.53 -45.59
N ILE I 444 6.61 4.38 -45.92
CA ILE I 444 6.16 4.66 -47.28
C ILE I 444 6.25 6.15 -47.58
N LYS I 445 5.97 7.00 -46.59
CA LYS I 445 5.99 8.44 -46.81
C LYS I 445 7.37 8.92 -47.25
N GLY I 446 8.42 8.40 -46.60
CA GLY I 446 9.76 8.79 -47.00
C GLY I 446 10.10 8.37 -48.41
N LEU I 447 9.62 7.21 -48.84
CA LEU I 447 9.87 6.75 -50.20
C LEU I 447 9.19 7.65 -51.23
N ILE I 448 8.04 8.22 -50.87
CA ILE I 448 7.34 9.11 -51.79
C ILE I 448 8.17 10.35 -52.07
N MET I 449 8.78 10.92 -51.01
CA MET I 449 9.55 12.15 -51.17
C MET I 449 10.78 11.93 -52.05
N LEU I 450 11.29 10.71 -52.12
CA LEU I 450 12.46 10.38 -52.91
C LEU I 450 12.12 9.97 -54.34
N ASN I 451 10.84 10.10 -54.74
CA ASN I 451 10.37 9.70 -56.07
C ASN I 451 10.54 8.20 -56.30
N LEU I 452 10.57 7.43 -55.21
CA LEU I 452 10.68 5.98 -55.35
C LEU I 452 9.38 5.36 -55.85
N GLN I 453 8.24 5.78 -55.30
CA GLN I 453 6.95 5.23 -55.66
C GLN I 453 5.97 6.35 -55.96
N PRO I 454 5.01 6.10 -56.85
CA PRO I 454 3.96 7.10 -57.11
C PRO I 454 3.00 7.20 -55.94
N ALA I 455 2.21 8.27 -55.94
CA ALA I 455 1.26 8.52 -54.88
C ALA I 455 0.12 7.50 -54.83
N SER I 456 -0.04 6.68 -55.86
CA SER I 456 -1.07 5.66 -55.87
C SER I 456 -0.71 4.41 -55.07
N VAL I 457 0.52 4.33 -54.55
CA VAL I 457 0.95 3.15 -53.83
C VAL I 457 0.56 3.20 -52.35
N ILE I 458 0.53 4.40 -51.76
CA ILE I 458 0.17 4.52 -50.35
C ILE I 458 -1.26 4.07 -50.12
N ASN I 459 -2.15 4.35 -51.07
CA ASN I 459 -3.54 3.93 -50.94
C ASN I 459 -3.71 2.42 -50.95
N ASN I 460 -2.75 1.69 -51.51
CA ASN I 460 -2.85 0.23 -51.53
C ASN I 460 -2.78 -0.35 -50.12
N TYR I 461 -1.90 0.16 -49.28
CA TYR I 461 -1.70 -0.36 -47.94
C TYR I 461 -2.55 0.34 -46.89
N LEU I 462 -3.26 1.40 -47.25
CA LEU I 462 -4.12 2.07 -46.28
C LEU I 462 -5.32 1.20 -45.96
N ARG I 463 -5.95 1.49 -44.82
CA ARG I 463 -7.16 0.79 -44.44
C ARG I 463 -8.25 1.01 -45.48
N GLU I 464 -9.07 -0.02 -45.67
CA GLU I 464 -10.04 0.00 -46.76
C GLU I 464 -11.08 1.12 -46.63
N ASP I 465 -11.22 1.70 -45.44
CA ASP I 465 -12.19 2.76 -45.22
C ASP I 465 -11.58 4.16 -45.27
N GLN I 466 -10.28 4.30 -45.05
CA GLN I 466 -9.63 5.61 -45.00
C GLN I 466 -8.52 5.68 -46.05
N MET I 467 -8.55 6.73 -46.86
CA MET I 467 -7.51 7.04 -47.82
C MET I 467 -6.70 8.23 -47.34
N ILE I 468 -5.67 8.58 -48.10
CA ILE I 468 -4.86 9.77 -47.86
C ILE I 468 -4.80 10.57 -49.14
N ASP I 469 -5.09 11.87 -49.04
CA ASP I 469 -5.04 12.74 -50.21
C ASP I 469 -3.61 12.82 -50.75
N THR I 470 -3.48 12.67 -52.06
CA THR I 470 -2.15 12.66 -52.67
C THR I 470 -1.51 14.04 -52.66
N SER I 471 -2.30 15.09 -52.86
CA SER I 471 -1.75 16.44 -52.95
C SER I 471 -1.18 16.91 -51.62
N ILE I 472 -1.81 16.52 -50.51
CA ILE I 472 -1.36 16.97 -49.19
C ILE I 472 0.01 16.40 -48.86
N LEU I 473 0.27 15.16 -49.26
CA LEU I 473 1.54 14.54 -48.94
C LEU I 473 2.68 15.24 -49.68
N PRO I 474 3.74 15.64 -48.99
CA PRO I 474 4.89 16.24 -49.68
C PRO I 474 5.51 15.27 -50.67
N THR I 475 5.98 15.80 -51.79
CA THR I 475 6.57 14.98 -52.84
C THR I 475 7.97 15.43 -53.25
N ARG I 476 8.43 16.59 -52.83
CA ARG I 476 9.74 17.10 -53.19
C ARG I 476 10.66 17.12 -51.98
N ASP I 477 11.95 16.91 -52.23
CA ASP I 477 12.96 16.85 -51.17
C ASP I 477 13.67 18.19 -50.97
N ASP I 478 12.99 19.30 -51.24
CA ASP I 478 13.57 20.62 -51.03
C ASP I 478 13.19 21.15 -49.65
N LEU I 479 14.12 21.88 -49.05
CA LEU I 479 13.91 22.40 -47.70
C LEU I 479 12.93 23.57 -47.74
N PHE I 480 11.93 23.54 -46.86
CA PHE I 480 10.94 24.59 -46.76
C PHE I 480 10.88 25.06 -45.31
N VAL I 481 11.00 26.37 -45.11
CA VAL I 481 11.01 26.96 -43.77
C VAL I 481 10.00 28.11 -43.74
N ARG I 482 9.30 28.23 -42.60
CA ARG I 482 8.35 29.32 -42.40
C ARG I 482 9.10 30.59 -42.03
N ASN I 483 9.00 31.62 -42.88
CA ASN I 483 9.72 32.86 -42.66
C ASN I 483 8.98 33.71 -41.63
N LEU I 484 9.43 34.96 -41.46
CA LEU I 484 8.76 35.85 -40.52
C LEU I 484 7.37 36.24 -40.99
N GLN I 485 7.14 36.25 -42.30
CA GLN I 485 5.86 36.63 -42.87
C GLN I 485 4.94 35.44 -43.16
N GLY I 486 5.36 34.23 -42.80
CA GLY I 486 4.53 33.05 -42.96
C GLY I 486 4.63 32.33 -44.28
N ILE I 487 5.50 32.78 -45.19
CA ILE I 487 5.68 32.13 -46.48
C ILE I 487 6.74 31.04 -46.35
N GLN I 488 6.43 29.85 -46.85
CA GLN I 488 7.37 28.73 -46.82
C GLN I 488 8.50 29.02 -47.80
N GLU I 489 9.63 29.46 -47.27
CA GLU I 489 10.79 29.81 -48.09
C GLU I 489 11.63 28.57 -48.37
N VAL I 490 12.23 28.55 -49.56
CA VAL I 490 13.02 27.41 -50.01
C VAL I 490 14.48 27.64 -49.63
N VAL I 491 15.03 26.74 -48.83
CA VAL I 491 16.42 26.82 -48.41
C VAL I 491 17.23 26.04 -49.46
N HIS I 492 17.65 26.75 -50.51
CA HIS I 492 18.37 26.10 -51.60
C HIS I 492 19.75 25.63 -51.16
N ASN I 493 20.42 26.40 -50.29
CA ASN I 493 21.75 26.04 -49.81
C ASN I 493 21.69 25.82 -48.30
N THR I 494 22.25 24.69 -47.86
CA THR I 494 22.18 24.30 -46.46
C THR I 494 23.29 24.94 -45.62
N ASN I 495 24.54 24.81 -46.07
CA ASN I 495 25.66 25.31 -45.28
C ASN I 495 25.58 26.82 -45.08
N SER I 496 25.23 27.56 -46.13
CA SER I 496 25.10 29.00 -46.00
C SER I 496 23.98 29.38 -45.04
N PHE I 497 22.89 28.61 -45.05
CA PHE I 497 21.78 28.89 -44.13
C PHE I 497 22.21 28.73 -42.68
N ILE I 498 23.00 27.69 -42.38
CA ILE I 498 23.42 27.46 -41.01
C ILE I 498 24.34 28.57 -40.53
N ILE I 499 25.34 28.93 -41.34
CA ILE I 499 26.32 29.93 -40.91
C ILE I 499 25.68 31.31 -40.82
N SER I 500 24.77 31.64 -41.75
CA SER I 500 24.10 32.93 -41.69
C SER I 500 23.21 33.04 -40.46
N SER I 501 22.46 31.97 -40.16
CA SER I 501 21.64 31.97 -38.95
C SER I 501 22.51 31.94 -37.70
N LEU I 502 23.62 31.20 -37.74
CA LEU I 502 24.49 31.10 -36.57
C LEU I 502 25.09 32.45 -36.20
N ASP I 503 25.50 33.23 -37.21
CA ASP I 503 26.08 34.54 -36.94
C ASP I 503 25.08 35.47 -36.29
N THR I 504 23.84 35.46 -36.76
CA THR I 504 22.78 36.29 -36.20
C THR I 504 22.03 35.61 -35.06
N LEU I 505 22.42 34.41 -34.67
CA LEU I 505 21.74 33.70 -33.60
C LEU I 505 21.97 34.40 -32.27
N GLU I 506 20.94 34.40 -31.43
CA GLU I 506 21.01 34.98 -30.09
C GLU I 506 20.95 33.86 -29.06
N LEU I 507 21.90 33.88 -28.12
CA LEU I 507 21.96 32.85 -27.09
C LEU I 507 20.78 32.95 -26.12
N GLU I 508 20.10 34.11 -26.08
CA GLU I 508 18.93 34.25 -25.21
C GLU I 508 17.74 33.48 -25.74
N SER I 509 17.69 33.23 -27.05
CA SER I 509 16.53 32.60 -27.68
C SER I 509 16.52 31.08 -27.52
N ILE I 510 17.31 30.52 -26.60
CA ILE I 510 17.42 29.07 -26.50
C ILE I 510 16.22 28.47 -25.78
N THR I 511 16.03 28.84 -24.50
CA THR I 511 15.01 28.22 -23.68
C THR I 511 13.78 29.09 -23.46
N GLU I 512 13.91 30.42 -23.50
CA GLU I 512 12.77 31.29 -23.28
C GLU I 512 11.82 31.32 -24.48
N SER I 513 12.32 31.02 -25.68
CA SER I 513 11.49 31.02 -26.87
C SER I 513 10.71 29.70 -26.94
N ILE I 514 9.71 29.60 -26.08
CA ILE I 514 8.84 28.42 -26.08
C ILE I 514 7.98 28.40 -27.34
N THR I 515 7.50 29.55 -27.76
CA THR I 515 6.67 29.63 -28.96
C THR I 515 7.49 29.29 -30.20
N HIS I 516 6.81 28.70 -31.19
CA HIS I 516 7.45 28.30 -32.43
C HIS I 516 7.61 29.44 -33.42
N ASP I 517 6.97 30.58 -33.19
CA ASP I 517 7.03 31.71 -34.11
C ASP I 517 8.27 32.58 -33.87
N SER I 518 9.44 31.95 -33.88
CA SER I 518 10.69 32.67 -33.73
C SER I 518 11.18 33.12 -35.10
N SER I 519 11.77 34.32 -35.14
CA SER I 519 12.27 34.86 -36.41
C SER I 519 13.41 34.01 -36.97
N ASN I 520 14.17 33.35 -36.10
CA ASN I 520 15.30 32.54 -36.55
C ASN I 520 14.81 31.26 -37.20
N GLY I 521 15.23 31.02 -38.45
CA GLY I 521 14.81 29.82 -39.14
C GLY I 521 15.42 28.55 -38.55
N LEU I 522 16.69 28.62 -38.15
CA LEU I 522 17.37 27.43 -37.65
C LEU I 522 16.75 26.94 -36.34
N PHE I 523 16.37 27.85 -35.45
CA PHE I 523 15.75 27.45 -34.20
C PHE I 523 14.40 26.78 -34.43
N GLN I 524 13.68 27.19 -35.49
CA GLN I 524 12.43 26.51 -35.83
C GLN I 524 12.68 25.06 -36.24
N VAL I 525 13.83 24.79 -36.87
CA VAL I 525 14.11 23.44 -37.34
C VAL I 525 14.26 22.48 -36.18
N LEU I 526 14.90 22.92 -35.10
CA LEU I 526 15.12 22.03 -33.95
C LEU I 526 13.79 21.57 -33.35
N HIS I 527 12.86 22.50 -33.16
CA HIS I 527 11.56 22.15 -32.61
C HIS I 527 10.65 21.45 -33.62
N ASN I 528 11.01 21.48 -34.91
CA ASN I 528 10.28 20.78 -35.96
C ASN I 528 11.19 19.76 -36.63
N PHE I 529 12.00 19.06 -35.83
CA PHE I 529 13.01 18.17 -36.37
C PHE I 529 12.43 16.85 -36.86
N GLU I 530 11.21 16.51 -36.45
CA GLU I 530 10.63 15.21 -36.77
C GLU I 530 10.14 15.10 -38.20
N SER I 531 10.06 16.20 -38.95
CA SER I 531 9.48 16.19 -40.29
C SER I 531 10.49 16.48 -41.38
N VAL I 532 11.79 16.37 -41.10
CA VAL I 532 12.81 16.66 -42.10
C VAL I 532 12.81 15.57 -43.17
N ALA I 533 13.19 15.95 -44.39
CA ALA I 533 13.25 15.02 -45.50
C ALA I 533 14.33 13.96 -45.25
N PRO I 534 14.18 12.75 -45.83
CA PRO I 534 15.14 11.68 -45.56
C PRO I 534 16.57 12.00 -45.98
N THR I 535 16.77 12.37 -47.26
CA THR I 535 18.12 12.57 -47.75
C THR I 535 18.74 13.88 -47.28
N LYS I 536 17.91 14.88 -46.96
CA LYS I 536 18.46 16.20 -46.63
C LYS I 536 19.10 16.22 -45.25
N GLN I 537 18.58 15.45 -44.29
CA GLN I 537 19.14 15.49 -42.95
C GLN I 537 20.57 14.96 -42.91
N ARG I 538 20.91 14.05 -43.83
CA ARG I 538 22.30 13.62 -43.92
C ARG I 538 23.21 14.78 -44.29
N GLU I 539 22.75 15.63 -45.21
CA GLU I 539 23.52 16.82 -45.57
C GLU I 539 23.65 17.77 -44.38
N ILE I 540 22.57 17.93 -43.61
CA ILE I 540 22.60 18.83 -42.46
C ILE I 540 23.57 18.32 -41.41
N VAL I 541 23.55 17.02 -41.13
CA VAL I 541 24.50 16.46 -40.16
C VAL I 541 25.93 16.62 -40.66
N LYS I 542 26.16 16.34 -41.95
CA LYS I 542 27.49 16.53 -42.52
C LYS I 542 27.87 18.00 -42.57
N ALA I 543 26.89 18.91 -42.66
CA ALA I 543 27.19 20.33 -42.66
C ALA I 543 27.80 20.76 -41.33
N PHE I 544 27.27 20.24 -40.22
CA PHE I 544 27.84 20.58 -38.92
C PHE I 544 29.28 20.12 -38.80
N LEU I 545 29.59 18.91 -39.29
CA LEU I 545 30.92 18.35 -39.10
C LEU I 545 31.98 19.20 -39.79
N SER I 546 31.76 19.54 -41.07
CA SER I 546 32.74 20.34 -41.80
C SER I 546 32.89 21.73 -41.19
N ILE I 547 31.77 22.33 -40.78
CA ILE I 547 31.84 23.64 -40.14
C ILE I 547 32.56 23.55 -38.80
N PHE I 548 32.25 22.52 -38.01
CA PHE I 548 32.82 22.43 -36.66
C PHE I 548 34.32 22.17 -36.72
N GLU I 549 34.77 21.32 -37.64
CA GLU I 549 36.20 21.06 -37.73
C GLU I 549 36.98 22.29 -38.21
N ASP I 550 36.37 23.08 -39.10
CA ASP I 550 37.03 24.30 -39.56
C ASP I 550 37.13 25.34 -38.45
N ALA I 551 36.13 25.41 -37.57
CA ALA I 551 36.19 26.35 -36.46
C ALA I 551 37.33 26.04 -35.50
N ILE I 552 37.66 24.76 -35.36
CA ILE I 552 38.78 24.38 -34.50
C ILE I 552 40.10 24.83 -35.12
N LYS I 553 40.23 24.67 -36.44
CA LYS I 553 41.48 25.05 -37.10
C LYS I 553 41.72 26.56 -37.03
N GLU I 554 40.67 27.36 -37.25
CA GLU I 554 40.81 28.81 -37.27
C GLU I 554 40.69 29.44 -35.89
N LEU I 555 40.34 28.67 -34.86
CA LEU I 555 40.15 29.19 -33.51
C LEU I 555 39.08 30.28 -33.48
N ASN I 556 37.93 29.99 -34.08
CA ASN I 556 36.80 30.91 -34.11
C ASN I 556 35.93 30.62 -32.89
N TYR I 557 36.12 31.41 -31.84
CA TYR I 557 35.47 31.12 -30.56
C TYR I 557 33.99 31.45 -30.55
N ASN I 558 33.53 32.35 -31.43
CA ASN I 558 32.12 32.75 -31.41
C ASN I 558 31.22 31.62 -31.86
N ARG I 559 31.54 30.97 -32.97
CA ARG I 559 30.68 29.94 -33.52
C ARG I 559 30.81 28.61 -32.81
N ILE I 560 31.91 28.38 -32.09
CA ILE I 560 32.09 27.12 -31.38
C ILE I 560 31.14 27.04 -30.18
N ALA I 561 31.05 28.13 -29.41
CA ALA I 561 30.19 28.13 -28.22
C ALA I 561 28.73 28.01 -28.61
N LYS I 562 28.31 28.72 -29.65
CA LYS I 562 26.91 28.69 -30.07
C LYS I 562 26.49 27.31 -30.54
N ILE I 563 27.36 26.63 -31.29
CA ILE I 563 27.03 25.31 -31.81
C ILE I 563 26.79 24.33 -30.67
N CYS I 564 27.64 24.38 -29.65
CA CYS I 564 27.52 23.43 -28.53
C CYS I 564 26.22 23.63 -27.77
N ALA I 565 25.71 24.86 -27.71
CA ALA I 565 24.46 25.11 -27.00
C ALA I 565 23.28 24.41 -27.65
N LEU I 566 23.24 24.41 -28.99
CA LEU I 566 22.15 23.75 -29.69
C LEU I 566 22.17 22.24 -29.47
N LEU I 567 23.35 21.62 -29.51
CA LEU I 567 23.45 20.17 -29.44
C LEU I 567 23.20 19.64 -28.04
N PHE I 568 23.54 20.40 -27.01
CA PHE I 568 23.45 19.89 -25.64
C PHE I 568 22.01 19.65 -25.23
N PHE I 569 21.11 20.60 -25.52
CA PHE I 569 19.76 20.53 -24.97
C PHE I 569 18.94 19.40 -25.59
N ASN I 570 19.23 19.04 -26.84
CA ASN I 570 18.58 17.91 -27.52
C ASN I 570 17.06 18.12 -27.58
N PHE I 571 16.66 19.18 -28.26
CA PHE I 571 15.25 19.44 -28.50
C PHE I 571 14.73 18.52 -29.60
N SER I 572 13.62 17.83 -29.32
CA SER I 572 13.00 16.91 -30.27
C SER I 572 13.99 15.85 -30.74
N HIS I 573 14.76 15.31 -29.79
CA HIS I 573 15.73 14.25 -30.07
C HIS I 573 16.72 14.66 -31.16
N SER I 574 17.24 15.88 -31.05
CA SER I 574 18.19 16.37 -32.05
C SER I 574 19.56 15.72 -31.88
N LEU I 575 20.02 15.57 -30.63
CA LEU I 575 21.36 15.03 -30.41
C LEU I 575 21.44 13.55 -30.74
N THR I 576 20.36 12.80 -30.49
CA THR I 576 20.39 11.36 -30.76
C THR I 576 20.61 11.06 -32.23
N THR I 577 19.96 11.83 -33.11
CA THR I 577 20.15 11.62 -34.54
C THR I 577 21.58 11.89 -34.98
N ILE I 578 22.27 12.80 -34.30
CA ILE I 578 23.65 13.13 -34.66
C ILE I 578 24.56 11.94 -34.45
N LEU I 579 24.42 11.25 -33.32
CA LEU I 579 25.23 10.06 -33.09
C LEU I 579 24.75 8.88 -33.94
N SER I 580 23.44 8.79 -34.16
CA SER I 580 22.85 7.69 -34.91
C SER I 580 23.42 7.58 -36.32
N PHE I 581 24.49 10.72 -37.25
CA PHE I 581 24.94 9.86 -38.34
C PHE I 581 26.44 9.63 -38.24
N SER I 582 27.14 10.61 -37.68
CA SER I 582 28.58 10.52 -37.52
C SER I 582 28.94 9.58 -36.36
N SER I 583 30.06 8.89 -36.51
CA SER I 583 30.55 8.02 -35.46
C SER I 583 30.96 8.85 -34.26
N PRO I 584 30.53 8.49 -33.04
CA PRO I 584 30.91 9.29 -31.86
C PRO I 584 32.40 9.34 -31.60
N ALA I 585 33.18 8.39 -32.12
CA ALA I 585 34.62 8.42 -31.93
C ALA I 585 35.25 9.62 -32.62
N ALA I 586 34.93 9.84 -33.89
CA ALA I 586 35.48 10.97 -34.62
C ALA I 586 35.03 12.29 -34.00
N LEU I 587 33.76 12.36 -33.58
CA LEU I 587 33.28 13.56 -32.89
C LEU I 587 34.04 13.77 -31.59
N MET I 588 34.32 12.69 -30.85
CA MET I 588 35.07 12.82 -29.61
C MET I 588 36.49 13.30 -29.86
N LYS I 589 37.14 12.79 -30.92
CA LYS I 589 38.56 13.06 -31.13
C LYS I 589 38.82 14.55 -31.35
N THR I 590 38.07 15.17 -32.26
CA THR I 590 38.23 16.60 -32.49
C THR I 590 37.84 17.40 -31.25
N LEU I 591 36.76 17.00 -30.58
CA LEU I 591 36.28 17.74 -29.42
C LEU I 591 37.29 17.68 -28.27
N ILE I 592 37.92 16.52 -28.05
CA ILE I 592 38.92 16.42 -26.99
C ILE I 592 40.25 17.03 -27.41
N LYS I 593 40.50 17.16 -28.71
CA LYS I 593 41.70 17.84 -29.16
C LYS I 593 41.67 19.31 -28.78
N PHE I 594 40.51 19.96 -28.91
CA PHE I 594 40.39 21.37 -28.54
C PHE I 594 40.61 21.57 -27.05
N VAL I 595 40.03 20.70 -26.21
CA VAL I 595 40.14 20.87 -24.78
C VAL I 595 41.54 20.52 -24.28
N ASP I 596 42.33 19.81 -25.09
CA ASP I 596 43.69 19.46 -24.71
C ASP I 596 44.74 20.39 -25.29
N LEU I 597 44.56 20.83 -26.54
CA LEU I 597 45.50 21.70 -27.22
C LEU I 597 45.26 23.17 -26.94
N SER I 598 44.29 23.51 -26.10
CA SER I 598 44.03 24.91 -25.76
C SER I 598 45.09 25.50 -24.84
N ARG I 599 45.99 24.67 -24.30
CA ARG I 599 47.04 25.17 -23.43
C ARG I 599 48.00 26.09 -24.18
N ASN I 600 48.35 25.72 -25.41
CA ASN I 600 49.29 26.51 -26.20
C ASN I 600 48.69 27.81 -26.71
N GLY I 601 47.37 27.96 -26.67
CA GLY I 601 46.74 29.17 -27.20
C GLY I 601 46.73 30.36 -26.26
N ARG I 602 47.04 30.16 -24.98
CA ARG I 602 47.04 31.25 -24.02
C ARG I 602 48.40 31.90 -23.84
N ASN I 603 49.43 31.43 -24.53
CA ASN I 603 50.76 32.00 -24.44
C ASN I 603 51.09 32.92 -25.61
N GLY I 604 50.11 33.21 -26.47
CA GLY I 604 50.33 34.09 -27.60
C GLY I 604 49.38 35.27 -27.64
N SER I 605 48.53 35.37 -26.62
CA SER I 605 47.56 36.45 -26.51
C SER I 605 47.91 37.34 -25.33
N ASN I 606 47.87 38.65 -25.54
CA ASN I 606 48.15 39.63 -24.50
C ASN I 606 46.92 40.48 -24.27
N GLY I 607 46.51 40.58 -23.00
CA GLY I 607 45.33 41.35 -22.66
C GLY I 607 45.60 42.84 -22.52
N ASN I 608 45.78 43.52 -23.65
CA ASN I 608 46.07 44.95 -23.67
C ASN I 608 45.19 45.67 -24.69
N ASP I 609 44.01 45.12 -24.97
CA ASP I 609 43.10 45.70 -25.94
C ASP I 609 41.69 45.70 -25.37
N GLU I 610 40.86 46.62 -25.86
CA GLU I 610 39.47 46.69 -25.43
C GLU I 610 38.63 45.54 -25.97
N SER I 611 39.15 44.78 -26.92
CA SER I 611 38.47 43.57 -27.39
C SER I 611 38.88 42.33 -26.59
N SER I 612 39.84 42.46 -25.68
CA SER I 612 40.28 41.32 -24.88
C SER I 612 39.16 40.82 -23.98
N GLU I 613 38.46 41.73 -23.29
CA GLU I 613 37.35 41.32 -22.43
C GLU I 613 36.24 40.68 -23.25
N TYR I 614 36.00 41.17 -24.46
CA TYR I 614 35.11 40.45 -25.38
C TYR I 614 35.70 39.10 -25.77
N GLU I 615 37.01 39.05 -26.02
CA GLU I 615 37.63 37.80 -26.43
C GLU I 615 37.71 36.81 -25.27
N THR I 616 38.07 37.28 -24.07
CA THR I 616 38.17 36.38 -22.93
C THR I 616 36.83 35.74 -22.60
N ILE I 617 35.75 36.53 -22.64
CA ILE I 617 34.42 35.96 -22.47
C ILE I 617 34.12 34.99 -23.60
N ASN I 618 34.47 35.35 -24.84
CA ASN I 618 34.30 34.44 -25.96
C ASN I 618 35.16 33.20 -25.79
N ILE I 619 36.38 33.37 -25.26
CA ILE I 619 37.24 32.21 -25.02
C ILE I 619 36.71 31.37 -23.87
N SER I 620 36.25 32.02 -22.79
CA SER I 620 35.76 31.28 -21.63
C SER I 620 34.53 30.45 -21.98
N LEU I 621 33.59 31.04 -22.71
CA LEU I 621 32.36 30.31 -23.05
C LEU I 621 32.63 29.19 -24.05
N SER I 622 33.56 29.41 -24.98
CA SER I 622 33.90 28.36 -25.94
C SER I 622 34.49 27.15 -25.24
N PHE I 623 35.36 27.37 -24.24
CA PHE I 623 35.95 26.27 -23.50
C PHE I 623 34.95 25.65 -22.53
N SER I 624 34.15 26.49 -21.85
CA SER I 624 33.23 25.97 -20.84
C SER I 624 32.12 25.13 -21.45
N TRP I 625 31.57 25.57 -22.58
CA TRP I 625 30.50 24.80 -23.21
C TRP I 625 31.02 23.46 -23.71
N ALA I 626 32.23 23.43 -24.26
CA ALA I 626 32.78 22.18 -24.81
C ALA I 626 32.92 21.11 -23.74
N ILE I 627 33.07 21.50 -22.47
CA ILE I 627 33.09 20.52 -21.40
C ILE I 627 31.70 19.92 -21.19
N LEU I 628 30.67 20.76 -21.23
CA LEU I 628 29.30 20.28 -20.99
C LEU I 628 28.86 19.29 -22.07
N LEU I 629 29.41 19.40 -23.28
CA LEU I 629 29.06 18.44 -24.32
C LEU I 629 29.60 17.05 -24.00
N ILE I 630 30.78 16.98 -23.38
CA ILE I 630 31.38 15.69 -23.06
C ILE I 630 30.60 15.00 -21.95
N ILE I 631 30.26 15.74 -20.89
CA ILE I 631 29.61 15.14 -19.73
C ILE I 631 28.26 14.56 -20.10
N ASN I 632 27.47 15.30 -20.89
CA ASN I 632 26.18 14.79 -21.34
C ASN I 632 26.33 13.52 -22.15
N LEU I 633 27.33 13.48 -23.04
CA LEU I 633 27.57 12.27 -23.83
C LEU I 633 27.97 11.10 -22.95
N THR I 634 28.86 11.35 -21.98
CA THR I 634 29.34 10.26 -21.13
C THR I 634 28.22 9.70 -20.25
N GLN I 635 27.39 10.57 -19.67
CA GLN I 635 26.43 10.13 -18.67
C GLN I 635 25.26 9.37 -19.31
N THR I 636 24.52 10.04 -20.19
CA THR I 636 23.30 9.46 -20.74
C THR I 636 23.52 8.62 -21.98
N TYR I 637 24.46 8.99 -22.85
CA TYR I 637 24.65 8.29 -24.10
C TYR I 637 25.62 7.12 -24.02
N GLY I 638 26.18 6.85 -22.83
CA GLY I 638 26.99 5.68 -22.64
C GLY I 638 28.28 5.61 -23.45
N ILE I 639 29.03 6.71 -23.47
CA ILE I 639 30.34 6.76 -24.11
C ILE I 639 31.39 6.99 -23.04
N SER I 640 32.56 6.40 -23.22
CA SER I 640 33.65 6.46 -22.25
C SER I 640 34.78 7.31 -22.81
N VAL I 641 35.25 8.27 -22.01
CA VAL I 641 36.36 9.12 -22.43
C VAL I 641 37.67 8.34 -22.46
N VAL I 642 37.81 7.34 -21.59
CA VAL I 642 39.06 6.59 -21.51
C VAL I 642 39.29 5.80 -22.80
N ASP I 643 38.23 5.26 -23.39
CA ASP I 643 38.39 4.39 -24.55
C ASP I 643 38.99 5.12 -25.74
N VAL I 644 38.57 6.37 -25.97
CA VAL I 644 39.01 7.08 -27.17
C VAL I 644 40.51 7.39 -27.08
N ALA I 645 41.03 7.64 -25.88
CA ALA I 645 42.46 7.90 -25.75
C ALA I 645 43.29 6.68 -26.13
N LEU I 646 42.84 5.49 -25.73
CA LEU I 646 43.58 4.27 -26.06
C LEU I 646 43.59 4.01 -27.56
N LYS I 647 42.45 4.25 -28.23
CA LYS I 647 42.38 3.98 -29.67
C LYS I 647 43.22 4.94 -30.47
N TYR I 648 43.33 6.20 -30.06
CA TYR I 648 44.08 7.20 -30.80
C TYR I 648 45.40 7.46 -30.09
N PRO I 649 46.54 7.04 -30.66
CA PRO I 649 47.82 7.22 -29.95
C PRO I 649 48.26 8.67 -29.83
N GLU I 650 47.71 9.59 -30.61
CA GLU I 650 48.12 10.98 -30.56
C GLU I 650 47.68 11.68 -29.29
N LEU I 651 46.81 11.06 -28.49
CA LEU I 651 46.35 11.65 -27.24
C LEU I 651 47.28 11.26 -26.10
N SER I 652 47.75 12.26 -25.35
CA SER I 652 48.64 12.03 -24.21
C SER I 652 47.77 11.68 -23.01
N ILE I 653 47.72 10.40 -22.66
CA ILE I 653 46.87 9.94 -21.56
C ILE I 653 47.36 10.51 -20.24
N LYS I 654 48.67 10.51 -20.00
CA LYS I 654 49.21 10.94 -18.72
C LYS I 654 49.08 12.45 -18.53
N ASN I 655 49.07 13.22 -19.62
CA ASN I 655 48.97 14.67 -19.54
C ASN I 655 47.60 15.18 -19.95
N SER I 656 46.59 14.32 -19.95
CA SER I 656 45.23 14.70 -20.35
C SER I 656 44.47 15.20 -19.13
N PHE I 657 44.11 16.49 -19.13
CA PHE I 657 43.32 17.05 -18.05
C PHE I 657 41.86 16.62 -18.12
N ILE I 658 41.34 16.40 -19.33
CA ILE I 658 39.94 16.04 -19.48
C ILE I 658 39.66 14.65 -18.92
N ILE I 659 40.61 13.72 -19.08
CA ILE I 659 40.36 12.32 -18.74
C ILE I 659 40.14 12.16 -17.25
N ASN I 660 41.03 12.72 -16.42
CA ASN I 660 40.90 12.58 -14.99
C ASN I 660 39.87 13.55 -14.39
N PHE I 661 39.42 14.54 -15.15
CA PHE I 661 38.40 15.46 -14.66
C PHE I 661 37.03 14.79 -14.59
N ILE I 662 36.67 14.05 -15.65
CA ILE I 662 35.35 13.42 -15.70
C ILE I 662 35.21 12.35 -14.64
N SER I 663 36.24 11.50 -14.49
CA SER I 663 36.15 10.39 -13.54
C SER I 663 36.08 10.88 -12.09
N ASN I 664 36.50 12.11 -11.82
CA ASN I 664 36.40 12.70 -10.50
C ASN I 664 35.42 13.87 -10.49
N LEU I 665 34.43 13.83 -11.38
CA LEU I 665 33.47 14.93 -11.50
C LEU I 665 32.67 15.19 -10.22
N PRO I 666 32.04 14.19 -9.58
CA PRO I 666 31.23 14.49 -8.41
C PRO I 666 32.01 14.71 -7.11
N ASN I 667 33.32 14.53 -7.13
CA ASN I 667 34.15 14.66 -5.94
C ASN I 667 35.17 15.76 -6.13
N VAL I 668 35.33 16.59 -5.09
CA VAL I 668 36.24 17.72 -5.12
C VAL I 668 37.25 17.57 -3.98
N SER I 669 38.50 17.90 -4.26
CA SER I 669 39.55 17.77 -3.27
C SER I 669 39.37 18.77 -2.14
N ASP I 670 39.69 18.34 -0.92
CA ASP I 670 39.62 19.23 0.23
C ASP I 670 40.73 20.28 0.22
N LYS I 671 41.84 20.01 -0.45
CA LYS I 671 42.94 20.95 -0.60
C LYS I 671 42.99 21.45 -2.04
N TYR I 672 43.44 22.69 -2.20
CA TYR I 672 43.49 23.34 -3.50
C TYR I 672 44.92 23.30 -4.02
N TYR I 673 45.11 22.73 -5.21
CA TYR I 673 46.42 22.62 -5.84
C TYR I 673 46.37 23.27 -7.21
N LEU I 674 47.30 24.19 -7.46
CA LEU I 674 47.37 24.82 -8.77
C LEU I 674 47.71 23.81 -9.86
N GLU I 675 48.64 22.90 -9.58
CA GLU I 675 49.03 21.86 -10.52
C GLU I 675 49.11 20.54 -9.77
N GLU I 676 48.73 19.46 -10.46
CA GLU I 676 48.64 18.14 -9.83
C GLU I 676 49.85 17.25 -10.09
N SER I 677 50.51 17.41 -11.23
CA SER I 677 51.68 16.59 -11.54
C SER I 677 52.92 17.00 -10.77
N ASN I 678 52.92 18.15 -10.10
CA ASN I 678 54.08 18.63 -9.38
C ASN I 678 53.75 18.88 -7.91
N VAL I 679 53.04 17.96 -7.29
CA VAL I 679 52.72 18.09 -5.86
C VAL I 679 53.97 17.96 -5.00
N ASN I 680 55.07 17.44 -5.54
CA ASN I 680 56.30 17.31 -4.78
C ASN I 680 57.02 18.63 -4.58
N ASP I 681 56.58 19.69 -5.25
CA ASP I 681 57.17 21.01 -5.10
C ASP I 681 56.28 21.86 -4.20
N SER I 682 56.91 22.74 -3.43
CA SER I 682 56.17 23.57 -2.46
C SER I 682 56.00 25.01 -2.92
N ASP I 683 56.64 25.43 -4.02
CA ASP I 683 56.54 26.82 -4.43
C ASP I 683 55.13 27.18 -4.89
N MET I 684 54.46 26.28 -5.61
CA MET I 684 53.10 26.60 -6.05
C MET I 684 52.12 26.54 -4.89
N LEU I 685 52.39 25.71 -3.88
CA LEU I 685 51.47 25.61 -2.75
C LEU I 685 51.48 26.89 -1.91
N THR I 686 52.58 27.66 -1.96
CA THR I 686 52.63 28.92 -1.24
C THR I 686 51.61 29.91 -1.79
N LYS I 687 51.53 30.02 -3.12
CA LYS I 687 50.58 30.92 -3.75
C LYS I 687 49.22 30.30 -3.97
N SER I 688 49.08 28.98 -3.77
CA SER I 688 47.76 28.36 -3.87
C SER I 688 46.83 28.87 -2.77
N HIS I 689 47.35 28.99 -1.55
CA HIS I 689 46.57 29.60 -0.48
C HIS I 689 46.39 31.10 -0.72
N ASN I 690 47.35 31.74 -1.39
CA ASN I 690 47.19 33.15 -1.73
C ASN I 690 46.01 33.36 -2.67
N THR I 691 45.83 32.46 -3.65
CA THR I 691 44.72 32.58 -4.58
C THR I 691 43.38 32.42 -3.87
N VAL I 692 43.31 31.51 -2.90
CA VAL I 692 42.05 31.27 -2.19
C VAL I 692 41.63 32.52 -1.41
N GLN I 693 42.57 33.12 -0.69
CA GLN I 693 42.23 34.31 0.09
C GLN I 693 42.05 35.55 -0.80
N SER I 694 42.75 35.60 -1.93
CA SER I 694 42.57 36.73 -2.84
C SER I 694 41.18 36.72 -3.47
N TRP I 695 40.68 35.54 -3.83
CA TRP I 695 39.36 35.46 -4.44
C TRP I 695 38.24 35.62 -3.42
N LEU I 696 38.44 35.13 -2.20
CA LEU I 696 37.40 35.25 -1.19
C LEU I 696 37.18 36.70 -0.78
N CYS I 697 38.26 37.46 -0.58
CA CYS I 697 38.11 38.84 -0.16
C CYS I 697 37.52 39.72 -1.27
N ASP I 698 37.94 39.48 -2.51
CA ASP I 698 37.48 40.30 -3.62
C ASP I 698 36.00 40.07 -3.93
N LEU I 699 35.53 38.84 -3.76
CA LEU I 699 34.17 38.49 -4.17
C LEU I 699 33.17 38.59 -3.03
N PHE I 700 33.59 38.41 -1.78
CA PHE I 700 32.68 38.43 -0.65
C PHE I 700 32.74 39.70 0.17
N VAL I 701 33.82 40.48 0.07
CA VAL I 701 33.99 41.72 0.83
C VAL I 701 34.09 42.92 -0.10
N ASN I 702 34.98 42.86 -1.09
CA ASN I 702 35.12 43.97 -2.03
C ASN I 702 33.87 44.12 -2.90
N GLY I 703 33.25 43.00 -3.27
CA GLY I 703 32.09 43.06 -4.12
C GLY I 703 32.37 43.34 -5.58
N SER I 704 33.60 43.10 -6.03
CA SER I 704 33.98 43.34 -7.41
C SER I 704 35.11 42.39 -7.78
N ILE I 705 35.15 42.00 -9.05
CA ILE I 705 36.17 41.09 -9.57
C ILE I 705 37.15 41.91 -10.38
N THR I 706 38.38 42.00 -9.90
CA THR I 706 39.41 42.75 -10.60
C THR I 706 39.84 42.01 -11.86
N ASP I 707 40.20 42.78 -12.89
CA ASP I 707 40.63 42.18 -14.15
C ASP I 707 41.98 41.50 -14.04
N GLN I 708 42.79 41.88 -13.06
CA GLN I 708 44.09 41.24 -12.89
C GLN I 708 43.95 39.78 -12.49
N LEU I 709 42.98 39.48 -11.62
CA LEU I 709 42.79 38.09 -11.17
C LEU I 709 42.42 37.18 -12.32
N ILE I 710 41.51 37.63 -13.20
CA ILE I 710 41.07 36.80 -14.32
C ILE I 710 42.23 36.53 -15.28
N GLN I 711 43.03 37.56 -15.57
CA GLN I 711 44.12 37.39 -16.53
C GLN I 711 45.18 36.44 -16.00
N ASN I 712 45.48 36.51 -14.70
CA ASN I 712 46.56 35.72 -14.13
C ASN I 712 46.19 34.25 -13.90
N ILE I 713 44.91 33.91 -13.92
CA ILE I 713 44.47 32.56 -13.66
C ILE I 713 43.96 31.94 -14.96
N GLU I 714 44.03 30.61 -15.03
CA GLU I 714 43.55 29.85 -16.17
C GLU I 714 42.17 29.30 -15.88
N THR I 715 41.54 28.75 -16.92
CA THR I 715 40.21 28.17 -16.76
C THR I 715 40.26 26.89 -15.92
N ARG I 716 41.34 26.12 -16.06
CA ARG I 716 41.42 24.84 -15.35
C ARG I 716 41.43 25.03 -13.84
N GLN I 717 42.16 26.05 -13.36
CA GLN I 717 42.14 26.33 -11.92
C GLN I 717 40.78 26.85 -11.47
N LEU I 718 40.09 27.61 -12.33
CA LEU I 718 38.76 28.11 -11.99
C LEU I 718 37.77 26.96 -11.81
N ALA I 719 37.87 25.93 -12.66
CA ALA I 719 36.95 24.80 -12.58
C ALA I 719 37.00 24.10 -11.23
N ASN I 720 38.12 24.20 -10.51
CA ASN I 720 38.24 23.64 -9.17
C ASN I 720 38.18 24.67 -8.07
N LEU I 721 38.47 25.95 -8.37
CA LEU I 721 38.43 26.98 -7.35
C LEU I 721 37.00 27.25 -6.91
N ILE I 722 36.08 27.37 -7.86
CA ILE I 722 34.67 27.67 -7.53
C ILE I 722 34.06 26.59 -6.65
N PRO I 723 34.18 25.29 -6.95
CA PRO I 723 33.64 24.29 -6.01
C PRO I 723 34.27 24.35 -4.64
N PHE I 724 35.56 24.71 -4.55
CA PHE I 724 36.21 24.79 -3.26
C PHE I 724 35.58 25.88 -2.40
N ILE I 725 35.43 27.09 -2.96
CA ILE I 725 34.92 28.22 -2.19
C ILE I 725 33.47 27.99 -1.78
N VAL I 726 32.63 27.52 -2.70
CA VAL I 726 31.23 27.31 -2.37
C VAL I 726 31.08 26.21 -1.31
N LYS I 727 31.93 25.18 -1.38
CA LYS I 727 31.89 24.14 -0.36
C LYS I 727 32.27 24.69 1.01
N GLN I 728 33.31 25.53 1.06
CA GLN I 728 33.73 26.12 2.33
C GLN I 728 32.63 27.02 2.90
N VAL I 729 32.02 27.84 2.07
CA VAL I 729 30.97 28.75 2.54
C VAL I 729 29.75 27.97 2.98
N LEU I 730 29.31 27.01 2.15
CA LEU I 730 28.12 26.25 2.48
C LEU I 730 28.31 25.41 3.74
N LEU I 731 29.48 24.78 3.88
CA LEU I 731 29.77 24.02 5.09
C LEU I 731 29.80 24.92 6.31
N SER I 732 30.41 26.11 6.18
CA SER I 732 30.46 27.04 7.30
C SER I 732 29.06 27.50 7.71
N VAL I 733 28.19 27.74 6.72
CA VAL I 733 26.82 28.14 7.03
C VAL I 733 26.09 27.02 7.78
N GLU I 734 26.25 25.78 7.31
CA GLU I 734 25.54 24.67 7.93
C GLU I 734 25.96 24.46 9.38
N ILE I 735 27.26 24.53 9.66
CA ILE I 735 27.73 24.36 11.02
C ILE I 735 27.32 25.53 11.89
N GLY I 736 27.34 26.74 11.32
CA GLY I 736 26.98 27.93 12.07
C GLY I 736 28.10 28.96 12.10
N VAL I 737 29.18 28.69 11.37
CA VAL I 737 30.29 29.63 11.30
C VAL I 737 29.84 30.93 10.64
N LEU I 738 29.11 30.82 9.54
CA LEU I 738 28.59 31.97 8.82
C LEU I 738 27.10 32.12 9.15
N THR I 739 26.72 33.30 9.65
CA THR I 739 25.36 33.55 10.08
C THR I 739 24.66 34.62 9.24
N ASP I 740 25.39 35.38 8.43
CA ASP I 740 24.80 36.41 7.59
C ASP I 740 24.50 35.84 6.21
N ILE I 741 23.24 35.90 5.81
CA ILE I 741 22.79 35.32 4.55
C ILE I 741 22.73 36.37 3.44
N SER I 742 22.25 37.57 3.77
CA SER I 742 21.98 38.57 2.73
C SER I 742 23.25 38.93 1.97
N SER I 743 24.37 39.11 2.68
CA SER I 743 25.64 39.37 1.99
C SER I 743 26.05 38.18 1.13
N LEU I 744 25.74 36.97 1.57
CA LEU I 744 26.07 35.79 0.78
C LEU I 744 25.20 35.68 -0.47
N ILE I 745 23.92 36.05 -0.35
CA ILE I 745 23.02 35.97 -1.51
C ILE I 745 23.57 36.83 -2.64
N GLY I 746 23.97 38.05 -2.33
CA GLY I 746 24.68 38.86 -3.32
C GLY I 746 26.01 38.25 -3.70
N GLY I 747 26.70 37.60 -2.75
CA GLY I 747 27.99 37.02 -3.05
C GLY I 747 27.92 35.91 -4.08
N PHE I 748 26.94 35.02 -3.95
CA PHE I 748 26.79 33.96 -4.93
C PHE I 748 26.29 34.45 -6.28
N GLU I 749 25.84 35.70 -6.37
CA GLU I 749 25.46 36.25 -7.67
C GLU I 749 26.66 36.39 -8.59
N TYR I 750 27.85 36.63 -8.04
CA TYR I 750 29.04 36.80 -8.86
C TYR I 750 29.51 35.50 -9.50
N PHE I 751 28.96 34.35 -9.12
CA PHE I 751 29.33 33.09 -9.76
C PHE I 751 28.63 32.88 -11.09
N LEU I 752 27.71 33.76 -11.48
CA LEU I 752 26.90 33.59 -12.67
C LEU I 752 27.40 34.41 -13.85
N GLN I 753 28.49 35.17 -13.69
CA GLN I 753 29.05 35.94 -14.80
C GLN I 753 29.63 35.00 -15.85
N PRO I 754 29.68 35.45 -17.11
CA PRO I 754 30.21 34.58 -18.17
C PRO I 754 31.64 34.13 -17.93
N LEU I 755 32.46 34.96 -17.28
CA LEU I 755 33.84 34.55 -16.99
C LEU I 755 33.87 33.38 -16.01
N LEU I 756 32.98 33.38 -15.02
CA LEU I 756 32.97 32.38 -13.97
C LEU I 756 31.93 31.29 -14.21
N LEU I 757 31.52 31.08 -15.47
CA LEU I 757 30.45 30.12 -15.74
C LEU I 757 30.94 28.68 -15.62
N VAL I 758 32.20 28.41 -15.94
CA VAL I 758 32.70 27.04 -15.92
C VAL I 758 32.76 26.48 -14.50
N GLY I 759 32.74 27.33 -13.48
CA GLY I 759 32.84 26.88 -12.11
C GLY I 759 31.57 26.25 -11.57
N LEU I 760 30.45 26.34 -12.30
CA LEU I 760 29.20 25.75 -11.86
C LEU I 760 29.07 24.27 -12.22
N ILE I 761 29.94 23.76 -13.10
CA ILE I 761 29.81 22.38 -13.58
C ILE I 761 29.94 21.40 -12.41
N LYS I 762 30.97 21.59 -11.58
CA LYS I 762 31.19 20.71 -10.44
C LYS I 762 30.35 21.09 -9.23
N THR I 763 29.74 22.27 -9.23
CA THR I 763 28.98 22.72 -8.06
C THR I 763 27.74 21.85 -7.84
N PHE I 764 27.04 21.50 -8.92
CA PHE I 764 25.78 20.77 -8.78
C PHE I 764 25.99 19.29 -8.45
N TYR I 765 27.04 18.68 -8.98
CA TYR I 765 27.29 17.26 -8.70
C TYR I 765 27.52 17.01 -7.23
N TRP I 766 28.29 17.88 -6.57
CA TRP I 766 28.56 17.73 -5.14
C TRP I 766 27.31 17.90 -4.29
N LEU I 767 26.27 18.53 -4.82
CA LEU I 767 25.13 18.92 -4.00
C LEU I 767 24.43 17.70 -3.40
N GLU I 768 24.20 16.66 -4.20
CA GLU I 768 23.48 15.49 -3.70
C GLU I 768 24.28 14.77 -2.60
N GLN I 769 25.59 14.64 -2.79
CA GLN I 769 26.41 14.09 -1.72
C GLN I 769 26.33 14.97 -0.48
N PHE I 770 26.34 16.29 -0.68
CA PHE I 770 26.07 17.21 0.43
C PHE I 770 24.64 17.03 0.95
N LEU I 771 23.67 16.87 0.04
CA LEU I 771 22.28 16.81 0.46
C LEU I 771 21.93 15.47 1.08
N SER I 772 22.52 14.37 0.58
CA SER I 772 22.23 13.06 1.13
C SER I 772 22.62 12.98 2.60
N CYS I 773 23.79 13.53 2.95
CA CYS I 773 24.16 13.64 4.35
C CYS I 773 23.20 14.55 5.11
N VAL I 774 22.78 15.65 4.46
CA VAL I 774 21.85 16.58 5.09
C VAL I 774 20.51 15.90 5.33
N LYS I 775 20.05 15.08 4.38
CA LYS I 775 18.76 14.42 4.51
C LYS I 775 18.72 13.52 5.73
N ASN I 776 19.78 12.73 5.96
CA ASN I 776 19.82 11.84 7.11
C ASN I 776 20.13 12.59 8.39
N ASP I 777 20.98 13.61 8.33
CA ASP I 777 21.34 14.38 9.52
C ASP I 777 20.18 15.28 9.93
N THR I 778 20.16 15.65 11.21
CA THR I 778 19.12 16.50 11.77
C THR I 778 19.58 17.95 11.67
N ILE I 779 18.93 18.72 10.79
CA ILE I 779 19.21 20.13 10.59
C ILE I 779 17.96 20.93 10.91
N SER I 780 18.11 21.97 11.73
CA SER I 780 16.97 22.81 12.08
C SER I 780 16.45 23.54 10.85
N GLU I 781 15.15 23.84 10.88
CA GLU I 781 14.52 24.51 9.74
C GLU I 781 15.11 25.89 9.50
N ASP I 782 15.56 26.58 10.56
CA ASP I 782 16.20 27.88 10.39
C ASP I 782 17.47 27.76 9.56
N ILE I 783 18.29 26.76 9.85
CA ILE I 783 19.45 26.49 9.00
C ILE I 783 19.00 25.94 7.65
N LEU I 784 18.00 25.05 7.66
CA LEU I 784 17.53 24.45 6.42
C LEU I 784 16.96 25.48 5.47
N GLN I 785 16.16 26.42 5.99
CA GLN I 785 15.64 27.48 5.13
C GLN I 785 16.75 28.38 4.63
N GLY I 786 17.82 28.55 5.41
CA GLY I 786 18.98 29.26 4.91
C GLY I 786 19.66 28.52 3.77
N ILE I 787 19.80 27.21 3.89
CA ILE I 787 20.42 26.41 2.83
C ILE I 787 19.68 26.60 1.52
N PHE I 788 18.34 26.56 1.58
CA PHE I 788 17.55 26.81 0.38
C PHE I 788 17.74 28.23 -0.12
N ASN I 789 17.85 29.19 0.80
CA ASN I 789 18.05 30.59 0.39
C ASN I 789 19.34 30.75 -0.39
N LEU I 790 20.44 30.18 0.12
CA LEU I 790 21.70 30.22 -0.61
C LEU I 790 21.60 29.40 -1.89
N LEU I 791 20.93 28.25 -1.84
CA LEU I 791 20.79 27.41 -3.04
C LEU I 791 19.90 28.08 -4.08
N ASN I 792 18.84 28.76 -3.64
CA ASN I 792 17.91 29.37 -4.59
C ASN I 792 18.57 30.47 -5.40
N THR I 793 19.63 31.09 -4.88
CA THR I 793 20.34 32.11 -5.64
C THR I 793 20.94 31.53 -6.91
N LEU I 794 21.54 30.34 -6.82
CA LEU I 794 22.02 29.65 -8.00
C LEU I 794 20.89 29.05 -8.81
N PHE I 795 19.81 28.64 -8.16
CA PHE I 795 18.68 28.01 -8.85
C PHE I 795 17.80 29.04 -9.54
N ASN I 796 17.45 30.12 -8.84
CA ASN I 796 16.52 31.13 -9.32
C ASN I 796 17.19 32.50 -9.28
N PRO I 797 18.05 32.80 -10.24
CA PRO I 797 18.69 34.11 -10.27
C PRO I 797 17.70 35.23 -10.53
N VAL I 798 17.97 36.39 -9.93
CA VAL I 798 17.12 37.56 -10.17
C VAL I 798 17.31 38.09 -11.59
N THR I 799 18.56 38.11 -12.07
CA THR I 799 18.87 38.60 -13.41
C THR I 799 19.94 37.73 -14.03
N LEU I 800 19.90 37.61 -15.35
CA LEU I 800 20.85 36.82 -16.10
C LEU I 800 21.36 37.60 -17.31
N ASN I 801 22.66 37.46 -17.58
CA ASN I 801 23.23 38.09 -18.75
C ASN I 801 22.78 37.39 -20.02
N GLU I 802 23.01 38.04 -21.16
CA GLU I 802 22.59 37.48 -22.45
C GLU I 802 23.42 36.28 -22.87
N ASP I 803 24.52 35.99 -22.18
CA ASP I 803 25.33 34.80 -22.48
C ASP I 803 25.27 33.74 -21.38
N SER I 804 24.60 34.02 -20.26
CA SER I 804 24.59 33.11 -19.13
C SER I 804 23.23 32.47 -18.86
N LYS I 805 22.17 32.94 -19.49
CA LYS I 805 20.84 32.41 -19.19
C LYS I 805 20.68 30.99 -19.71
N ALA I 806 21.09 30.75 -20.95
CA ALA I 806 21.00 29.40 -21.50
C ALA I 806 22.00 28.46 -20.85
N PHE I 807 23.18 28.98 -20.48
CA PHE I 807 24.17 28.15 -19.80
C PHE I 807 23.67 27.69 -18.45
N HIS I 808 23.03 28.58 -17.68
CA HIS I 808 22.56 28.22 -16.36
C HIS I 808 21.52 27.10 -16.41
N THR I 809 20.59 27.17 -17.36
CA THR I 809 19.62 26.09 -17.53
C THR I 809 20.32 24.80 -17.95
N ALA I 810 21.34 24.90 -18.81
CA ALA I 810 22.01 23.72 -19.31
C ALA I 810 22.68 22.93 -18.19
N VAL I 811 23.38 23.62 -17.28
CA VAL I 811 24.07 22.92 -16.20
C VAL I 811 23.07 22.29 -15.24
N LEU I 812 21.95 22.96 -14.99
CA LEU I 812 20.92 22.38 -14.12
C LEU I 812 20.28 21.15 -14.74
N ARG I 813 20.44 20.95 -16.05
CA ARG I 813 19.84 19.81 -16.72
C ARG I 813 20.68 18.54 -16.64
N LEU I 814 21.98 18.66 -16.40
CA LEU I 814 22.84 17.47 -16.43
C LEU I 814 22.56 16.56 -15.25
N ASN I 815 22.50 17.12 -14.05
CA ASN I 815 22.43 16.34 -12.82
C ASN I 815 21.16 16.70 -12.04
N ALA I 816 20.06 16.87 -12.77
CA ALA I 816 18.79 17.22 -12.15
C ALA I 816 18.11 16.02 -11.49
N ILE I 817 18.17 14.86 -12.15
CA ILE I 817 17.33 13.73 -11.74
C ILE I 817 17.65 13.26 -10.32
N PRO I 818 18.90 12.97 -9.95
CA PRO I 818 19.18 12.61 -8.55
C PRO I 818 18.87 13.73 -7.57
N LEU I 819 19.01 14.99 -8.00
CA LEU I 819 18.69 16.10 -7.12
C LEU I 819 17.20 16.13 -6.78
N LEU I 820 16.34 15.85 -7.76
CA LEU I 820 14.90 15.86 -7.53
C LEU I 820 14.49 14.81 -6.51
N LYS I 821 15.10 13.62 -6.59
CA LYS I 821 14.75 12.54 -5.66
C LYS I 821 15.08 12.92 -4.23
N VAL I 822 16.24 13.55 -4.01
CA VAL I 822 16.64 13.92 -2.65
C VAL I 822 15.77 15.04 -2.11
N LEU I 823 15.44 16.03 -2.96
CA LEU I 823 14.66 17.17 -2.50
C LEU I 823 13.26 16.76 -2.07
N ARG I 824 12.61 15.86 -2.81
CA ARG I 824 11.26 15.46 -2.48
C ARG I 824 11.18 14.69 -1.16
N LYS I 825 12.29 14.15 -0.68
CA LYS I 825 12.29 13.41 0.57
C LYS I 825 12.01 14.29 1.78
N PHE I 826 12.12 15.60 1.64
CA PHE I 826 11.87 16.52 2.75
C PHE I 826 10.38 16.75 2.94
N ASN I 846 9.61 27.47 0.78
CA ASN I 846 10.68 27.68 -0.19
C ASN I 846 11.17 26.38 -0.81
N LEU I 847 10.68 25.26 -0.29
CA LEU I 847 11.02 23.96 -0.86
C LEU I 847 10.46 23.82 -2.27
N GLU I 848 9.18 24.12 -2.43
CA GLU I 848 8.52 23.93 -3.73
C GLU I 848 9.18 24.67 -4.89
N PRO I 849 9.61 25.93 -4.77
CA PRO I 849 10.25 26.58 -5.93
C PRO I 849 11.43 25.83 -6.49
N LEU I 850 12.24 25.17 -5.65
CA LEU I 850 13.36 24.41 -6.15
C LEU I 850 12.89 23.25 -7.03
N ILE I 851 11.90 22.49 -6.56
CA ILE I 851 11.31 21.44 -7.39
C ILE I 851 10.61 22.07 -8.59
N ALA I 852 9.92 23.19 -8.38
CA ALA I 852 9.26 23.87 -9.49
C ALA I 852 10.26 24.33 -10.53
N LYS I 853 11.41 24.85 -10.10
CA LYS I 853 12.47 25.19 -11.05
C LYS I 853 13.07 23.94 -11.66
N LEU I 854 13.27 22.89 -10.86
CA LEU I 854 13.87 21.66 -11.39
C LEU I 854 12.94 20.98 -12.38
N VAL I 855 11.63 20.96 -12.09
CA VAL I 855 10.70 20.36 -13.05
C VAL I 855 10.58 21.23 -14.30
N ALA I 856 10.74 22.55 -14.16
CA ALA I 856 10.66 23.43 -15.31
C ALA I 856 11.82 23.19 -16.27
N VAL I 857 13.03 23.04 -15.74
CA VAL I 857 14.18 22.77 -16.60
C VAL I 857 14.18 21.33 -17.09
N LEU I 858 13.45 20.44 -16.43
CA LEU I 858 13.33 19.06 -16.89
C LEU I 858 12.30 18.91 -18.01
N ASN I 859 11.38 19.87 -18.16
CA ASN I 859 10.33 19.78 -19.16
C ASN I 859 10.69 20.45 -20.48
N VAL I 860 11.85 21.13 -20.56
CA VAL I 860 12.19 21.86 -21.77
C VAL I 860 12.43 20.88 -22.93
N SER I 861 13.01 19.72 -22.66
CA SER I 861 13.24 18.68 -23.65
C SER I 861 13.05 17.33 -22.97
N PRO I 862 12.75 16.29 -23.73
CA PRO I 862 12.58 14.97 -23.12
C PRO I 862 13.87 14.44 -22.52
N VAL I 863 13.72 13.68 -21.44
CA VAL I 863 14.84 13.07 -20.72
C VAL I 863 14.76 11.56 -20.92
N TYR I 864 15.88 10.95 -21.30
CA TYR I 864 15.93 9.53 -21.57
C TYR I 864 15.89 8.71 -20.29
N ASP I 865 15.21 7.56 -20.36
CA ASP I 865 15.24 6.54 -19.31
C ASP I 865 14.78 7.10 -17.96
N VAL I 866 13.66 7.82 -17.99
CA VAL I 866 13.08 8.42 -16.80
C VAL I 866 11.60 8.06 -16.75
N ASP I 867 11.11 7.74 -15.55
CA ASP I 867 9.69 7.53 -15.37
C ASP I 867 8.95 8.85 -15.54
N PRO I 868 8.05 8.98 -16.51
CA PRO I 868 7.31 10.25 -16.65
C PRO I 868 6.43 10.57 -15.46
N ARG I 869 6.08 9.58 -14.63
CA ARG I 869 5.27 9.86 -13.45
C ARG I 869 6.05 10.64 -12.41
N ILE I 870 7.37 10.48 -12.38
CA ILE I 870 8.20 11.20 -11.39
C ILE I 870 8.17 12.70 -11.67
N ILE I 871 8.31 13.09 -12.94
CA ILE I 871 8.38 14.50 -13.28
C ILE I 871 7.07 15.21 -12.96
N ASN I 872 5.95 14.52 -13.13
CA ASN I 872 4.62 15.11 -12.95
C ASN I 872 3.85 14.42 -11.83
N SER I 873 4.52 14.19 -10.69
CA SER I 873 3.91 13.57 -9.53
C SER I 873 3.30 14.58 -8.56
N GLU I 874 2.91 15.75 -9.05
CA GLU I 874 2.33 16.77 -8.17
C GLU I 874 1.04 16.28 -7.54
N ASN I 875 0.17 15.64 -8.31
CA ASN I 875 -1.11 15.16 -7.81
C ASN I 875 -1.43 13.72 -8.20
N ASP I 876 -0.69 13.12 -9.12
CA ASP I 876 -0.96 11.74 -9.51
C ASP I 876 -0.52 10.78 -8.42
N TYR I 877 -1.41 9.86 -8.05
CA TYR I 877 -1.15 8.83 -7.05
C TYR I 877 -1.65 7.51 -7.60
N SER I 878 -0.77 6.77 -8.27
CA SER I 878 -1.13 5.51 -8.91
C SER I 878 -0.92 4.31 -8.01
N ARG I 879 -0.61 4.54 -6.73
CA ARG I 879 -0.38 3.47 -5.74
C ARG I 879 0.76 2.55 -6.17
N LYS I 880 1.76 3.12 -6.85
CA LYS I 880 2.95 2.38 -7.24
C LYS I 880 4.16 3.26 -6.98
N GLN I 881 5.12 2.73 -6.23
CA GLN I 881 6.31 3.50 -5.88
C GLN I 881 7.16 3.78 -7.10
N LEU I 882 7.72 4.99 -7.16
CA LEU I 882 8.46 5.43 -8.32
C LEU I 882 9.88 4.85 -8.32
N GLY I 883 10.37 4.55 -9.52
CA GLY I 883 11.73 4.07 -9.70
C GLY I 883 12.58 5.03 -10.49
N TYR I 884 13.57 5.64 -9.84
CA TYR I 884 14.38 6.68 -10.47
C TYR I 884 15.48 6.11 -11.36
N GLY I 885 15.80 4.82 -11.25
CA GLY I 885 16.89 4.23 -11.98
C GLY I 885 16.45 3.51 -13.25
N LYS I 886 17.44 3.25 -14.10
CA LYS I 886 17.17 2.52 -15.34
C LYS I 886 16.69 1.11 -15.06
N PHE I 887 17.34 0.43 -14.13
CA PHE I 887 17.07 -0.97 -13.83
C PHE I 887 16.58 -1.09 -12.39
N LEU I 888 15.42 -1.72 -12.21
CA LEU I 888 14.76 -1.77 -10.91
C LEU I 888 14.37 -3.20 -10.58
N ILE I 889 14.39 -3.53 -9.29
CA ILE I 889 14.14 -4.89 -8.81
C ILE I 889 13.24 -4.83 -7.58
N LEU I 890 12.30 -5.76 -7.49
CA LEU I 890 11.41 -5.93 -6.34
C LEU I 890 11.66 -7.27 -5.69
N ASN I 891 11.02 -7.48 -4.54
CA ASN I 891 11.05 -8.80 -3.89
C ASN I 891 10.13 -9.79 -4.59
N GLU I 892 9.00 -9.31 -5.13
CA GLU I 892 8.10 -10.19 -5.86
C GLU I 892 8.74 -10.73 -7.13
N ASN I 893 9.62 -9.95 -7.75
CA ASN I 893 10.38 -10.38 -8.92
C ASN I 893 11.85 -10.13 -8.61
N PRO I 894 12.46 -10.98 -7.79
CA PRO I 894 13.85 -10.76 -7.39
C PRO I 894 14.83 -11.04 -8.51
N ILE I 895 16.12 -10.89 -8.24
CA ILE I 895 17.13 -11.25 -9.23
C ILE I 895 17.08 -12.74 -9.53
N ASN I 896 16.59 -13.54 -8.58
CA ASN I 896 16.51 -14.99 -8.80
C ASN I 896 15.52 -15.33 -9.91
N LYS I 897 14.32 -14.75 -9.84
CA LYS I 897 13.28 -15.11 -10.80
C LYS I 897 13.68 -14.73 -12.22
N ILE I 898 14.27 -13.54 -12.40
CA ILE I 898 14.64 -13.10 -13.74
C ILE I 898 15.76 -13.97 -14.30
N MET I 899 16.78 -14.27 -13.50
CA MET I 899 17.88 -15.10 -14.01
C MET I 899 17.48 -16.57 -14.09
N THR I 900 16.57 -17.03 -13.22
CA THR I 900 15.97 -18.34 -13.45
C THR I 900 15.19 -18.36 -14.75
N ASN I 901 14.51 -17.25 -15.08
CA ASN I 901 13.94 -17.09 -16.41
C ASN I 901 15.02 -16.91 -17.46
N GLN I 902 16.19 -16.40 -17.07
CA GLN I 902 17.31 -16.34 -18.00
C GLN I 902 17.90 -17.73 -18.25
N ILE I 903 18.01 -18.54 -17.19
CA ILE I 903 18.44 -19.92 -17.37
C ILE I 903 17.45 -20.67 -18.25
N ASN I 904 16.16 -20.41 -18.11
CA ASN I 904 15.18 -20.98 -19.03
C ASN I 904 15.35 -20.45 -20.44
N SER I 905 15.98 -19.29 -20.61
CA SER I 905 16.28 -18.73 -21.92
C SER I 905 17.70 -19.01 -22.37
N PHE I 906 18.65 -19.06 -21.44
CA PHE I 906 20.02 -19.42 -21.80
C PHE I 906 20.11 -20.87 -22.25
N TRP I 907 19.20 -21.72 -21.76
CA TRP I 907 19.17 -23.15 -22.05
C TRP I 907 18.07 -23.54 -23.02
N SER I 908 16.83 -23.13 -22.76
CA SER I 908 15.70 -23.52 -23.60
C SER I 908 15.15 -22.36 -24.43
N LEU I 909 15.77 -21.18 -24.35
CA LEU I 909 15.32 -20.00 -25.10
C LEU I 909 13.86 -19.68 -24.83
N HIS I 910 13.46 -19.80 -23.57
CA HIS I 910 12.11 -19.46 -23.12
C HIS I 910 12.08 -17.99 -22.68
N SER I 911 10.99 -17.59 -22.02
CA SER I 911 10.79 -16.22 -21.55
C SER I 911 10.75 -15.25 -22.73
N SER I 912 10.84 -13.94 -22.44
CA SER I 912 10.86 -12.96 -23.51
C SER I 912 11.86 -11.83 -23.26
N THR I 913 12.82 -12.03 -22.36
CA THR I 913 13.80 -10.98 -22.08
C THR I 913 14.95 -10.95 -23.07
N TYR I 914 15.04 -11.92 -23.97
CA TYR I 914 16.11 -11.96 -24.96
C TYR I 914 15.85 -10.94 -26.06
N TYR I 915 16.88 -10.75 -26.90
CA TYR I 915 16.91 -9.71 -27.94
C TYR I 915 16.76 -8.30 -27.37
N ASN I 916 16.83 -8.16 -26.05
CA ASN I 916 16.75 -6.87 -25.38
C ASN I 916 18.08 -6.65 -24.67
N LEU I 917 19.03 -6.09 -25.41
CA LEU I 917 20.34 -5.79 -24.83
C LEU I 917 20.31 -4.63 -23.87
N ASP I 918 19.21 -3.88 -23.82
CA ASP I 918 19.05 -2.88 -22.78
C ASP I 918 18.89 -3.53 -21.41
N TYR I 919 18.00 -4.52 -21.32
CA TYR I 919 17.72 -5.19 -20.05
C TYR I 919 18.75 -6.26 -19.72
N LEU I 920 19.56 -6.68 -20.69
CA LEU I 920 20.53 -7.75 -20.48
C LEU I 920 21.94 -7.24 -20.20
N PHE I 921 22.39 -6.22 -20.92
CA PHE I 921 23.74 -5.69 -20.70
C PHE I 921 23.86 -5.11 -19.30
N GLU I 922 22.85 -4.39 -18.84
CA GLU I 922 22.87 -3.87 -17.48
C GLU I 922 22.75 -4.99 -16.45
N LEU I 923 21.97 -6.03 -16.77
CA LEU I 923 21.86 -7.18 -15.87
C LEU I 923 23.20 -7.89 -15.71
N ILE I 924 23.95 -8.03 -16.79
CA ILE I 924 25.25 -8.68 -16.73
C ILE I 924 26.17 -7.91 -15.78
N GLU I 925 26.20 -6.58 -15.92
CA GLU I 925 27.06 -5.77 -15.06
C GLU I 925 26.63 -5.88 -13.60
N LEU I 926 25.33 -5.87 -13.33
CA LEU I 926 24.85 -5.97 -11.96
C LEU I 926 25.22 -7.30 -11.31
N VAL I 927 25.49 -8.32 -12.10
CA VAL I 927 25.90 -9.63 -11.59
C VAL I 927 27.36 -9.95 -11.91
N THR I 928 28.03 -9.11 -12.71
CA THR I 928 29.42 -9.24 -13.17
C THR I 928 29.54 -10.40 -14.15
N PRO I 929 30.41 -10.28 -15.16
CA PRO I 929 30.56 -11.38 -16.13
C PRO I 929 31.01 -12.68 -15.51
N LYS I 930 31.79 -12.63 -14.42
CA LYS I 930 32.25 -13.85 -13.76
C LYS I 930 31.06 -14.66 -13.23
N SER I 931 30.30 -14.06 -12.31
CA SER I 931 29.17 -14.77 -11.72
C SER I 931 28.08 -15.06 -12.76
N PHE I 932 27.98 -14.21 -13.79
CA PHE I 932 27.00 -14.46 -14.85
C PHE I 932 27.34 -15.72 -15.62
N LEU I 933 28.61 -15.88 -16.01
CA LEU I 933 29.02 -17.07 -16.75
C LEU I 933 29.18 -18.28 -15.85
N PHE I 934 29.63 -18.07 -14.60
CA PHE I 934 29.84 -19.20 -13.70
C PHE I 934 28.54 -19.88 -13.32
N ASP I 935 27.49 -19.10 -13.08
CA ASP I 935 26.22 -19.65 -12.63
C ASP I 935 25.41 -20.29 -13.75
N VAL I 936 25.82 -20.13 -15.00
CA VAL I 936 25.09 -20.70 -16.13
C VAL I 936 25.85 -21.84 -16.81
N LEU I 937 27.18 -21.76 -16.90
CA LEU I 937 27.93 -22.78 -17.62
C LEU I 937 27.89 -24.12 -16.88
N LYS I 938 28.09 -24.11 -15.57
CA LYS I 938 28.06 -25.34 -14.78
C LYS I 938 26.64 -25.76 -14.42
N THR I 939 25.67 -24.85 -14.45
CA THR I 939 24.28 -25.22 -14.23
C THR I 939 23.65 -25.84 -15.48
N LEU I 940 24.25 -25.61 -16.66
CA LEU I 940 23.73 -26.20 -17.88
C LEU I 940 23.77 -27.72 -17.84
N GLU I 941 24.83 -28.27 -17.24
CA GLU I 941 24.98 -29.73 -17.21
C GLU I 941 23.84 -30.40 -16.45
N TYR I 942 23.41 -29.80 -15.34
CA TYR I 942 22.31 -30.36 -14.57
C TYR I 942 21.04 -30.44 -15.40
N LYS I 943 20.73 -29.38 -16.15
CA LYS I 943 19.57 -29.41 -17.04
C LYS I 943 19.79 -30.37 -18.19
N LEU I 944 21.02 -30.43 -18.72
CA LEU I 944 21.30 -31.29 -19.86
C LEU I 944 21.29 -32.77 -19.48
N ALA I 945 21.75 -33.09 -18.27
CA ALA I 945 21.83 -34.49 -17.85
C ALA I 945 20.46 -35.10 -17.59
N THR I 946 19.45 -34.28 -17.30
CA THR I 946 18.12 -34.77 -16.95
C THR I 946 17.10 -34.61 -18.07
N TYR I 947 16.94 -33.39 -18.59
CA TYR I 947 15.89 -33.15 -19.59
C TYR I 947 16.34 -33.57 -20.98
N GLY I 948 17.45 -33.02 -21.45
CA GLY I 948 17.96 -33.29 -22.78
C GLY I 948 17.87 -32.06 -23.67
N VAL I 949 18.33 -32.25 -24.91
CA VAL I 949 18.38 -31.17 -25.88
C VAL I 949 16.99 -30.91 -26.43
N PRO I 950 16.46 -29.70 -26.32
CA PRO I 950 15.14 -29.41 -26.88
C PRO I 950 15.18 -29.37 -28.41
N GLY I 951 14.01 -29.56 -29.00
CA GLY I 951 13.87 -29.57 -30.44
C GLY I 951 14.15 -30.89 -31.12
N SER I 952 14.59 -31.90 -30.37
CA SER I 952 14.87 -33.22 -30.92
C SER I 952 14.16 -34.26 -30.06
N GLU I 953 13.46 -35.18 -30.70
CA GLU I 953 12.76 -36.25 -30.01
C GLU I 953 13.64 -37.48 -29.76
N ASN I 954 14.89 -37.45 -30.20
CA ASN I 954 15.81 -38.57 -30.03
C ASN I 954 17.07 -38.08 -29.33
N LYS I 955 17.48 -38.82 -28.30
CA LYS I 955 18.69 -38.48 -27.55
C LYS I 955 19.90 -39.21 -28.12
N ARG I 956 20.16 -38.97 -29.39
CA ARG I 956 21.24 -39.63 -30.12
C ARG I 956 22.13 -38.57 -30.76
N GLY I 957 23.43 -38.69 -30.56
CA GLY I 957 24.39 -37.82 -31.19
C GLY I 957 24.62 -36.54 -30.40
N SER I 958 25.80 -35.96 -30.62
CA SER I 958 26.18 -34.69 -30.01
C SER I 958 26.09 -33.51 -30.98
N LEU I 959 25.82 -33.77 -32.27
CA LEU I 959 25.69 -32.68 -33.23
C LEU I 959 24.48 -31.81 -32.91
N ASP I 960 23.39 -32.42 -32.45
CA ASP I 960 22.21 -31.65 -32.08
C ASP I 960 22.52 -30.72 -30.90
N SER I 961 23.28 -31.19 -29.92
CA SER I 961 23.69 -30.34 -28.82
C SER I 961 24.76 -29.34 -29.22
N GLU I 962 25.47 -29.60 -30.33
CA GLU I 962 26.52 -28.69 -30.77
C GLU I 962 25.94 -27.34 -31.18
N HIS I 963 24.83 -27.35 -31.91
CA HIS I 963 24.23 -26.09 -32.34
C HIS I 963 23.63 -25.31 -31.18
N VAL I 964 23.15 -26.02 -30.14
CA VAL I 964 22.65 -25.34 -28.95
C VAL I 964 23.77 -24.58 -28.25
N PHE I 965 24.96 -25.18 -28.19
CA PHE I 965 26.11 -24.49 -27.62
C PHE I 965 26.50 -23.28 -28.47
N ASP I 966 26.30 -23.36 -29.79
CA ASP I 966 26.64 -22.23 -30.66
C ASP I 966 25.81 -20.99 -30.34
N TYR I 967 24.58 -21.17 -29.87
CA TYR I 967 23.75 -20.03 -29.50
C TYR I 967 24.37 -19.26 -28.34
N PHE I 968 24.91 -19.97 -27.35
CA PHE I 968 25.48 -19.32 -26.17
C PHE I 968 26.81 -18.66 -26.49
N PHE I 969 27.66 -19.31 -27.28
CA PHE I 969 28.98 -18.76 -27.58
C PHE I 969 28.93 -17.62 -28.59
N TYR I 970 27.98 -17.66 -29.53
CA TYR I 970 27.84 -16.57 -30.48
C TYR I 970 27.36 -15.29 -29.81
N PHE I 971 26.49 -15.41 -28.81
CA PHE I 971 26.02 -14.23 -28.07
C PHE I 971 27.17 -13.56 -27.32
N LEU I 972 28.05 -14.37 -26.72
CA LEU I 972 29.16 -13.80 -25.95
C LEU I 972 30.17 -13.09 -26.84
N VAL I 973 30.30 -13.51 -28.10
CA VAL I 973 31.25 -12.88 -29.01
C VAL I 973 30.88 -11.42 -29.25
N LEU I 974 29.60 -11.15 -29.50
CA LEU I 974 29.18 -9.79 -29.83
C LEU I 974 29.36 -8.85 -28.65
N TYR I 975 29.13 -9.33 -27.43
CA TYR I 975 29.34 -8.50 -26.24
C TYR I 975 30.80 -8.13 -26.05
N ASP I 976 31.72 -8.78 -26.76
CA ASP I 976 33.15 -8.49 -26.68
C ASP I 976 33.67 -7.70 -27.88
N VAL I 977 33.35 -8.14 -29.09
CA VAL I 977 33.82 -7.46 -30.30
C VAL I 977 32.78 -6.41 -30.70
N LYS I 978 33.24 -5.19 -30.95
CA LYS I 978 32.36 -4.08 -31.25
C LYS I 978 32.56 -3.46 -32.63
N THR I 979 33.69 -3.69 -33.29
CA THR I 979 33.96 -3.06 -34.58
C THR I 979 34.49 -4.06 -35.59
N ALA I 980 34.96 -3.56 -36.74
CA ALA I 980 35.38 -4.43 -37.83
C ALA I 980 36.83 -4.88 -37.67
N GLU I 981 37.77 -3.93 -37.60
CA GLU I 981 39.18 -4.28 -37.52
C GLU I 981 39.56 -4.87 -36.17
N GLU I 982 38.70 -4.72 -35.16
CA GLU I 982 39.02 -5.26 -33.83
C GLU I 982 39.15 -6.78 -33.86
N ALA I 983 38.34 -7.46 -34.69
CA ALA I 983 38.37 -8.92 -34.74
C ALA I 983 39.74 -9.42 -35.20
N SER I 984 40.34 -8.75 -36.18
CA SER I 984 41.63 -9.17 -36.70
C SER I 984 42.74 -9.08 -35.67
N GLN I 985 42.53 -8.35 -34.57
CA GLN I 985 43.54 -8.21 -33.54
C GLN I 985 43.29 -9.11 -32.34
N LEU I 986 42.05 -9.53 -32.10
CA LEU I 986 41.77 -10.49 -31.03
C LEU I 986 42.22 -11.91 -31.38
N ILE I 987 42.30 -12.23 -32.67
CA ILE I 987 42.82 -13.54 -33.05
C ILE I 987 44.29 -13.67 -32.67
N GLU I 988 45.05 -12.57 -32.76
CA GLU I 988 46.45 -12.59 -32.35
C GLU I 988 46.61 -12.61 -30.83
N TYR I 989 45.63 -12.08 -30.10
CA TYR I 989 45.67 -12.17 -28.64
C TYR I 989 45.57 -13.61 -28.17
N MET I 990 44.69 -14.39 -28.80
CA MET I 990 44.55 -15.80 -28.42
C MET I 990 45.76 -16.62 -28.85
N GLU I 991 46.37 -16.30 -29.99
CA GLU I 991 47.45 -17.11 -30.53
C GLU I 991 48.72 -17.04 -29.67
N ASN I 992 48.81 -16.07 -28.76
CA ASN I 992 49.98 -15.96 -27.90
C ASN I 992 49.78 -16.76 -26.62
N ASN I 1078 49.66 -6.14 -25.91
CA ASN I 1078 49.50 -5.24 -24.77
C ASN I 1078 48.31 -4.30 -24.99
N LYS I 1079 48.32 -3.60 -26.12
CA LYS I 1079 47.28 -2.61 -26.39
C LYS I 1079 45.90 -3.22 -26.56
N ILE I 1080 45.81 -4.52 -26.84
CA ILE I 1080 44.52 -5.13 -27.17
C ILE I 1080 43.65 -5.23 -25.93
N SER I 1081 44.14 -5.88 -24.88
CA SER I 1081 43.34 -6.15 -23.70
C SER I 1081 43.08 -4.90 -22.86
N ILE I 1082 43.74 -3.78 -23.15
CA ILE I 1082 43.49 -2.54 -22.42
C ILE I 1082 42.04 -2.09 -22.64
N LEU I 1083 41.56 -2.17 -23.88
CA LEU I 1083 40.22 -1.70 -24.21
C LEU I 1083 39.12 -2.65 -23.74
N LYS I 1084 39.46 -3.89 -23.42
CA LYS I 1084 38.49 -4.95 -23.14
C LYS I 1084 38.76 -5.60 -21.79
N ARG I 1085 38.94 -4.77 -20.76
CA ARG I 1085 39.25 -5.28 -19.42
C ARG I 1085 38.17 -6.24 -18.93
N HIS I 1086 36.91 -5.95 -19.21
CA HIS I 1086 35.79 -6.74 -18.69
C HIS I 1086 35.27 -7.76 -19.70
N SER I 1087 35.98 -7.97 -20.80
CA SER I 1087 35.53 -8.93 -21.80
C SER I 1087 35.68 -10.36 -21.31
N PHE I 1088 34.88 -11.26 -21.87
CA PHE I 1088 35.03 -12.69 -21.58
C PHE I 1088 36.32 -13.24 -22.15
N ALA I 1089 36.75 -12.72 -23.30
CA ALA I 1089 37.95 -13.24 -23.96
C ALA I 1089 39.17 -13.13 -23.05
N VAL I 1090 39.28 -12.04 -22.30
CA VAL I 1090 40.39 -11.90 -21.36
C VAL I 1090 40.29 -12.95 -20.26
N LEU I 1091 39.08 -13.17 -19.73
CA LEU I 1091 38.91 -14.14 -18.66
C LEU I 1091 39.23 -15.55 -19.14
N LEU I 1092 38.79 -15.91 -20.34
CA LEU I 1092 39.08 -17.24 -20.86
C LEU I 1092 40.58 -17.43 -21.13
N HIS I 1093 41.24 -16.39 -21.66
CA HIS I 1093 42.64 -16.53 -22.03
C HIS I 1093 43.55 -16.54 -20.79
N GLU I 1094 43.21 -15.74 -19.78
CA GLU I 1094 44.06 -15.70 -18.58
C GLU I 1094 44.04 -17.03 -17.83
N ARG I 1095 42.90 -17.74 -17.86
CA ARG I 1095 42.86 -19.06 -17.23
C ARG I 1095 43.53 -20.11 -18.09
N LYS I 1096 43.52 -19.93 -19.42
CA LYS I 1096 44.15 -20.91 -20.30
C LYS I 1096 45.65 -21.00 -20.06
N LEU I 1097 46.31 -19.85 -19.93
CA LEU I 1097 47.75 -19.85 -19.70
C LEU I 1097 48.08 -20.31 -18.29
N LEU I 1098 47.25 -19.95 -17.30
CA LEU I 1098 47.55 -20.29 -15.92
C LEU I 1098 47.47 -21.80 -15.68
N ASN I 1099 46.42 -22.44 -16.19
CA ASN I 1099 46.29 -23.89 -15.97
C ASN I 1099 47.30 -24.69 -16.78
N ASP I 1100 47.76 -24.13 -17.91
CA ASP I 1100 48.82 -24.78 -18.67
C ASP I 1100 50.12 -24.81 -17.86
N LEU I 1101 50.35 -23.79 -17.04
CA LEU I 1101 51.52 -23.78 -16.15
C LEU I 1101 51.45 -24.93 -15.16
N ALA I 1102 50.26 -25.20 -14.61
CA ALA I 1102 50.11 -26.31 -13.69
C ALA I 1102 50.28 -27.64 -14.39
N LEU I 1103 50.01 -27.69 -15.70
CA LEU I 1103 50.23 -28.91 -16.47
C LEU I 1103 51.71 -29.30 -16.47
N GLU I 1104 52.61 -28.32 -16.60
CA GLU I 1104 54.03 -28.62 -16.47
C GLU I 1104 54.37 -29.11 -15.08
N ASN I 1105 53.78 -28.50 -14.06
CA ASN I 1105 54.00 -28.91 -12.68
C ASN I 1105 53.13 -30.09 -12.25
N GLY I 1106 52.10 -30.42 -13.03
CA GLY I 1106 51.31 -31.62 -12.78
C GLY I 1106 50.48 -31.63 -11.52
N GLU I 1107 49.81 -30.53 -11.18
CA GLU I 1107 48.85 -30.52 -10.10
C GLU I 1107 47.41 -30.70 -10.58
N ILE I 1108 47.19 -30.81 -11.89
CA ILE I 1108 45.85 -30.93 -12.46
C ILE I 1108 45.83 -32.16 -13.36
N THR I 1109 44.74 -32.93 -13.27
CA THR I 1109 44.58 -34.09 -14.12
C THR I 1109 44.48 -33.68 -15.58
N LYS I 1110 44.96 -34.55 -16.46
CA LYS I 1110 44.95 -34.25 -17.89
C LYS I 1110 43.54 -34.12 -18.43
N THR I 1111 42.59 -34.87 -17.88
CA THR I 1111 41.20 -34.78 -18.35
C THR I 1111 40.61 -33.40 -18.07
N GLU I 1112 40.89 -32.84 -16.90
CA GLU I 1112 40.35 -31.53 -16.56
C GLU I 1112 40.91 -30.44 -17.47
N ASN I 1113 42.21 -30.51 -17.78
CA ASN I 1113 42.80 -29.53 -18.67
C ASN I 1113 42.22 -29.62 -20.07
N GLU I 1114 41.96 -30.85 -20.54
CA GLU I 1114 41.39 -31.02 -21.88
C GLU I 1114 39.98 -30.44 -21.96
N LYS I 1115 39.22 -30.53 -20.86
CA LYS I 1115 37.86 -29.99 -20.86
C LYS I 1115 37.86 -28.48 -21.02
N PHE I 1116 38.75 -27.78 -20.32
CA PHE I 1116 38.74 -26.32 -20.36
C PHE I 1116 39.13 -25.78 -21.73
N ILE I 1117 40.14 -26.37 -22.37
CA ILE I 1117 40.57 -25.88 -23.67
C ILE I 1117 39.48 -26.10 -24.72
N SER I 1118 38.57 -27.05 -24.48
CA SER I 1118 37.46 -27.27 -25.42
C SER I 1118 36.58 -26.03 -25.52
N TYR I 1119 36.32 -25.36 -24.39
CA TYR I 1119 35.59 -24.11 -24.43
C TYR I 1119 36.38 -23.03 -25.16
N HIS I 1120 37.69 -22.98 -24.92
CA HIS I 1120 38.52 -21.91 -25.49
C HIS I 1120 38.62 -22.03 -27.00
N ASP I 1121 38.90 -23.23 -27.51
CA ASP I 1121 39.07 -23.38 -28.95
C ASP I 1121 37.76 -23.15 -29.71
N LYS I 1122 36.63 -23.50 -29.09
CA LYS I 1122 35.33 -23.21 -29.70
C LYS I 1122 35.12 -21.71 -29.85
N TYR I 1123 35.51 -20.94 -28.84
CA TYR I 1123 35.42 -19.49 -28.92
C TYR I 1123 36.27 -18.95 -30.07
N LEU I 1124 37.50 -19.45 -30.20
CA LEU I 1124 38.36 -19.02 -31.29
C LEU I 1124 37.84 -19.48 -32.65
N CYS I 1125 37.31 -20.72 -32.71
CA CYS I 1125 36.92 -21.29 -33.99
C CYS I 1125 35.80 -20.47 -34.64
N MET I 1126 34.81 -20.05 -33.86
CA MET I 1126 33.76 -19.20 -34.40
C MET I 1126 34.27 -17.78 -34.64
N LEU I 1127 35.22 -17.33 -33.84
CA LEU I 1127 35.81 -16.00 -34.03
C LEU I 1127 36.54 -15.92 -35.38
N LYS I 1128 37.29 -16.96 -35.73
CA LYS I 1128 38.07 -16.92 -36.96
C LYS I 1128 37.23 -17.15 -38.21
N THR I 1129 36.19 -17.99 -38.11
CA THR I 1129 35.40 -18.32 -39.29
C THR I 1129 34.36 -17.25 -39.61
N CYS I 1130 34.03 -16.38 -38.66
CA CYS I 1130 33.04 -15.34 -38.85
C CYS I 1130 33.72 -13.98 -38.91
N VAL I 1131 33.28 -13.15 -39.85
CA VAL I 1131 33.84 -11.82 -40.02
C VAL I 1131 33.08 -10.84 -39.13
N PHE I 1132 33.82 -10.03 -38.39
CA PHE I 1132 33.22 -9.05 -37.48
C PHE I 1132 33.68 -7.64 -37.83
N MET J 834 59.17 -89.35 7.81
CA MET J 834 58.71 -88.50 8.90
C MET J 834 59.78 -88.34 9.98
N GLN J 835 60.46 -89.44 10.32
CA GLN J 835 61.53 -89.35 11.30
C GLN J 835 62.63 -88.40 10.82
N LEU J 836 63.03 -88.52 9.56
CA LEU J 836 64.06 -87.65 9.02
C LEU J 836 63.62 -86.20 8.96
N VAL J 837 62.35 -85.96 8.62
CA VAL J 837 61.85 -84.59 8.53
C VAL J 837 61.84 -83.93 9.91
N VAL J 838 61.35 -84.66 10.93
CA VAL J 838 61.33 -84.09 12.27
C VAL J 838 62.75 -83.90 12.79
N LEU J 839 63.66 -84.83 12.46
CA LEU J 839 65.06 -84.67 12.85
C LEU J 839 65.67 -83.43 12.21
N THR J 840 65.36 -83.19 10.93
CA THR J 840 65.86 -82.01 10.25
C THR J 840 65.30 -80.74 10.87
N ASP J 841 64.02 -80.74 11.24
CA ASP J 841 63.43 -79.59 11.91
C ASP J 841 64.10 -79.34 13.25
N VAL J 842 64.36 -80.40 14.02
CA VAL J 842 65.03 -80.24 15.30
C VAL J 842 66.45 -79.69 15.11
N VAL J 843 67.15 -80.19 14.10
CA VAL J 843 68.51 -79.72 13.83
C VAL J 843 68.50 -78.25 13.43
N GLU J 844 67.54 -77.85 12.59
CA GLU J 844 67.44 -76.45 12.20
C GLU J 844 67.13 -75.56 13.40
N ARG J 845 66.23 -76.00 14.27
CA ARG J 845 65.91 -75.22 15.47
C ARG J 845 67.12 -75.11 16.38
N LEU J 846 67.88 -76.20 16.52
CA LEU J 846 69.09 -76.16 17.34
C LEU J 846 70.10 -75.19 16.74
N HIS J 847 70.31 -75.24 15.42
CA HIS J 847 71.23 -74.31 14.79
C HIS J 847 70.79 -72.86 14.99
N LYS J 848 69.48 -72.63 14.95
CA LYS J 848 68.96 -71.30 15.26
C LYS J 848 69.21 -70.92 16.71
N ASN J 849 69.22 -71.90 17.62
CA ASN J 849 69.33 -71.63 19.06
C ASN J 849 70.68 -71.98 19.65
N PHE J 850 71.54 -72.71 18.94
CA PHE J 850 72.82 -73.11 19.49
C PHE J 850 73.99 -72.60 18.66
N GLU J 851 73.97 -71.31 18.31
CA GLU J 851 75.03 -70.74 17.50
C GLU J 851 76.31 -70.57 18.32
N SER J 852 77.12 -71.61 18.38
CA SER J 852 78.36 -71.60 19.14
C SER J 852 79.42 -72.40 18.38
N GLU J 853 80.68 -72.13 18.70
CA GLU J 853 81.80 -72.77 18.02
C GLU J 853 82.03 -74.20 18.49
N ASN J 854 81.44 -74.61 19.62
CA ASN J 854 81.58 -75.97 20.12
C ASN J 854 80.44 -76.88 19.71
N PHE J 855 79.48 -76.39 18.93
CA PHE J 855 78.33 -77.18 18.53
C PHE J 855 78.74 -78.13 17.40
N LYS J 856 78.50 -79.43 17.60
CA LYS J 856 78.86 -80.43 16.62
C LYS J 856 78.05 -81.69 16.89
N ILE J 857 77.81 -82.45 15.83
CA ILE J 857 77.08 -83.72 15.91
C ILE J 857 78.08 -84.86 15.74
N ILE J 858 78.08 -85.79 16.69
CA ILE J 858 79.03 -86.89 16.69
C ILE J 858 78.43 -88.10 15.99
N ALA J 859 77.33 -88.61 16.51
CA ALA J 859 76.68 -89.80 15.98
C ALA J 859 75.21 -89.50 15.67
N LEU J 860 74.75 -90.01 14.54
CA LEU J 860 73.35 -89.86 14.11
C LEU J 860 72.69 -91.22 14.14
N GLN J 861 71.59 -91.33 14.89
CA GLN J 861 70.84 -92.57 15.00
C GLN J 861 69.36 -92.31 14.86
N PRO J 862 68.61 -93.27 14.32
CA PRO J 862 67.15 -93.06 14.18
C PRO J 862 66.44 -92.90 15.50
N ASN J 863 66.96 -93.47 16.59
CA ASN J 863 66.27 -93.46 17.87
C ASN J 863 66.95 -92.58 18.92
N GLU J 864 68.14 -92.05 18.65
CA GLU J 864 68.82 -91.22 19.61
C GLU J 864 69.71 -90.21 18.88
N ILE J 865 70.03 -89.13 19.58
CA ILE J 865 70.88 -88.06 19.05
C ILE J 865 72.11 -87.94 19.92
N SER J 866 73.28 -87.96 19.30
CA SER J 866 74.56 -87.82 19.99
C SER J 866 75.30 -86.64 19.39
N PHE J 867 75.18 -85.48 20.05
CA PHE J 867 75.83 -84.25 19.58
C PHE J 867 76.61 -83.62 20.73
N LYS J 868 77.65 -82.88 20.36
CA LYS J 868 78.52 -82.21 21.31
C LYS J 868 78.40 -80.70 21.14
N TYR J 869 78.13 -80.00 22.25
CA TYR J 869 78.07 -78.56 22.24
C TYR J 869 78.95 -77.92 23.32
N LEU J 870 79.64 -78.72 24.12
CA LEU J 870 80.54 -78.22 25.15
C LEU J 870 81.98 -78.32 24.66
N SER J 871 82.93 -78.03 25.56
CA SER J 871 84.35 -78.06 25.23
C SER J 871 85.02 -79.36 25.63
N ASN J 872 84.28 -80.47 25.61
CA ASN J 872 84.87 -81.77 25.94
C ASN J 872 85.83 -82.21 24.84
N ASN J 873 87.02 -82.64 25.24
CA ASN J 873 88.06 -83.00 24.28
C ASN J 873 87.80 -84.33 23.60
N ASP J 874 87.10 -85.25 24.28
CA ASP J 874 86.91 -86.59 23.73
C ASP J 874 85.99 -86.52 22.52
N GLU J 875 86.39 -87.21 21.44
CA GLU J 875 85.64 -87.13 20.19
C GLU J 875 84.35 -87.92 20.25
N ASP J 876 84.38 -89.14 20.79
CA ASP J 876 83.22 -90.01 20.80
C ASP J 876 82.33 -89.84 22.02
N ASP J 877 82.72 -88.98 22.96
CA ASP J 877 81.91 -88.74 24.14
C ASP J 877 80.81 -87.74 23.82
N LYS J 878 79.56 -88.17 23.95
CA LYS J 878 78.42 -87.32 23.64
C LYS J 878 78.06 -86.50 24.87
N ASP J 879 78.19 -85.17 24.74
CA ASP J 879 77.88 -84.29 25.87
C ASP J 879 76.40 -84.35 26.22
N CYS J 880 75.53 -84.34 25.22
CA CYS J 880 74.09 -84.43 25.43
C CYS J 880 73.51 -85.52 24.55
N THR J 881 72.65 -86.35 25.15
CA THR J 881 71.97 -87.43 24.44
C THR J 881 70.48 -87.12 24.40
N ILE J 882 69.91 -87.13 23.20
CA ILE J 882 68.49 -86.88 23.01
C ILE J 882 67.87 -88.12 22.38
N LYS J 883 66.93 -88.75 23.07
CA LYS J 883 66.26 -89.93 22.57
C LYS J 883 65.10 -89.52 21.67
N ILE J 884 64.96 -90.21 20.55
CA ILE J 884 63.96 -89.89 19.55
C ILE J 884 62.80 -90.86 19.69
N SER J 885 61.62 -90.32 20.05
CA SER J 885 60.39 -91.09 20.13
C SER J 885 59.41 -90.45 19.15
N THR J 886 59.32 -91.02 17.95
CA THR J 886 58.57 -90.43 16.85
C THR J 886 57.16 -91.01 16.77
N ASN J 887 56.21 -90.16 16.40
CA ASN J 887 54.83 -90.52 16.18
C ASN J 887 54.51 -90.34 14.70
N ASP J 888 53.23 -90.51 14.34
CA ASP J 888 52.80 -90.41 12.95
C ASP J 888 53.01 -89.01 12.38
N ASP J 889 53.12 -87.98 13.23
CA ASP J 889 53.28 -86.61 12.76
C ASP J 889 54.48 -85.88 13.33
N SER J 890 54.93 -86.17 14.55
CA SER J 890 56.05 -85.49 15.15
C SER J 890 56.63 -86.37 16.25
N ILE J 891 57.67 -85.87 16.90
CA ILE J 891 58.27 -86.60 18.02
C ILE J 891 57.36 -86.49 19.24
N LYS J 892 57.04 -87.64 19.84
CA LYS J 892 56.17 -87.65 21.00
C LYS J 892 56.82 -86.92 22.18
N ASN J 893 58.09 -87.23 22.45
CA ASN J 893 58.79 -86.63 23.57
C ASN J 893 60.28 -86.58 23.26
N LEU J 894 60.92 -85.48 23.64
CA LEU J 894 62.36 -85.29 23.47
C LEU J 894 63.00 -85.34 24.85
N THR J 895 63.44 -86.53 25.26
CA THR J 895 64.07 -86.71 26.55
C THR J 895 65.55 -86.38 26.45
N VAL J 896 66.02 -85.48 27.32
CA VAL J 896 67.41 -85.06 27.33
C VAL J 896 68.18 -85.94 28.31
N GLN J 897 69.21 -86.62 27.79
CA GLN J 897 70.09 -87.45 28.59
C GLN J 897 71.49 -86.87 28.54
N LEU J 898 72.18 -86.87 29.68
CA LEU J 898 73.48 -86.23 29.81
C LEU J 898 74.50 -87.23 30.33
N SER J 899 75.70 -87.16 29.77
CA SER J 899 76.74 -88.13 30.10
C SER J 899 77.20 -87.96 31.54
N PRO J 900 77.56 -89.05 32.22
CA PRO J 900 78.11 -88.92 33.57
C PRO J 900 79.37 -88.08 33.64
N SER J 901 80.23 -88.15 32.62
CA SER J 901 81.40 -87.28 32.58
C SER J 901 80.98 -85.82 32.43
N ASN J 902 79.89 -85.58 31.69
CA ASN J 902 79.35 -84.24 31.57
C ASN J 902 78.83 -83.78 32.94
N PRO J 903 79.27 -82.61 33.43
CA PRO J 903 78.79 -82.16 34.75
C PRO J 903 77.32 -81.81 34.80
N GLN J 904 76.62 -81.81 33.67
CA GLN J 904 75.22 -81.41 33.62
C GLN J 904 74.27 -82.54 34.04
N HIS J 905 74.79 -83.74 34.31
CA HIS J 905 73.95 -84.89 34.58
C HIS J 905 73.14 -84.75 35.87
N ILE J 906 73.47 -83.80 36.75
CA ILE J 906 72.75 -83.66 38.01
C ILE J 906 71.37 -83.05 37.83
N ILE J 907 71.09 -82.45 36.66
CA ILE J 907 69.77 -81.88 36.37
C ILE J 907 68.89 -82.86 35.60
N GLN J 908 69.36 -84.10 35.40
CA GLN J 908 68.62 -85.07 34.62
C GLN J 908 67.22 -85.36 35.17
N PRO J 909 67.04 -85.67 36.47
CA PRO J 909 65.68 -85.99 36.94
C PRO J 909 64.69 -84.84 36.76
N PHE J 910 65.12 -83.60 36.95
CA PHE J 910 64.20 -82.48 36.82
C PHE J 910 63.78 -82.29 35.37
N LEU J 911 64.70 -82.49 34.42
CA LEU J 911 64.32 -82.47 33.02
C LEU J 911 63.38 -83.61 32.69
N ASP J 912 63.62 -84.79 33.27
CA ASP J 912 62.79 -85.96 32.97
C ASP J 912 61.36 -85.79 33.47
N ASN J 913 61.19 -85.30 34.71
CA ASN J 913 59.86 -85.23 35.30
C ASN J 913 59.06 -84.01 34.87
N SER J 914 59.68 -83.03 34.21
CA SER J 914 59.02 -81.81 33.81
C SER J 914 58.83 -81.80 32.31
N LYS J 915 57.61 -81.55 31.86
CA LYS J 915 57.29 -81.47 30.43
C LYS J 915 57.34 -80.00 30.02
N MET J 916 58.56 -79.50 29.87
CA MET J 916 58.81 -78.14 29.42
C MET J 916 59.07 -78.13 27.91
N ASP J 917 58.97 -76.95 27.33
CA ASP J 917 59.23 -76.80 25.90
C ASP J 917 60.68 -77.15 25.59
N TYR J 918 60.87 -77.91 24.49
CA TYR J 918 62.21 -78.31 24.10
C TYR J 918 63.06 -77.12 23.74
N HIS J 919 62.48 -76.11 23.08
CA HIS J 919 63.21 -74.88 22.79
C HIS J 919 63.65 -74.20 24.08
N PHE J 920 62.78 -74.18 25.09
CA PHE J 920 63.15 -73.59 26.37
C PHE J 920 64.27 -74.37 27.03
N ILE J 921 64.25 -75.70 26.92
CA ILE J 921 65.32 -76.52 27.47
C ILE J 921 66.64 -76.20 26.77
N PHE J 922 66.61 -76.07 25.44
CA PHE J 922 67.82 -75.72 24.70
C PHE J 922 68.32 -74.34 25.11
N SER J 923 67.41 -73.38 25.29
CA SER J 923 67.80 -72.05 25.72
C SER J 923 68.46 -72.09 27.09
N TYR J 924 67.89 -72.86 28.03
CA TYR J 924 68.49 -72.98 29.35
C TYR J 924 69.87 -73.62 29.28
N LEU J 925 70.02 -74.66 28.45
CA LEU J 925 71.30 -75.32 28.31
C LEU J 925 72.35 -74.36 27.76
N GLN J 926 72.01 -73.62 26.70
CA GLN J 926 72.96 -72.67 26.13
C GLN J 926 73.26 -71.53 27.10
N PHE J 927 72.28 -71.14 27.92
CA PHE J 927 72.47 -70.05 28.87
C PHE J 927 73.34 -70.47 30.05
N THR J 928 73.29 -71.75 30.42
CA THR J 928 74.00 -72.24 31.60
C THR J 928 75.20 -73.11 31.28
N SER J 929 75.58 -73.24 30.00
CA SER J 929 76.74 -74.06 29.65
C SER J 929 78.02 -73.54 30.28
N SER J 930 78.20 -72.23 30.30
CA SER J 930 79.40 -71.66 30.92
C SER J 930 79.42 -71.93 32.43
N LEU J 931 78.27 -71.82 33.08
CA LEU J 931 78.18 -72.17 34.49
C LEU J 931 78.52 -73.64 34.72
N PHE J 932 78.03 -74.52 33.83
CA PHE J 932 78.35 -75.93 33.94
C PHE J 932 79.84 -76.18 33.79
N LYS J 933 80.49 -75.49 32.85
CA LYS J 933 81.94 -75.64 32.70
C LYS J 933 82.68 -75.15 33.93
N ALA J 934 82.26 -74.02 34.49
CA ALA J 934 82.92 -73.49 35.68
C ALA J 934 82.78 -74.44 36.86
N LEU J 935 81.57 -74.96 37.08
CA LEU J 935 81.37 -75.91 38.18
C LEU J 935 82.09 -77.22 37.91
N LYS J 936 82.24 -77.59 36.64
CA LYS J 936 83.05 -78.76 36.29
C LYS J 936 84.49 -78.57 36.71
N VAL J 937 85.05 -77.38 36.45
CA VAL J 937 86.41 -77.08 36.89
C VAL J 937 86.49 -77.14 38.41
N ILE J 938 85.49 -76.56 39.08
CA ILE J 938 85.49 -76.54 40.55
C ILE J 938 85.47 -77.96 41.10
N LEU J 939 84.62 -78.82 40.55
CA LEU J 939 84.51 -80.19 41.08
C LEU J 939 85.71 -81.04 40.68
N ASN J 940 86.32 -80.76 39.53
CA ASN J 940 87.52 -81.51 39.15
C ASN J 940 88.73 -81.08 39.96
N GLU J 941 88.72 -79.86 40.51
CA GLU J 941 89.80 -79.46 41.40
C GLU J 941 89.86 -80.38 42.63
N ARG J 942 88.70 -80.67 43.23
CA ARG J 942 88.68 -81.59 44.36
C ARG J 942 88.77 -83.05 43.91
N GLY J 943 88.23 -83.37 42.74
CA GLY J 943 88.21 -84.73 42.25
C GLY J 943 89.53 -85.24 41.70
N GLY J 944 90.58 -84.41 41.74
CA GLY J 944 91.87 -84.87 41.27
C GLY J 944 92.38 -86.03 42.10
N LYS J 945 93.16 -86.90 41.46
CA LYS J 945 93.67 -88.10 42.11
C LYS J 945 94.82 -87.72 43.04
N PHE J 946 95.49 -88.73 43.61
CA PHE J 946 96.55 -88.51 44.57
C PHE J 946 97.72 -87.76 43.93
N HIS J 947 97.99 -86.55 44.42
CA HIS J 947 99.08 -85.72 43.94
C HIS J 947 100.30 -85.76 44.84
N GLU J 948 100.42 -86.80 45.67
CA GLU J 948 101.55 -86.99 46.58
C GLU J 948 101.68 -85.84 47.57
N SER J 949 100.55 -85.24 47.95
CA SER J 949 100.51 -84.16 48.93
C SER J 949 99.59 -84.55 50.07
N GLY J 950 100.04 -84.30 51.31
CA GLY J 950 99.25 -84.61 52.48
C GLY J 950 98.29 -83.51 52.85
N SER J 951 97.75 -82.81 51.84
CA SER J 951 96.81 -81.71 52.08
C SER J 951 95.38 -82.26 52.02
N GLN J 952 95.02 -82.99 53.06
CA GLN J 952 93.67 -83.54 53.20
C GLN J 952 92.74 -82.41 53.63
N TYR J 953 92.24 -81.67 52.64
CA TYR J 953 91.38 -80.53 52.93
C TYR J 953 90.07 -80.99 53.55
N SER J 954 89.64 -80.29 54.60
CA SER J 954 88.42 -80.64 55.32
C SER J 954 87.16 -80.16 54.60
N THR J 955 87.30 -79.38 53.52
CA THR J 955 86.16 -78.85 52.79
C THR J 955 85.90 -79.70 51.55
N MET J 956 84.68 -80.20 51.43
CA MET J 956 84.25 -80.95 50.24
C MET J 956 83.16 -80.16 49.52
N VAL J 957 83.24 -80.15 48.19
CA VAL J 957 82.34 -79.37 47.36
C VAL J 957 81.30 -80.32 46.76
N ASN J 958 80.03 -80.04 47.02
CA ASN J 958 78.94 -80.80 46.44
C ASN J 958 77.82 -79.85 46.03
N ILE J 959 76.99 -80.33 45.10
CA ILE J 959 75.97 -79.50 44.47
C ILE J 959 74.63 -79.75 45.16
N GLY J 960 74.01 -78.68 45.64
CA GLY J 960 72.65 -78.74 46.17
C GLY J 960 71.67 -78.26 45.11
N LEU J 961 70.52 -78.92 45.04
CA LEU J 961 69.54 -78.65 43.99
C LEU J 961 68.17 -78.49 44.60
N HIS J 962 67.47 -77.41 44.22
CA HIS J 962 66.09 -77.17 44.60
C HIS J 962 65.12 -77.40 43.46
N ASN J 963 65.34 -76.73 42.34
CA ASN J 963 64.53 -76.92 41.14
C ASN J 963 65.34 -76.45 39.95
N LEU J 964 64.67 -76.30 38.80
CA LEU J 964 65.36 -75.83 37.60
C LEU J 964 65.67 -74.34 37.65
N ASN J 965 65.04 -73.59 38.56
CA ASN J 965 65.27 -72.16 38.63
C ASN J 965 66.54 -71.78 39.38
N GLU J 966 67.11 -72.68 40.17
CA GLU J 966 68.30 -72.34 40.94
C GLU J 966 69.19 -73.56 41.09
N TYR J 967 70.49 -73.29 41.26
CA TYR J 967 71.50 -74.31 41.51
C TYR J 967 72.35 -73.83 42.67
N GLN J 968 72.56 -74.69 43.66
CA GLN J 968 73.16 -74.31 44.93
C GLN J 968 74.42 -75.13 45.20
N ILE J 969 75.44 -74.46 45.72
CA ILE J 969 76.71 -75.11 46.07
C ILE J 969 76.96 -74.85 47.55
N VAL J 970 77.19 -75.92 48.31
CA VAL J 970 77.48 -75.85 49.73
C VAL J 970 78.76 -76.61 50.01
N TYR J 971 79.62 -76.02 50.85
CA TYR J 971 80.93 -76.58 51.16
C TYR J 971 80.86 -77.28 52.52
N TYR J 972 81.01 -78.60 52.51
CA TYR J 972 80.88 -79.39 53.73
C TYR J 972 82.22 -79.48 54.44
N ASN J 973 82.26 -79.04 55.70
CA ASN J 973 83.45 -79.15 56.54
C ASN J 973 83.07 -79.87 57.84
N PRO J 974 83.21 -81.19 57.89
CA PRO J 974 82.85 -81.91 59.13
C PRO J 974 83.87 -81.71 60.24
N GLN J 975 85.12 -81.45 59.86
CA GLN J 975 86.16 -81.24 60.86
C GLN J 975 85.94 -79.94 61.62
N ALA J 976 85.66 -78.85 60.90
CA ALA J 976 85.40 -77.56 61.53
C ALA J 976 83.93 -77.35 61.87
N GLY J 977 83.04 -78.17 61.35
CA GLY J 977 81.62 -78.00 61.62
C GLY J 977 81.05 -76.71 61.09
N THR J 978 81.45 -76.32 59.88
CA THR J 978 81.01 -75.07 59.29
C THR J 978 80.47 -75.32 57.88
N LYS J 979 79.66 -74.38 57.41
CA LYS J 979 79.02 -74.47 56.10
C LYS J 979 79.28 -73.21 55.30
N ILE J 980 79.46 -73.38 53.99
CA ILE J 980 79.67 -72.26 53.06
C ILE J 980 78.68 -72.45 51.92
N THR J 981 77.56 -71.75 51.99
CA THR J 981 76.49 -71.88 51.01
C THR J 981 76.57 -70.76 49.98
N ILE J 982 76.52 -71.13 48.70
CA ILE J 982 76.48 -70.19 47.59
C ILE J 982 75.31 -70.59 46.71
N CYS J 983 74.28 -69.76 46.69
CA CYS J 983 73.08 -70.04 45.90
C CYS J 983 73.10 -69.22 44.61
N ILE J 984 72.69 -69.85 43.52
CA ILE J 984 72.66 -69.23 42.20
C ILE J 984 71.24 -69.37 41.68
N GLU J 985 70.46 -68.29 41.75
CA GLU J 985 69.07 -68.30 41.30
C GLU J 985 68.93 -67.57 39.97
N LEU J 986 67.79 -67.79 39.32
CA LEU J 986 67.45 -67.09 38.08
C LEU J 986 66.38 -66.05 38.41
N LYS J 987 66.82 -64.82 38.63
CA LYS J 987 65.93 -63.72 39.00
C LYS J 987 65.86 -62.70 37.88
N THR J 988 64.65 -62.19 37.63
CA THR J 988 64.42 -61.22 36.58
C THR J 988 64.61 -59.81 37.13
N VAL J 989 65.30 -58.97 36.34
CA VAL J 989 65.55 -57.59 36.72
C VAL J 989 65.19 -56.69 35.55
N LEU J 990 64.57 -55.55 35.85
CA LEU J 990 64.19 -54.58 34.83
C LEU J 990 65.42 -53.83 34.34
N HIS J 991 65.62 -53.80 33.03
CA HIS J 991 66.76 -53.14 32.42
C HIS J 991 66.28 -52.34 31.21
N ASN J 992 66.32 -51.01 31.34
CA ASN J 992 65.96 -50.10 30.25
C ASN J 992 64.57 -50.40 29.70
N GLY J 993 63.62 -50.57 30.60
CA GLY J 993 62.25 -50.88 30.21
C GLY J 993 62.03 -52.30 29.77
N ARG J 994 63.01 -53.19 29.94
CA ARG J 994 62.90 -54.58 29.54
C ARG J 994 63.42 -55.46 30.66
N ASP J 995 62.76 -56.60 30.86
CA ASP J 995 63.11 -57.52 31.93
C ASP J 995 64.08 -58.58 31.42
N LYS J 996 65.19 -58.75 32.12
CA LYS J 996 66.22 -59.71 31.76
C LYS J 996 66.48 -60.65 32.91
N ILE J 997 66.94 -61.86 32.60
CA ILE J 997 67.23 -62.89 33.58
C ILE J 997 68.74 -63.02 33.70
N GLN J 998 69.24 -62.89 34.93
CA GLN J 998 70.67 -62.95 35.21
C GLN J 998 70.91 -63.84 36.41
N PHE J 999 72.10 -64.43 36.46
CA PHE J 999 72.46 -65.35 37.54
C PHE J 999 72.69 -64.56 38.82
N HIS J 1000 71.93 -64.89 39.87
CA HIS J 1000 72.00 -64.18 41.14
C HIS J 1000 72.90 -64.97 42.10
N ILE J 1001 74.21 -64.85 41.89
CA ILE J 1001 75.19 -65.48 42.77
C ILE J 1001 75.32 -64.60 44.02
N HIS J 1002 74.96 -65.16 45.17
CA HIS J 1002 75.01 -64.39 46.41
C HIS J 1002 74.97 -65.33 47.60
N PHE J 1003 75.28 -64.78 48.76
CA PHE J 1003 75.13 -65.52 50.01
C PHE J 1003 73.69 -65.40 50.50
N ALA J 1004 73.19 -66.49 51.09
CA ALA J 1004 71.80 -66.55 51.51
C ALA J 1004 71.56 -65.59 52.68
N ASP J 1005 70.29 -65.26 52.89
CA ASP J 1005 69.91 -64.38 54.00
C ASP J 1005 70.22 -65.00 55.35
N VAL J 1006 70.31 -66.33 55.44
CA VAL J 1006 70.72 -66.97 56.69
C VAL J 1006 72.17 -66.62 57.01
N ALA J 1007 72.98 -66.31 55.99
CA ALA J 1007 74.39 -66.02 56.18
C ALA J 1007 74.59 -64.61 56.77
N HIS J 1008 73.92 -64.37 57.89
CA HIS J 1008 74.16 -63.19 58.71
C HIS J 1008 75.23 -63.50 59.75
N ILE J 1009 76.37 -63.98 59.24
CA ILE J 1009 77.42 -64.50 60.11
C ILE J 1009 78.12 -63.35 60.81
N THR J 1010 78.19 -63.44 62.14
CA THR J 1010 78.87 -62.43 62.93
C THR J 1010 80.39 -62.62 62.83
N THR J 1011 81.11 -61.67 63.41
CA THR J 1011 82.58 -61.71 63.41
C THR J 1011 83.13 -62.81 64.31
N LYS J 1012 82.29 -63.45 65.12
CA LYS J 1012 82.75 -64.43 66.11
C LYS J 1012 82.93 -65.82 65.54
N SER J 1013 82.47 -66.08 64.33
CA SER J 1013 82.58 -67.43 63.77
C SER J 1013 84.04 -67.74 63.43
N PRO J 1014 84.52 -68.95 63.76
CA PRO J 1014 85.89 -69.30 63.39
C PRO J 1014 86.14 -69.29 61.89
N ALA J 1015 85.15 -69.68 61.08
CA ALA J 1015 85.28 -69.70 59.63
C ALA J 1015 84.92 -68.38 58.98
N TYR J 1016 84.42 -67.41 59.76
CA TYR J 1016 84.00 -66.10 59.27
C TYR J 1016 85.07 -65.34 58.49
N PRO J 1017 86.37 -65.48 58.79
CA PRO J 1017 87.38 -64.76 58.00
C PRO J 1017 87.23 -64.89 56.49
N MET J 1018 86.95 -66.09 55.97
CA MET J 1018 86.92 -66.23 54.51
C MET J 1018 85.65 -65.66 53.90
N MET J 1019 84.50 -65.82 54.58
CA MET J 1019 83.29 -65.14 54.12
C MET J 1019 83.47 -63.63 54.14
N HIS J 1020 84.11 -63.11 55.19
CA HIS J 1020 84.33 -61.67 55.30
C HIS J 1020 85.27 -61.18 54.21
N GLN J 1021 86.31 -61.96 53.90
CA GLN J 1021 87.21 -61.60 52.81
C GLN J 1021 86.49 -61.57 51.48
N VAL J 1022 85.63 -62.58 51.23
CA VAL J 1022 84.85 -62.59 49.99
C VAL J 1022 83.94 -61.37 49.92
N ARG J 1023 83.27 -61.06 51.03
CA ARG J 1023 82.39 -59.90 51.07
C ARG J 1023 83.14 -58.61 50.80
N ASN J 1024 84.30 -58.45 51.43
CA ASN J 1024 85.08 -57.22 51.27
C ASN J 1024 85.61 -57.08 49.84
N GLN J 1025 86.07 -58.18 49.25
CA GLN J 1025 86.69 -58.11 47.93
C GLN J 1025 85.69 -58.20 46.78
N VAL J 1026 84.43 -58.51 47.04
CA VAL J 1026 83.44 -58.56 45.97
C VAL J 1026 82.30 -57.59 46.24
N PHE J 1027 81.59 -57.82 47.35
CA PHE J 1027 80.39 -57.05 47.66
C PHE J 1027 80.71 -55.59 47.93
N ILE J 1049 77.96 -56.33 38.98
CA ILE J 1049 76.99 -55.47 39.66
C ILE J 1049 76.82 -55.93 41.10
N ARG J 1050 77.32 -55.15 42.05
CA ARG J 1050 77.29 -55.49 43.46
C ARG J 1050 76.46 -54.47 44.23
N LEU J 1051 75.45 -54.95 44.95
CA LEU J 1051 74.62 -54.10 45.79
C LEU J 1051 74.79 -54.39 47.27
N GLY J 1052 75.84 -55.11 47.64
CA GLY J 1052 76.12 -55.40 49.04
C GLY J 1052 75.95 -56.86 49.39
N ASN J 1053 74.93 -57.50 48.85
CA ASN J 1053 74.71 -58.93 49.04
C ASN J 1053 74.74 -59.71 47.74
N GLY J 1054 73.97 -59.29 46.74
CA GLY J 1054 73.86 -60.04 45.51
C GLY J 1054 74.85 -59.63 44.44
N VAL J 1055 75.11 -60.57 43.53
CA VAL J 1055 75.97 -60.31 42.38
C VAL J 1055 75.31 -60.86 41.13
N ALA J 1056 74.63 -60.00 40.37
CA ALA J 1056 74.05 -60.38 39.09
C ALA J 1056 75.12 -60.27 38.00
N CYS J 1057 75.21 -61.29 37.15
CA CYS J 1057 76.29 -61.35 36.18
C CYS J 1057 75.77 -61.88 34.85
N ASP J 1058 76.43 -61.44 33.78
CA ASP J 1058 76.15 -61.91 32.43
C ASP J 1058 76.76 -63.30 32.24
N PRO J 1059 76.00 -64.28 31.72
CA PRO J 1059 76.56 -65.63 31.55
C PRO J 1059 77.82 -65.67 30.70
N SER J 1060 78.00 -64.71 29.78
CA SER J 1060 79.25 -64.65 29.03
C SER J 1060 80.42 -64.24 29.91
N GLU J 1061 80.16 -63.73 31.11
CA GLU J 1061 81.22 -63.27 32.01
C GLU J 1061 81.15 -63.94 33.38
N ILE J 1062 80.25 -64.90 33.58
CA ILE J 1062 80.18 -65.59 34.87
C ILE J 1062 81.40 -66.47 35.08
N GLU J 1063 81.91 -67.10 34.02
CA GLU J 1063 82.98 -68.09 34.22
C GLU J 1063 84.32 -67.46 34.63
N PRO J 1064 84.68 -66.24 34.20
CA PRO J 1064 85.87 -65.63 34.81
C PRO J 1064 85.63 -65.12 36.22
N ILE J 1065 84.48 -64.49 36.47
CA ILE J 1065 84.23 -63.90 37.78
C ILE J 1065 84.05 -64.98 38.84
N LEU J 1066 83.42 -66.10 38.48
CA LEU J 1066 83.28 -67.20 39.43
C LEU J 1066 84.63 -67.77 39.82
N MET J 1067 85.55 -67.88 38.86
CA MET J 1067 86.92 -68.27 39.19
C MET J 1067 87.59 -67.20 40.04
N GLU J 1068 87.26 -65.93 39.83
CA GLU J 1068 87.75 -64.89 40.73
C GLU J 1068 87.25 -65.11 42.15
N ILE J 1069 85.98 -65.51 42.30
CA ILE J 1069 85.50 -65.97 43.60
C ILE J 1069 86.24 -67.24 44.00
N HIS J 1070 86.41 -68.16 43.05
CA HIS J 1070 87.07 -69.43 43.34
C HIS J 1070 88.57 -69.27 43.54
N ASN J 1071 89.15 -68.17 43.05
CA ASN J 1071 90.57 -67.90 43.30
C ASN J 1071 90.83 -67.75 44.79
N ILE J 1072 89.96 -67.02 45.49
CA ILE J 1072 90.05 -66.96 46.94
C ILE J 1072 89.81 -68.34 47.54
N LEU J 1073 88.85 -69.10 46.99
CA LEU J 1073 88.60 -70.45 47.45
C LEU J 1073 89.76 -71.38 47.15
N LYS J 1074 90.55 -71.08 46.12
CA LYS J 1074 91.67 -71.94 45.74
C LYS J 1074 92.93 -71.12 45.48
N PHE K 848 15.86 -46.26 51.02
CA PHE K 848 17.01 -47.02 50.55
C PHE K 848 17.30 -48.20 51.48
N ARG K 849 16.32 -49.10 51.61
CA ARG K 849 16.47 -50.23 52.51
C ARG K 849 17.38 -51.32 51.93
N LYS K 850 17.57 -51.33 50.61
CA LYS K 850 18.37 -52.39 49.99
C LYS K 850 19.82 -52.35 50.48
N GLU K 851 20.46 -51.18 50.38
CA GLU K 851 21.84 -51.06 50.83
C GLU K 851 21.95 -51.29 52.33
N GLU K 852 20.95 -50.84 53.10
CA GLU K 852 20.97 -51.06 54.54
C GLU K 852 20.94 -52.55 54.87
N LEU K 853 20.10 -53.32 54.17
CA LEU K 853 20.04 -54.74 54.46
C LEU K 853 21.27 -55.48 53.95
N LEU K 854 21.86 -55.04 52.82
CA LEU K 854 23.13 -55.61 52.39
C LEU K 854 24.23 -55.39 53.44
N LEU K 855 24.34 -54.17 53.96
CA LEU K 855 25.40 -53.91 54.94
C LEU K 855 25.13 -54.65 56.24
N LYS K 856 23.86 -54.73 56.65
CA LYS K 856 23.52 -55.51 57.84
C LYS K 856 23.88 -56.98 57.66
N ASP K 857 23.59 -57.53 56.48
CA ASP K 857 23.95 -58.92 56.20
C ASP K 857 25.46 -59.10 56.20
N LEU K 858 26.20 -58.11 55.69
CA LEU K 858 27.66 -58.21 55.70
C LEU K 858 28.20 -58.21 57.12
N GLU K 859 27.67 -57.34 58.00
CA GLU K 859 28.12 -57.32 59.38
C GLU K 859 27.77 -58.63 60.09
N ILE K 860 26.56 -59.15 59.86
CA ILE K 860 26.19 -60.43 60.43
C ILE K 860 27.12 -61.53 59.93
N ARG K 861 27.46 -61.49 58.64
CA ARG K 861 28.37 -62.49 58.08
C ARG K 861 29.75 -62.42 58.73
N LYS K 862 30.27 -61.21 58.95
CA LYS K 862 31.62 -61.11 59.50
C LYS K 862 31.63 -61.56 60.97
N LEU K 863 30.59 -61.22 61.74
CA LEU K 863 30.56 -61.70 63.12
C LEU K 863 30.35 -63.22 63.18
N GLU K 864 29.54 -63.75 62.26
CA GLU K 864 29.37 -65.19 62.19
C GLU K 864 30.69 -65.89 61.85
N ILE K 865 31.46 -65.32 60.93
CA ILE K 865 32.75 -65.89 60.58
C ILE K 865 33.71 -65.81 61.76
N SER K 866 33.65 -64.70 62.51
CA SER K 866 34.48 -64.58 63.70
C SER K 866 34.19 -65.69 64.70
N SER K 867 32.91 -65.85 65.05
CA SER K 867 32.53 -66.94 65.94
C SER K 867 32.90 -68.30 65.36
N ARG K 868 32.77 -68.44 64.03
CA ARG K 868 33.06 -69.69 63.37
C ARG K 868 34.51 -70.09 63.56
N PHE K 869 35.44 -69.18 63.29
CA PHE K 869 36.84 -69.60 63.40
C PHE K 869 37.29 -69.70 64.84
N LYS K 870 36.74 -68.86 65.74
CA LYS K 870 37.13 -68.99 67.14
C LYS K 870 36.65 -70.31 67.72
N HIS K 871 35.49 -70.82 67.26
CA HIS K 871 35.03 -72.13 67.71
C HIS K 871 35.81 -73.25 67.01
N ARG K 872 36.15 -73.05 65.73
CA ARG K 872 36.80 -74.08 64.96
C ARG K 872 38.24 -74.32 65.43
N GLN K 873 38.95 -73.26 65.78
CA GLN K 873 40.34 -73.41 66.20
C GLN K 873 40.45 -74.23 67.49
N GLU K 874 39.38 -74.29 68.28
CA GLU K 874 39.43 -75.07 69.52
C GLU K 874 38.78 -76.44 69.38
N ILE K 875 37.77 -76.60 68.54
CA ILE K 875 37.12 -77.90 68.44
C ILE K 875 38.04 -78.92 67.75
N PHE K 876 38.78 -78.49 66.74
CA PHE K 876 39.66 -79.39 65.99
C PHE K 876 41.11 -78.95 66.10
N LYS K 877 41.53 -78.55 67.30
CA LYS K 877 42.92 -78.11 67.50
C LYS K 877 43.91 -79.24 67.27
N ASP K 878 43.51 -80.49 67.52
CA ASP K 878 44.43 -81.61 67.45
C ASP K 878 44.74 -82.05 66.03
N SER K 879 43.93 -81.66 65.05
CA SER K 879 44.05 -82.13 63.67
C SER K 879 44.23 -80.96 62.73
N PRO K 880 45.47 -80.58 62.39
CA PRO K 880 45.66 -79.52 61.39
C PRO K 880 45.05 -79.85 60.04
N MET K 881 45.09 -81.12 59.64
CA MET K 881 44.42 -81.54 58.40
C MET K 881 42.93 -81.23 58.44
N ASP K 882 42.27 -81.59 59.55
CA ASP K 882 40.83 -81.40 59.62
C ASP K 882 40.49 -79.91 59.60
N LEU K 883 41.24 -79.09 60.35
CA LEU K 883 40.99 -77.65 60.33
C LEU K 883 41.19 -77.07 58.94
N PHE K 884 42.30 -77.44 58.28
CA PHE K 884 42.56 -76.95 56.93
C PHE K 884 41.43 -77.32 55.98
N MET K 885 41.06 -78.59 55.93
CA MET K 885 40.06 -79.03 54.97
C MET K 885 38.69 -78.45 55.31
N SER K 886 38.36 -78.31 56.59
CA SER K 886 37.08 -77.74 56.98
C SER K 886 36.98 -76.28 56.58
N THR K 887 37.99 -75.48 56.93
CA THR K 887 37.95 -74.06 56.57
C THR K 887 38.02 -73.86 55.06
N LEU K 888 38.74 -74.72 54.35
CA LEU K 888 38.83 -74.58 52.90
C LEU K 888 37.51 -74.98 52.23
N GLY K 889 36.86 -76.03 52.72
CA GLY K 889 35.56 -76.39 52.19
C GLY K 889 34.50 -75.34 52.47
N ASP K 890 34.54 -74.75 53.66
CA ASP K 890 33.63 -73.65 53.95
C ASP K 890 33.94 -72.39 53.16
N CYS K 891 35.20 -72.20 52.78
CA CYS K 891 35.53 -71.17 51.80
C CYS K 891 34.94 -71.50 50.44
N LEU K 892 34.94 -72.77 50.06
CA LEU K 892 34.23 -73.19 48.85
C LEU K 892 32.74 -73.01 49.00
N GLY K 893 32.19 -73.34 50.18
CA GLY K 893 30.76 -73.26 50.40
C GLY K 893 30.11 -74.61 50.55
N ILE K 894 30.84 -75.58 51.10
CA ILE K 894 30.35 -76.95 51.24
C ILE K 894 29.61 -77.07 52.57
N LYS K 895 28.41 -77.65 52.52
CA LYS K 895 27.67 -77.94 53.74
C LYS K 895 28.41 -78.97 54.57
N ASP K 896 28.33 -78.83 55.90
CA ASP K 896 29.07 -79.72 56.79
C ASP K 896 28.57 -81.16 56.72
N GLU K 897 27.37 -81.40 56.20
CA GLU K 897 26.83 -82.75 56.14
C GLU K 897 27.40 -83.57 55.00
N GLU K 898 28.15 -82.96 54.08
CA GLU K 898 28.69 -83.67 52.93
C GLU K 898 30.16 -84.03 53.09
N MET K 899 30.96 -83.13 53.65
CA MET K 899 32.40 -83.39 53.78
C MET K 899 32.66 -84.51 54.78
N LEU K 900 33.81 -85.16 54.62
CA LEU K 900 34.19 -86.31 55.42
C LEU K 900 35.31 -85.94 56.41
N THR K 901 35.30 -86.62 57.54
CA THR K 901 36.27 -86.40 58.61
C THR K 901 37.16 -87.63 58.78
N SER K 902 38.47 -87.41 58.89
CA SER K 902 39.40 -88.50 59.12
C SER K 902 39.38 -89.00 60.56
N CYS K 903 39.19 -88.09 61.52
CA CYS K 903 39.23 -88.42 62.94
C CYS K 903 37.84 -88.39 63.54
N THR K 904 37.69 -89.07 64.67
CA THR K 904 36.43 -89.14 65.40
C THR K 904 36.53 -88.31 66.67
N ILE K 905 35.54 -87.44 66.88
CA ILE K 905 35.52 -86.55 68.04
C ILE K 905 34.96 -87.30 69.24
N PRO K 906 35.32 -86.91 70.47
CA PRO K 906 34.73 -87.55 71.65
C PRO K 906 33.24 -87.24 71.77
N LYS K 907 32.52 -88.16 72.40
CA LYS K 907 31.08 -88.03 72.58
C LYS K 907 30.69 -87.18 73.79
N ALA K 908 31.64 -86.88 74.68
CA ALA K 908 31.32 -86.09 75.87
C ALA K 908 30.90 -84.67 75.47
N VAL K 909 31.62 -84.05 74.54
CA VAL K 909 31.26 -82.71 74.09
C VAL K 909 29.91 -82.73 73.38
N VAL K 910 29.61 -83.81 72.66
CA VAL K 910 28.33 -83.93 71.99
C VAL K 910 27.21 -84.03 73.01
N ASP K 911 27.40 -84.83 74.06
CA ASP K 911 26.38 -84.94 75.10
C ASP K 911 26.18 -83.62 75.84
N HIS K 912 27.28 -82.92 76.14
CA HIS K 912 27.18 -81.70 76.93
C HIS K 912 26.63 -80.52 76.13
N ILE K 913 26.92 -80.46 74.83
CA ILE K 913 26.49 -79.31 74.04
C ILE K 913 24.97 -79.27 73.92
N ASN K 914 24.32 -80.43 73.90
CA ASN K 914 22.86 -80.50 73.85
C ASN K 914 22.22 -80.73 75.21
N GLY K 915 22.80 -81.61 76.02
CA GLY K 915 22.28 -81.86 77.35
C GLY K 915 21.07 -82.76 77.42
N SER K 916 20.61 -83.30 76.28
CA SER K 916 19.44 -84.17 76.29
C SER K 916 19.70 -85.51 76.97
N GLY K 917 20.95 -85.82 77.29
CA GLY K 917 21.27 -87.07 77.97
C GLY K 917 20.89 -87.06 79.44
N LYS K 918 21.58 -87.86 80.24
CA LYS K 918 21.27 -87.94 81.66
C LYS K 918 21.53 -86.62 82.38
N ARG K 919 22.61 -85.93 82.04
CA ARG K 919 22.95 -84.67 82.68
C ARG K 919 22.17 -83.54 82.01
N LYS K 920 21.42 -82.78 82.82
CA LYS K 920 20.66 -81.66 82.30
C LYS K 920 21.60 -80.52 81.90
N PRO K 921 21.29 -79.82 80.81
CA PRO K 921 22.09 -78.63 80.46
C PRO K 921 21.98 -77.56 81.53
N THR K 922 23.10 -76.87 81.76
CA THR K 922 23.13 -75.82 82.78
C THR K 922 22.38 -74.59 82.29
N LYS K 923 21.66 -73.94 83.21
CA LYS K 923 20.98 -72.69 82.87
C LYS K 923 22.00 -71.62 82.49
N ALA K 924 23.16 -71.60 83.17
CA ALA K 924 24.24 -70.71 82.74
C ALA K 924 24.72 -71.08 81.35
N ALA K 925 24.82 -72.38 81.05
CA ALA K 925 25.16 -72.80 79.70
C ALA K 925 24.08 -72.40 78.71
N GLN K 926 22.82 -72.43 79.14
CA GLN K 926 21.73 -71.96 78.27
C GLN K 926 21.88 -70.48 77.95
N ARG K 927 22.20 -69.66 78.96
CA ARG K 927 22.44 -68.24 78.71
C ARG K 927 23.64 -68.04 77.80
N ALA K 928 24.70 -68.84 78.00
CA ALA K 928 25.88 -68.72 77.16
C ALA K 928 25.57 -69.03 75.70
N ARG K 929 24.85 -70.13 75.46
CA ARG K 929 24.49 -70.45 74.08
C ARG K 929 23.46 -69.49 73.51
N ASP K 930 22.70 -68.79 74.37
CA ASP K 930 21.81 -67.77 73.87
C ASP K 930 22.57 -66.52 73.44
N GLN K 931 23.60 -66.13 74.20
CA GLN K 931 24.33 -64.91 73.86
C GLN K 931 25.23 -65.10 72.64
N ASP K 932 25.67 -66.33 72.38
CA ASP K 932 26.44 -66.59 71.17
C ASP K 932 25.55 -66.46 69.94
N SER K 933 26.16 -66.04 68.83
CA SER K 933 25.42 -65.73 67.62
C SER K 933 25.14 -66.94 66.74
N ILE K 934 25.75 -68.09 67.02
CA ILE K 934 25.61 -69.29 66.20
C ILE K 934 25.06 -70.42 67.05
N ASP K 935 24.03 -71.08 66.56
CA ASP K 935 23.52 -72.30 67.19
C ASP K 935 24.43 -73.46 66.79
N ILE K 936 25.07 -74.08 67.77
CA ILE K 936 26.06 -75.11 67.53
C ILE K 936 25.61 -76.41 68.20
N SER K 937 25.70 -77.51 67.45
CA SER K 937 25.37 -78.83 67.94
C SER K 937 25.95 -79.85 66.98
N ILE K 938 26.27 -81.03 67.51
CA ILE K 938 26.90 -82.10 66.73
C ILE K 938 25.96 -83.29 66.69
N LYS K 939 25.69 -83.79 65.49
CA LYS K 939 24.85 -84.96 65.29
C LYS K 939 25.64 -86.02 64.55
N ASP K 940 25.88 -87.16 65.21
CA ASP K 940 26.57 -88.30 64.63
C ASP K 940 27.95 -87.90 64.10
N ASN K 941 28.79 -87.44 65.02
CA ASN K 941 30.19 -87.08 64.76
C ASN K 941 30.33 -85.93 63.76
N LYS K 942 29.25 -85.23 63.44
CA LYS K 942 29.30 -84.09 62.53
C LYS K 942 28.44 -82.98 63.07
N LEU K 943 29.00 -81.76 63.08
CA LEU K 943 28.25 -80.59 63.52
C LEU K 943 27.36 -80.07 62.41
N VAL K 944 26.47 -79.15 62.78
CA VAL K 944 25.50 -78.56 61.86
C VAL K 944 25.66 -77.05 61.89
N MET K 945 25.64 -76.44 60.70
CA MET K 945 25.78 -74.99 60.56
C MET K 945 24.69 -74.49 59.63
N LYS K 946 23.87 -73.56 60.12
CA LYS K 946 22.77 -73.01 59.34
C LYS K 946 22.65 -71.51 59.64
N SER K 947 22.47 -70.72 58.59
CA SER K 947 22.27 -69.29 58.76
C SER K 947 20.91 -69.00 59.37
N LYS K 948 20.86 -68.04 60.28
CA LYS K 948 19.64 -67.72 61.01
C LYS K 948 18.81 -66.63 60.34
N PHE K 949 19.42 -65.81 59.48
CA PHE K 949 18.71 -64.74 58.78
C PHE K 949 18.33 -65.12 57.36
N ASN K 950 19.23 -65.72 56.60
CA ASN K 950 19.00 -66.07 55.21
C ASN K 950 18.95 -67.59 55.09
N LYS K 951 17.79 -68.12 54.70
CA LYS K 951 17.60 -69.56 54.55
C LYS K 951 18.00 -70.06 53.17
N SER K 952 18.36 -69.18 52.25
CA SER K 952 18.77 -69.60 50.91
C SER K 952 20.17 -70.17 50.93
N ASN K 953 20.60 -70.67 49.78
CA ASN K 953 21.93 -71.28 49.64
C ASN K 953 22.97 -70.18 49.58
N ARG K 954 23.40 -69.72 50.75
CA ARG K 954 24.42 -68.66 50.84
C ARG K 954 25.75 -69.21 50.36
N SER K 955 26.17 -68.79 49.16
CA SER K 955 27.44 -69.24 48.61
C SER K 955 28.59 -68.48 49.27
N TYR K 956 29.55 -69.22 49.81
CA TYR K 956 30.71 -68.65 50.47
C TYR K 956 31.94 -68.61 49.55
N SER K 957 31.79 -68.99 48.29
CA SER K 957 32.92 -69.07 47.38
C SER K 957 33.47 -67.67 47.09
N ILE K 958 34.77 -67.63 46.82
CA ILE K 958 35.45 -66.37 46.52
C ILE K 958 35.71 -66.26 45.02
N MET L 1 38.99 -16.45 -11.03
CA MET L 1 37.90 -16.38 -10.07
C MET L 1 38.44 -16.22 -8.66
N MET L 2 37.67 -15.53 -7.81
CA MET L 2 38.08 -15.33 -6.43
C MET L 2 38.00 -16.65 -5.66
N LEU L 3 39.00 -16.87 -4.81
CA LEU L 3 39.08 -18.10 -4.03
C LEU L 3 38.11 -18.05 -2.84
N GLY L 4 38.05 -19.17 -2.13
CA GLY L 4 37.15 -19.33 -1.01
C GLY L 4 37.68 -18.75 0.29
N GLU L 5 37.61 -17.41 0.42
CA GLU L 5 38.20 -16.74 1.58
C GLU L 5 37.60 -17.25 2.90
N HIS L 6 36.34 -17.68 2.91
CA HIS L 6 35.70 -18.13 4.14
C HIS L 6 35.12 -19.54 4.00
N LEU L 7 35.73 -20.38 3.17
CA LEU L 7 35.30 -21.78 3.10
C LEU L 7 35.78 -22.61 4.29
N MET L 8 36.91 -22.26 4.88
CA MET L 8 37.49 -23.02 5.98
C MET L 8 37.80 -22.10 7.15
N SER L 9 37.66 -22.62 8.36
CA SER L 9 37.92 -21.87 9.58
C SER L 9 38.62 -22.76 10.59
N TRP L 10 39.82 -22.35 11.00
CA TRP L 10 40.56 -22.99 12.08
C TRP L 10 40.04 -22.45 13.41
N SER L 11 39.28 -23.27 14.13
CA SER L 11 38.81 -22.87 15.44
C SER L 11 39.99 -22.72 16.40
N LYS L 12 39.84 -21.85 17.39
CA LYS L 12 40.94 -21.56 18.30
C LYS L 12 41.36 -22.79 19.10
N THR L 13 40.50 -23.80 19.19
CA THR L 13 40.81 -25.03 19.90
C THR L 13 41.38 -26.12 19.00
N GLY L 14 41.64 -25.82 17.73
CA GLY L 14 42.27 -26.77 16.83
C GLY L 14 41.35 -27.46 15.86
N ILE L 15 40.03 -27.39 16.06
CA ILE L 15 39.09 -28.03 15.14
C ILE L 15 39.11 -27.32 13.81
N ILE L 16 39.31 -28.08 12.74
CA ILE L 16 39.34 -27.54 11.38
C ILE L 16 38.01 -27.91 10.73
N ALA L 17 37.07 -26.97 10.74
CA ALA L 17 35.78 -27.15 10.08
C ALA L 17 35.83 -26.45 8.73
N TYR L 18 35.63 -27.21 7.65
CA TYR L 18 35.73 -26.68 6.31
C TYR L 18 34.56 -27.16 5.47
N SER L 19 34.23 -26.38 4.45
CA SER L 19 33.12 -26.72 3.57
C SER L 19 33.46 -27.95 2.72
N ASP L 20 32.47 -28.81 2.52
CA ASP L 20 32.62 -30.01 1.71
C ASP L 20 31.73 -29.91 0.49
N SER L 21 32.31 -30.09 -0.71
CA SER L 21 31.58 -29.94 -1.95
C SER L 21 31.68 -31.17 -2.85
N GLN L 22 32.17 -32.30 -2.35
CA GLN L 22 32.32 -33.49 -3.17
C GLN L 22 31.47 -34.67 -2.69
N SER L 23 31.31 -34.83 -1.38
CA SER L 23 30.50 -35.93 -0.87
C SER L 23 29.03 -35.68 -1.15
N SER L 24 28.33 -36.70 -1.62
CA SER L 24 26.92 -36.59 -1.94
C SER L 24 26.01 -36.73 -0.72
N ASN L 25 26.56 -37.11 0.43
CA ASN L 25 25.77 -37.29 1.64
C ASN L 25 26.14 -36.30 2.75
N ALA L 26 27.13 -35.44 2.53
CA ALA L 26 27.56 -34.50 3.56
C ALA L 26 28.02 -33.21 2.89
N ASN L 27 27.92 -32.11 3.63
CA ASN L 27 28.34 -30.81 3.16
C ASN L 27 29.38 -30.14 4.05
N ILE L 28 29.62 -30.64 5.26
CA ILE L 28 30.60 -30.09 6.17
C ILE L 28 31.47 -31.22 6.70
N CYS L 29 32.71 -30.88 7.07
CA CYS L 29 33.66 -31.85 7.60
C CYS L 29 34.36 -31.27 8.82
N LEU L 30 34.73 -32.15 9.74
CA LEU L 30 35.47 -31.77 10.93
C LEU L 30 36.68 -32.68 11.10
N THR L 31 37.81 -32.08 11.46
CA THR L 31 39.04 -32.83 11.66
C THR L 31 39.98 -32.01 12.53
N PHE L 32 41.10 -32.62 12.89
CA PHE L 32 42.12 -31.93 13.70
C PHE L 32 43.43 -32.70 13.59
N LEU L 33 44.49 -32.08 14.09
CA LEU L 33 45.83 -32.65 14.03
C LEU L 33 46.08 -33.58 15.20
N GLU L 34 46.69 -34.73 14.90
CA GLU L 34 47.08 -35.69 15.93
C GLU L 34 48.45 -36.25 15.60
N SER L 35 49.15 -36.71 16.64
CA SER L 35 50.51 -37.20 16.50
C SER L 35 50.49 -38.71 16.21
N ILE L 36 51.26 -39.13 15.21
CA ILE L 36 51.28 -40.53 14.81
C ILE L 36 52.11 -41.36 15.80
N ASN L 37 53.39 -41.04 15.92
CA ASN L 37 54.32 -41.80 16.76
C ASN L 37 55.21 -40.86 17.55
N GLY L 38 54.66 -39.73 17.99
CA GLY L 38 55.43 -38.74 18.72
C GLY L 38 56.32 -37.87 17.87
N ILE L 39 56.68 -38.32 16.66
CA ILE L 39 57.55 -37.56 15.77
C ILE L 39 56.70 -36.95 14.66
N ASN L 40 56.01 -37.80 13.90
CA ASN L 40 55.22 -37.36 12.77
C ASN L 40 53.81 -36.97 13.22
N TRP L 41 53.07 -36.37 12.29
CA TRP L 41 51.72 -35.91 12.55
C TRP L 41 50.81 -36.31 11.40
N ARG L 42 49.52 -36.43 11.71
CA ARG L 42 48.51 -36.71 10.69
C ARG L 42 47.20 -36.07 11.11
N PHE L 43 46.37 -35.75 10.13
CA PHE L 43 45.04 -35.23 10.39
C PHE L 43 44.12 -36.34 10.87
N HIS L 44 43.16 -35.97 11.70
CA HIS L 44 42.22 -36.96 12.21
C HIS L 44 41.24 -37.38 11.12
N THR L 45 40.53 -38.47 11.38
CA THR L 45 39.54 -38.97 10.43
C THR L 45 38.44 -37.94 10.25
N PRO L 46 38.04 -37.63 9.01
CA PRO L 46 37.00 -36.62 8.79
C PRO L 46 35.66 -37.07 9.34
N GLN L 47 35.06 -36.23 10.18
CA GLN L 47 33.72 -36.47 10.73
C GLN L 47 32.73 -35.69 9.87
N LYS L 48 32.08 -36.39 8.95
CA LYS L 48 31.19 -35.74 8.01
C LYS L 48 29.79 -35.58 8.59
N TYR L 49 29.18 -34.43 8.34
CA TYR L 49 27.82 -34.14 8.77
C TYR L 49 27.05 -33.55 7.59
N VAL L 50 25.72 -33.65 7.68
CA VAL L 50 24.83 -33.12 6.65
C VAL L 50 23.96 -32.04 7.28
N LEU L 51 23.86 -30.90 6.59
CA LEU L 51 23.10 -29.75 7.07
C LEU L 51 22.01 -29.42 6.06
N HIS L 52 20.76 -29.49 6.48
CA HIS L 52 19.63 -29.08 5.67
C HIS L 52 18.69 -28.21 6.48
N PRO L 53 17.89 -27.37 5.82
CA PRO L 53 17.02 -26.46 6.58
C PRO L 53 15.99 -27.16 7.45
N GLN L 54 15.68 -28.43 7.18
CA GLN L 54 14.62 -29.14 7.88
C GLN L 54 15.14 -30.13 8.92
N LEU L 55 16.24 -29.80 9.60
CA LEU L 55 16.69 -30.62 10.73
C LEU L 55 15.70 -30.59 11.89
N HIS L 56 14.81 -29.60 11.95
CA HIS L 56 13.93 -29.44 13.10
C HIS L 56 12.91 -30.56 13.23
N GLU L 57 12.68 -31.34 12.17
CA GLU L 57 11.75 -32.46 12.25
C GLU L 57 12.43 -33.76 11.82
N GLN L 100 13.29 -34.24 1.53
CA GLN L 100 14.27 -33.45 2.28
C GLN L 100 15.57 -33.30 1.48
N PHE L 101 15.85 -32.06 1.06
CA PHE L 101 17.03 -31.74 0.27
C PHE L 101 17.88 -30.72 1.02
N PHE L 102 19.20 -30.91 0.94
CA PHE L 102 20.14 -30.01 1.60
C PHE L 102 20.87 -29.15 0.57
N TYR L 103 21.32 -27.98 1.01
CA TYR L 103 21.92 -26.98 0.14
C TYR L 103 23.38 -26.78 0.50
N ASN L 104 24.12 -26.19 -0.44
CA ASN L 104 25.55 -26.01 -0.29
C ASN L 104 25.87 -25.01 0.81
N ILE L 105 27.11 -25.07 1.30
CA ILE L 105 27.58 -24.21 2.37
C ILE L 105 28.30 -23.01 1.75
N SER L 106 27.93 -21.81 2.21
CA SER L 106 28.52 -20.59 1.67
C SER L 106 29.75 -20.14 2.45
N SER L 107 29.67 -20.13 3.78
CA SER L 107 30.78 -19.67 4.60
C SER L 107 30.71 -20.31 5.97
N ILE L 108 31.88 -20.46 6.60
CA ILE L 108 32.01 -21.04 7.93
C ILE L 108 32.77 -20.04 8.80
N HIS L 109 32.18 -19.67 9.93
CA HIS L 109 32.76 -18.65 10.81
C HIS L 109 32.75 -19.16 12.26
N TRP L 110 33.89 -19.66 12.72
CA TRP L 110 34.06 -19.97 14.13
C TRP L 110 34.05 -18.69 14.95
N ASN L 111 33.47 -18.77 16.15
CA ASN L 111 33.39 -17.60 17.01
C ASN L 111 34.70 -17.41 17.78
N ASN L 112 35.82 -17.37 17.08
CA ASN L 112 37.13 -17.19 17.69
C ASN L 112 37.55 -15.73 17.78
N TRP L 113 36.66 -14.82 17.39
CA TRP L 113 36.98 -13.40 17.43
C TRP L 113 37.23 -12.90 18.85
N PHE L 114 38.20 -11.99 18.99
CA PHE L 114 38.55 -11.37 20.26
C PHE L 114 38.89 -12.35 21.38
N SER L 115 38.05 -12.37 22.40
CA SER L 115 38.25 -13.24 23.56
C SER L 115 37.12 -14.26 23.71
N LEU L 116 36.37 -14.52 22.64
CA LEU L 116 35.26 -15.46 22.73
C LEU L 116 35.78 -16.89 22.93
N PRO L 117 34.98 -17.75 23.57
CA PRO L 117 35.44 -19.13 23.80
C PRO L 117 35.74 -19.90 22.52
N GLY L 118 35.08 -19.60 21.42
CA GLY L 118 35.39 -20.25 20.16
C GLY L 118 34.82 -21.62 19.97
N ASP L 119 33.69 -21.93 20.62
CA ASP L 119 33.05 -23.23 20.48
C ASP L 119 31.75 -23.20 19.70
N MET L 120 31.09 -22.04 19.60
CA MET L 120 29.78 -21.94 18.95
C MET L 120 29.99 -21.62 17.47
N LEU L 121 29.80 -22.62 16.62
CA LEU L 121 29.99 -22.45 15.18
C LEU L 121 28.66 -22.15 14.51
N ALA L 122 28.60 -21.05 13.76
CA ALA L 122 27.41 -20.67 13.00
C ALA L 122 27.76 -20.67 11.52
N VAL L 123 27.11 -21.53 10.76
CA VAL L 123 27.36 -21.70 9.33
C VAL L 123 26.15 -21.17 8.55
N CYS L 124 26.44 -20.41 7.49
CA CYS L 124 25.40 -19.84 6.63
C CYS L 124 25.46 -20.55 5.28
N ASP L 125 24.32 -21.09 4.85
CA ASP L 125 24.26 -21.84 3.60
C ASP L 125 24.08 -20.89 2.42
N GLU L 126 23.97 -21.47 1.22
CA GLU L 126 23.76 -20.67 0.02
C GLU L 126 22.36 -20.08 -0.06
N LEU L 127 21.38 -20.70 0.61
CA LEU L 127 20.02 -20.17 0.59
C LEU L 127 19.88 -18.96 1.51
N GLY L 128 20.82 -18.74 2.42
CA GLY L 128 20.76 -17.66 3.38
C GLY L 128 20.37 -18.06 4.79
N ASN L 129 19.99 -19.32 5.00
CA ASN L 129 19.67 -19.78 6.34
C ASN L 129 20.93 -19.87 7.19
N MET L 130 20.86 -19.33 8.41
CA MET L 130 21.99 -19.32 9.33
C MET L 130 21.78 -20.44 10.33
N THR L 131 22.59 -21.50 10.22
CA THR L 131 22.52 -22.66 11.11
C THR L 131 23.60 -22.54 12.16
N MET L 132 23.21 -22.60 13.43
CA MET L 132 24.13 -22.42 14.55
C MET L 132 24.33 -23.77 15.23
N LEU L 133 25.58 -24.22 15.30
CA LEU L 133 25.93 -25.49 15.92
C LEU L 133 26.88 -25.24 17.08
N ILE L 134 26.56 -25.81 18.24
CA ILE L 134 27.40 -25.70 19.43
C ILE L 134 28.08 -27.05 19.66
N THR L 135 29.39 -27.01 19.87
CA THR L 135 30.17 -28.21 20.12
C THR L 135 30.71 -28.18 21.55
N GLY L 136 30.96 -29.38 22.09
CA GLY L 136 31.42 -29.49 23.46
C GLY L 136 30.34 -29.43 24.51
N GLN L 137 29.07 -29.54 24.12
CA GLN L 137 27.99 -29.51 25.08
C GLN L 137 26.84 -30.38 24.57
N ARG L 138 26.14 -31.00 25.49
CA ARG L 138 24.98 -31.84 25.21
C ARG L 138 23.83 -31.37 26.08
N PRO L 139 22.58 -31.64 25.68
CA PRO L 139 21.44 -31.19 26.48
C PRO L 139 21.44 -31.73 27.90
N ASP L 140 21.97 -32.93 28.12
CA ASP L 140 21.93 -33.57 29.42
C ASP L 140 23.27 -33.55 30.16
N ARG L 141 24.39 -33.49 29.45
CA ARG L 141 25.70 -33.58 30.08
C ARG L 141 26.72 -32.84 29.23
N ALA L 142 27.98 -32.90 29.66
CA ALA L 142 29.08 -32.32 28.93
C ALA L 142 29.77 -33.38 28.08
N THR L 143 30.22 -32.99 26.90
CA THR L 143 30.82 -33.91 25.94
C THR L 143 32.12 -33.30 25.41
N THR L 144 32.82 -34.09 24.59
CA THR L 144 34.09 -33.66 24.02
C THR L 144 33.86 -32.65 22.90
N TYR L 145 34.95 -32.23 22.27
CA TYR L 145 34.92 -31.16 21.28
C TYR L 145 34.63 -31.63 19.87
N GLU L 146 34.50 -32.93 19.63
CA GLU L 146 34.23 -33.45 18.30
C GLU L 146 32.78 -33.85 18.09
N LYS L 147 31.91 -33.55 19.05
CA LYS L 147 30.49 -33.87 18.96
C LYS L 147 29.69 -32.57 18.90
N LEU L 148 28.78 -32.50 17.93
CA LEU L 148 28.02 -31.28 17.66
C LEU L 148 26.66 -31.30 18.34
N THR L 149 26.04 -30.12 18.41
CA THR L 149 24.71 -29.94 18.96
C THR L 149 24.11 -28.68 18.37
N MET L 150 22.81 -28.69 18.14
CA MET L 150 22.12 -27.54 17.57
C MET L 150 21.57 -26.63 18.68
N VAL L 151 21.43 -25.35 18.33
CA VAL L 151 20.81 -24.36 19.20
C VAL L 151 19.46 -23.91 18.62
N PHE L 152 19.47 -23.37 17.41
CA PHE L 152 18.24 -22.95 16.75
C PHE L 152 18.48 -22.89 15.25
N GLN L 153 17.39 -22.97 14.48
CA GLN L 153 17.44 -22.91 13.03
C GLN L 153 16.66 -21.70 12.54
N ASP L 154 17.20 -21.04 11.53
CA ASP L 154 16.59 -19.85 10.94
C ASP L 154 16.11 -20.14 9.53
N ASN L 155 14.90 -19.68 9.21
CA ASN L 155 14.33 -19.86 7.88
C ASN L 155 13.61 -18.60 7.39
N LYS L 158 11.68 -16.15 10.35
CA LYS L 158 11.18 -16.87 11.51
C LYS L 158 12.28 -17.72 12.14
N ILE L 159 12.35 -17.71 13.47
CA ILE L 159 13.34 -18.48 14.22
C ILE L 159 12.63 -19.19 15.37
N TYR L 160 13.09 -20.41 15.66
CA TYR L 160 12.46 -21.25 16.67
C TYR L 160 13.54 -22.03 17.40
N ASN L 161 13.23 -22.40 18.65
CA ASN L 161 14.15 -23.14 19.49
C ASN L 161 13.88 -24.63 19.37
N HIS L 162 14.93 -25.40 19.06
CA HIS L 162 14.82 -26.85 18.97
C HIS L 162 16.21 -27.44 19.26
N VAL L 163 16.38 -27.94 20.47
CA VAL L 163 17.65 -28.54 20.87
C VAL L 163 17.67 -30.00 20.42
N MET L 164 18.71 -30.36 19.66
CA MET L 164 18.85 -31.71 19.15
C MET L 164 20.31 -32.03 18.87
N PRO L 165 20.85 -33.13 19.42
CA PRO L 165 22.26 -33.47 19.18
C PRO L 165 22.42 -34.14 17.82
N LEU L 166 23.29 -33.58 16.99
CA LEU L 166 23.52 -34.12 15.66
C LEU L 166 24.36 -35.40 15.72
N LYS L 167 24.26 -36.20 14.67
CA LYS L 167 24.97 -37.45 14.55
C LYS L 167 25.72 -37.52 13.22
N PRO L 168 26.84 -38.23 13.18
CA PRO L 168 27.61 -38.31 11.94
C PRO L 168 26.84 -39.02 10.83
N VAL L 169 27.19 -38.68 9.59
CA VAL L 169 26.50 -39.25 8.43
C VAL L 169 26.83 -40.73 8.29
N ASP L 170 28.09 -41.10 8.48
CA ASP L 170 28.49 -42.49 8.30
C ASP L 170 27.78 -43.42 9.27
N LYS L 171 27.68 -43.01 10.53
CA LYS L 171 26.97 -43.82 11.52
C LYS L 171 25.47 -43.83 11.27
N LEU L 172 24.92 -42.74 10.74
CA LEU L 172 23.49 -42.65 10.50
C LEU L 172 23.07 -43.57 9.36
N LYS L 173 21.80 -43.96 9.38
CA LYS L 173 21.25 -44.83 8.35
C LYS L 173 21.14 -44.07 7.03
N PRO L 174 21.16 -44.79 5.91
CA PRO L 174 20.99 -44.12 4.61
C PRO L 174 19.65 -43.39 4.53
N MET L 175 19.72 -42.07 4.37
CA MET L 175 18.55 -41.21 4.36
C MET L 175 18.25 -40.73 2.95
N ASN L 176 17.03 -40.24 2.76
CA ASN L 176 16.56 -39.78 1.45
C ASN L 176 16.82 -38.28 1.29
N ILE L 177 18.11 -37.93 1.30
CA ILE L 177 18.56 -36.55 1.14
C ILE L 177 19.51 -36.50 -0.04
N GLU L 178 19.23 -35.61 -1.00
CA GLU L 178 20.05 -35.44 -2.19
C GLU L 178 20.60 -34.03 -2.23
N ARG L 179 21.79 -33.88 -2.83
CA ARG L 179 22.49 -32.60 -2.87
C ARG L 179 21.84 -31.70 -3.91
N LYS L 180 20.84 -30.95 -3.48
CA LYS L 180 20.24 -29.93 -4.33
C LYS L 180 21.13 -28.68 -4.33
N GLN L 181 21.43 -28.17 -5.52
CA GLN L 181 22.33 -27.04 -5.67
C GLN L 181 21.51 -25.76 -5.83
N THR L 182 21.66 -24.85 -4.87
CA THR L 182 21.02 -23.54 -4.94
C THR L 182 21.95 -22.59 -5.70
N ARG L 183 21.85 -22.66 -7.03
CA ARG L 183 22.71 -21.88 -7.91
C ARG L 183 22.22 -20.45 -8.09
N LYS L 184 21.34 -19.97 -7.23
CA LYS L 184 20.78 -18.64 -7.33
C LYS L 184 21.23 -17.79 -6.15
N GLU L 185 21.68 -16.57 -6.43
CA GLU L 185 22.11 -15.63 -5.39
C GLU L 185 20.91 -14.83 -4.94
N TYR L 186 20.28 -15.26 -3.85
CA TYR L 186 19.04 -14.68 -3.37
C TYR L 186 19.27 -13.33 -2.69
N ASN L 187 18.17 -12.61 -2.49
CA ASN L 187 18.22 -11.38 -1.71
C ASN L 187 18.80 -11.62 -0.33
N THR L 188 18.55 -12.80 0.24
CA THR L 188 18.99 -13.13 1.58
C THR L 188 20.38 -13.75 1.63
N SER L 189 21.06 -13.86 0.49
CA SER L 189 22.41 -14.42 0.44
C SER L 189 23.36 -13.56 1.27
N ILE L 190 23.85 -14.10 2.37
CA ILE L 190 24.70 -13.33 3.27
C ILE L 190 26.06 -13.12 2.62
N LEU L 191 26.48 -11.86 2.52
CA LEU L 191 27.78 -11.54 1.93
C LEU L 191 28.91 -11.73 2.94
N GLU L 192 28.85 -10.99 4.04
CA GLU L 192 29.89 -11.04 5.07
C GLU L 192 29.24 -11.26 6.43
N PHE L 193 29.76 -12.22 7.18
CA PHE L 193 29.30 -12.50 8.53
C PHE L 193 30.33 -11.98 9.53
N ARG L 194 29.85 -11.38 10.61
CA ARG L 194 30.73 -10.87 11.65
C ARG L 194 30.13 -11.18 13.03
N TRP L 195 31.00 -11.55 13.96
CA TRP L 195 30.60 -11.87 15.32
C TRP L 195 30.76 -10.67 16.23
N LEU L 196 30.09 -10.72 17.38
CA LEU L 196 30.14 -9.66 18.38
C LEU L 196 30.81 -10.19 19.64
N THR L 197 31.80 -9.45 20.12
CA THR L 197 32.53 -9.84 21.32
C THR L 197 31.85 -9.29 22.57
N SER L 198 32.34 -9.74 23.72
CA SER L 198 31.82 -9.31 25.01
C SER L 198 32.66 -8.15 25.55
N SER L 199 32.42 -7.77 26.79
CA SER L 199 33.11 -6.65 27.42
C SER L 199 34.48 -7.03 27.97
N LYS L 200 34.89 -8.29 27.85
CA LYS L 200 36.19 -8.71 28.34
C LYS L 200 37.31 -8.05 27.55
N SER L 201 38.45 -7.86 28.22
CA SER L 201 39.62 -7.27 27.61
C SER L 201 40.63 -8.36 27.21
N VAL L 202 41.43 -8.06 26.20
CA VAL L 202 42.42 -8.99 25.68
C VAL L 202 43.80 -8.35 25.82
N ILE L 203 44.76 -9.13 26.34
CA ILE L 203 46.13 -8.67 26.53
C ILE L 203 47.02 -9.46 25.58
N VAL L 204 47.70 -8.76 24.68
CA VAL L 204 48.62 -9.36 23.72
C VAL L 204 49.92 -8.56 23.71
N SER L 205 50.85 -8.98 22.85
CA SER L 205 52.13 -8.32 22.68
C SER L 205 52.24 -7.79 21.25
N GLN L 206 52.95 -6.68 21.10
CA GLN L 206 53.10 -6.02 19.81
C GLN L 206 54.36 -6.44 19.06
N PHE L 207 55.53 -6.33 19.69
CA PHE L 207 56.78 -6.73 19.05
C PHE L 207 57.86 -6.83 20.11
N CYS L 208 59.03 -7.32 19.70
CA CYS L 208 60.18 -7.43 20.57
C CYS L 208 61.41 -6.86 19.87
N ALA L 209 62.38 -6.44 20.67
CA ALA L 209 63.62 -5.86 20.16
C ALA L 209 64.81 -6.45 20.89
N PHE L 210 65.96 -6.44 20.22
CA PHE L 210 67.19 -6.99 20.77
C PHE L 210 67.88 -5.91 21.60
N ASP L 211 67.99 -6.15 22.92
CA ASP L 211 68.66 -5.21 23.82
C ASP L 211 70.15 -5.50 23.77
N SER L 212 70.88 -4.71 22.96
CA SER L 212 72.31 -4.91 22.81
C SER L 212 73.08 -4.66 24.11
N SER L 213 72.51 -3.89 25.03
CA SER L 213 73.17 -3.65 26.31
C SER L 213 73.32 -4.95 27.10
N SER L 214 72.26 -5.75 27.16
CA SER L 214 72.29 -7.03 27.84
C SER L 214 72.48 -8.20 26.90
N ASN L 215 72.59 -7.95 25.59
CA ASN L 215 72.75 -8.99 24.57
C ASN L 215 71.61 -10.01 24.63
N THR L 216 70.41 -9.55 24.97
CA THR L 216 69.24 -10.42 25.05
C THR L 216 68.05 -9.71 24.41
N TYR L 217 67.09 -10.51 23.95
CA TYR L 217 65.89 -9.96 23.34
C TYR L 217 64.87 -9.62 24.41
N ARG L 218 64.20 -8.48 24.23
CA ARG L 218 63.22 -7.99 25.19
C ARG L 218 61.91 -7.69 24.46
N SER L 219 60.80 -8.07 25.10
CA SER L 219 59.47 -7.86 24.54
C SER L 219 58.60 -7.15 25.55
N ARG L 220 57.66 -6.35 25.04
CA ARG L 220 56.72 -5.60 25.87
C ARG L 220 55.31 -5.95 25.43
N ALA L 221 54.44 -6.24 26.40
CA ALA L 221 53.05 -6.59 26.14
C ALA L 221 52.16 -5.42 26.51
N GLN L 222 51.27 -5.04 25.61
CA GLN L 222 50.34 -3.93 25.81
C GLN L 222 48.92 -4.46 25.80
N GLN L 223 48.14 -4.10 26.83
CA GLN L 223 46.75 -4.50 26.88
C GLN L 223 45.95 -3.80 25.78
N VAL L 224 45.04 -4.54 25.16
CA VAL L 224 44.22 -4.00 24.08
C VAL L 224 42.79 -3.83 24.56
N PRO L 225 42.35 -2.60 24.82
CA PRO L 225 40.95 -2.40 25.22
C PRO L 225 40.01 -2.73 24.08
N PRO L 226 38.79 -3.18 24.38
CA PRO L 226 37.85 -3.50 23.30
C PRO L 226 37.51 -2.28 22.46
N TYR L 227 37.36 -2.49 21.16
CA TYR L 227 37.04 -1.42 20.22
C TYR L 227 35.92 -1.90 19.30
N GLY L 228 35.09 -0.95 18.87
CA GLY L 228 33.99 -1.26 17.97
C GLY L 228 32.71 -1.48 18.75
N VAL L 229 32.05 -2.62 18.49
CA VAL L 229 30.78 -2.95 19.10
C VAL L 229 30.97 -4.21 19.93
N TYR L 230 30.54 -4.17 21.19
CA TYR L 230 30.61 -5.30 22.09
C TYR L 230 29.27 -5.52 22.77
N HIS L 231 28.87 -6.81 22.94
CA HIS L 231 27.58 -7.07 23.55
C HIS L 231 27.70 -7.20 25.07
N PRO L 232 26.67 -6.78 25.80
CA PRO L 232 26.75 -6.79 27.27
C PRO L 232 26.63 -8.20 27.82
N PRO L 233 27.03 -8.41 29.08
CA PRO L 233 26.97 -9.77 29.65
C PRO L 233 25.57 -10.37 29.69
N PHE L 234 24.53 -9.56 29.92
CA PHE L 234 23.19 -10.12 30.04
C PHE L 234 22.66 -10.68 28.73
N ILE L 235 23.31 -10.37 27.61
CA ILE L 235 22.99 -11.00 26.34
C ILE L 235 23.97 -12.16 26.14
N LYS L 236 23.42 -13.35 25.87
CA LYS L 236 24.27 -14.53 25.74
C LYS L 236 25.26 -14.38 24.58
N TYR L 237 24.79 -13.87 23.44
CA TYR L 237 25.64 -13.64 22.29
C TYR L 237 24.87 -12.80 21.28
N ALA L 238 25.61 -12.23 20.33
CA ALA L 238 25.00 -11.47 19.25
C ALA L 238 25.87 -11.62 18.01
N CYS L 239 25.24 -11.50 16.84
CA CYS L 239 25.97 -11.59 15.58
C CYS L 239 25.25 -10.76 14.54
N LEU L 240 25.99 -10.37 13.50
CA LEU L 240 25.48 -9.51 12.45
C LEU L 240 25.84 -10.12 11.10
N ALA L 241 24.90 -10.03 10.16
CA ALA L 241 25.10 -10.52 8.81
C ALA L 241 24.51 -9.53 7.82
N ILE L 242 25.22 -9.29 6.72
CA ILE L 242 24.78 -8.40 5.66
C ILE L 242 24.42 -9.25 4.46
N ARG L 243 23.19 -9.12 3.99
CA ARG L 243 22.72 -9.89 2.85
C ARG L 243 23.00 -9.13 1.56
N LYS L 244 22.99 -9.88 0.45
CA LYS L 244 23.39 -9.30 -0.83
C LYS L 244 22.44 -8.21 -1.31
N ASN L 245 21.19 -8.22 -0.85
CA ASN L 245 20.23 -7.19 -1.24
C ASN L 245 20.29 -5.94 -0.38
N GLY L 246 21.10 -5.94 0.67
CA GLY L 246 21.19 -4.83 1.59
C GLY L 246 20.47 -5.04 2.90
N GLN L 247 19.56 -6.02 2.96
CA GLN L 247 18.87 -6.30 4.21
C GLN L 247 19.87 -6.79 5.27
N ILE L 248 19.75 -6.25 6.47
CA ILE L 248 20.64 -6.59 7.56
C ILE L 248 19.89 -7.44 8.57
N ASP L 249 20.65 -8.21 9.35
CA ASP L 249 20.09 -9.09 10.36
C ASP L 249 20.86 -8.94 11.65
N PHE L 250 20.20 -9.21 12.78
CA PHE L 250 20.84 -9.12 14.09
C PHE L 250 20.23 -10.19 14.98
N TRP L 251 20.90 -11.34 15.04
CA TRP L 251 20.49 -12.43 15.91
C TRP L 251 21.09 -12.24 17.30
N TYR L 252 20.29 -12.46 18.33
CA TYR L 252 20.77 -12.37 19.70
C TYR L 252 19.92 -13.27 20.59
N GLN L 253 20.50 -13.65 21.72
CA GLN L 253 19.85 -14.52 22.68
C GLN L 253 20.01 -13.94 24.08
N PHE L 254 18.92 -13.90 24.83
CA PHE L 254 18.97 -13.42 26.21
C PHE L 254 19.50 -14.52 27.13
N SER L 255 20.41 -14.13 28.03
CA SER L 255 21.06 -15.11 28.89
C SER L 255 20.08 -15.76 29.87
N ASN L 256 18.93 -15.15 30.12
CA ASN L 256 17.95 -15.69 31.06
C ASN L 256 16.79 -16.40 30.37
N SER L 257 16.86 -16.59 29.05
CA SER L 257 15.78 -17.21 28.32
C SER L 257 16.35 -18.09 27.21
N LYS L 258 15.48 -18.95 26.68
CA LYS L 258 15.84 -19.83 25.57
C LYS L 258 15.36 -19.32 24.22
N ASP L 259 14.29 -18.53 24.20
CA ASP L 259 13.75 -18.03 22.94
C ASP L 259 14.73 -17.04 22.30
N HIS L 260 14.86 -17.13 20.99
CA HIS L 260 15.74 -16.25 20.22
C HIS L 260 14.92 -15.17 19.55
N LYS L 261 15.56 -14.01 19.31
CA LYS L 261 14.92 -12.87 18.69
C LYS L 261 15.77 -12.37 17.53
N LYS L 262 15.09 -11.85 16.50
CA LYS L 262 15.75 -11.34 15.31
C LYS L 262 15.18 -9.96 14.98
N ILE L 263 16.07 -9.03 14.62
CA ILE L 263 15.71 -7.69 14.19
C ILE L 263 16.36 -7.43 12.84
N THR L 264 15.56 -7.00 11.87
CA THR L 264 16.05 -6.83 10.50
C THR L 264 15.70 -5.43 9.99
N LEU L 265 16.60 -4.87 9.19
CA LEU L 265 16.38 -3.58 8.54
C LEU L 265 16.90 -3.67 7.10
N GLN L 266 16.96 -2.52 6.44
CA GLN L 266 17.54 -2.43 5.11
C GLN L 266 18.41 -1.18 5.03
N LEU L 267 19.48 -1.25 4.23
CA LEU L 267 20.44 -0.16 4.17
C LEU L 267 19.83 1.08 3.54
N LEU L 268 19.19 0.93 2.37
CA LEU L 268 18.63 2.07 1.64
C LEU L 268 17.24 2.33 2.18
N ASP L 269 17.15 3.20 3.18
CA ASP L 269 15.88 3.49 3.86
C ASP L 269 15.10 4.57 3.11
N THR L 270 14.84 4.29 1.84
CA THR L 270 14.07 5.19 1.00
C THR L 270 12.57 4.90 1.14
N SER L 271 11.76 5.85 0.69
CA SER L 271 10.31 5.71 0.77
C SER L 271 9.76 4.73 -0.26
N ASN L 272 10.57 4.27 -1.20
CA ASN L 272 10.11 3.40 -2.28
C ASN L 272 10.77 2.03 -2.17
N GLN L 273 9.96 0.98 -2.23
CA GLN L 273 10.50 -0.38 -2.27
C GLN L 273 11.14 -0.70 -3.61
N ARG L 274 10.96 0.15 -4.62
CA ARG L 274 11.61 -0.07 -5.92
C ARG L 274 13.12 -0.04 -5.79
N PHE L 275 13.66 0.87 -4.98
CA PHE L 275 15.10 0.94 -4.73
C PHE L 275 15.53 0.16 -3.50
N LYS L 276 14.59 -0.25 -2.65
CA LYS L 276 14.95 -1.04 -1.48
C LYS L 276 15.57 -2.38 -1.90
N ASP L 277 15.00 -3.01 -2.93
CA ASP L 277 15.42 -4.33 -3.38
C ASP L 277 16.38 -4.27 -4.56
N LEU L 278 17.16 -3.19 -4.65
CA LEU L 278 18.08 -2.99 -5.76
C LEU L 278 19.55 -3.05 -5.37
N GLN L 279 19.87 -2.88 -4.08
CA GLN L 279 21.25 -2.74 -3.64
C GLN L 279 21.95 -4.09 -3.70
N TRP L 280 22.41 -4.45 -4.90
CA TRP L 280 23.19 -5.67 -5.11
C TRP L 280 24.65 -5.35 -4.84
N LEU L 281 25.08 -5.57 -3.61
CA LEU L 281 26.40 -5.16 -3.15
C LEU L 281 27.43 -6.18 -3.62
N GLU L 282 28.41 -5.74 -4.41
CA GLU L 282 29.48 -6.64 -4.82
C GLU L 282 30.38 -7.01 -3.65
N PHE L 283 30.82 -6.02 -2.88
CA PHE L 283 31.64 -6.23 -1.70
C PHE L 283 31.03 -5.47 -0.54
N ALA L 284 30.86 -6.14 0.59
CA ALA L 284 30.30 -5.53 1.80
C ALA L 284 31.18 -5.94 2.98
N ARG L 285 32.20 -5.14 3.26
CA ARG L 285 33.16 -5.42 4.32
C ARG L 285 32.83 -4.57 5.53
N ILE L 286 32.67 -5.20 6.69
CA ILE L 286 32.29 -4.52 7.92
C ILE L 286 33.54 -4.41 8.78
N THR L 287 34.00 -3.18 9.00
CA THR L 287 35.16 -2.92 9.85
C THR L 287 34.74 -2.07 11.05
N PRO L 288 34.74 -2.62 12.25
CA PRO L 288 34.42 -1.80 13.43
C PRO L 288 35.40 -0.64 13.60
N MET L 289 34.89 0.49 14.05
CA MET L 289 35.69 1.69 14.24
C MET L 289 35.68 2.06 15.73
N ASN L 290 36.62 2.93 16.10
CA ASN L 290 36.72 3.35 17.50
C ASN L 290 35.50 4.11 17.97
N ASP L 291 34.67 4.61 17.05
CA ASP L 291 33.40 5.21 17.42
C ASP L 291 32.54 4.19 18.17
N ASP L 292 31.86 4.66 19.21
CA ASP L 292 31.12 3.76 20.08
C ASP L 292 29.94 3.15 19.35
N GLN L 293 29.83 1.82 19.41
CA GLN L 293 28.72 1.07 18.82
C GLN L 293 28.56 1.38 17.34
N CYS L 294 29.68 1.47 16.62
CA CYS L 294 29.68 1.86 15.22
C CYS L 294 30.45 0.84 14.39
N MET L 295 29.90 0.49 13.23
CA MET L 295 30.57 -0.36 12.25
C MET L 295 30.51 0.31 10.90
N LEU L 296 31.67 0.46 10.26
CA LEU L 296 31.75 1.08 8.94
C LEU L 296 31.43 0.03 7.88
N ILE L 297 30.23 0.09 7.33
CA ILE L 297 29.79 -0.89 6.33
C ILE L 297 30.23 -0.34 4.98
N THR L 298 31.48 -0.66 4.60
CA THR L 298 32.04 -0.21 3.34
C THR L 298 31.51 -1.10 2.23
N THR L 299 30.60 -0.56 1.42
CA THR L 299 29.97 -1.31 0.35
C THR L 299 30.32 -0.72 -1.01
N TYR L 300 30.33 -1.56 -2.03
CA TYR L 300 30.60 -1.15 -3.41
C TYR L 300 29.44 -1.62 -4.28
N SER L 301 28.48 -0.75 -4.53
CA SER L 301 27.34 -1.07 -5.38
C SER L 301 27.67 -0.72 -6.83
N LYS L 302 27.63 -1.73 -7.71
CA LYS L 302 27.90 -1.49 -9.12
C LYS L 302 26.74 -0.78 -9.82
N LEU L 303 25.59 -0.63 -9.17
CA LEU L 303 24.50 0.12 -9.76
C LEU L 303 24.87 1.59 -9.93
N SER L 304 25.52 2.17 -8.92
CA SER L 304 25.96 3.55 -8.97
C SER L 304 27.46 3.69 -9.21
N LYS L 305 28.20 2.58 -9.26
CA LYS L 305 29.62 2.58 -9.58
C LYS L 305 30.42 3.47 -8.63
N ASN L 306 30.07 3.43 -7.35
CA ASN L 306 30.78 4.19 -6.33
C ASN L 306 30.93 3.35 -5.08
N ILE L 307 32.02 3.60 -4.35
CA ILE L 307 32.31 2.88 -3.11
C ILE L 307 31.61 3.64 -1.99
N SER L 308 30.36 3.30 -1.74
CA SER L 308 29.56 3.98 -0.73
C SER L 308 29.96 3.55 0.68
N PHE L 309 29.90 4.49 1.60
CA PHE L 309 30.19 4.24 3.01
C PHE L 309 28.93 4.44 3.84
N TYR L 310 28.83 3.67 4.93
CA TYR L 310 27.69 3.76 5.83
C TYR L 310 28.17 3.68 7.26
N LYS L 311 27.28 4.04 8.19
CA LYS L 311 27.55 3.94 9.62
C LYS L 311 26.34 3.29 10.29
N LEU L 312 26.60 2.30 11.14
CA LEU L 312 25.56 1.57 11.84
C LEU L 312 25.71 1.79 13.35
N HIS L 313 24.62 2.11 14.02
CA HIS L 313 24.62 2.40 15.44
C HIS L 313 23.62 1.51 16.16
N VAL L 314 24.02 1.00 17.32
CA VAL L 314 23.20 0.11 18.13
C VAL L 314 23.22 0.59 19.57
N ASN L 315 22.04 0.65 20.19
CA ASN L 315 21.90 0.99 21.60
C ASN L 315 21.59 -0.29 22.36
N TRP L 316 22.53 -0.75 23.17
CA TRP L 316 22.35 -2.02 23.87
C TRP L 316 21.24 -1.92 24.92
N ASN L 317 21.26 -0.86 25.73
CA ASN L 317 20.27 -0.65 26.78
C ASN L 317 19.46 0.59 26.44
N LEU L 318 18.24 0.39 25.95
CA LEU L 318 17.38 1.52 25.61
C LEU L 318 16.91 2.25 26.87
N ASN L 319 16.64 1.52 27.94
CA ASN L 319 16.15 2.08 29.20
C ASN L 319 17.14 1.72 30.30
N ALA L 320 18.12 2.61 30.52
CA ALA L 320 19.08 2.40 31.59
C ALA L 320 18.45 2.56 32.97
N THR L 321 17.35 3.32 33.08
CA THR L 321 16.68 3.50 34.36
C THR L 321 15.93 2.26 34.82
N LYS L 322 15.74 1.28 33.95
CA LYS L 322 15.02 0.04 34.28
C LYS L 322 15.92 -1.13 33.94
N PRO L 323 16.91 -1.43 34.78
CA PRO L 323 17.80 -2.57 34.51
C PRO L 323 17.06 -3.91 34.45
N ASN L 324 15.98 -4.06 35.21
CA ASN L 324 15.26 -5.33 35.22
C ASN L 324 14.56 -5.58 33.89
N VAL L 325 14.05 -4.53 33.24
CA VAL L 325 13.34 -4.66 31.97
C VAL L 325 14.39 -4.72 30.87
N LEU L 326 14.62 -5.92 30.35
CA LEU L 326 15.62 -6.14 29.30
C LEU L 326 14.98 -5.86 27.95
N ASN L 327 15.28 -4.68 27.39
CA ASN L 327 14.69 -4.26 26.12
C ASN L 327 15.57 -4.71 24.96
N ASP L 328 14.93 -4.92 23.82
CA ASP L 328 15.66 -5.30 22.62
C ASP L 328 16.55 -4.14 22.15
N PRO L 329 17.77 -4.40 21.70
CA PRO L 329 18.62 -3.31 21.21
C PRO L 329 18.02 -2.64 20.00
N SER L 330 18.21 -1.33 19.92
CA SER L 330 17.72 -0.54 18.80
C SER L 330 18.84 -0.34 17.77
N LEU L 331 18.48 -0.49 16.49
CA LEU L 331 19.42 -0.40 15.39
C LEU L 331 19.16 0.85 14.58
N LYS L 332 20.22 1.60 14.27
CA LYS L 332 20.13 2.83 13.50
C LYS L 332 21.18 2.82 12.41
N ILE L 333 20.91 3.56 11.34
CA ILE L 333 21.79 3.62 10.17
C ILE L 333 21.85 5.06 9.68
N GLN L 334 23.03 5.47 9.20
CA GLN L 334 23.25 6.84 8.75
C GLN L 334 24.25 6.85 7.61
N PHE L 335 23.81 7.32 6.44
CA PHE L 335 24.69 7.41 5.28
C PHE L 335 25.75 8.49 5.51
N ILE L 336 26.96 8.24 5.00
CA ILE L 336 28.08 9.14 5.29
C ILE L 336 28.73 9.69 4.02
N LEU L 337 29.25 8.81 3.17
CA LEU L 337 30.10 9.27 2.08
C LEU L 337 30.05 8.29 0.92
N SER L 338 30.44 8.78 -0.26
CA SER L 338 30.53 7.97 -1.46
C SER L 338 31.57 8.58 -2.40
N THR L 339 32.45 7.74 -2.95
CA THR L 339 33.51 8.21 -3.83
C THR L 339 33.61 7.29 -5.05
N THR L 340 34.24 7.81 -6.10
CA THR L 340 34.46 7.10 -7.34
C THR L 340 35.91 6.64 -7.43
N LEU L 341 36.12 5.53 -8.17
CA LEU L 341 37.42 4.92 -8.29
C LEU L 341 38.23 5.53 -9.43
N ASP L 342 39.55 5.53 -9.26
CA ASP L 342 40.44 6.14 -10.25
C ASP L 342 40.52 5.26 -11.49
N PRO L 343 40.44 5.85 -12.69
CA PRO L 343 40.47 5.03 -13.91
C PRO L 343 41.86 4.67 -14.41
N THR L 344 42.86 5.52 -14.13
CA THR L 344 44.18 5.37 -14.73
C THR L 344 45.26 5.64 -13.70
N ASP L 345 46.48 5.20 -14.02
CA ASP L 345 47.65 5.43 -13.18
C ASP L 345 48.35 6.71 -13.63
N ASP L 346 49.57 6.92 -13.12
CA ASP L 346 50.31 8.13 -13.46
C ASP L 346 50.88 8.07 -14.88
N GLU L 347 51.35 6.89 -15.30
CA GLU L 347 52.02 6.76 -16.59
C GLU L 347 51.06 6.51 -17.75
N GLY L 348 49.78 6.30 -17.49
CA GLY L 348 48.80 6.13 -18.53
C GLY L 348 48.28 4.72 -18.76
N HIS L 349 48.36 3.84 -17.76
CA HIS L 349 47.81 2.50 -17.85
C HIS L 349 46.53 2.42 -17.03
N VAL L 350 45.47 1.89 -17.63
CA VAL L 350 44.17 1.86 -16.96
C VAL L 350 44.15 0.78 -15.90
N LEU L 351 43.19 0.89 -14.98
CA LEU L 351 43.12 0.04 -13.82
C LEU L 351 41.74 -0.60 -13.71
N LYS L 352 41.70 -1.79 -13.10
CA LYS L 352 40.46 -2.50 -12.82
C LYS L 352 40.45 -2.91 -11.36
N LEU L 353 39.35 -2.64 -10.66
CA LEU L 353 39.23 -3.00 -9.25
C LEU L 353 39.05 -4.51 -9.13
N GLU L 354 40.06 -5.19 -8.59
CA GLU L 354 39.97 -6.63 -8.42
C GLU L 354 39.32 -7.01 -7.09
N ASN L 355 39.69 -6.31 -6.01
CA ASN L 355 39.17 -6.62 -4.69
C ASN L 355 39.16 -5.35 -3.86
N LEU L 356 38.31 -5.33 -2.83
CA LEU L 356 38.17 -4.20 -1.93
C LEU L 356 38.23 -4.76 -0.51
N HIS L 357 39.44 -4.84 0.05
CA HIS L 357 39.64 -5.33 1.41
C HIS L 357 40.01 -4.17 2.30
N VAL L 358 39.21 -3.94 3.33
CA VAL L 358 39.48 -2.91 4.33
C VAL L 358 39.94 -3.60 5.61
N VAL L 359 41.01 -3.10 6.21
CA VAL L 359 41.63 -3.75 7.36
C VAL L 359 40.89 -3.35 8.62
N SER L 360 40.72 -4.32 9.53
CA SER L 360 40.14 -4.05 10.84
C SER L 360 41.20 -3.43 11.73
N LYS L 361 41.21 -2.11 11.83
CA LYS L 361 42.25 -1.37 12.51
C LYS L 361 41.74 -0.88 13.86
N SER L 362 42.52 -1.13 14.91
CA SER L 362 42.17 -0.68 16.25
C SER L 362 42.70 0.73 16.48
N SER L 363 42.59 1.20 17.72
CA SER L 363 43.09 2.52 18.09
C SER L 363 44.57 2.53 18.45
N ILE L 364 45.23 1.37 18.45
CA ILE L 364 46.64 1.30 18.83
C ILE L 364 47.51 2.04 17.82
N GLU L 365 47.22 1.85 16.52
CA GLU L 365 48.08 2.40 15.48
C GLU L 365 48.00 3.93 15.46
N LYS L 366 49.00 4.55 14.82
CA LYS L 366 49.12 6.00 14.79
C LYS L 366 47.86 6.65 14.22
N ASP L 367 47.43 6.19 13.03
CA ASP L 367 46.23 6.69 12.39
C ASP L 367 45.17 5.61 12.41
N PRO L 368 44.17 5.69 13.28
CA PRO L 368 43.20 4.57 13.41
C PRO L 368 42.25 4.44 12.23
N SER L 369 42.28 5.36 11.26
CA SER L 369 41.37 5.27 10.13
C SER L 369 41.62 3.99 9.35
N PRO L 370 40.59 3.19 9.07
CA PRO L 370 40.82 1.91 8.38
C PRO L 370 41.38 2.12 6.98
N GLU L 371 42.24 1.20 6.56
CA GLU L 371 42.90 1.26 5.26
C GLU L 371 42.00 0.59 4.23
N ILE L 372 41.40 1.38 3.34
CA ILE L 372 40.61 0.85 2.24
C ILE L 372 41.60 0.51 1.11
N LEU L 373 41.95 -0.76 1.00
CA LEU L 373 42.93 -1.21 0.03
C LEU L 373 42.21 -1.64 -1.24
N VAL L 374 42.00 -0.69 -2.15
CA VAL L 374 41.38 -0.98 -3.44
C VAL L 374 42.47 -1.49 -4.39
N LEU L 375 42.42 -2.78 -4.71
CA LEU L 375 43.43 -3.39 -5.56
C LEU L 375 43.14 -3.10 -7.03
N TYR L 376 44.19 -2.78 -7.78
CA TYR L 376 44.11 -2.57 -9.21
C TYR L 376 45.20 -3.36 -9.90
N ASN L 377 44.90 -3.90 -11.08
CA ASN L 377 45.88 -4.61 -11.88
C ASN L 377 46.03 -3.93 -13.24
N VAL L 378 47.27 -3.58 -13.58
CA VAL L 378 47.57 -3.03 -14.90
C VAL L 378 47.48 -4.18 -15.89
N CYS L 379 46.61 -4.04 -16.89
CA CYS L 379 46.36 -5.15 -17.81
C CYS L 379 47.58 -5.41 -18.69
N ASP L 380 47.77 -6.69 -19.01
CA ASP L 380 48.90 -7.17 -19.81
C ASP L 380 50.25 -6.83 -19.18
N THR L 381 50.27 -6.56 -17.88
CA THR L 381 51.49 -6.25 -17.16
C THR L 381 51.52 -7.01 -15.86
N SER L 382 52.69 -7.54 -15.51
CA SER L 382 52.83 -8.32 -14.27
C SER L 382 52.62 -7.47 -13.03
N LYS L 383 52.66 -6.14 -13.16
CA LYS L 383 52.51 -5.28 -11.99
C LYS L 383 51.08 -5.30 -11.47
N SER L 384 50.94 -4.99 -10.19
CA SER L 384 49.64 -4.88 -9.54
C SER L 384 49.70 -3.77 -8.51
N LEU L 385 48.81 -2.80 -8.63
CA LEU L 385 48.83 -1.61 -7.80
C LEU L 385 47.78 -1.71 -6.69
N VAL L 386 48.17 -1.32 -5.49
CA VAL L 386 47.28 -1.35 -4.32
C VAL L 386 47.22 0.07 -3.78
N LYS L 387 46.20 0.82 -4.20
CA LYS L 387 46.00 2.17 -3.70
C LYS L 387 45.38 2.14 -2.32
N ARG L 388 45.88 3.00 -1.43
CA ARG L 388 45.46 3.04 -0.04
C ARG L 388 44.75 4.35 0.25
N TYR L 389 43.56 4.26 0.84
CA TYR L 389 42.78 5.43 1.24
C TYR L 389 42.46 5.32 2.72
N ARG L 390 42.21 6.47 3.34
CA ARG L 390 41.82 6.54 4.75
C ARG L 390 40.66 7.50 4.91
N LEU L 391 39.72 7.15 5.77
CA LEU L 391 38.54 7.97 6.01
C LEU L 391 38.79 8.89 7.20
N ALA L 392 38.68 10.19 6.98
CA ALA L 392 38.90 11.18 8.03
C ALA L 392 37.81 12.24 8.00
N PRO L 393 37.48 12.82 9.14
CA PRO L 393 36.51 13.92 9.16
C PRO L 393 37.04 15.15 8.46
N THR L 394 36.12 15.93 7.92
CA THR L 394 36.48 17.21 7.29
C THR L 394 36.64 18.28 8.36
N GLN L 395 37.78 18.95 8.34
CA GLN L 395 38.16 19.90 9.38
C GLN L 395 38.07 21.32 8.85
N LEU L 396 37.63 22.23 9.71
CA LEU L 396 37.48 23.63 9.38
C LEU L 396 38.75 24.41 9.72
N SER L 397 38.91 25.56 9.09
CA SER L 397 40.07 26.42 9.33
C SER L 397 39.65 27.75 9.93
N TYR L 425 32.68 13.98 5.60
CA TYR L 425 34.03 13.49 5.78
C TYR L 425 34.77 13.51 4.44
N ASN L 426 35.98 12.97 4.42
CA ASN L 426 36.79 12.94 3.20
C ASN L 426 37.72 11.75 3.23
N LEU L 427 38.21 11.37 2.04
CA LEU L 427 39.17 10.30 1.87
C LEU L 427 40.50 10.90 1.47
N ARG L 428 41.54 10.65 2.26
CA ARG L 428 42.88 11.15 2.00
C ARG L 428 43.75 10.04 1.45
N ARG L 429 44.40 10.30 0.31
CA ARG L 429 45.27 9.33 -0.33
C ARG L 429 46.68 9.47 0.23
N HIS L 430 47.23 8.37 0.75
CA HIS L 430 48.55 8.40 1.37
C HIS L 430 49.66 8.12 0.36
N SER L 431 49.61 6.97 -0.29
CA SER L 431 50.64 6.58 -1.25
C SER L 431 50.14 5.42 -2.07
N ASP L 432 50.94 5.02 -3.05
CA ASP L 432 50.65 3.89 -3.92
C ASP L 432 51.78 2.88 -3.85
N ILE L 433 51.40 1.60 -3.81
CA ILE L 433 52.35 0.50 -3.65
C ILE L 433 52.20 -0.43 -4.83
N VAL L 434 53.32 -0.73 -5.50
CA VAL L 434 53.34 -1.55 -6.71
C VAL L 434 53.89 -2.93 -6.35
N LEU L 435 53.18 -3.97 -6.79
CA LEU L 435 53.61 -5.35 -6.60
C LEU L 435 53.86 -5.99 -7.96
N ASP L 436 54.87 -6.85 -8.02
CA ASP L 436 55.36 -7.39 -9.28
C ASP L 436 54.59 -8.60 -9.77
N LYS L 437 53.64 -9.13 -8.98
CA LYS L 437 52.86 -10.29 -9.37
C LYS L 437 51.39 -10.04 -9.09
N LYS L 438 50.54 -10.66 -9.92
CA LYS L 438 49.09 -10.53 -9.73
C LYS L 438 48.65 -11.27 -8.48
N VAL L 439 47.63 -10.72 -7.81
CA VAL L 439 47.13 -11.25 -6.55
C VAL L 439 45.80 -11.95 -6.81
N THR L 440 45.66 -13.17 -6.27
CA THR L 440 44.45 -13.95 -6.42
C THR L 440 43.67 -14.14 -5.13
N LEU L 441 44.20 -13.72 -3.98
CA LEU L 441 43.51 -13.90 -2.72
C LEU L 441 44.12 -12.97 -1.69
N ILE L 442 43.28 -12.44 -0.80
CA ILE L 442 43.71 -11.62 0.32
C ILE L 442 43.03 -12.13 1.58
N THR L 443 43.81 -12.40 2.61
CA THR L 443 43.28 -12.83 3.90
C THR L 443 43.94 -12.01 5.00
N SER L 444 43.14 -11.44 5.89
CA SER L 444 43.66 -10.68 7.01
C SER L 444 43.85 -11.59 8.21
N GLU L 445 45.02 -11.52 8.83
CA GLU L 445 45.30 -12.33 10.01
C GLU L 445 44.61 -11.73 11.24
N MET L 446 44.27 -12.60 12.18
CA MET L 446 43.59 -12.19 13.40
C MET L 446 44.60 -11.96 14.51
N PHE L 447 44.48 -10.81 15.18
CA PHE L 447 45.37 -10.41 16.27
C PHE L 447 46.83 -10.34 15.85
N ASP L 448 47.08 -10.25 14.54
CA ASP L 448 48.44 -10.17 14.02
C ASP L 448 48.72 -8.94 13.17
N ALA L 449 47.68 -8.34 12.58
CA ALA L 449 47.82 -7.17 11.70
C ALA L 449 48.76 -7.48 10.53
N PHE L 450 48.36 -8.46 9.73
CA PHE L 450 49.16 -8.92 8.59
C PHE L 450 48.23 -9.17 7.41
N VAL L 451 48.46 -8.44 6.32
CA VAL L 451 47.75 -8.69 5.07
C VAL L 451 48.58 -9.63 4.21
N SER L 452 47.95 -10.70 3.73
CA SER L 452 48.64 -11.75 3.01
C SER L 452 48.27 -11.67 1.52
N PHE L 453 49.29 -11.59 0.67
CA PHE L 453 49.10 -11.47 -0.77
C PHE L 453 49.46 -12.81 -1.41
N TYR L 454 48.44 -13.60 -1.72
CA TYR L 454 48.62 -14.92 -2.33
C TYR L 454 48.76 -14.72 -3.83
N PHE L 455 50.00 -14.54 -4.28
CA PHE L 455 50.27 -14.27 -5.68
C PHE L 455 49.99 -15.50 -6.54
N GLU L 456 50.12 -15.34 -7.85
CA GLU L 456 49.80 -16.42 -8.77
C GLU L 456 50.82 -17.56 -8.69
N ASP L 457 52.11 -17.22 -8.55
CA ASP L 457 53.15 -18.25 -8.54
C ASP L 457 53.22 -19.03 -7.23
N GLY L 458 52.30 -18.78 -6.28
CA GLY L 458 52.29 -19.47 -5.03
C GLY L 458 53.02 -18.79 -3.91
N THR L 459 53.92 -17.85 -4.22
CA THR L 459 54.65 -17.14 -3.18
C THR L 459 53.72 -16.20 -2.42
N ILE L 460 54.00 -16.02 -1.13
CA ILE L 460 53.19 -15.20 -0.24
C ILE L 460 54.08 -14.13 0.36
N GLU L 461 53.65 -12.87 0.24
CA GLU L 461 54.39 -11.73 0.77
C GLU L 461 53.47 -10.99 1.74
N SER L 462 53.66 -11.27 3.04
CA SER L 462 52.82 -10.68 4.07
C SER L 462 53.39 -9.31 4.45
N TYR L 463 52.61 -8.26 4.19
CA TYR L 463 53.03 -6.90 4.53
C TYR L 463 52.43 -6.49 5.87
N ASN L 464 53.28 -6.00 6.76
CA ASN L 464 52.82 -5.54 8.07
C ASN L 464 51.93 -4.31 7.92
N GLN L 465 51.00 -4.16 8.86
CA GLN L 465 50.09 -3.03 8.82
C GLN L 465 50.78 -1.73 9.22
N ASN L 466 51.83 -1.80 10.04
CA ASN L 466 52.45 -0.60 10.59
C ASN L 466 53.14 0.23 9.51
N ASP L 467 53.97 -0.43 8.68
CA ASP L 467 54.78 0.28 7.71
C ASP L 467 54.72 -0.30 6.30
N TRP L 468 54.00 -1.41 6.11
CA TRP L 468 53.94 -2.10 4.82
C TRP L 468 55.34 -2.46 4.32
N LYS L 469 56.19 -2.89 5.24
CA LYS L 469 57.51 -3.41 4.93
C LYS L 469 57.47 -4.93 4.97
N LEU L 470 58.04 -5.56 3.94
CA LEU L 470 57.98 -7.01 3.83
C LEU L 470 58.60 -7.67 5.06
N GLU L 471 57.87 -8.62 5.64
CA GLU L 471 58.31 -9.22 6.89
C GLU L 471 59.48 -10.17 6.69
N THR L 472 59.49 -10.92 5.59
CA THR L 472 60.57 -11.86 5.34
C THR L 472 61.88 -11.18 4.98
N GLU L 473 61.84 -9.92 4.56
CA GLU L 473 63.04 -9.17 4.18
C GLU L 473 63.28 -7.96 5.07
N ARG L 474 62.60 -7.89 6.23
CA ARG L 474 62.76 -6.73 7.09
C ARG L 474 64.15 -6.68 7.72
N LEU L 475 64.73 -7.85 8.04
CA LEU L 475 66.03 -7.88 8.70
C LEU L 475 67.12 -7.31 7.81
N ILE L 476 67.07 -7.62 6.51
CA ILE L 476 68.09 -7.15 5.58
C ILE L 476 68.04 -5.63 5.46
N SER L 477 66.85 -5.06 5.37
CA SER L 477 66.67 -3.62 5.17
C SER L 477 66.47 -2.87 6.47
N GLN L 478 66.57 -3.52 7.63
CA GLN L 478 66.37 -2.84 8.90
C GLN L 478 67.57 -1.95 9.22
N SER L 479 67.28 -0.74 9.68
CA SER L 479 68.33 0.15 10.18
C SER L 479 68.79 -0.38 11.53
N GLN L 480 69.93 -1.08 11.53
CA GLN L 480 70.40 -1.74 12.75
C GLN L 480 70.75 -0.73 13.83
N LEU L 481 71.37 0.39 13.45
CA LEU L 481 71.77 1.38 14.44
C LEU L 481 70.55 2.00 15.11
N GLY L 482 70.63 2.16 16.41
CA GLY L 482 69.54 2.74 17.17
C GLY L 482 69.49 2.14 18.57
N LYS L 483 68.52 2.65 19.35
CA LYS L 483 68.34 2.14 20.70
C LYS L 483 67.82 0.71 20.69
N PHE L 484 66.79 0.44 19.89
CA PHE L 484 66.22 -0.89 19.75
C PHE L 484 66.66 -1.47 18.42
N LYS L 485 67.30 -2.64 18.46
CA LYS L 485 67.83 -3.29 17.28
C LYS L 485 67.15 -4.64 17.08
N ASN L 486 67.18 -5.10 15.82
CA ASN L 486 66.66 -6.41 15.44
C ASN L 486 65.22 -6.60 15.90
N ILE L 487 64.34 -5.75 15.40
CA ILE L 487 62.93 -5.83 15.75
C ILE L 487 62.31 -7.03 15.05
N ILE L 488 61.81 -7.99 15.83
CA ILE L 488 61.24 -9.22 15.32
C ILE L 488 59.83 -9.36 15.87
N ALA L 489 58.88 -9.69 14.99
CA ALA L 489 57.49 -9.89 15.39
C ALA L 489 57.00 -11.31 15.19
N SER L 490 57.61 -12.08 14.30
CA SER L 490 57.16 -13.43 14.00
C SER L 490 58.35 -14.22 13.47
N PRO L 491 58.28 -15.55 13.49
CA PRO L 491 59.37 -16.36 12.91
C PRO L 491 59.58 -16.11 11.43
N LEU L 492 58.59 -15.55 10.73
CA LEU L 492 58.77 -15.22 9.32
C LEU L 492 59.83 -14.14 9.11
N SER L 493 60.07 -13.31 10.12
CA SER L 493 61.09 -12.27 9.99
C SER L 493 62.50 -12.86 9.88
N ALA L 494 62.70 -14.07 10.41
CA ALA L 494 64.03 -14.67 10.36
C ALA L 494 64.43 -15.05 8.94
N GLY L 495 63.46 -15.49 8.14
CA GLY L 495 63.76 -15.88 6.77
C GLY L 495 63.12 -17.21 6.37
N PHE L 496 62.29 -17.76 7.25
CA PHE L 496 61.62 -19.03 6.99
C PHE L 496 60.52 -18.85 5.95
N ASN L 497 60.85 -19.09 4.69
CA ASN L 497 59.92 -18.89 3.59
C ASN L 497 59.31 -20.22 3.15
N TYR L 498 58.04 -20.17 2.76
CA TYR L 498 57.35 -21.36 2.29
C TYR L 498 57.93 -21.84 0.97
N GLY L 499 57.77 -23.13 0.71
CA GLY L 499 58.26 -23.72 -0.52
C GLY L 499 57.34 -23.45 -1.69
N LYS L 500 57.56 -24.21 -2.76
CA LYS L 500 56.76 -24.08 -3.99
C LYS L 500 55.37 -24.63 -3.72
N LEU L 501 54.42 -23.74 -3.45
CA LEU L 501 53.06 -24.15 -3.18
C LEU L 501 52.36 -24.56 -4.48
N PRO L 502 51.33 -25.41 -4.39
CA PRO L 502 50.58 -25.78 -5.59
C PRO L 502 49.88 -24.58 -6.20
N LEU L 503 49.73 -24.61 -7.51
CA LEU L 503 49.18 -23.48 -8.24
C LEU L 503 47.70 -23.28 -7.88
N PRO L 504 47.25 -22.04 -7.76
CA PRO L 504 45.87 -21.77 -7.32
C PRO L 504 44.81 -22.43 -8.20
N PRO L 505 45.01 -22.54 -9.52
CA PRO L 505 43.98 -23.24 -10.33
C PRO L 505 43.64 -24.63 -9.83
N SER L 506 44.64 -25.41 -9.37
CA SER L 506 44.35 -26.73 -8.85
C SER L 506 43.85 -26.71 -7.41
N VAL L 507 44.00 -25.59 -6.72
CA VAL L 507 43.71 -25.49 -5.29
C VAL L 507 42.28 -25.04 -5.10
N GLU L 508 41.53 -25.78 -4.26
CA GLU L 508 40.18 -25.35 -3.91
C GLU L 508 40.21 -24.11 -3.03
N TRP L 509 41.05 -24.12 -2.00
CA TRP L 509 41.20 -22.95 -1.12
C TRP L 509 42.49 -23.07 -0.33
N MET L 510 43.08 -21.92 -0.03
CA MET L 510 44.26 -21.83 0.81
C MET L 510 43.94 -21.03 2.07
N LYS L 511 44.79 -21.20 3.08
CA LYS L 511 44.75 -20.33 4.25
C LYS L 511 46.06 -20.44 4.99
N VAL L 512 46.75 -19.32 5.18
CA VAL L 512 47.96 -19.31 5.99
C VAL L 512 47.61 -19.67 7.42
N SER L 513 48.46 -20.49 8.05
CA SER L 513 48.25 -20.88 9.43
C SER L 513 48.32 -19.66 10.35
N PRO L 514 47.68 -19.71 11.52
CA PRO L 514 47.61 -18.53 12.37
C PRO L 514 48.98 -17.94 12.75
N SER L 515 49.98 -18.78 12.92
CA SER L 515 51.32 -18.31 13.27
C SER L 515 52.18 -18.05 12.03
N MET L 516 51.61 -18.18 10.83
CA MET L 516 52.30 -17.94 9.57
C MET L 516 53.46 -18.92 9.35
N CYS L 517 53.53 -20.00 10.13
CA CYS L 517 54.60 -20.96 9.96
C CYS L 517 54.37 -21.85 8.74
N GLY L 518 53.12 -22.03 8.34
CA GLY L 518 52.79 -22.87 7.20
C GLY L 518 51.46 -22.49 6.60
N VAL L 519 51.12 -23.17 5.50
CA VAL L 519 49.91 -22.91 4.73
C VAL L 519 49.12 -24.20 4.59
N ILE L 520 47.79 -24.10 4.68
CA ILE L 520 46.89 -25.23 4.46
C ILE L 520 46.42 -25.15 3.01
N VAL L 521 46.55 -26.25 2.29
CA VAL L 521 46.09 -26.35 0.91
C VAL L 521 45.15 -27.54 0.81
N LYS L 522 43.99 -27.32 0.22
CA LYS L 522 43.05 -28.38 -0.10
C LYS L 522 43.07 -28.60 -1.60
N GLN L 523 43.22 -29.85 -2.01
CA GLN L 523 43.46 -30.19 -3.41
C GLN L 523 42.24 -30.90 -3.98
N TYR L 524 42.08 -30.80 -5.30
CA TYR L 524 40.93 -31.42 -5.96
C TYR L 524 41.02 -32.94 -5.90
N ASN L 525 42.17 -33.51 -6.24
CA ASN L 525 42.35 -34.95 -6.28
C ASN L 525 42.80 -35.55 -4.97
N LYS L 526 43.05 -34.73 -3.94
CA LYS L 526 43.46 -35.21 -2.63
C LYS L 526 42.25 -35.23 -1.71
N LYS L 527 41.88 -36.42 -1.24
CA LYS L 527 40.75 -36.54 -0.32
C LYS L 527 41.08 -36.05 1.08
N TRP L 528 42.35 -35.76 1.37
CA TRP L 528 42.77 -35.27 2.67
C TRP L 528 43.45 -33.92 2.53
N PRO L 529 43.35 -33.06 3.54
CA PRO L 529 44.07 -31.78 3.49
C PRO L 529 45.58 -31.99 3.49
N GLN L 530 46.29 -31.14 2.75
CA GLN L 530 47.74 -31.19 2.71
C GLN L 530 48.30 -30.24 3.77
N PHE L 531 49.61 -30.03 3.75
CA PHE L 531 50.27 -29.10 4.65
C PHE L 531 51.67 -28.82 4.13
N TYR L 532 52.06 -27.56 4.15
CA TYR L 532 53.39 -27.14 3.73
C TYR L 532 54.01 -26.29 4.83
N ALA L 533 55.27 -26.57 5.17
CA ALA L 533 55.97 -25.87 6.22
C ALA L 533 57.04 -24.96 5.62
N ALA L 534 57.60 -24.11 6.48
CA ALA L 534 58.63 -23.16 6.06
C ALA L 534 60.01 -23.82 6.08
N VAL L 535 60.85 -23.42 5.13
CA VAL L 535 62.19 -23.96 5.00
C VAL L 535 63.19 -22.80 4.99
N GLN L 536 64.43 -23.12 5.32
CA GLN L 536 65.52 -22.14 5.34
C GLN L 536 66.69 -22.69 4.54
N LYS L 537 67.20 -21.87 3.61
CA LYS L 537 68.24 -22.35 2.70
C LYS L 537 69.60 -22.43 3.38
N ASN L 538 69.92 -21.49 4.26
CA ASN L 538 71.23 -21.43 4.89
C ASN L 538 71.22 -22.13 6.25
N TYR L 539 70.95 -23.43 6.22
CA TYR L 539 70.96 -24.23 7.43
C TYR L 539 72.36 -24.68 7.83
N ALA L 540 73.35 -24.50 6.96
CA ALA L 540 74.73 -24.88 7.26
C ALA L 540 75.48 -23.80 8.01
N ASP L 541 74.93 -22.61 8.16
CA ASP L 541 75.60 -21.52 8.87
C ASP L 541 75.31 -21.62 10.35
N PRO L 542 76.31 -21.88 11.21
CA PRO L 542 76.03 -22.05 12.64
C PRO L 542 75.80 -20.75 13.39
N GLU L 543 76.23 -19.60 12.85
CA GLU L 543 76.16 -18.35 13.60
C GLU L 543 74.74 -17.82 13.73
N LYS L 544 73.80 -18.32 12.94
CA LYS L 544 72.43 -17.81 12.95
C LYS L 544 71.53 -18.52 13.94
N ASP L 545 72.06 -19.49 14.71
CA ASP L 545 71.22 -20.23 15.65
C ASP L 545 70.74 -19.34 16.79
N SER L 546 71.50 -18.31 17.14
CA SER L 546 71.09 -17.42 18.23
C SER L 546 69.82 -16.65 17.87
N ILE L 547 69.75 -16.14 16.65
CA ILE L 547 68.58 -15.36 16.24
C ILE L 547 67.37 -16.26 16.07
N ASN L 548 67.56 -17.42 15.42
CA ASN L 548 66.43 -18.28 15.09
C ASN L 548 65.71 -18.78 16.35
N ALA L 549 66.47 -19.18 17.36
CA ALA L 549 65.85 -19.66 18.60
C ALA L 549 65.04 -18.58 19.27
N THR L 550 65.53 -17.34 19.25
CA THR L 550 64.77 -16.23 19.83
C THR L 550 63.52 -15.92 19.02
N ALA L 551 63.61 -16.01 17.69
CA ALA L 551 62.46 -15.71 16.84
C ALA L 551 61.32 -16.70 17.09
N LEU L 552 61.64 -18.00 17.14
CA LEU L 552 60.61 -18.99 17.45
C LEU L 552 60.15 -18.90 18.89
N ALA L 553 60.97 -18.35 19.78
CA ALA L 553 60.56 -18.20 21.17
C ALA L 553 59.40 -17.22 21.29
N PHE L 554 59.44 -16.11 20.56
CA PHE L 554 58.38 -15.12 20.61
C PHE L 554 57.13 -15.57 19.85
N GLY L 555 57.27 -16.54 18.95
CA GLY L 555 56.10 -17.04 18.23
C GLY L 555 55.06 -17.62 19.15
N TYR L 556 55.49 -18.36 20.18
CA TYR L 556 54.57 -18.91 21.15
C TYR L 556 54.04 -17.85 22.11
N VAL L 557 54.80 -16.77 22.33
CA VAL L 557 54.39 -15.75 23.30
C VAL L 557 53.06 -15.13 22.88
N LYS L 558 52.92 -14.81 21.60
CA LYS L 558 51.66 -14.27 21.11
C LYS L 558 50.55 -15.33 21.13
N SER L 559 50.91 -16.59 20.87
CA SER L 559 49.90 -17.64 20.77
C SER L 559 49.20 -17.88 22.10
N LEU L 560 49.97 -17.93 23.20
CA LEU L 560 49.37 -18.15 24.51
C LEU L 560 48.47 -17.00 24.91
N HIS L 561 48.90 -15.76 24.62
CA HIS L 561 48.07 -14.61 24.95
C HIS L 561 46.75 -14.62 24.20
N LYS L 562 46.73 -15.19 23.00
CA LYS L 562 45.52 -15.31 22.21
C LYS L 562 44.82 -16.67 22.40
N GLN L 563 45.33 -17.51 23.30
CA GLN L 563 44.73 -18.81 23.60
C GLN L 563 44.63 -19.69 22.35
N ILE L 564 45.66 -19.64 21.51
CA ILE L 564 45.74 -20.45 20.31
C ILE L 564 46.53 -21.71 20.61
N SER L 565 46.14 -22.83 20.01
CA SER L 565 46.84 -24.09 20.23
C SER L 565 48.27 -24.01 19.70
N ALA L 566 48.47 -23.33 18.57
CA ALA L 566 49.78 -23.18 17.95
C ALA L 566 50.42 -24.53 17.61
N GLU L 567 49.59 -25.46 17.13
CA GLU L 567 50.11 -26.74 16.67
C GLU L 567 50.88 -26.59 15.36
N ASP L 568 50.56 -25.55 14.58
CA ASP L 568 51.27 -25.30 13.35
C ASP L 568 52.72 -24.92 13.61
N LEU L 569 52.97 -24.11 14.65
CA LEU L 569 54.33 -23.66 14.94
C LEU L 569 55.21 -24.81 15.43
N THR L 570 54.61 -25.76 16.16
CA THR L 570 55.37 -26.89 16.69
C THR L 570 55.96 -27.74 15.57
N ILE L 571 55.18 -27.98 14.52
CA ILE L 571 55.67 -28.79 13.39
C ILE L 571 56.86 -28.12 12.71
N ALA L 572 56.77 -26.80 12.50
CA ALA L 572 57.82 -26.08 11.79
C ALA L 572 59.14 -26.10 12.56
N ALA L 573 59.08 -25.96 13.89
CA ALA L 573 60.30 -25.96 14.69
C ALA L 573 61.01 -27.30 14.61
N LYS L 574 60.26 -28.40 14.62
CA LYS L 574 60.88 -29.72 14.63
C LYS L 574 61.62 -30.02 13.34
N THR L 575 61.08 -29.59 12.20
CA THR L 575 61.72 -29.88 10.92
C THR L 575 63.11 -29.26 10.83
N HIS L 576 63.24 -28.01 11.30
CA HIS L 576 64.55 -27.37 11.30
C HIS L 576 65.53 -28.08 12.24
N ILE L 577 65.05 -28.50 13.40
CA ILE L 577 65.90 -29.23 14.35
C ILE L 577 66.35 -30.56 13.76
N LEU L 578 65.44 -31.23 13.04
CA LEU L 578 65.78 -32.52 12.45
C LEU L 578 66.90 -32.38 11.43
N ARG L 579 66.87 -31.32 10.62
CA ARG L 579 67.94 -31.10 9.65
C ARG L 579 69.26 -30.78 10.32
N ILE L 580 69.21 -30.13 11.48
CA ILE L 580 70.44 -29.85 12.24
C ILE L 580 71.04 -31.15 12.76
N SER L 581 70.20 -32.01 13.33
CA SER L 581 70.68 -33.25 13.94
C SER L 581 71.26 -34.22 12.92
N PHE L 582 70.87 -34.11 11.65
CA PHE L 582 71.40 -35.01 10.63
C PHE L 582 72.89 -34.80 10.42
N LEU L 583 73.37 -33.56 10.55
CA LEU L 583 74.79 -33.26 10.37
C LEU L 583 75.56 -33.35 11.67
N ASP L 584 75.12 -32.64 12.70
CA ASP L 584 75.78 -32.62 14.00
C ASP L 584 74.72 -32.78 15.09
N ARG L 585 74.77 -33.91 15.80
CA ARG L 585 73.79 -34.15 16.86
C ARG L 585 74.07 -33.28 18.08
N LYS L 586 75.34 -32.95 18.34
CA LYS L 586 75.67 -32.12 19.50
C LYS L 586 75.09 -30.71 19.36
N ARG L 587 75.11 -30.15 18.15
CA ARG L 587 74.64 -28.79 17.95
C ARG L 587 73.14 -28.67 18.23
N ALA L 588 72.36 -29.67 17.83
CA ALA L 588 70.91 -29.58 17.95
C ALA L 588 70.46 -29.53 19.40
N LYS L 589 71.20 -30.18 20.32
CA LYS L 589 70.80 -30.18 21.72
C LYS L 589 70.87 -28.78 22.31
N GLU L 590 71.91 -28.01 21.98
CA GLU L 590 72.04 -26.66 22.50
C GLU L 590 70.97 -25.73 21.92
N PHE L 591 70.48 -26.03 20.72
CA PHE L 591 69.43 -25.21 20.12
C PHE L 591 68.16 -25.23 20.97
N ILE L 592 67.80 -26.40 21.52
CA ILE L 592 66.62 -26.49 22.37
C ILE L 592 66.80 -25.67 23.63
N THR L 593 67.97 -25.77 24.26
CA THR L 593 68.19 -25.10 25.54
C THR L 593 68.08 -23.58 25.41
N THR L 594 68.69 -23.01 24.38
CA THR L 594 68.61 -21.57 24.16
C THR L 594 67.19 -21.14 23.80
N LEU L 595 66.49 -21.96 23.01
CA LEU L 595 65.16 -21.59 22.54
C LEU L 595 64.18 -21.48 23.69
N LEU L 596 64.13 -22.49 24.56
CA LEU L 596 63.17 -22.47 25.67
C LEU L 596 63.56 -21.47 26.75
N LYS L 597 64.84 -21.10 26.83
CA LYS L 597 65.25 -20.10 27.82
C LYS L 597 64.63 -18.75 27.54
N SER L 598 64.53 -18.37 26.26
CA SER L 598 63.97 -17.07 25.92
C SER L 598 62.49 -16.96 26.26
N LEU L 599 61.79 -18.10 26.34
CA LEU L 599 60.38 -18.06 26.72
C LEU L 599 60.22 -17.50 28.13
N TYR L 600 61.08 -17.92 29.05
CA TYR L 600 60.98 -17.44 30.43
C TYR L 600 61.24 -15.95 30.52
N SER L 601 62.23 -15.45 29.77
CA SER L 601 62.52 -14.01 29.78
C SER L 601 61.37 -13.21 29.18
N PHE L 602 60.77 -13.72 28.10
CA PHE L 602 59.69 -13.00 27.45
C PHE L 602 58.46 -12.86 28.35
N PHE L 603 58.14 -13.92 29.09
CA PHE L 603 56.95 -13.94 29.94
C PHE L 603 57.22 -13.41 31.35
N ASN L 604 58.43 -12.90 31.59
CA ASN L 604 58.81 -12.35 32.90
C ASN L 604 58.66 -13.39 34.01
N ILE L 605 59.04 -14.62 33.71
CA ILE L 605 59.11 -15.71 34.68
C ILE L 605 60.56 -16.19 34.74
N SER L 606 61.10 -16.32 35.94
CA SER L 606 62.52 -16.63 36.12
C SER L 606 62.71 -17.89 36.95
N PRO L 607 63.29 -18.95 36.37
CA PRO L 607 63.57 -20.17 37.16
C PRO L 607 64.70 -19.99 38.16
N ASP L 608 65.38 -18.85 38.18
CA ASP L 608 66.39 -18.55 39.18
C ASP L 608 65.88 -17.61 40.28
N ALA L 609 64.57 -17.41 40.35
CA ALA L 609 63.96 -16.50 41.30
C ALA L 609 63.89 -17.17 42.68
N PRO L 610 63.59 -16.40 43.73
CA PRO L 610 63.35 -17.00 45.04
C PRO L 610 62.20 -17.99 45.01
N LYS L 611 62.06 -18.72 46.11
CA LYS L 611 61.13 -19.85 46.18
C LYS L 611 59.67 -19.41 46.14
N GLU L 612 59.37 -18.15 46.45
CA GLU L 612 57.97 -17.70 46.45
C GLU L 612 57.34 -17.80 45.07
N ILE L 613 58.08 -17.37 44.04
CA ILE L 613 57.55 -17.44 42.68
C ILE L 613 57.44 -18.89 42.22
N MET L 614 58.21 -19.79 42.83
CA MET L 614 58.26 -21.18 42.38
C MET L 614 56.92 -21.87 42.57
N ASP L 615 56.19 -21.51 43.62
CA ASP L 615 54.84 -22.06 43.82
C ASP L 615 53.92 -21.62 42.68
N LYS L 616 54.05 -20.38 42.22
CA LYS L 616 53.24 -19.90 41.11
C LYS L 616 53.53 -20.66 39.82
N ILE L 617 54.77 -21.12 39.65
CA ILE L 617 55.15 -21.82 38.42
C ILE L 617 54.40 -23.13 38.29
N ILE L 618 54.28 -23.88 39.40
CA ILE L 618 53.70 -25.22 39.33
C ILE L 618 52.25 -25.16 38.89
N THR L 619 51.49 -24.19 39.38
CA THR L 619 50.09 -24.05 39.02
C THR L 619 49.89 -23.38 37.66
N SER L 620 50.97 -22.93 37.02
CA SER L 620 50.84 -22.20 35.77
C SER L 620 50.45 -23.13 34.62
N ARG L 621 49.51 -22.66 33.81
CA ARG L 621 49.15 -23.38 32.59
C ARG L 621 50.31 -23.59 31.62
N PRO L 622 51.22 -22.62 31.39
CA PRO L 622 52.23 -22.82 30.34
C PRO L 622 53.04 -24.11 30.44
N LEU L 623 53.33 -24.61 31.64
CA LEU L 623 54.11 -25.84 31.73
C LEU L 623 53.40 -27.00 31.05
N GLN L 624 52.07 -26.98 30.99
CA GLN L 624 51.33 -27.97 30.23
C GLN L 624 51.63 -27.88 28.75
N LYS L 625 52.17 -26.77 28.27
CA LYS L 625 52.47 -26.56 26.86
C LYS L 625 53.95 -26.39 26.57
N ILE L 626 54.68 -25.60 27.39
CA ILE L 626 56.09 -25.38 27.12
C ILE L 626 56.87 -26.68 27.34
N MET L 627 56.49 -27.47 28.35
CA MET L 627 57.10 -28.78 28.50
C MET L 627 56.67 -29.72 27.37
N LEU L 628 55.46 -29.55 26.85
CA LEU L 628 55.03 -30.32 25.69
C LEU L 628 55.87 -30.03 24.46
N LEU L 629 56.50 -28.86 24.40
CA LEU L 629 57.33 -28.52 23.25
C LEU L 629 58.50 -29.48 23.12
N GLN L 630 59.26 -29.66 24.20
CA GLN L 630 60.36 -30.62 24.16
C GLN L 630 59.86 -32.06 24.10
N LEU L 631 58.61 -32.31 24.50
CA LEU L 631 58.04 -33.64 24.33
C LEU L 631 57.92 -34.01 22.85
N GLU L 632 57.74 -33.02 21.98
CA GLU L 632 57.70 -33.26 20.55
C GLU L 632 59.02 -32.93 19.86
N LEU L 633 59.72 -31.89 20.33
CA LEU L 633 60.99 -31.51 19.71
C LEU L 633 62.12 -32.47 20.05
N GLY L 634 61.96 -33.32 21.07
CA GLY L 634 62.95 -34.31 21.42
C GLY L 634 62.54 -35.75 21.20
N SER L 635 61.50 -36.00 20.40
CA SER L 635 61.02 -37.36 20.22
C SER L 635 61.98 -38.22 19.42
N CYS L 636 62.60 -37.65 18.38
CA CYS L 636 63.48 -38.42 17.52
C CYS L 636 64.70 -38.95 18.28
N PHE L 637 65.15 -38.22 19.31
CA PHE L 637 66.33 -38.63 20.05
C PHE L 637 66.04 -39.84 20.93
N SER L 638 66.30 -41.04 20.42
CA SER L 638 66.05 -42.25 21.17
C SER L 638 67.03 -42.37 22.34
N GLN L 639 66.54 -42.96 23.43
CA GLN L 639 67.33 -43.18 24.65
C GLN L 639 67.85 -41.86 25.20
N GLU L 640 67.09 -40.78 25.06
CA GLU L 640 67.46 -39.47 25.57
C GLU L 640 66.46 -39.03 26.63
N ASN L 641 66.97 -38.29 27.61
CA ASN L 641 66.20 -37.92 28.80
C ASN L 641 65.61 -36.52 28.72
N ILE L 642 65.71 -35.86 27.57
CA ILE L 642 65.10 -34.54 27.42
C ILE L 642 63.59 -34.63 27.52
N GLU L 643 62.98 -35.57 26.79
CA GLU L 643 61.54 -35.75 26.85
C GLU L 643 61.13 -36.47 28.14
N GLU L 644 61.98 -37.38 28.62
CA GLU L 644 61.65 -38.12 29.83
C GLU L 644 61.58 -37.19 31.04
N MET L 645 62.51 -36.23 31.12
CA MET L 645 62.50 -35.28 32.24
C MET L 645 61.25 -34.43 32.24
N ALA L 646 60.79 -34.00 31.06
CA ALA L 646 59.58 -33.19 31.00
C ALA L 646 58.34 -34.01 31.33
N ARG L 647 58.30 -35.26 30.87
CA ARG L 647 57.10 -36.07 31.08
C ARG L 647 56.90 -36.42 32.55
N VAL L 648 57.98 -36.74 33.27
CA VAL L 648 57.84 -37.11 34.68
C VAL L 648 57.36 -35.91 35.50
N ILE L 649 57.87 -34.72 35.20
CA ILE L 649 57.38 -33.51 35.86
C ILE L 649 55.94 -33.25 35.45
N LEU L 650 55.63 -33.42 34.15
CA LEU L 650 54.26 -33.22 33.69
C LEU L 650 53.31 -34.24 34.32
N TYR L 651 53.72 -35.50 34.40
CA TYR L 651 52.89 -36.51 35.05
C TYR L 651 52.81 -36.29 36.55
N LEU L 652 53.87 -35.78 37.16
CA LEU L 652 53.80 -35.40 38.57
C LEU L 652 52.75 -34.31 38.78
N LYS L 653 52.58 -33.42 37.81
CA LYS L 653 51.49 -32.45 37.88
C LYS L 653 50.14 -33.16 37.89
N ASN L 654 49.99 -34.18 37.04
CA ASN L 654 48.79 -35.02 37.12
C ASN L 654 48.71 -35.73 38.46
N VAL L 655 49.85 -36.22 38.96
CA VAL L 655 49.90 -36.77 40.32
C VAL L 655 49.54 -35.69 41.33
N LEU L 656 49.99 -34.46 41.09
CA LEU L 656 49.63 -33.35 41.97
C LEU L 656 48.12 -33.12 41.99
N PHE L 657 47.48 -33.15 40.82
CA PHE L 657 46.04 -32.94 40.75
C PHE L 657 45.27 -34.07 41.43
N ALA L 658 45.90 -35.22 41.65
CA ALA L 658 45.19 -36.35 42.23
C ALA L 658 44.99 -36.16 43.73
N PHE L 659 46.08 -36.04 44.49
CA PHE L 659 45.98 -35.98 45.95
C PHE L 659 45.52 -34.59 46.40
N ASN L 660 46.26 -33.55 46.04
CA ASN L 660 45.87 -32.20 46.46
C ASN L 660 44.60 -31.73 45.78
N GLY L 661 44.25 -32.30 44.63
CA GLY L 661 42.95 -32.01 44.04
C GLY L 661 41.80 -32.50 44.88
N VAL L 662 41.99 -33.59 45.62
CA VAL L 662 40.95 -34.13 46.47
C VAL L 662 41.19 -33.81 47.95
N ALA L 663 42.41 -33.44 48.32
CA ALA L 663 42.68 -33.05 49.70
C ALA L 663 41.85 -31.84 50.10
N ARG L 664 41.76 -30.85 49.20
CA ARG L 664 40.87 -29.72 49.45
C ARG L 664 39.42 -30.17 49.49
N ASN L 665 39.03 -31.05 48.57
CA ASN L 665 37.65 -31.54 48.55
C ASN L 665 37.33 -32.35 49.80
N PHE L 666 38.26 -33.19 50.25
CA PHE L 666 38.01 -34.00 51.44
C PHE L 666 37.95 -33.15 52.70
N HIS L 667 38.68 -32.04 52.73
CA HIS L 667 38.67 -31.19 53.93
C HIS L 667 37.29 -30.61 54.18
N PHE L 668 36.61 -30.16 53.12
CA PHE L 668 35.27 -29.59 53.28
C PHE L 668 34.25 -30.64 53.70
N ALA L 669 34.51 -31.92 53.42
CA ALA L 669 33.58 -32.96 53.84
C ALA L 669 33.58 -33.16 55.35
N ILE L 670 34.63 -32.73 56.05
CA ILE L 670 34.68 -32.87 57.49
C ILE L 670 33.62 -32.00 58.15
N GLU L 671 33.52 -30.74 57.69
CA GLU L 671 32.55 -29.81 58.28
C GLU L 671 31.12 -30.21 57.97
N GLN L 672 30.87 -30.83 56.80
CA GLN L 672 29.53 -31.22 56.44
C GLN L 672 28.98 -32.30 57.37
N ILE L 673 29.86 -33.06 58.01
CA ILE L 673 29.40 -34.14 58.89
C ILE L 673 28.74 -33.56 60.13
N SER L 674 29.38 -32.57 60.76
CA SER L 674 28.90 -32.05 62.03
C SER L 674 27.58 -31.30 61.87
N ASN L 675 27.50 -30.42 60.86
CA ASN L 675 26.32 -29.57 60.71
C ASN L 675 25.12 -30.32 60.16
N ASN L 676 25.32 -31.48 59.54
CA ASN L 676 24.23 -32.27 58.96
C ASN L 676 23.97 -33.54 59.76
N SER L 677 24.29 -33.52 61.06
CA SER L 677 24.07 -34.66 61.93
C SER L 677 22.73 -34.63 62.66
N ASN L 678 21.90 -33.62 62.39
CA ASN L 678 20.61 -33.50 63.05
C ASN L 678 19.48 -34.20 62.29
N GLN L 679 19.74 -34.70 61.09
CA GLN L 679 18.75 -35.42 60.30
C GLN L 679 19.42 -36.68 59.75
N GLN L 680 19.19 -37.81 60.40
CA GLN L 680 19.81 -39.07 60.01
C GLN L 680 18.94 -39.90 59.08
N GLN L 681 17.62 -39.80 59.20
CA GLN L 681 16.70 -40.63 58.44
C GLN L 681 16.34 -40.03 57.08
N ASN L 682 16.83 -38.84 56.76
CA ASN L 682 16.50 -38.22 55.49
C ASN L 682 17.12 -39.01 54.33
N PRO L 683 16.45 -39.05 53.18
CA PRO L 683 16.98 -39.80 52.03
C PRO L 683 18.15 -39.12 51.34
N LYS L 684 18.56 -37.93 51.78
CA LYS L 684 19.70 -37.24 51.20
C LYS L 684 21.01 -37.55 51.91
N LEU L 685 20.96 -37.79 53.22
CA LEU L 685 22.19 -38.11 53.96
C LEU L 685 22.74 -39.48 53.57
N PHE L 686 21.87 -40.45 53.28
CA PHE L 686 22.33 -41.79 52.94
C PHE L 686 23.19 -41.79 51.69
N GLN L 687 22.77 -41.05 50.66
CA GLN L 687 23.62 -40.89 49.48
C GLN L 687 24.85 -40.07 49.79
N THR L 688 24.73 -39.09 50.69
CA THR L 688 25.90 -38.32 51.11
C THR L 688 26.89 -39.20 51.86
N ILE L 689 26.40 -40.06 52.74
CA ILE L 689 27.28 -40.96 53.48
C ILE L 689 27.98 -41.93 52.55
N PHE L 690 27.23 -42.49 51.59
CA PHE L 690 27.82 -43.46 50.66
C PHE L 690 28.93 -42.82 49.84
N SER L 691 28.72 -41.59 49.37
CA SER L 691 29.72 -40.92 48.54
C SER L 691 30.98 -40.58 49.32
N LYS L 692 30.88 -40.41 50.64
CA LYS L 692 32.06 -40.04 51.43
C LYS L 692 33.12 -41.13 51.38
N GLN L 693 32.70 -42.39 51.58
CA GLN L 693 33.64 -43.51 51.60
C GLN L 693 33.90 -44.09 50.22
N ASP L 694 33.12 -43.72 49.21
CA ASP L 694 33.40 -44.17 47.85
C ASP L 694 34.54 -43.40 47.21
N LEU L 695 34.66 -42.10 47.52
CA LEU L 695 35.68 -41.27 46.89
C LEU L 695 37.08 -41.75 47.24
N ILE L 696 37.32 -42.09 48.51
CA ILE L 696 38.64 -42.53 48.92
C ILE L 696 39.04 -43.85 48.26
N HIS L 697 38.07 -44.65 47.83
CA HIS L 697 38.39 -45.91 47.18
C HIS L 697 39.10 -45.71 45.85
N SER L 698 38.67 -44.70 45.08
CA SER L 698 39.26 -44.47 43.76
C SER L 698 40.68 -43.95 43.81
N LEU L 699 41.14 -43.47 44.97
CA LEU L 699 42.52 -43.00 45.10
C LEU L 699 43.51 -44.16 45.18
N ILE L 700 43.04 -45.36 45.54
CA ILE L 700 43.95 -46.50 45.71
C ILE L 700 44.70 -46.84 44.42
N PRO L 701 44.06 -46.94 43.26
CA PRO L 701 44.85 -47.20 42.04
C PRO L 701 45.89 -46.12 41.74
N VAL L 702 45.59 -44.86 42.09
CA VAL L 702 46.57 -43.79 41.89
C VAL L 702 47.77 -44.00 42.81
N ALA L 703 47.53 -44.38 44.07
CA ALA L 703 48.62 -44.54 45.03
C ALA L 703 49.57 -45.65 44.62
N LYS L 704 49.08 -46.66 43.90
CA LYS L 704 49.95 -47.74 43.45
C LYS L 704 51.03 -47.21 42.50
N TRP L 705 50.65 -46.34 41.56
CA TRP L 705 51.63 -45.71 40.70
C TRP L 705 52.49 -44.71 41.45
N PHE L 706 51.93 -44.09 42.50
CA PHE L 706 52.72 -43.17 43.31
C PHE L 706 53.88 -43.88 44.00
N VAL L 707 53.61 -45.06 44.57
CA VAL L 707 54.68 -45.85 45.17
C VAL L 707 55.60 -46.42 44.09
N LYS L 708 55.00 -46.90 42.99
CA LYS L 708 55.78 -47.47 41.90
C LYS L 708 56.72 -46.45 41.27
N PHE L 709 56.44 -45.16 41.42
CA PHE L 709 57.30 -44.14 40.82
C PHE L 709 58.54 -43.90 41.66
N ILE L 710 58.38 -43.77 42.98
CA ILE L 710 59.52 -43.46 43.84
C ILE L 710 60.50 -44.63 43.88
N THR L 711 60.04 -45.84 43.62
CA THR L 711 60.95 -46.98 43.60
C THR L 711 61.89 -46.94 42.40
N TYR L 712 61.41 -46.43 41.26
CA TYR L 712 62.25 -46.39 40.06
C TYR L 712 63.45 -45.49 40.27
N LEU L 713 63.26 -44.32 40.89
CA LEU L 713 64.39 -43.44 41.13
C LEU L 713 65.33 -44.01 42.17
N THR L 714 64.80 -44.70 43.18
CA THR L 714 65.66 -45.34 44.17
C THR L 714 66.43 -46.51 43.58
N GLN L 715 65.82 -47.24 42.63
CA GLN L 715 66.51 -48.32 41.95
C GLN L 715 67.71 -47.79 41.16
N GLU L 716 67.54 -46.66 40.49
CA GLU L 716 68.64 -46.08 39.72
C GLU L 716 69.79 -45.61 40.59
N ILE L 717 69.53 -45.32 41.87
CA ILE L 717 70.61 -44.92 42.77
C ILE L 717 71.62 -46.04 42.93
N LEU L 718 71.14 -47.27 43.13
CA LEU L 718 72.04 -48.40 43.29
C LEU L 718 72.81 -48.70 42.02
N ILE L 719 72.16 -48.55 40.86
CA ILE L 719 72.82 -48.85 39.59
C ILE L 719 73.90 -47.84 39.29
N LEU L 720 73.64 -46.56 39.55
CA LEU L 720 74.58 -45.51 39.17
C LEU L 720 75.87 -45.55 39.99
N ILE L 721 75.81 -46.08 41.21
CA ILE L 721 76.99 -46.10 42.07
C ILE L 721 78.10 -46.94 41.45
N ASN L 722 77.75 -48.12 40.92
CA ASN L 722 78.75 -49.01 40.36
C ASN L 722 79.42 -48.40 39.13
N ASP L 723 78.63 -47.79 38.24
CA ASP L 723 79.14 -47.25 36.98
C ASP L 723 78.71 -45.79 36.86
N PRO L 724 79.51 -44.85 37.38
CA PRO L 724 79.16 -43.43 37.27
C PRO L 724 79.37 -42.85 35.89
N THR L 725 80.02 -43.57 34.98
CA THR L 725 80.36 -43.05 33.66
C THR L 725 79.30 -43.36 32.61
N ASN L 726 78.16 -43.92 33.00
CA ASN L 726 77.11 -44.27 32.06
C ASN L 726 76.26 -43.04 31.78
N LYS L 727 76.33 -42.54 30.55
CA LYS L 727 75.57 -41.35 30.17
C LYS L 727 74.10 -41.65 29.91
N GLU L 728 73.74 -42.92 29.67
CA GLU L 728 72.36 -43.27 29.37
C GLU L 728 71.45 -43.21 30.60
N TYR L 729 72.02 -43.04 31.80
CA TYR L 729 71.25 -42.98 33.03
C TYR L 729 71.41 -41.63 33.72
N THR L 730 71.53 -40.55 32.94
CA THR L 730 71.70 -39.22 33.50
C THR L 730 70.38 -38.57 33.90
N LEU L 731 69.25 -39.23 33.64
CA LEU L 731 67.95 -38.67 34.02
C LEU L 731 67.80 -38.55 35.53
N VAL L 732 68.47 -39.43 36.28
CA VAL L 732 68.35 -39.43 37.74
C VAL L 732 68.85 -38.13 38.34
N HIS L 733 69.83 -37.49 37.69
CA HIS L 733 70.39 -36.25 38.22
C HIS L 733 69.36 -35.12 38.17
N GLY L 734 68.65 -34.98 37.04
CA GLY L 734 67.73 -33.88 36.89
C GLY L 734 66.54 -33.96 37.82
N ILE L 735 66.05 -35.17 38.09
CA ILE L 735 64.84 -35.33 38.89
C ILE L 735 65.05 -34.78 40.29
N PHE L 736 66.18 -35.12 40.92
CA PHE L 736 66.47 -34.58 42.25
C PHE L 736 66.86 -33.11 42.18
N GLY L 737 67.45 -32.67 41.04
CA GLY L 737 67.89 -31.30 40.93
C GLY L 737 66.75 -30.30 40.87
N ALA L 738 65.58 -30.72 40.39
CA ALA L 738 64.44 -29.83 40.31
C ALA L 738 64.06 -29.32 41.69
N LYS L 739 63.90 -28.00 41.81
CA LYS L 739 63.74 -27.40 43.13
C LYS L 739 62.30 -27.51 43.63
N MET L 740 61.31 -27.29 42.75
CA MET L 740 59.93 -27.36 43.19
C MET L 740 59.46 -28.79 43.36
N SER L 741 60.06 -29.75 42.62
CA SER L 741 59.66 -31.14 42.76
C SER L 741 59.95 -31.67 44.15
N ARG L 742 61.10 -31.30 44.72
CA ARG L 742 61.40 -31.69 46.09
C ARG L 742 60.39 -31.12 47.07
N THR L 743 60.02 -29.85 46.89
CA THR L 743 58.97 -29.26 47.71
C THR L 743 57.60 -29.85 47.37
N LEU L 744 57.36 -30.16 46.11
CA LEU L 744 56.06 -30.67 45.70
C LEU L 744 55.79 -32.04 46.33
N ILE L 745 56.79 -32.93 46.31
CA ILE L 745 56.65 -34.23 46.95
C ILE L 745 56.50 -34.07 48.47
N LEU L 746 57.24 -33.14 49.05
CA LEU L 746 57.10 -32.87 50.48
C LEU L 746 55.69 -32.40 50.81
N SER L 747 55.11 -31.54 49.97
CA SER L 747 53.73 -31.13 50.15
C SER L 747 52.78 -32.32 50.02
N ILE L 748 53.05 -33.20 49.05
CA ILE L 748 52.24 -34.41 48.90
C ILE L 748 52.38 -35.28 50.14
N LEU L 749 53.61 -35.44 50.65
CA LEU L 749 53.81 -36.18 51.89
C LEU L 749 53.17 -35.47 53.08
N ASN L 750 53.13 -34.13 53.04
CA ASN L 750 52.51 -33.38 54.14
C ASN L 750 51.01 -33.64 54.19
N GLU L 751 50.32 -33.49 53.04
CA GLU L 751 48.89 -33.73 53.01
C GLU L 751 48.56 -35.19 53.25
N ILE L 752 49.44 -36.12 52.83
CA ILE L 752 49.24 -37.52 53.13
C ILE L 752 49.23 -37.74 54.64
N LYS L 753 50.17 -37.12 55.34
CA LYS L 753 50.15 -37.17 56.81
C LYS L 753 48.89 -36.50 57.35
N LYS L 754 48.52 -35.35 56.79
CA LYS L 754 47.31 -34.66 57.26
C LYS L 754 46.06 -35.49 57.02
N VAL L 755 45.96 -36.12 55.84
CA VAL L 755 44.79 -36.93 55.53
C VAL L 755 44.72 -38.13 56.47
N THR L 756 45.85 -38.82 56.67
CA THR L 756 45.86 -39.96 57.58
C THR L 756 45.56 -39.54 59.01
N GLN L 757 46.12 -38.40 59.45
CA GLN L 757 45.82 -37.88 60.78
C GLN L 757 44.34 -37.52 60.91
N ILE L 758 43.77 -36.89 59.89
CA ILE L 758 42.36 -36.54 59.92
C ILE L 758 41.50 -37.80 59.90
N VAL L 759 41.85 -38.77 59.05
CA VAL L 759 41.09 -40.03 59.01
C VAL L 759 41.19 -40.74 60.36
N ALA L 760 42.38 -40.77 60.96
CA ALA L 760 42.51 -41.32 62.30
C ALA L 760 41.73 -40.50 63.31
N LYS L 761 41.77 -39.16 63.18
CA LYS L 761 41.02 -38.31 64.08
C LYS L 761 39.51 -38.43 63.84
N PHE L 762 39.11 -38.61 62.58
CA PHE L 762 37.70 -38.68 62.19
C PHE L 762 37.47 -39.92 61.35
N PRO L 763 37.40 -41.09 61.98
CA PRO L 763 37.14 -42.32 61.23
C PRO L 763 35.64 -42.52 60.99
N GLU L 764 35.35 -43.51 60.15
CA GLU L 764 33.96 -43.88 59.85
C GLU L 764 33.47 -44.87 60.90
N THR L 765 32.38 -44.52 61.58
CA THR L 765 31.85 -45.33 62.67
C THR L 765 30.47 -45.91 62.41
N SER L 766 29.64 -45.24 61.59
CA SER L 766 28.29 -45.72 61.36
C SER L 766 28.30 -47.08 60.66
N TYR L 767 29.15 -47.25 59.66
CA TYR L 767 29.21 -48.48 58.87
C TYR L 767 30.62 -49.04 58.88
N PRO L 768 30.89 -50.08 59.66
CA PRO L 768 32.25 -50.66 59.68
C PRO L 768 32.68 -51.22 58.33
N ILE L 769 31.73 -51.66 57.50
CA ILE L 769 32.08 -52.25 56.21
C ILE L 769 32.75 -51.24 55.30
N LEU L 770 32.43 -49.94 55.47
CA LEU L 770 33.01 -48.90 54.64
C LEU L 770 34.41 -48.49 55.08
N ASN L 771 34.91 -49.03 56.19
CA ASN L 771 36.24 -48.68 56.69
C ASN L 771 37.36 -49.33 55.90
N GLU L 772 37.06 -50.24 54.97
CA GLU L 772 38.10 -50.92 54.22
C GLU L 772 38.96 -49.94 53.43
N SER L 773 38.32 -49.00 52.75
CA SER L 773 39.07 -48.01 51.97
C SER L 773 39.94 -47.14 52.88
N SER L 774 39.40 -46.71 54.02
CA SER L 774 40.20 -45.94 54.97
C SER L 774 41.33 -46.78 55.55
N THR L 775 41.04 -48.03 55.90
CA THR L 775 42.08 -48.90 56.44
C THR L 775 43.14 -49.22 55.40
N PHE L 776 42.73 -49.47 54.16
CA PHE L 776 43.69 -49.78 53.11
C PHE L 776 44.65 -48.62 52.87
N LEU L 777 44.19 -47.39 53.04
CA LEU L 777 45.07 -46.24 52.87
C LEU L 777 46.21 -46.25 53.88
N LYS L 778 45.91 -46.60 55.13
CA LYS L 778 46.96 -46.74 56.13
C LYS L 778 47.89 -47.90 55.80
N LEU L 779 47.33 -49.02 55.33
CA LEU L 779 48.13 -50.21 55.09
C LEU L 779 49.11 -50.00 53.94
N VAL L 780 48.67 -49.37 52.84
CA VAL L 780 49.54 -49.23 51.68
C VAL L 780 50.75 -48.36 52.00
N LEU L 781 50.58 -47.38 52.89
CA LEU L 781 51.72 -46.54 53.28
C LEU L 781 52.71 -47.31 54.15
N SER L 782 52.21 -48.07 55.12
CA SER L 782 53.09 -48.83 56.00
C SER L 782 53.75 -49.99 55.27
N GLU L 783 53.05 -50.62 54.33
CA GLU L 783 53.57 -51.79 53.63
C GLU L 783 54.47 -51.42 52.45
N SER L 784 54.70 -50.14 52.21
CA SER L 784 55.57 -49.75 51.12
C SER L 784 56.99 -50.27 51.37
N PRO L 785 57.70 -50.72 50.32
CA PRO L 785 59.04 -51.27 50.54
C PRO L 785 60.04 -50.28 51.11
N VAL L 786 59.84 -48.99 50.90
CA VAL L 786 60.71 -47.95 51.44
C VAL L 786 59.87 -47.01 52.30
N ASP L 787 60.39 -46.72 53.50
CA ASP L 787 59.66 -45.84 54.42
C ASP L 787 59.61 -44.42 53.89
N PHE L 788 58.44 -43.80 53.96
CA PHE L 788 58.28 -42.45 53.44
C PHE L 788 59.04 -41.44 54.28
N GLU L 789 59.09 -41.64 55.59
CA GLU L 789 59.80 -40.71 56.47
C GLU L 789 61.29 -40.66 56.12
N LYS L 790 61.90 -41.82 55.88
CA LYS L 790 63.30 -41.85 55.46
C LYS L 790 63.46 -41.18 54.09
N PHE L 791 62.51 -41.40 53.19
CA PHE L 791 62.58 -40.77 51.88
C PHE L 791 62.25 -39.28 51.95
N GLU L 792 61.45 -38.88 52.94
CA GLU L 792 61.14 -37.46 53.10
C GLU L 792 62.40 -36.67 53.44
N THR L 793 63.23 -37.18 54.35
CA THR L 793 64.45 -36.49 54.72
C THR L 793 65.45 -36.48 53.57
N PHE L 794 65.34 -37.42 52.64
CA PHE L 794 66.26 -37.48 51.51
C PHE L 794 66.19 -36.22 50.67
N LEU L 795 64.97 -35.83 50.28
CA LEU L 795 64.82 -34.65 49.42
C LEU L 795 65.02 -33.35 50.19
N VAL L 796 64.70 -33.34 51.48
CA VAL L 796 64.88 -32.14 52.29
C VAL L 796 66.35 -31.75 52.37
N ASP L 797 67.23 -32.73 52.59
CA ASP L 797 68.65 -32.45 52.70
C ASP L 797 69.24 -31.96 51.37
N VAL L 798 68.69 -32.43 50.25
CA VAL L 798 69.19 -32.01 48.95
C VAL L 798 68.93 -30.53 48.73
N ASN L 799 67.77 -30.04 49.16
CA ASN L 799 67.42 -28.64 48.99
C ASN L 799 68.41 -27.72 49.71
N ASN L 800 68.73 -28.05 50.96
CA ASN L 800 69.62 -27.20 51.74
C ASN L 800 71.03 -27.18 51.15
N LYS L 801 71.52 -28.34 50.69
CA LYS L 801 72.86 -28.38 50.12
C LYS L 801 72.91 -27.65 48.78
N PHE L 802 71.82 -27.68 48.03
CA PHE L 802 71.78 -27.01 46.73
C PHE L 802 71.53 -25.51 46.85
N ILE L 803 71.19 -25.01 48.04
CA ILE L 803 71.02 -23.58 48.25
C ILE L 803 72.33 -22.93 48.67
N ALA L 804 73.08 -23.59 49.55
CA ALA L 804 74.37 -23.05 49.97
C ALA L 804 75.36 -23.00 48.81
N LEU L 805 75.24 -23.93 47.86
CA LEU L 805 76.12 -23.90 46.69
C LEU L 805 75.88 -22.67 45.83
N CYS L 806 74.64 -22.17 45.81
CA CYS L 806 74.35 -20.95 45.06
C CYS L 806 75.09 -19.76 45.66
N GLU L 807 75.13 -19.66 46.99
CA GLU L 807 75.85 -18.58 47.64
C GLU L 807 77.36 -18.73 47.45
N GLN L 808 77.86 -19.96 47.34
CA GLN L 808 79.29 -20.17 47.13
C GLN L 808 79.74 -19.57 45.80
N GLN L 809 78.97 -19.77 44.74
CA GLN L 809 79.24 -19.17 43.45
C GLN L 809 77.90 -18.83 42.78
N PRO L 810 77.71 -17.59 42.35
CA PRO L 810 76.44 -17.21 41.71
C PRO L 810 76.36 -17.77 40.29
N SER L 811 75.23 -18.43 39.99
CA SER L 811 75.02 -18.99 38.67
C SER L 811 73.53 -19.21 38.46
N GLN L 812 73.03 -18.86 37.27
CA GLN L 812 71.62 -19.05 36.95
C GLN L 812 71.39 -20.19 35.95
N GLU L 813 72.43 -20.64 35.25
CA GLU L 813 72.25 -21.75 34.32
C GLU L 813 72.03 -23.07 35.05
N ARG L 814 72.51 -23.20 36.28
CA ARG L 814 72.31 -24.43 37.03
C ARG L 814 70.84 -24.64 37.35
N GLU L 815 70.06 -23.57 37.53
CA GLU L 815 68.63 -23.71 37.71
C GLU L 815 67.98 -24.31 36.47
N PHE L 816 68.39 -23.85 35.28
CA PHE L 816 67.89 -24.45 34.04
C PHE L 816 68.39 -25.88 33.90
N SER L 817 69.65 -26.14 34.27
CA SER L 817 70.23 -27.46 34.10
C SER L 817 69.52 -28.50 34.95
N LEU L 818 69.19 -28.16 36.20
CA LEU L 818 68.53 -29.10 37.09
C LEU L 818 67.06 -29.30 36.75
N LEU L 819 66.47 -28.43 35.94
CA LEU L 819 65.05 -28.52 35.61
C LEU L 819 64.79 -29.07 34.22
N VAL L 820 65.57 -28.66 33.22
CA VAL L 820 65.33 -29.00 31.83
C VAL L 820 66.43 -29.89 31.26
N LYS L 821 67.68 -29.46 31.37
CA LYS L 821 68.78 -30.23 30.79
C LYS L 821 68.92 -31.59 31.47
N ALA L 822 68.54 -31.70 32.74
CA ALA L 822 68.70 -32.91 33.52
C ALA L 822 70.17 -33.35 33.57
N GLU L 823 71.08 -32.39 33.55
CA GLU L 823 72.51 -32.66 33.56
C GLU L 823 73.19 -31.61 34.44
N ILE L 824 74.45 -31.89 34.78
CA ILE L 824 75.28 -30.98 35.56
C ILE L 824 76.39 -30.47 34.64
N PRO L 825 76.63 -29.16 34.60
CA PRO L 825 77.67 -28.65 33.71
C PRO L 825 79.03 -29.18 34.10
N PRO L 826 79.94 -29.32 33.13
CA PRO L 826 81.28 -29.84 33.45
C PRO L 826 82.03 -29.01 34.47
N GLU L 827 81.76 -27.70 34.53
CA GLU L 827 82.41 -26.84 35.53
C GLU L 827 82.01 -27.21 36.94
N TYR L 828 80.89 -27.92 37.12
CA TYR L 828 80.42 -28.37 38.42
C TYR L 828 80.53 -29.89 38.55
N ALA L 829 81.61 -30.47 38.01
CA ALA L 829 81.78 -31.91 38.05
C ALA L 829 81.89 -32.43 39.48
N LYS L 830 82.42 -31.61 40.40
CA LYS L 830 82.53 -32.02 41.79
C LYS L 830 81.15 -32.19 42.43
N VAL L 831 80.16 -31.41 41.98
CA VAL L 831 78.82 -31.49 42.56
C VAL L 831 78.18 -32.84 42.22
N GLY L 832 78.46 -33.36 41.02
CA GLY L 832 77.87 -34.62 40.61
C GLY L 832 78.30 -35.79 41.49
N ASP L 833 79.55 -35.75 41.96
CA ASP L 833 80.05 -36.83 42.81
C ASP L 833 79.35 -36.89 44.15
N PHE L 834 78.82 -35.75 44.63
CA PHE L 834 78.15 -35.74 45.93
C PHE L 834 76.86 -36.55 45.90
N LEU L 835 76.12 -36.51 44.78
CA LEU L 835 74.86 -37.24 44.71
C LEU L 835 75.10 -38.75 44.82
N LEU L 836 76.14 -39.26 44.18
CA LEU L 836 76.41 -40.70 44.21
C LEU L 836 76.76 -41.17 45.62
N GLN L 837 77.62 -40.43 46.32
CA GLN L 837 78.13 -40.89 47.60
C GLN L 837 77.09 -40.77 48.72
N TYR L 838 76.36 -39.65 48.77
CA TYR L 838 75.49 -39.41 49.91
C TYR L 838 74.20 -40.22 49.86
N ALA L 839 73.70 -40.51 48.67
CA ALA L 839 72.41 -41.19 48.55
C ALA L 839 72.47 -42.61 49.08
N ASN L 840 73.64 -43.25 49.06
CA ASN L 840 73.74 -44.63 49.47
C ASN L 840 73.47 -44.80 50.97
N ASN L 841 74.08 -43.93 51.79
CA ASN L 841 73.99 -44.09 53.24
C ASN L 841 72.74 -43.44 53.84
N ALA L 842 72.02 -42.63 53.08
CA ALA L 842 70.93 -41.84 53.65
C ALA L 842 69.66 -42.68 53.85
N VAL L 843 69.11 -43.20 52.75
CA VAL L 843 67.81 -43.88 52.80
C VAL L 843 67.94 -45.38 52.60
N ILE L 844 68.87 -45.85 51.78
CA ILE L 844 68.99 -47.27 51.47
C ILE L 844 69.31 -48.08 52.73
N SER L 845 69.95 -47.45 53.72
CA SER L 845 70.29 -48.15 54.95
C SER L 845 69.07 -48.63 55.71
N HIS L 846 67.90 -48.05 55.48
CA HIS L 846 66.68 -48.43 56.17
C HIS L 846 65.73 -49.23 55.29
N ALA L 847 66.16 -49.68 54.12
CA ALA L 847 65.33 -50.44 53.20
C ALA L 847 66.04 -51.72 52.79
N ASN L 848 65.32 -52.57 52.08
CA ASN L 848 65.87 -53.84 51.59
C ASN L 848 66.55 -53.59 50.25
N ALA L 849 67.89 -53.71 50.24
CA ALA L 849 68.64 -53.46 49.02
C ALA L 849 68.33 -54.51 47.95
N ALA L 850 68.25 -55.78 48.36
CA ALA L 850 68.03 -56.85 47.39
C ALA L 850 66.64 -56.77 46.77
N ALA L 851 65.64 -56.36 47.56
CA ALA L 851 64.27 -56.34 47.05
C ALA L 851 64.06 -55.24 46.02
N VAL L 852 64.61 -54.04 46.29
CA VAL L 852 64.35 -52.92 45.39
C VAL L 852 65.00 -53.13 44.03
N TYR L 853 66.17 -53.76 43.99
CA TYR L 853 66.84 -53.99 42.71
C TYR L 853 66.02 -54.89 41.80
N PHE L 854 65.44 -55.95 42.36
CA PHE L 854 64.66 -56.91 41.58
C PHE L 854 63.18 -56.58 41.54
N ALA L 855 62.76 -55.47 42.14
CA ALA L 855 61.35 -55.10 42.15
C ALA L 855 60.86 -54.81 40.73
N ASP L 856 59.59 -55.15 40.49
CA ASP L 856 58.99 -54.99 39.16
C ASP L 856 58.39 -53.59 39.07
N THR L 857 59.20 -52.65 38.57
CA THR L 857 58.73 -51.29 38.33
C THR L 857 58.49 -51.03 36.85
N SER L 858 58.44 -52.08 36.03
CA SER L 858 58.19 -51.91 34.60
C SER L 858 56.73 -51.52 34.36
N GLY L 859 56.49 -50.90 33.20
CA GLY L 859 55.17 -50.44 32.86
C GLY L 859 54.80 -49.07 33.39
N LEU L 860 55.78 -48.27 33.80
CA LEU L 860 55.51 -46.93 34.31
C LEU L 860 55.01 -45.97 33.25
N LYS L 861 55.12 -46.33 31.96
CA LYS L 861 54.70 -45.48 30.86
C LYS L 861 55.43 -44.14 30.89
N ILE L 862 56.74 -44.18 31.14
CA ILE L 862 57.53 -42.96 31.20
C ILE L 862 58.17 -42.66 29.85
N SER L 863 58.78 -43.67 29.22
CA SER L 863 59.43 -43.48 27.94
C SER L 863 58.40 -43.54 26.81
N ASN L 864 58.71 -42.85 25.71
CA ASN L 864 57.82 -42.86 24.56
C ASN L 864 57.80 -44.21 23.86
N SER L 865 58.89 -44.98 23.99
CA SER L 865 58.96 -46.28 23.31
C SER L 865 57.87 -47.23 23.78
N GLU L 866 57.39 -47.05 25.01
CA GLU L 866 56.33 -47.89 25.57
C GLU L 866 54.97 -47.19 25.57
N PHE L 867 54.81 -46.15 24.76
CA PHE L 867 53.51 -45.54 24.50
C PHE L 867 52.95 -45.98 23.15
N PHE L 868 53.71 -45.79 22.08
CA PHE L 868 53.28 -46.20 20.75
C PHE L 868 53.71 -47.62 20.47
N ASN L 869 52.98 -48.29 19.58
CA ASN L 869 53.31 -49.66 19.22
C ASN L 869 54.64 -49.70 18.45
N PRO L 870 55.41 -50.78 18.62
CA PRO L 870 56.73 -50.84 17.98
C PRO L 870 56.67 -50.87 16.46
N GLU L 871 55.52 -51.19 15.86
CA GLU L 871 55.43 -51.22 14.41
C GLU L 871 55.65 -49.84 13.81
N ILE L 872 55.12 -48.80 14.45
CA ILE L 872 55.15 -47.44 13.92
C ILE L 872 56.16 -46.56 14.62
N PHE L 873 56.85 -47.06 15.64
CA PHE L 873 57.80 -46.24 16.40
C PHE L 873 59.13 -46.16 15.66
N HIS L 874 59.08 -45.46 14.52
CA HIS L 874 60.25 -45.20 13.69
C HIS L 874 59.89 -44.15 12.66
N LEU L 875 60.91 -43.56 12.06
CA LEU L 875 60.69 -42.61 10.98
C LEU L 875 60.18 -43.34 9.75
N LEU L 876 59.12 -42.81 9.13
CA LEU L 876 58.47 -43.47 8.02
C LEU L 876 58.80 -42.87 6.66
N GLN L 877 59.08 -41.57 6.60
CA GLN L 877 59.38 -40.92 5.34
C GLN L 877 60.62 -40.05 5.47
N PRO L 878 61.33 -39.84 4.37
CA PRO L 878 62.52 -38.97 4.42
C PRO L 878 62.15 -37.54 4.74
N LEU L 879 63.11 -36.81 5.31
CA LEU L 879 62.89 -35.41 5.67
C LEU L 879 62.55 -34.54 4.46
N GLU L 880 62.98 -34.93 3.26
CA GLU L 880 62.64 -34.16 2.07
C GLU L 880 61.14 -34.18 1.82
N GLU L 881 60.50 -35.33 2.04
CA GLU L 881 59.06 -35.43 1.84
C GLU L 881 58.26 -34.68 2.89
N GLY L 882 58.90 -34.19 3.94
CA GLY L 882 58.23 -33.45 4.99
C GLY L 882 58.06 -34.28 6.26
N LEU L 883 57.42 -33.66 7.24
CA LEU L 883 57.20 -34.29 8.53
C LEU L 883 55.78 -34.80 8.71
N ILE L 884 54.81 -34.23 8.02
CA ILE L 884 53.42 -34.67 8.11
C ILE L 884 53.20 -35.81 7.14
N ILE L 885 52.45 -36.83 7.57
CA ILE L 885 52.24 -38.05 6.80
C ILE L 885 50.76 -38.26 6.59
N ASP L 886 50.37 -38.51 5.35
CA ASP L 886 49.00 -38.89 5.04
C ASP L 886 48.69 -40.29 5.56
N THR L 887 47.43 -40.49 5.96
CA THR L 887 47.04 -41.77 6.53
C THR L 887 47.17 -42.92 5.53
N ASP L 888 46.98 -42.64 4.24
CA ASP L 888 47.02 -43.70 3.24
C ASP L 888 48.37 -44.39 3.16
N LYS L 889 49.44 -43.74 3.61
CA LYS L 889 50.77 -44.34 3.57
C LYS L 889 51.07 -45.22 4.77
N LEU L 890 50.19 -45.23 5.78
CA LEU L 890 50.41 -46.06 6.96
C LEU L 890 50.17 -47.53 6.63
N PRO L 891 50.76 -48.44 7.41
CA PRO L 891 50.50 -49.87 7.20
C PRO L 891 49.03 -50.19 7.43
N ILE L 892 48.58 -51.26 6.75
CA ILE L 892 47.17 -51.62 6.77
C ILE L 892 46.69 -51.89 8.19
N LYS L 893 47.49 -52.62 8.97
CA LYS L 893 47.15 -52.86 10.37
C LYS L 893 47.39 -51.65 11.25
N ASN L 894 48.05 -50.60 10.74
CA ASN L 894 48.39 -49.42 11.50
C ASN L 894 47.69 -48.17 10.96
N ARG L 895 46.52 -48.35 10.35
CA ARG L 895 45.76 -47.24 9.78
C ARG L 895 44.59 -46.80 10.65
N THR L 896 44.56 -47.23 11.92
CA THR L 896 43.52 -46.83 12.85
C THR L 896 44.15 -46.34 14.13
N SER L 897 43.41 -45.49 14.87
CA SER L 897 43.90 -44.98 16.13
C SER L 897 43.98 -46.04 17.21
N LYS L 898 43.29 -47.17 17.03
CA LYS L 898 43.34 -48.23 18.03
C LYS L 898 44.69 -48.92 18.06
N SER L 899 45.35 -49.04 16.91
CA SER L 899 46.64 -49.71 16.81
C SER L 899 47.82 -48.78 17.02
N PHE L 900 47.58 -47.51 17.32
CA PHE L 900 48.68 -46.55 17.45
C PHE L 900 49.42 -46.70 18.77
N SER L 901 48.71 -46.99 19.86
CA SER L 901 49.29 -46.97 21.18
C SER L 901 49.01 -48.28 21.92
N LYS L 902 49.65 -48.43 23.09
CA LYS L 902 49.41 -49.56 23.98
C LYS L 902 48.17 -49.28 24.80
N LEU L 903 47.08 -49.99 24.53
CA LEU L 903 45.83 -49.82 25.25
C LEU L 903 45.71 -50.83 26.40
N LEU L 904 46.63 -50.70 27.35
CA LEU L 904 46.72 -51.61 28.49
C LEU L 904 46.47 -50.94 29.82
N TYR L 905 47.04 -49.76 30.06
CA TYR L 905 46.94 -49.08 31.34
C TYR L 905 46.28 -47.72 31.18
N ASP L 906 45.69 -47.23 32.26
CA ASP L 906 45.07 -45.92 32.28
C ASP L 906 46.09 -44.87 32.68
N ASP L 907 45.80 -43.61 32.35
CA ASP L 907 46.78 -42.53 32.51
C ASP L 907 46.39 -41.49 33.54
N VAL L 908 45.13 -41.43 33.96
CA VAL L 908 44.68 -40.46 34.95
C VAL L 908 44.56 -41.09 36.34
N THR L 909 43.79 -42.15 36.46
CA THR L 909 43.64 -42.84 37.74
C THR L 909 44.67 -43.96 37.93
N CYS L 910 45.50 -44.22 36.93
CA CYS L 910 46.58 -45.20 37.03
C CYS L 910 46.05 -46.57 37.42
N ASP L 911 45.05 -47.04 36.68
CA ASP L 911 44.42 -48.32 36.94
C ASP L 911 44.48 -49.20 35.69
N LYS L 912 44.53 -50.50 35.90
CA LYS L 912 44.56 -51.45 34.79
C LYS L 912 43.23 -51.41 34.04
N LEU L 913 43.31 -51.51 32.72
CA LEU L 913 42.12 -51.48 31.86
C LEU L 913 41.68 -52.90 31.56
N SER L 914 40.44 -53.22 31.93
CA SER L 914 39.89 -54.54 31.66
C SER L 914 39.38 -54.62 30.22
N VAL L 915 38.98 -55.83 29.82
CA VAL L 915 38.48 -56.03 28.47
C VAL L 915 37.16 -55.30 28.26
N SER L 916 36.31 -55.23 29.28
CA SER L 916 35.03 -54.56 29.15
C SER L 916 35.20 -53.07 28.85
N GLU L 917 36.14 -52.42 29.55
CA GLU L 917 36.34 -50.99 29.33
C GLU L 917 37.05 -50.71 28.01
N ILE L 918 37.79 -51.69 27.49
CA ILE L 918 38.43 -51.51 26.18
C ILE L 918 37.39 -51.56 25.07
N SER L 919 36.46 -52.52 25.15
CA SER L 919 35.56 -52.80 24.04
C SER L 919 34.32 -51.91 23.99
N ASP L 920 34.04 -51.15 25.05
CA ASP L 920 32.82 -50.35 25.06
C ASP L 920 32.93 -49.07 24.24
N GLY L 921 34.12 -48.70 23.80
CA GLY L 921 34.29 -47.51 22.99
C GLY L 921 34.05 -46.21 23.70
N LYS L 922 34.12 -46.19 25.02
CA LYS L 922 33.91 -44.99 25.81
C LYS L 922 35.21 -44.39 26.32
N LEU L 923 36.35 -44.86 25.84
CA LEU L 923 37.65 -44.35 26.25
C LEU L 923 38.16 -43.31 25.25
N LYS L 924 39.06 -42.45 25.72
CA LYS L 924 39.52 -41.29 24.97
C LYS L 924 41.03 -41.37 24.78
N ARG L 925 41.50 -40.74 23.70
CA ARG L 925 42.92 -40.67 23.37
C ARG L 925 43.33 -39.22 23.20
N CYS L 926 44.55 -38.90 23.64
CA CYS L 926 45.10 -37.56 23.50
C CYS L 926 45.83 -37.43 22.17
N SER L 927 45.47 -36.41 21.39
CA SER L 927 46.08 -36.21 20.09
C SER L 927 47.50 -35.66 20.17
N ARG L 928 47.98 -35.29 21.36
CA ARG L 928 49.29 -34.69 21.52
C ARG L 928 50.35 -35.69 21.96
N CYS L 929 50.13 -36.34 23.10
CA CYS L 929 51.12 -37.24 23.68
C CYS L 929 50.78 -38.71 23.49
N GLY L 930 49.66 -39.03 22.84
CA GLY L 930 49.30 -40.42 22.63
C GLY L 930 48.69 -41.11 23.83
N SER L 931 48.42 -40.39 24.91
CA SER L 931 47.85 -40.99 26.11
C SER L 931 46.43 -41.49 25.83
N VAL L 932 46.05 -42.54 26.54
CA VAL L 932 44.72 -43.15 26.44
C VAL L 932 44.10 -43.16 27.83
N THR L 933 42.87 -42.64 27.94
CA THR L 933 42.20 -42.56 29.22
C THR L 933 40.70 -42.65 29.02
N ARG L 934 40.02 -43.34 29.95
CA ARG L 934 38.57 -43.43 29.97
C ARG L 934 37.96 -42.43 30.96
N ALA L 935 38.60 -41.28 31.14
CA ALA L 935 38.11 -40.28 32.08
C ALA L 935 36.85 -39.61 31.56
N GLY L 936 36.07 -39.06 32.49
CA GLY L 936 34.87 -38.34 32.15
C GLY L 936 33.66 -39.21 31.87
N ASN L 937 33.72 -40.51 32.18
CA ASN L 937 32.62 -41.42 31.93
C ASN L 937 32.31 -42.20 33.20
N ILE L 938 31.08 -42.67 33.30
CA ILE L 938 30.66 -43.45 34.46
C ILE L 938 31.42 -44.77 34.49
N ILE L 939 31.92 -45.14 35.66
CA ILE L 939 32.71 -46.35 35.83
C ILE L 939 31.78 -47.53 36.03
N SER L 940 32.27 -48.72 35.66
CA SER L 940 31.48 -49.93 35.81
C SER L 940 31.34 -50.30 37.29
N SER L 941 30.33 -51.13 37.58
CA SER L 941 30.03 -51.48 38.96
C SER L 941 31.14 -52.30 39.60
N ASP L 942 31.88 -53.08 38.80
CA ASP L 942 32.94 -53.90 39.37
C ASP L 942 34.10 -53.07 39.92
N LYS L 943 34.25 -51.83 39.46
CA LYS L 943 35.29 -50.94 39.95
C LYS L 943 34.87 -50.16 41.18
N THR L 944 33.62 -50.28 41.62
CA THR L 944 33.12 -49.55 42.77
C THR L 944 33.37 -50.36 44.05
N ILE L 945 33.06 -49.75 45.20
CA ILE L 945 33.23 -50.43 46.47
C ILE L 945 32.28 -51.62 46.57
N VAL L 946 31.05 -51.45 46.10
CA VAL L 946 30.06 -52.54 46.09
C VAL L 946 29.37 -52.51 44.73
N PRO L 947 29.20 -53.65 44.07
CA PRO L 947 28.50 -53.67 42.77
C PRO L 947 27.08 -53.12 42.90
N THR L 948 26.83 -52.02 42.19
CA THR L 948 25.52 -51.38 42.23
C THR L 948 25.31 -50.61 40.93
N SER L 949 24.05 -50.29 40.66
CA SER L 949 23.67 -49.56 39.46
C SER L 949 23.62 -48.06 39.67
N ILE L 950 23.96 -47.57 40.87
CA ILE L 950 23.93 -46.14 41.14
C ILE L 950 25.05 -45.46 40.36
N GLN L 951 24.70 -44.39 39.65
CA GLN L 951 25.67 -43.63 38.87
C GLN L 951 26.23 -42.48 39.70
N THR L 952 27.55 -42.43 39.82
CA THR L 952 28.25 -41.38 40.56
C THR L 952 29.24 -40.70 39.64
N LYS L 953 29.23 -39.36 39.65
CA LYS L 953 30.15 -38.58 38.83
C LYS L 953 31.49 -38.48 39.54
N ARG L 954 32.48 -39.21 39.06
CA ARG L 954 33.79 -39.26 39.70
C ARG L 954 34.68 -38.15 39.15
N TRP L 955 35.80 -37.92 39.83
CA TRP L 955 36.78 -36.87 39.54
C TRP L 955 37.33 -36.91 38.10
N PRO L 956 37.38 -38.08 37.42
CA PRO L 956 37.76 -38.06 36.00
C PRO L 956 36.96 -37.11 35.12
N THR L 957 35.87 -36.55 35.63
CA THR L 957 35.08 -35.59 34.87
C THR L 957 35.79 -34.25 34.68
N MET L 958 36.90 -34.01 35.39
CA MET L 958 37.65 -32.78 35.16
C MET L 958 38.34 -32.79 33.79
N TYR L 959 38.76 -33.96 33.33
CA TYR L 959 39.50 -34.09 32.07
C TYR L 959 38.63 -34.57 30.92
N THR L 960 37.35 -34.15 30.89
CA THR L 960 36.47 -34.58 29.82
C THR L 960 36.95 -34.07 28.46
N ARG L 961 37.41 -32.83 28.40
CA ARG L 961 37.80 -32.21 27.14
C ARG L 961 39.28 -31.91 27.02
N LEU L 962 39.97 -31.69 28.14
CA LEU L 962 41.39 -31.35 28.14
C LEU L 962 42.19 -32.49 28.75
N CYS L 963 43.24 -32.92 28.06
CA CYS L 963 44.09 -33.99 28.54
C CYS L 963 45.03 -33.47 29.63
N ILE L 964 45.91 -34.35 30.11
CA ILE L 964 46.87 -33.96 31.15
C ILE L 964 47.89 -32.98 30.60
N CYS L 965 48.25 -33.10 29.33
CA CYS L 965 49.25 -32.22 28.70
C CYS L 965 48.61 -31.05 27.96
N SER L 966 47.45 -30.60 28.41
CA SER L 966 46.67 -29.52 27.80
C SER L 966 46.21 -29.87 26.38
N GLY L 967 46.37 -31.11 25.96
CA GLY L 967 45.85 -31.53 24.67
C GLY L 967 44.37 -31.85 24.73
N MET L 968 43.77 -31.97 23.55
CA MET L 968 42.35 -32.26 23.45
C MET L 968 42.11 -33.76 23.48
N LEU L 969 41.04 -34.17 24.16
CA LEU L 969 40.64 -35.57 24.23
C LEU L 969 39.44 -35.79 23.32
N PHE L 970 39.47 -36.91 22.58
CA PHE L 970 38.41 -37.23 21.64
C PHE L 970 38.00 -38.68 21.81
N GLU L 971 36.77 -38.98 21.43
CA GLU L 971 36.25 -40.34 21.51
C GLU L 971 37.04 -41.24 20.56
N MET L 972 37.55 -42.35 21.08
CA MET L 972 38.36 -43.26 20.27
C MET L 972 37.49 -44.04 19.32
N ASP L 973 37.85 -44.04 18.03
CA ASP L 973 37.09 -44.75 17.02
C ASP L 973 37.22 -46.26 17.21
N GLY L 974 36.14 -46.99 16.93
CA GLY L 974 36.13 -48.43 17.07
C GLY L 974 36.40 -49.17 15.78
N SER M 6 -17.69 7.63 -77.99
CA SER M 6 -18.73 7.45 -79.02
C SER M 6 -18.21 7.73 -80.43
N TYR M 7 -17.18 8.58 -80.56
CA TYR M 7 -16.51 8.83 -81.83
C TYR M 7 -15.80 7.58 -82.35
N VAL M 8 -15.07 6.85 -81.50
CA VAL M 8 -14.37 5.61 -81.86
C VAL M 8 -15.37 4.53 -82.24
N GLU M 9 -16.43 4.33 -81.44
CA GLU M 9 -17.48 3.35 -81.74
C GLU M 9 -18.20 3.65 -83.06
N THR M 10 -18.48 4.93 -83.33
CA THR M 10 -19.10 5.37 -84.59
C THR M 10 -18.14 5.18 -85.77
N LEU M 11 -16.85 5.50 -85.58
CA LEU M 11 -15.83 5.33 -86.61
C LEU M 11 -15.63 3.86 -86.95
N ASP M 12 -15.56 2.98 -85.95
CA ASP M 12 -15.47 1.54 -86.14
C ASP M 12 -16.71 1.00 -86.86
N SER M 13 -17.91 1.48 -86.48
CA SER M 13 -19.16 1.13 -87.18
C SER M 13 -19.16 1.58 -88.64
N MET M 14 -18.63 2.78 -88.94
CA MET M 14 -18.48 3.27 -90.31
C MET M 14 -17.45 2.44 -91.10
N ILE M 15 -16.34 2.08 -90.48
CA ILE M 15 -15.29 1.24 -91.09
C ILE M 15 -15.86 -0.15 -91.40
N GLU M 16 -16.57 -0.78 -90.46
CA GLU M 16 -17.25 -2.06 -90.68
C GLU M 16 -18.25 -1.93 -91.85
N LEU M 17 -19.04 -0.87 -91.88
CA LEU M 17 -19.98 -0.61 -92.98
C LEU M 17 -19.28 -0.48 -94.34
N PHE M 18 -18.16 0.25 -94.42
CA PHE M 18 -17.41 0.39 -95.66
C PHE M 18 -16.77 -0.93 -96.12
N LYS M 19 -16.23 -1.71 -95.19
CA LYS M 19 -15.68 -3.05 -95.46
C LYS M 19 -16.76 -3.98 -96.02
N ASP M 20 -17.97 -3.92 -95.49
CA ASP M 20 -19.09 -4.76 -95.93
C ASP M 20 -19.76 -4.29 -97.22
N TYR M 21 -19.77 -2.97 -97.46
CA TYR M 21 -20.43 -2.36 -98.62
C TYR M 21 -19.62 -2.48 -99.90
N LYS M 22 -18.28 -2.43 -99.83
CA LYS M 22 -17.41 -2.55 -101.00
C LYS M 22 -16.19 -3.43 -100.70
N PRO M 23 -16.38 -4.76 -100.59
CA PRO M 23 -15.33 -5.73 -100.22
C PRO M 23 -14.10 -5.73 -101.14
N GLY M 24 -14.17 -5.12 -102.33
CA GLY M 24 -13.08 -5.11 -103.31
C GLY M 24 -13.10 -6.35 -104.19
N SER M 25 -12.50 -6.22 -105.37
CA SER M 25 -12.34 -7.33 -106.32
C SER M 25 -11.24 -8.29 -105.86
N ILE M 26 -11.34 -9.55 -106.25
CA ILE M 26 -10.32 -10.56 -105.96
C ILE M 26 -9.08 -10.29 -106.84
N THR M 27 -8.09 -9.61 -106.28
CA THR M 27 -6.76 -9.40 -106.86
C THR M 27 -5.72 -9.64 -105.77
N LEU M 28 -4.50 -10.03 -106.14
CA LEU M 28 -3.42 -10.26 -105.18
C LEU M 28 -3.19 -9.03 -104.29
N GLU M 29 -3.19 -7.83 -104.87
CA GLU M 29 -3.02 -6.57 -104.15
C GLU M 29 -4.14 -6.32 -103.13
N ASN M 30 -5.41 -6.58 -103.50
CA ASN M 30 -6.53 -6.39 -102.57
C ASN M 30 -6.51 -7.43 -101.45
N ILE M 31 -6.11 -8.67 -101.73
CA ILE M 31 -5.94 -9.71 -100.70
C ILE M 31 -4.83 -9.32 -99.72
N THR M 32 -3.68 -8.87 -100.21
CA THR M 32 -2.58 -8.37 -99.36
C THR M 32 -3.04 -7.21 -98.49
N ARG M 33 -3.71 -6.20 -99.07
CA ARG M 33 -4.24 -5.05 -98.32
C ARG M 33 -5.26 -5.46 -97.25
N LEU M 34 -6.13 -6.42 -97.55
CA LEU M 34 -7.10 -6.95 -96.60
C LEU M 34 -6.40 -7.62 -95.41
N CYS M 35 -5.41 -8.46 -95.68
CA CYS M 35 -4.65 -9.14 -94.63
C CYS M 35 -3.89 -8.14 -93.75
N GLN M 36 -3.24 -7.15 -94.36
CA GLN M 36 -2.56 -6.05 -93.64
C GLN M 36 -3.53 -5.21 -92.79
N THR M 37 -4.77 -5.01 -93.26
CA THR M 37 -5.81 -4.29 -92.52
C THR M 37 -6.25 -5.04 -91.26
N LEU M 38 -6.12 -6.38 -91.25
CA LEU M 38 -6.36 -7.22 -90.08
C LEU M 38 -5.12 -7.38 -89.19
N GLY M 39 -4.01 -6.72 -89.52
CA GLY M 39 -2.75 -6.82 -88.78
C GLY M 39 -1.94 -8.09 -89.06
N LEU M 40 -2.28 -8.84 -90.11
CA LEU M 40 -1.52 -10.02 -90.51
C LEU M 40 -0.24 -9.61 -91.22
N GLU M 41 0.87 -10.26 -90.86
CA GLU M 41 2.12 -10.11 -91.59
C GLU M 41 1.99 -10.79 -92.95
N SER M 42 2.48 -10.15 -94.02
CA SER M 42 2.31 -10.64 -95.38
C SER M 42 3.60 -10.49 -96.18
N PHE M 43 4.01 -11.52 -96.92
CA PHE M 43 5.08 -11.43 -97.89
C PHE M 43 4.72 -12.20 -99.17
N THR M 44 5.32 -11.80 -100.29
CA THR M 44 5.10 -12.43 -101.60
C THR M 44 6.38 -13.06 -102.09
N GLU M 45 6.32 -14.33 -102.45
CA GLU M 45 7.43 -15.11 -103.01
C GLU M 45 7.13 -15.50 -104.46
N GLU M 46 8.15 -15.50 -105.33
CA GLU M 46 8.03 -16.02 -106.69
C GLU M 46 8.43 -17.50 -106.73
N LEU M 47 7.45 -18.42 -106.77
CA LEU M 47 7.70 -19.85 -106.86
C LEU M 47 8.17 -20.26 -108.27
N SER M 48 7.67 -19.58 -109.30
CA SER M 48 8.11 -19.76 -110.68
C SER M 48 7.78 -18.52 -111.53
N ASN M 49 8.20 -18.52 -112.80
CA ASN M 49 7.81 -17.48 -113.77
C ASN M 49 6.27 -17.34 -113.92
N GLU M 50 5.51 -18.37 -113.58
CA GLU M 50 4.05 -18.42 -113.74
C GLU M 50 3.29 -18.38 -112.41
N LEU M 51 3.98 -18.63 -111.28
CA LEU M 51 3.36 -18.81 -109.98
C LEU M 51 4.02 -17.89 -108.94
N SER M 52 3.21 -17.09 -108.26
CA SER M 52 3.61 -16.34 -107.07
C SER M 52 2.79 -16.83 -105.88
N ARG M 53 3.42 -16.92 -104.71
CA ARG M 53 2.75 -17.22 -103.44
C ARG M 53 2.67 -15.95 -102.60
N LEU M 54 1.49 -15.65 -102.08
CA LEU M 54 1.30 -14.71 -100.99
C LEU M 54 1.16 -15.52 -99.71
N SER M 55 2.11 -15.37 -98.79
CA SER M 55 2.06 -15.98 -97.48
C SER M 55 1.67 -14.93 -96.45
N THR M 56 0.65 -15.21 -95.66
CA THR M 56 0.22 -14.36 -94.55
C THR M 56 0.25 -15.11 -93.23
N ALA M 57 0.69 -14.46 -92.16
CA ALA M 57 0.91 -15.09 -90.87
C ALA M 57 0.43 -14.22 -89.71
N SER M 58 0.09 -14.88 -88.60
CA SER M 58 -0.21 -14.29 -87.30
C SER M 58 0.46 -15.11 -86.19
N LYS M 59 -0.12 -15.14 -84.98
CA LYS M 59 0.41 -15.88 -83.82
C LYS M 59 0.42 -17.40 -84.06
N ILE M 60 -0.65 -17.94 -84.60
CA ILE M 60 -0.93 -19.37 -84.78
C ILE M 60 -1.14 -19.69 -86.26
N ILE M 61 -1.88 -18.86 -86.99
CA ILE M 61 -2.24 -19.14 -88.39
C ILE M 61 -1.15 -18.71 -89.37
N VAL M 62 -0.92 -19.54 -90.39
CA VAL M 62 -0.17 -19.23 -91.61
C VAL M 62 -1.02 -19.65 -92.82
N ILE M 63 -1.27 -18.71 -93.74
CA ILE M 63 -2.08 -18.92 -94.94
C ILE M 63 -1.22 -18.65 -96.18
N ASP M 64 -1.01 -19.68 -96.98
CA ASP M 64 -0.34 -19.58 -98.27
C ASP M 64 -1.38 -19.50 -99.39
N VAL M 65 -1.32 -18.48 -100.24
CA VAL M 65 -2.19 -18.29 -101.41
C VAL M 65 -1.35 -18.33 -102.68
N ASP M 66 -1.53 -19.38 -103.48
CA ASP M 66 -0.85 -19.55 -104.76
C ASP M 66 -1.61 -18.86 -105.89
N TYR M 67 -0.92 -17.98 -106.61
CA TYR M 67 -1.47 -17.15 -107.67
C TYR M 67 -0.80 -17.44 -109.01
N ASN M 68 -1.61 -17.81 -109.99
CA ASN M 68 -1.16 -18.03 -111.36
C ASN M 68 -1.15 -16.71 -112.14
N LYS M 69 0.05 -16.19 -112.39
CA LYS M 69 0.29 -14.92 -113.10
C LYS M 69 -0.22 -14.92 -114.54
N LYS M 70 -0.27 -16.09 -115.21
CA LYS M 70 -0.73 -16.18 -116.60
C LYS M 70 -2.24 -16.19 -116.72
N GLN M 71 -2.93 -16.83 -115.79
CA GLN M 71 -4.38 -16.97 -115.80
C GLN M 71 -5.10 -15.87 -115.02
N ASP M 72 -4.37 -15.06 -114.26
CA ASP M 72 -4.89 -14.03 -113.36
C ASP M 72 -5.88 -14.62 -112.34
N ARG M 73 -5.52 -15.79 -111.80
CA ARG M 73 -6.39 -16.60 -110.93
C ARG M 73 -5.62 -17.25 -109.80
N ILE M 74 -6.34 -17.45 -108.70
CA ILE M 74 -5.86 -18.19 -107.53
C ILE M 74 -5.93 -19.67 -107.85
N GLN M 75 -4.82 -20.36 -107.63
CA GLN M 75 -4.66 -21.77 -107.93
C GLN M 75 -4.88 -22.64 -106.70
N ASP M 76 -4.33 -22.25 -105.55
CA ASP M 76 -4.45 -23.00 -104.30
C ASP M 76 -4.40 -22.07 -103.09
N VAL M 77 -4.93 -22.53 -101.96
CA VAL M 77 -4.84 -21.86 -100.66
C VAL M 77 -4.59 -22.90 -99.57
N LYS M 78 -3.54 -22.76 -98.77
CA LYS M 78 -3.23 -23.69 -97.67
C LYS M 78 -3.24 -22.97 -96.34
N LEU M 79 -3.94 -23.54 -95.35
CA LEU M 79 -3.87 -23.13 -93.96
C LEU M 79 -2.92 -24.07 -93.20
N VAL M 80 -2.00 -23.50 -92.45
CA VAL M 80 -1.09 -24.21 -91.52
C VAL M 80 -1.26 -23.56 -90.15
N LEU M 81 -1.36 -24.38 -89.11
CA LEU M 81 -1.41 -23.90 -87.73
C LEU M 81 -0.05 -24.15 -87.07
N ALA M 82 0.41 -23.19 -86.26
CA ALA M 82 1.56 -23.34 -85.38
C ALA M 82 1.16 -23.90 -84.00
N SER M 83 -0.08 -24.33 -83.83
CA SER M 83 -0.55 -25.04 -82.64
C SER M 83 -0.11 -26.50 -82.70
N ASN M 84 -0.05 -27.16 -81.54
CA ASN M 84 0.05 -28.62 -81.43
C ASN M 84 -1.17 -29.36 -82.03
N PHE M 85 -2.22 -28.60 -82.42
CA PHE M 85 -3.41 -29.11 -83.06
C PHE M 85 -3.41 -28.83 -84.57
N ASP M 86 -3.09 -29.84 -85.38
CA ASP M 86 -3.07 -29.76 -86.84
C ASP M 86 -4.40 -30.14 -87.52
N ASN M 87 -5.38 -30.63 -86.76
CA ASN M 87 -6.60 -31.26 -87.30
C ASN M 87 -7.77 -30.28 -87.48
N PHE M 88 -7.52 -28.97 -87.57
CA PHE M 88 -8.59 -28.00 -87.76
C PHE M 88 -9.24 -28.15 -89.13
N ASP M 89 -10.55 -28.40 -89.14
CA ASP M 89 -11.29 -28.62 -90.37
C ASP M 89 -11.63 -27.29 -91.05
N TYR M 90 -10.94 -26.97 -92.15
CA TYR M 90 -11.23 -25.83 -93.02
C TYR M 90 -11.81 -26.23 -94.38
N PHE M 91 -12.38 -27.44 -94.44
CA PHE M 91 -13.09 -27.94 -95.61
C PHE M 91 -14.59 -27.90 -95.39
N ASN M 92 -15.34 -27.76 -96.48
CA ASN M 92 -16.80 -27.89 -96.42
C ASN M 92 -17.20 -29.34 -96.22
N GLN M 93 -18.13 -29.58 -95.30
CA GLN M 93 -18.71 -30.91 -95.11
C GLN M 93 -19.88 -31.14 -96.08
N ARG M 94 -19.58 -31.78 -97.22
CA ARG M 94 -20.60 -32.29 -98.15
C ARG M 94 -20.65 -33.80 -98.11
N ASP M 95 -21.85 -34.34 -97.91
CA ASP M 95 -22.05 -35.79 -97.93
C ASP M 95 -21.92 -36.28 -99.38
N GLY M 96 -21.00 -37.22 -99.63
CA GLY M 96 -20.90 -37.94 -100.90
C GLY M 96 -19.91 -37.37 -101.94
N GLU M 97 -19.27 -36.23 -101.69
CA GLU M 97 -18.17 -35.74 -102.54
C GLU M 97 -16.81 -36.15 -101.92
N HIS M 98 -16.01 -36.90 -102.68
CA HIS M 98 -14.66 -37.30 -102.25
C HIS M 98 -13.68 -36.13 -102.17
N GLU M 99 -13.96 -35.02 -102.86
CA GLU M 99 -13.15 -33.81 -102.83
C GLU M 99 -13.69 -32.86 -101.77
N LYS M 100 -13.06 -32.89 -100.60
CA LYS M 100 -13.24 -31.88 -99.56
C LYS M 100 -12.90 -30.51 -100.14
N SER M 101 -13.91 -29.68 -100.38
CA SER M 101 -13.69 -28.36 -100.97
C SER M 101 -13.24 -27.35 -99.91
N ASN M 102 -12.06 -26.77 -100.12
CA ASN M 102 -11.41 -25.83 -99.22
C ASN M 102 -12.19 -24.50 -99.14
N ILE M 103 -12.59 -24.10 -97.94
CA ILE M 103 -13.41 -22.90 -97.70
C ILE M 103 -12.70 -21.63 -98.17
N LEU M 104 -11.41 -21.49 -97.85
CA LEU M 104 -10.62 -20.31 -98.19
C LEU M 104 -10.43 -20.20 -99.70
N LEU M 105 -10.06 -21.31 -100.36
CA LEU M 105 -9.95 -21.36 -101.82
C LEU M 105 -11.29 -21.05 -102.50
N ASN M 106 -12.38 -21.64 -102.02
CA ASN M 106 -13.72 -21.40 -102.56
C ASN M 106 -14.13 -19.93 -102.41
N SER M 107 -13.85 -19.32 -101.25
CA SER M 107 -14.17 -17.93 -100.98
C SER M 107 -13.45 -16.93 -101.91
N LEU M 108 -12.36 -17.36 -102.55
CA LEU M 108 -11.57 -16.58 -103.50
C LEU M 108 -11.80 -16.97 -104.98
N THR M 109 -12.52 -18.05 -105.26
CA THR M 109 -12.70 -18.56 -106.64
C THR M 109 -14.18 -18.60 -107.07
N LYS M 110 -15.10 -18.82 -106.13
CA LYS M 110 -16.54 -18.97 -106.41
C LYS M 110 -17.35 -17.69 -106.22
N TYR M 111 -16.79 -16.70 -105.52
CA TYR M 111 -17.46 -15.45 -105.20
C TYR M 111 -16.93 -14.31 -106.07
N PRO M 112 -17.74 -13.28 -106.36
CA PRO M 112 -17.31 -12.16 -107.21
C PRO M 112 -16.41 -11.16 -106.47
N ASP M 113 -16.38 -11.21 -105.14
CA ASP M 113 -15.71 -10.23 -104.29
C ASP M 113 -15.03 -10.88 -103.08
N LEU M 114 -14.27 -10.08 -102.32
CA LEU M 114 -13.55 -10.56 -101.14
C LEU M 114 -14.42 -10.71 -99.89
N LYS M 115 -15.75 -10.54 -99.95
CA LYS M 115 -16.60 -10.53 -98.75
C LYS M 115 -16.59 -11.88 -98.04
N ALA M 116 -16.72 -12.96 -98.80
CA ALA M 116 -16.69 -14.31 -98.25
C ALA M 116 -15.33 -14.61 -97.60
N PHE M 117 -14.24 -14.25 -98.28
CA PHE M 117 -12.88 -14.44 -97.78
C PHE M 117 -12.61 -13.60 -96.52
N HIS M 118 -13.02 -12.32 -96.51
CA HIS M 118 -12.88 -11.45 -95.35
C HIS M 118 -13.59 -12.00 -94.12
N ASN M 119 -14.83 -12.48 -94.26
CA ASN M 119 -15.58 -13.05 -93.13
C ASN M 119 -14.90 -14.30 -92.56
N ASN M 120 -14.40 -15.18 -93.44
CA ASN M 120 -13.69 -16.39 -93.01
C ASN M 120 -12.35 -16.05 -92.37
N LEU M 121 -11.63 -15.05 -92.90
CA LEU M 121 -10.36 -14.59 -92.36
C LEU M 121 -10.54 -13.90 -91.00
N LYS M 122 -11.62 -13.10 -90.82
CA LYS M 122 -11.97 -12.49 -89.52
C LYS M 122 -12.24 -13.57 -88.47
N PHE M 123 -12.91 -14.66 -88.85
CA PHE M 123 -13.13 -15.79 -87.95
C PHE M 123 -11.82 -16.49 -87.55
N LEU M 124 -10.94 -16.80 -88.50
CA LEU M 124 -9.64 -17.40 -88.20
C LEU M 124 -8.77 -16.48 -87.33
N TYR M 125 -8.76 -15.18 -87.63
CA TYR M 125 -8.04 -14.17 -86.85
C TYR M 125 -8.60 -14.06 -85.42
N LEU M 126 -9.91 -14.19 -85.24
CA LEU M 126 -10.52 -14.24 -83.90
C LEU M 126 -9.98 -15.44 -83.09
N LEU M 127 -10.00 -16.64 -83.68
CA LEU M 127 -9.45 -17.83 -83.00
C LEU M 127 -7.96 -17.65 -82.69
N ASP M 128 -7.19 -17.08 -83.62
CA ASP M 128 -5.77 -16.81 -83.47
C ASP M 128 -5.46 -15.84 -82.31
N ALA M 129 -6.17 -14.71 -82.26
CA ALA M 129 -5.97 -13.67 -81.27
C ALA M 129 -6.31 -14.13 -79.85
N TYR M 130 -7.37 -14.93 -79.70
CA TYR M 130 -7.93 -15.34 -78.42
C TYR M 130 -7.50 -16.75 -77.96
N SER M 131 -6.72 -17.48 -78.78
CA SER M 131 -6.14 -18.78 -78.39
C SER M 131 -4.84 -18.60 -77.64
N HIS M 132 -4.68 -19.35 -76.56
CA HIS M 132 -3.46 -19.39 -75.75
C HIS M 132 -2.76 -20.74 -75.91
N LYS M 161 -4.80 -21.83 -70.68
CA LYS M 161 -4.20 -22.51 -71.85
C LYS M 161 -5.24 -22.93 -72.89
N LEU M 162 -6.28 -22.12 -73.10
CA LEU M 162 -7.36 -22.51 -73.98
C LEU M 162 -6.96 -22.35 -75.46
N ASP M 163 -6.82 -23.48 -76.17
CA ASP M 163 -6.69 -23.51 -77.62
C ASP M 163 -8.08 -23.54 -78.27
N LEU M 164 -8.50 -22.42 -78.86
CA LEU M 164 -9.82 -22.29 -79.47
C LEU M 164 -9.94 -23.07 -80.78
N PHE M 165 -8.85 -23.35 -81.50
CA PHE M 165 -8.90 -24.18 -82.72
C PHE M 165 -9.26 -25.62 -82.37
N LYS M 166 -8.60 -26.16 -81.34
CA LYS M 166 -8.91 -27.48 -80.80
C LYS M 166 -10.33 -27.53 -80.26
N TYR M 167 -10.66 -26.62 -79.34
CA TYR M 167 -11.96 -26.60 -78.68
C TYR M 167 -13.12 -26.45 -79.67
N PHE M 168 -13.02 -25.54 -80.64
CA PHE M 168 -14.08 -25.35 -81.63
C PHE M 168 -14.29 -26.58 -82.52
N THR M 169 -13.21 -27.31 -82.84
CA THR M 169 -13.31 -28.56 -83.60
C THR M 169 -14.02 -29.65 -82.79
N GLU M 170 -13.61 -29.84 -81.54
CA GLU M 170 -14.15 -30.85 -80.63
C GLU M 170 -15.60 -30.55 -80.21
N LEU M 171 -15.96 -29.27 -80.05
CA LEU M 171 -17.30 -28.81 -79.70
C LEU M 171 -18.37 -29.36 -80.66
N SER M 172 -18.07 -29.46 -81.96
CA SER M 172 -18.99 -30.05 -82.93
C SER M 172 -19.32 -31.52 -82.65
N HIS M 173 -18.35 -32.27 -82.11
CA HIS M 173 -18.53 -33.66 -81.68
C HIS M 173 -19.32 -33.75 -80.38
N TYR M 174 -19.02 -32.89 -79.40
CA TYR M 174 -19.75 -32.83 -78.13
C TYR M 174 -21.23 -32.47 -78.32
N ILE M 175 -21.54 -31.49 -79.18
CA ILE M 175 -22.94 -31.14 -79.51
C ILE M 175 -23.65 -32.32 -80.19
N ARG M 176 -22.98 -32.98 -81.14
CA ARG M 176 -23.55 -34.16 -81.83
C ARG M 176 -23.90 -35.26 -80.83
N GLN M 177 -23.00 -35.50 -79.87
CA GLN M 177 -23.25 -36.48 -78.84
C GLN M 177 -24.40 -36.06 -77.90
N CYS M 178 -24.40 -34.81 -77.44
CA CYS M 178 -25.48 -34.28 -76.60
C CYS M 178 -26.86 -34.49 -77.23
N PHE M 179 -26.99 -34.32 -78.55
CA PHE M 179 -28.24 -34.60 -79.26
C PHE M 179 -28.58 -36.08 -79.34
N GLN M 180 -27.60 -36.97 -79.52
CA GLN M 180 -27.81 -38.41 -79.48
C GLN M 180 -28.32 -38.86 -78.11
N ASP M 181 -27.66 -38.40 -77.04
CA ASP M 181 -28.02 -38.75 -75.65
C ASP M 181 -29.38 -38.18 -75.22
N ASN M 182 -29.75 -36.99 -75.72
CA ASN M 182 -31.03 -36.34 -75.44
C ASN M 182 -32.15 -36.68 -76.44
N CYS M 183 -31.93 -37.65 -77.34
CA CYS M 183 -32.88 -38.07 -78.39
C CYS M 183 -33.41 -36.90 -79.25
N CYS M 184 -32.56 -35.93 -79.55
CA CYS M 184 -32.90 -34.80 -80.41
C CYS M 184 -32.62 -35.17 -81.88
N ASP M 185 -33.62 -35.01 -82.76
CA ASP M 185 -33.51 -35.32 -84.19
C ASP M 185 -32.85 -34.17 -84.98
N PHE M 186 -31.65 -33.76 -84.55
CA PHE M 186 -30.87 -32.71 -85.19
C PHE M 186 -29.54 -33.28 -85.71
N LYS M 187 -29.13 -32.84 -86.90
CA LYS M 187 -27.83 -33.17 -87.49
C LYS M 187 -26.87 -32.02 -87.31
N VAL M 188 -25.63 -32.33 -86.91
CA VAL M 188 -24.55 -31.35 -86.75
C VAL M 188 -23.57 -31.48 -87.90
N ARG M 189 -23.37 -30.40 -88.65
CA ARG M 189 -22.33 -30.29 -89.69
C ARG M 189 -21.41 -29.11 -89.41
N THR M 190 -20.14 -29.25 -89.75
CA THR M 190 -19.20 -28.12 -89.76
C THR M 190 -19.15 -27.51 -91.16
N ASN M 191 -18.89 -26.21 -91.23
CA ASN M 191 -18.49 -25.53 -92.46
C ASN M 191 -19.47 -25.69 -93.64
N LEU M 192 -20.59 -24.97 -93.61
CA LEU M 192 -21.62 -25.04 -94.64
C LEU M 192 -21.55 -23.80 -95.54
N ASN M 193 -21.67 -24.00 -96.86
CA ASN M 193 -21.72 -22.94 -97.88
C ASN M 193 -20.49 -21.99 -97.84
N ASP M 194 -19.29 -22.57 -97.76
CA ASP M 194 -18.01 -21.84 -97.76
C ASP M 194 -17.87 -20.84 -96.60
N LYS M 195 -18.47 -21.17 -95.44
CA LYS M 195 -18.42 -20.35 -94.23
C LYS M 195 -18.08 -21.20 -93.02
N PHE M 196 -17.15 -20.71 -92.20
CA PHE M 196 -16.85 -21.32 -90.91
C PHE M 196 -18.05 -21.24 -89.95
N GLY M 197 -18.29 -22.34 -89.23
CA GLY M 197 -19.37 -22.45 -88.25
C GLY M 197 -19.79 -23.90 -88.01
N ILE M 198 -20.42 -24.14 -86.87
CA ILE M 198 -21.10 -25.39 -86.55
C ILE M 198 -22.59 -25.19 -86.87
N TYR M 199 -23.08 -25.88 -87.88
CA TYR M 199 -24.45 -25.77 -88.36
C TYR M 199 -25.31 -26.91 -87.81
N ILE M 200 -26.48 -26.53 -87.30
CA ILE M 200 -27.48 -27.47 -86.79
C ILE M 200 -28.61 -27.54 -87.81
N LEU M 201 -28.85 -28.74 -88.34
CA LEU M 201 -29.82 -28.98 -89.39
C LEU M 201 -30.97 -29.85 -88.88
N THR M 202 -32.16 -29.60 -89.40
CA THR M 202 -33.33 -30.47 -89.26
C THR M 202 -33.71 -31.07 -90.61
N GLN M 203 -34.41 -32.19 -90.60
CA GLN M 203 -35.06 -32.68 -91.81
C GLN M 203 -36.30 -31.82 -92.11
N GLY M 204 -36.36 -31.24 -93.32
CA GLY M 204 -37.54 -30.57 -93.83
C GLY M 204 -38.55 -31.54 -94.42
N ILE M 205 -39.72 -31.02 -94.84
CA ILE M 205 -40.87 -31.80 -95.36
C ILE M 205 -40.50 -32.73 -96.52
N ASN M 206 -39.52 -32.35 -97.35
CA ASN M 206 -39.07 -33.13 -98.52
C ASN M 206 -37.85 -34.01 -98.23
N GLY M 207 -37.51 -34.26 -96.96
CA GLY M 207 -36.27 -34.92 -96.55
C GLY M 207 -35.00 -34.10 -96.81
N LYS M 208 -35.14 -32.86 -97.30
CA LYS M 208 -34.02 -31.93 -97.47
C LYS M 208 -33.59 -31.39 -96.11
N GLU M 209 -32.30 -31.38 -95.86
CA GLU M 209 -31.75 -30.78 -94.65
C GLU M 209 -31.87 -29.25 -94.71
N VAL M 210 -32.41 -28.66 -93.65
CA VAL M 210 -32.60 -27.21 -93.52
C VAL M 210 -31.81 -26.73 -92.30
N PRO M 211 -30.93 -25.72 -92.43
CA PRO M 211 -30.24 -25.16 -91.28
C PRO M 211 -31.24 -24.45 -90.36
N LEU M 212 -31.17 -24.77 -89.07
CA LEU M 212 -31.93 -24.10 -88.01
C LEU M 212 -31.09 -23.02 -87.34
N ALA M 213 -29.85 -23.34 -87.00
CA ALA M 213 -28.96 -22.47 -86.27
C ALA M 213 -27.50 -22.65 -86.72
N LYS M 214 -26.70 -21.61 -86.46
CA LYS M 214 -25.26 -21.59 -86.64
C LYS M 214 -24.62 -21.24 -85.30
N ILE M 215 -23.67 -22.05 -84.86
CA ILE M 215 -22.85 -21.81 -83.67
C ILE M 215 -21.44 -21.39 -84.13
N TYR M 216 -20.93 -20.30 -83.56
CA TYR M 216 -19.61 -19.78 -83.85
C TYR M 216 -19.12 -18.89 -82.68
N LEU M 217 -17.85 -18.53 -82.68
CA LEU M 217 -17.26 -17.62 -81.71
C LEU M 217 -17.30 -16.18 -82.22
N GLU M 218 -17.65 -15.23 -81.37
CA GLU M 218 -17.66 -13.79 -81.65
C GLU M 218 -16.95 -13.04 -80.51
N GLU M 219 -16.34 -11.89 -80.82
CA GLU M 219 -15.75 -11.02 -79.81
C GLU M 219 -16.83 -10.44 -78.90
N ASN M 220 -16.64 -10.54 -77.59
CA ASN M 220 -17.56 -9.98 -76.62
C ASN M 220 -17.32 -8.47 -76.50
N LYS M 221 -18.13 -7.69 -77.22
CA LYS M 221 -18.07 -6.23 -77.23
C LYS M 221 -18.46 -5.59 -75.89
N SER M 222 -19.23 -6.31 -75.05
CA SER M 222 -19.79 -5.76 -73.82
C SER M 222 -18.84 -5.89 -72.63
N ASP M 223 -18.11 -7.00 -72.53
CA ASP M 223 -17.22 -7.25 -71.41
C ASP M 223 -15.94 -7.97 -71.83
N SER M 224 -14.86 -7.19 -71.97
CA SER M 224 -13.51 -7.73 -72.22
C SER M 224 -12.99 -8.65 -71.10
N GLN M 225 -13.58 -8.61 -69.90
CA GLN M 225 -13.22 -9.48 -68.77
C GLN M 225 -14.07 -10.75 -68.72
N TYR M 226 -15.02 -10.93 -69.64
CA TYR M 226 -15.84 -12.12 -69.72
C TYR M 226 -14.96 -13.36 -69.93
N ARG M 227 -14.98 -14.28 -68.97
CA ARG M 227 -14.22 -15.52 -69.03
C ARG M 227 -15.01 -16.59 -69.78
N PHE M 228 -14.41 -17.05 -70.86
CA PHE M 228 -14.89 -18.15 -71.68
C PHE M 228 -14.11 -19.41 -71.35
N TYR M 229 -14.78 -20.41 -70.78
CA TYR M 229 -14.16 -21.67 -70.38
C TYR M 229 -14.40 -22.80 -71.39
N GLU M 230 -13.56 -23.81 -71.33
CA GLU M 230 -13.76 -25.07 -72.03
C GLU M 230 -14.81 -25.93 -71.33
N TYR M 231 -15.89 -26.26 -72.04
CA TYR M 231 -16.91 -27.19 -71.56
C TYR M 231 -16.98 -28.42 -72.48
N ILE M 232 -16.87 -29.59 -71.87
CA ILE M 232 -16.87 -30.89 -72.54
C ILE M 232 -18.20 -31.58 -72.22
N TYR M 233 -18.80 -32.23 -73.20
CA TYR M 233 -19.97 -33.07 -72.95
C TYR M 233 -19.52 -34.46 -72.50
N SER M 234 -19.73 -34.79 -71.23
CA SER M 234 -19.35 -36.10 -70.69
C SER M 234 -20.39 -37.15 -71.03
N GLN M 235 -19.96 -38.21 -71.72
CA GLN M 235 -20.81 -39.37 -72.01
C GLN M 235 -21.31 -40.05 -70.73
N GLU M 236 -20.50 -40.00 -69.67
CA GLU M 236 -20.77 -40.71 -68.42
C GLU M 236 -21.87 -40.02 -67.60
N THR M 237 -21.80 -38.69 -67.49
CA THR M 237 -22.76 -37.91 -66.70
C THR M 237 -23.95 -37.42 -67.55
N LYS M 238 -23.85 -37.49 -68.88
CA LYS M 238 -24.80 -36.91 -69.85
C LYS M 238 -25.02 -35.41 -69.63
N SER M 239 -23.99 -34.71 -69.22
CA SER M 239 -24.01 -33.26 -68.93
C SER M 239 -22.76 -32.59 -69.45
N TRP M 240 -22.87 -31.28 -69.68
CA TRP M 240 -21.69 -30.43 -69.88
C TRP M 240 -20.92 -30.29 -68.57
N ILE M 241 -19.60 -30.44 -68.65
CA ILE M 241 -18.70 -30.29 -67.51
C ILE M 241 -17.55 -29.38 -67.90
N ASN M 242 -17.12 -28.53 -66.98
CA ASN M 242 -15.87 -27.79 -67.08
C ASN M 242 -14.78 -28.63 -66.40
N GLU M 243 -13.97 -29.32 -67.19
CA GLU M 243 -12.88 -30.15 -66.65
C GLU M 243 -11.71 -29.32 -66.13
N SER M 244 -11.47 -28.16 -66.75
CA SER M 244 -10.30 -27.32 -66.49
C SER M 244 -10.71 -25.86 -66.34
N ALA M 245 -11.17 -25.49 -65.13
CA ALA M 245 -11.53 -24.10 -64.81
C ALA M 245 -10.33 -23.12 -64.93
N GLU M 246 -9.11 -23.63 -65.03
CA GLU M 246 -7.90 -22.84 -65.32
C GLU M 246 -7.76 -22.50 -66.81
N ASN M 247 -8.40 -23.25 -67.72
CA ASN M 247 -8.39 -23.00 -69.16
C ASN M 247 -9.54 -22.08 -69.55
N PHE M 248 -9.23 -20.80 -69.68
CA PHE M 248 -10.18 -19.81 -70.17
C PHE M 248 -9.52 -18.83 -71.13
N SER M 249 -10.35 -18.22 -71.97
CA SER M 249 -10.02 -17.07 -72.80
C SER M 249 -10.90 -15.89 -72.36
N ASN M 250 -10.43 -14.65 -72.51
CA ASN M 250 -11.18 -13.46 -72.11
C ASN M 250 -11.69 -12.71 -73.34
N GLY M 251 -12.89 -12.12 -73.27
CA GLY M 251 -13.39 -11.22 -74.33
C GLY M 251 -13.96 -11.94 -75.55
N ILE M 252 -14.31 -13.21 -75.42
CA ILE M 252 -14.95 -14.01 -76.48
C ILE M 252 -16.23 -14.67 -75.95
N SER M 253 -17.23 -14.80 -76.81
CA SER M 253 -18.49 -15.49 -76.51
C SER M 253 -18.79 -16.53 -77.59
N LEU M 254 -19.37 -17.65 -77.16
CA LEU M 254 -19.97 -18.65 -78.04
C LEU M 254 -21.40 -18.23 -78.37
N VAL M 255 -21.64 -17.96 -79.65
CA VAL M 255 -22.90 -17.41 -80.14
C VAL M 255 -23.67 -18.48 -80.89
N MET M 256 -24.97 -18.59 -80.59
CA MET M 256 -25.94 -19.33 -81.39
C MET M 256 -26.81 -18.35 -82.18
N GLU M 257 -26.65 -18.34 -83.50
CA GLU M 257 -27.43 -17.53 -84.43
C GLU M 257 -28.54 -18.38 -85.08
N ILE M 258 -29.78 -17.91 -85.02
CA ILE M 258 -30.93 -18.56 -85.67
C ILE M 258 -30.93 -18.22 -87.16
N VAL M 259 -30.83 -19.24 -88.00
CA VAL M 259 -30.81 -19.08 -89.45
C VAL M 259 -32.24 -18.98 -89.95
N ALA M 260 -32.77 -17.77 -90.11
CA ALA M 260 -34.08 -17.56 -90.74
C ALA M 260 -34.00 -17.87 -92.25
N ASN M 261 -34.97 -18.61 -92.78
CA ASN M 261 -35.09 -18.88 -94.22
C ASN M 261 -35.61 -17.68 -95.02
N ALA M 262 -35.64 -16.49 -94.41
CA ALA M 262 -36.21 -15.31 -94.99
C ALA M 262 -35.38 -14.87 -96.21
N TYR M 267 -41.77 -11.36 -93.21
CA TYR M 267 -41.83 -11.34 -91.74
C TYR M 267 -42.40 -12.64 -91.13
N THR M 268 -43.12 -13.44 -91.93
CA THR M 268 -43.70 -14.73 -91.52
C THR M 268 -42.66 -15.83 -91.28
N ASP M 269 -41.43 -15.66 -91.78
CA ASP M 269 -40.35 -16.63 -91.61
C ASP M 269 -39.44 -16.32 -90.40
N LEU M 270 -39.70 -15.21 -89.70
CA LEU M 270 -39.03 -14.85 -88.46
C LEU M 270 -39.51 -15.74 -87.30
N ILE M 271 -38.58 -16.09 -86.40
CA ILE M 271 -38.89 -16.86 -85.18
C ILE M 271 -39.10 -15.88 -84.03
N TRP M 272 -40.20 -16.05 -83.31
CA TRP M 272 -40.57 -15.22 -82.17
C TRP M 272 -40.51 -16.06 -80.90
N PHE M 273 -39.98 -15.48 -79.83
CA PHE M 273 -39.80 -16.11 -78.53
C PHE M 273 -40.60 -15.35 -77.47
N PRO M 274 -41.20 -16.04 -76.47
CA PRO M 274 -41.70 -15.40 -75.26
C PRO M 274 -40.59 -14.57 -74.62
N GLU M 275 -40.91 -13.35 -74.15
CA GLU M 275 -39.92 -12.42 -73.58
C GLU M 275 -39.19 -13.03 -72.38
N ASP M 276 -39.88 -13.88 -71.62
CA ASP M 276 -39.33 -14.57 -70.44
C ASP M 276 -38.83 -15.98 -70.75
N PHE M 277 -38.72 -16.38 -72.03
CA PHE M 277 -38.25 -17.72 -72.41
C PHE M 277 -36.78 -17.94 -72.04
N ILE M 278 -35.95 -16.90 -72.20
CA ILE M 278 -34.51 -16.92 -71.94
C ILE M 278 -34.14 -15.63 -71.23
N SER M 279 -33.23 -15.71 -70.25
CA SER M 279 -32.73 -14.54 -69.53
C SER M 279 -32.25 -13.45 -70.49
N PRO M 280 -32.62 -12.18 -70.28
CA PRO M 280 -32.28 -11.09 -71.20
C PRO M 280 -30.76 -10.87 -71.36
N GLU M 281 -29.97 -11.28 -70.38
CA GLU M 281 -28.50 -11.22 -70.40
C GLU M 281 -27.87 -12.12 -71.48
N LEU M 282 -28.58 -13.15 -71.92
CA LEU M 282 -28.13 -14.08 -72.96
C LEU M 282 -28.53 -13.63 -74.37
N ILE M 283 -29.26 -12.52 -74.50
CA ILE M 283 -29.75 -12.03 -75.79
C ILE M 283 -28.73 -11.03 -76.35
N ILE M 284 -28.03 -11.41 -77.43
CA ILE M 284 -27.02 -10.56 -78.07
C ILE M 284 -27.66 -9.59 -79.07
N ASP M 285 -28.56 -10.10 -79.92
CA ASP M 285 -29.22 -9.30 -80.96
C ASP M 285 -30.74 -9.46 -80.89
N LYS M 286 -31.37 -8.45 -80.28
CA LYS M 286 -32.81 -8.25 -80.28
C LYS M 286 -33.13 -7.39 -81.49
N VAL M 287 -33.94 -7.91 -82.42
CA VAL M 287 -34.42 -7.10 -83.54
C VAL M 287 -35.46 -6.13 -83.00
N THR M 288 -35.01 -4.95 -82.59
CA THR M 288 -35.91 -3.84 -82.28
C THR M 288 -36.61 -3.41 -83.55
N CYS M 289 -37.92 -3.67 -83.65
CA CYS M 289 -38.77 -2.96 -84.59
C CYS M 289 -38.67 -1.47 -84.26
N SER M 290 -37.80 -0.76 -84.97
CA SER M 290 -37.60 0.68 -84.80
C SER M 290 -38.94 1.39 -85.01
N SER M 291 -39.21 2.35 -84.12
CA SER M 291 -40.50 2.93 -83.78
C SER M 291 -41.28 3.65 -84.89
N ASN M 292 -40.92 3.48 -86.16
CA ASN M 292 -41.56 4.15 -87.31
C ASN M 292 -42.20 3.17 -88.32
N SER M 293 -42.14 1.86 -88.09
CA SER M 293 -42.95 0.88 -88.83
C SER M 293 -43.67 -0.04 -87.85
N SER M 294 -44.99 0.02 -87.85
CA SER M 294 -45.91 -0.76 -87.00
C SER M 294 -45.94 -2.24 -87.38
N SER M 295 -44.81 -2.95 -87.30
CA SER M 295 -44.80 -4.40 -87.41
C SER M 295 -44.79 -4.99 -86.01
N SER M 296 -45.98 -5.14 -85.42
CA SER M 296 -46.19 -6.14 -84.38
C SER M 296 -45.71 -7.50 -84.91
N PRO M 297 -45.44 -8.48 -84.04
CA PRO M 297 -45.36 -9.85 -84.51
C PRO M 297 -46.61 -10.11 -85.36
N PRO M 298 -46.51 -10.71 -86.55
CA PRO M 298 -47.68 -11.01 -87.37
C PRO M 298 -48.73 -11.81 -86.57
N ILE M 299 -48.27 -12.55 -85.56
CA ILE M 299 -49.04 -13.25 -84.55
C ILE M 299 -49.96 -12.32 -83.73
N ILE M 300 -49.44 -11.17 -83.27
CA ILE M 300 -50.20 -10.21 -82.47
C ILE M 300 -51.14 -9.37 -83.34
N ASP M 301 -50.72 -9.06 -84.57
CA ASP M 301 -51.62 -8.45 -85.56
C ASP M 301 -52.79 -9.38 -85.89
N LEU M 302 -52.54 -10.70 -85.92
CA LEU M 302 -53.57 -11.72 -86.03
C LEU M 302 -54.42 -11.89 -84.77
N PHE M 303 -54.14 -11.26 -83.63
CA PHE M 303 -55.13 -11.19 -82.55
C PHE M 303 -55.96 -9.90 -82.61
N SER M 304 -55.54 -8.95 -83.44
CA SER M 304 -56.14 -7.62 -83.54
C SER M 304 -56.99 -7.43 -84.81
N ASN M 305 -56.74 -8.19 -85.87
CA ASN M 305 -57.36 -8.01 -87.19
C ASN M 305 -58.40 -9.09 -87.50
N ASN M 306 -59.68 -8.72 -87.57
CA ASN M 306 -60.86 -9.57 -87.85
C ASN M 306 -60.89 -10.34 -89.20
N ASN M 307 -59.80 -10.39 -89.96
CA ASN M 307 -59.72 -11.08 -91.24
C ASN M 307 -59.28 -12.55 -91.05
N TYR M 308 -60.10 -13.32 -90.34
CA TYR M 308 -59.84 -14.75 -90.08
C TYR M 308 -60.65 -15.66 -90.99
N ASN M 309 -60.21 -16.91 -91.05
CA ASN M 309 -61.09 -17.99 -91.48
C ASN M 309 -62.36 -17.99 -90.59
N SER M 310 -63.54 -17.84 -91.21
CA SER M 310 -64.83 -17.70 -90.52
C SER M 310 -65.24 -18.93 -89.69
N ARG M 311 -64.51 -20.06 -89.84
CA ARG M 311 -64.71 -21.28 -89.06
C ARG M 311 -63.97 -21.29 -87.72
N ILE M 312 -63.03 -20.37 -87.47
CA ILE M 312 -62.19 -20.39 -86.27
C ILE M 312 -62.39 -19.12 -85.44
N GLN M 313 -62.66 -19.31 -84.15
CA GLN M 313 -62.55 -18.29 -83.12
C GLN M 313 -61.18 -18.44 -82.44
N LEU M 314 -60.28 -17.52 -82.72
CA LEU M 314 -58.94 -17.49 -82.15
C LEU M 314 -58.95 -16.91 -80.72
N MET M 315 -58.34 -17.59 -79.77
CA MET M 315 -58.12 -17.13 -78.40
C MET M 315 -56.63 -17.11 -78.08
N ASN M 316 -56.14 -15.92 -77.73
CA ASN M 316 -54.78 -15.72 -77.26
C ASN M 316 -54.68 -15.98 -75.76
N ASP M 317 -53.83 -16.91 -75.35
CA ASP M 317 -53.52 -17.21 -73.95
C ASP M 317 -52.01 -17.01 -73.64
N PHE M 318 -51.31 -16.22 -74.45
CA PHE M 318 -49.94 -15.80 -74.14
C PHE M 318 -49.94 -14.86 -72.93
N THR M 319 -49.07 -15.13 -71.98
CA THR M 319 -48.88 -14.29 -70.78
C THR M 319 -47.77 -13.26 -70.95
N THR M 320 -46.85 -13.54 -71.88
CA THR M 320 -45.68 -12.72 -72.19
C THR M 320 -45.75 -12.12 -73.59
N LYS M 321 -44.95 -11.08 -73.82
CA LYS M 321 -44.80 -10.51 -75.16
C LYS M 321 -43.88 -11.40 -75.99
N LEU M 322 -44.14 -11.45 -77.30
CA LEU M 322 -43.26 -12.12 -78.24
C LEU M 322 -42.19 -11.16 -78.75
N ILE M 323 -40.93 -11.56 -78.64
CA ILE M 323 -39.76 -10.82 -79.11
C ILE M 323 -39.03 -11.60 -80.20
N ASN M 324 -38.48 -10.90 -81.20
CA ASN M 324 -37.65 -11.53 -82.22
C ASN M 324 -36.19 -11.52 -81.77
N ILE M 325 -35.64 -12.71 -81.56
CA ILE M 325 -34.26 -12.90 -81.16
C ILE M 325 -33.51 -13.61 -82.28
N LYS M 326 -32.36 -13.07 -82.68
CA LYS M 326 -31.51 -13.67 -83.72
C LYS M 326 -30.31 -14.39 -83.15
N LYS M 327 -29.70 -13.83 -82.11
CA LYS M 327 -28.44 -14.34 -81.54
C LYS M 327 -28.55 -14.51 -80.03
N PHE M 328 -28.06 -15.65 -79.55
CA PHE M 328 -27.98 -16.01 -78.14
C PHE M 328 -26.51 -16.21 -77.75
N ASP M 329 -26.14 -15.75 -76.55
CA ASP M 329 -24.91 -16.19 -75.89
C ASP M 329 -25.19 -17.56 -75.24
N ILE M 330 -24.48 -18.57 -75.70
CA ILE M 330 -24.56 -19.96 -75.20
C ILE M 330 -23.25 -20.38 -74.54
N SER M 331 -22.44 -19.43 -74.11
CA SER M 331 -21.15 -19.68 -73.46
C SER M 331 -21.32 -20.35 -72.09
N ASN M 332 -20.28 -21.08 -71.68
CA ASN M 332 -20.15 -21.67 -70.35
C ASN M 332 -21.35 -22.58 -69.99
N ASP M 333 -22.00 -22.33 -68.85
CA ASP M 333 -23.13 -23.12 -68.34
C ASP M 333 -24.39 -23.06 -69.23
N ASN M 334 -24.43 -22.17 -70.23
CA ASN M 334 -25.61 -21.99 -71.10
C ASN M 334 -25.67 -22.99 -72.27
N LEU M 335 -24.69 -23.89 -72.41
CA LEU M 335 -24.67 -24.92 -73.46
C LEU M 335 -25.86 -25.89 -73.39
N ASP M 336 -26.45 -26.10 -72.20
CA ASP M 336 -27.67 -26.89 -72.01
C ASP M 336 -28.87 -26.27 -72.76
N LEU M 337 -28.89 -24.94 -72.93
CA LEU M 337 -30.00 -24.22 -73.57
C LEU M 337 -30.11 -24.49 -75.07
N ILE M 338 -29.05 -24.99 -75.72
CA ILE M 338 -29.05 -25.26 -77.17
C ILE M 338 -30.23 -26.15 -77.56
N SER M 339 -30.46 -27.25 -76.83
CA SER M 339 -31.55 -28.18 -77.11
C SER M 339 -32.92 -27.55 -76.90
N GLU M 340 -33.08 -26.70 -75.89
CA GLU M 340 -34.35 -26.03 -75.57
C GLU M 340 -34.68 -24.96 -76.63
N ILE M 341 -33.72 -24.12 -76.98
CA ILE M 341 -33.83 -23.12 -78.04
C ILE M 341 -34.20 -23.78 -79.37
N LEU M 342 -33.52 -24.86 -79.75
CA LEU M 342 -33.79 -25.56 -81.00
C LEU M 342 -35.16 -26.21 -81.04
N LYS M 343 -35.61 -26.82 -79.94
CA LYS M 343 -36.96 -27.37 -79.83
C LYS M 343 -38.01 -26.29 -80.02
N TRP M 344 -37.84 -25.14 -79.38
CA TRP M 344 -38.71 -23.99 -79.60
C TRP M 344 -38.72 -23.54 -81.06
N VAL M 345 -37.54 -23.36 -81.66
CA VAL M 345 -37.41 -22.95 -83.07
C VAL M 345 -38.13 -23.94 -84.00
N GLN M 346 -37.97 -25.24 -83.76
CA GLN M 346 -38.60 -26.28 -84.55
C GLN M 346 -40.13 -26.30 -84.35
N TRP M 347 -40.60 -26.24 -83.10
CA TRP M 347 -42.02 -26.17 -82.76
C TRP M 347 -42.67 -24.91 -83.36
N SER M 348 -42.01 -23.76 -83.25
CA SER M 348 -42.47 -22.51 -83.83
C SER M 348 -42.62 -22.60 -85.35
N ARG M 349 -41.67 -23.23 -86.05
CA ARG M 349 -41.74 -23.43 -87.52
C ARG M 349 -42.84 -24.41 -87.92
N ILE M 350 -42.94 -25.55 -87.24
CA ILE M 350 -43.84 -26.64 -87.62
C ILE M 350 -45.27 -26.32 -87.21
N VAL M 351 -45.46 -25.80 -86.00
CA VAL M 351 -46.77 -25.59 -85.40
C VAL M 351 -47.20 -24.15 -85.59
N LEU M 352 -46.60 -23.22 -84.85
CA LEU M 352 -47.05 -21.83 -84.78
C LEU M 352 -47.15 -21.17 -86.16
N GLN M 353 -46.08 -21.14 -86.94
CA GLN M 353 -46.06 -20.50 -88.26
C GLN M 353 -47.09 -21.11 -89.22
N ASN M 354 -47.32 -22.42 -89.19
CA ASN M 354 -48.31 -23.08 -90.03
C ASN M 354 -49.74 -22.78 -89.57
N VAL M 355 -50.00 -22.81 -88.25
CA VAL M 355 -51.28 -22.37 -87.68
C VAL M 355 -51.58 -20.94 -88.13
N PHE M 356 -50.62 -20.02 -88.02
CA PHE M 356 -50.80 -18.63 -88.44
C PHE M 356 -51.08 -18.51 -89.94
N LYS M 357 -50.34 -19.23 -90.79
CA LYS M 357 -50.57 -19.24 -92.24
C LYS M 357 -51.99 -19.70 -92.58
N LEU M 358 -52.46 -20.77 -91.94
CA LEU M 358 -53.79 -21.35 -92.18
C LEU M 358 -54.94 -20.47 -91.65
N VAL M 359 -54.76 -19.81 -90.51
CA VAL M 359 -55.76 -18.88 -89.95
C VAL M 359 -55.87 -17.59 -90.75
N SER M 360 -54.74 -17.11 -91.32
CA SER M 360 -54.66 -15.85 -92.08
C SER M 360 -55.24 -15.94 -93.49
N THR M 361 -55.46 -17.14 -94.04
CA THR M 361 -56.05 -17.29 -95.38
C THR M 361 -57.57 -17.17 -95.31
N PRO M 362 -58.19 -16.10 -95.85
CA PRO M 362 -59.64 -16.00 -95.92
C PRO M 362 -60.19 -17.14 -96.78
N VAL M 527 -68.49 -22.61 -85.14
CA VAL M 527 -67.20 -21.93 -85.08
C VAL M 527 -66.36 -22.67 -84.04
N LEU M 528 -65.19 -23.17 -84.44
CA LEU M 528 -64.26 -23.90 -83.57
C LEU M 528 -63.38 -22.92 -82.81
N GLN M 529 -63.17 -23.18 -81.53
CA GLN M 529 -62.29 -22.36 -80.71
C GLN M 529 -60.84 -22.86 -80.83
N LEU M 530 -59.92 -22.00 -81.23
CA LEU M 530 -58.48 -22.27 -81.26
C LEU M 530 -57.81 -21.47 -80.16
N ILE M 531 -57.33 -22.13 -79.12
CA ILE M 531 -56.57 -21.53 -78.02
C ILE M 531 -55.08 -21.68 -78.36
N VAL M 532 -54.37 -20.56 -78.41
CA VAL M 532 -52.92 -20.53 -78.65
C VAL M 532 -52.26 -19.92 -77.42
N SER M 533 -51.41 -20.71 -76.77
CA SER M 533 -50.59 -20.29 -75.63
C SER M 533 -49.10 -20.39 -75.97
N GLU M 534 -48.25 -20.13 -74.97
CA GLU M 534 -46.80 -20.21 -75.09
C GLU M 534 -46.29 -21.61 -75.43
N ASP M 535 -46.78 -22.66 -74.77
CA ASP M 535 -46.26 -24.02 -74.91
C ASP M 535 -47.28 -25.04 -75.40
N HIS M 536 -48.54 -24.65 -75.58
CA HIS M 536 -49.61 -25.54 -76.03
C HIS M 536 -50.61 -24.86 -76.97
N ILE M 537 -51.17 -25.64 -77.89
CA ILE M 537 -52.25 -25.21 -78.78
C ILE M 537 -53.38 -26.22 -78.71
N ILE M 538 -54.61 -25.74 -78.51
CA ILE M 538 -55.81 -26.55 -78.37
C ILE M 538 -56.84 -26.09 -79.41
N LEU M 539 -57.31 -27.03 -80.22
CA LEU M 539 -58.44 -26.85 -81.13
C LEU M 539 -59.67 -27.54 -80.55
N ASP M 540 -60.48 -26.77 -79.81
CA ASP M 540 -61.67 -27.23 -79.09
C ASP M 540 -61.41 -28.59 -78.38
N THR M 541 -62.30 -29.57 -78.51
CA THR M 541 -62.06 -30.94 -78.02
C THR M 541 -61.48 -31.89 -79.09
N ILE M 542 -61.04 -31.37 -80.23
CA ILE M 542 -60.70 -32.19 -81.42
C ILE M 542 -59.24 -32.62 -81.40
N SER M 543 -58.33 -31.67 -81.15
CA SER M 543 -56.90 -31.93 -81.20
C SER M 543 -56.14 -30.90 -80.35
N GLU M 544 -55.06 -31.36 -79.74
CA GLU M 544 -54.11 -30.52 -79.01
C GLU M 544 -52.68 -30.96 -79.33
N CYS M 545 -51.72 -30.05 -79.17
CA CYS M 545 -50.31 -30.38 -79.13
C CYS M 545 -49.57 -29.39 -78.23
N ASN M 546 -48.47 -29.83 -77.63
CA ASN M 546 -47.59 -29.00 -76.81
C ASN M 546 -46.13 -29.08 -77.27
N LEU M 547 -45.31 -28.15 -76.79
CA LEU M 547 -43.88 -28.01 -77.07
C LEU M 547 -43.05 -29.26 -76.68
N TYR M 548 -43.53 -30.07 -75.76
CA TYR M 548 -42.84 -31.25 -75.23
C TYR M 548 -43.23 -32.55 -75.94
N ASP M 549 -44.23 -32.51 -76.82
CA ASP M 549 -44.59 -33.64 -77.67
C ASP M 549 -43.55 -33.88 -78.76
N ASP M 550 -43.54 -35.08 -79.33
CA ASP M 550 -42.67 -35.41 -80.47
C ASP M 550 -43.11 -34.68 -81.75
N VAL M 551 -42.15 -34.46 -82.66
CA VAL M 551 -42.40 -33.87 -84.00
C VAL M 551 -43.54 -34.56 -84.76
N LYS M 552 -43.70 -35.88 -84.59
CA LYS M 552 -44.80 -36.66 -85.19
C LYS M 552 -46.17 -36.23 -84.69
N CYS M 553 -46.30 -35.84 -83.43
CA CYS M 553 -47.54 -35.31 -82.85
C CYS M 553 -47.84 -33.93 -83.42
N TRP M 554 -46.83 -33.07 -83.56
CA TRP M 554 -46.97 -31.75 -84.19
C TRP M 554 -47.44 -31.86 -85.64
N SER M 555 -46.85 -32.74 -86.44
CA SER M 555 -47.27 -32.96 -87.82
C SER M 555 -48.72 -33.44 -87.91
N LYS M 556 -49.11 -34.41 -87.09
CA LYS M 556 -50.50 -34.90 -87.03
C LYS M 556 -51.50 -33.82 -86.62
N PHE M 557 -51.12 -32.94 -85.69
CA PHE M 557 -51.95 -31.80 -85.30
C PHE M 557 -52.17 -30.87 -86.49
N ILE M 558 -51.11 -30.52 -87.22
CA ILE M 558 -51.19 -29.62 -88.39
C ILE M 558 -51.98 -30.23 -89.54
N GLU M 559 -51.81 -31.52 -89.83
CA GLU M 559 -52.62 -32.23 -90.85
C GLU M 559 -54.11 -32.14 -90.51
N LYS M 560 -54.50 -32.50 -89.28
CA LYS M 560 -55.89 -32.40 -88.83
C LYS M 560 -56.42 -30.97 -88.87
N PHE M 561 -55.60 -30.00 -88.45
CA PHE M 561 -55.99 -28.60 -88.46
C PHE M 561 -56.21 -28.12 -89.90
N GLN M 562 -55.32 -28.48 -90.83
CA GLN M 562 -55.46 -28.13 -92.24
C GLN M 562 -56.72 -28.76 -92.87
N ASP M 563 -57.06 -30.00 -92.55
CA ASP M 563 -58.27 -30.68 -93.04
C ASP M 563 -59.57 -30.00 -92.59
N ILE M 564 -59.56 -29.36 -91.42
CA ILE M 564 -60.72 -28.65 -90.85
C ILE M 564 -60.88 -27.25 -91.44
N VAL M 565 -59.75 -26.57 -91.69
CA VAL M 565 -59.69 -25.18 -92.12
C VAL M 565 -59.86 -25.02 -93.63
N SER M 566 -59.42 -26.01 -94.40
CA SER M 566 -59.64 -26.12 -95.86
C SER M 566 -61.12 -26.36 -96.17
#